data_8FCY
#
_entry.id   8FCY
#
loop_
_entity.id
_entity.type
_entity.pdbx_description
1 polymer 'Cytoplasmic dynein 1 heavy chain 1,Serine--tRNA ligase'
2 non-polymer "ADENOSINE-5'-DIPHOSPHATE"
3 non-polymer "ADENOSINE-5'-TRIPHOSPHATE"
#
_entity_poly.entity_id   1
_entity_poly.type   'polypeptide(L)'
_entity_poly.pdbx_seq_one_letter_code
;GSALEEFLKQIREVWNTYELDLVNYQNKCRLIRGWDDLFNKVKEHINSVSAMKLSPYYKVFEEDALSWEDKLNRIMALFD
VWIDVQRRWVYLEGIFTGSADIKHLLPVETQRFQSISTEFLALMKKVSKSPLVMDVLNIQGVQRSLERLADLLGKIQKAL
GEYLERERSSFPRFYFVGDEDLLEIIGNSKNVAKLQKHFKKMFAGVSSIILNEDNSVVLGISSREGEEVMFKTPVSITEH
PKINEWLTLVEKEMRVTLAKLLAESVTEVEIFGKATSIDPNTYITWIDKYQAQLVVLSAQIAWSENVETALSSMGGGGDA
APLHSVLSNVEVTLNVLADSVLMEQPPLRRRKLEHLITELVHQRDVTRSLIKSKIDNAKSFEWLSQMRFYFDPKQTDVLQ
QLSIQMANAKFNYGFEYLGVQDKLVQTPLTDRCYLTMTQALEARLGGSPFGPAGTGKTESVKALGHQLGRFVLVFNCDET
FDFQAMGRIFVGLCQVGAWGCFDEFNRLEERMLSAVSQQVQCIQEALREHSNPNYDKTSAPITCELLNKQVKVSPDMAIF
ITMNPGYAGRSNLPDNLKKLFRSLAMTKPDRQLIAQVMLYSQGFRTAEVLANKIVPFFKLCDEQLSSQSHYDFGLRALKS
VLVSAGNVKRERIQKIKREKEERGEAVDEGEIAENLPEQEILIQSVCETMVPKLVAEDIPLLFSLLSDVFPGVQYHRGEM
TALREELKKVCQEMYLTYGDGEEVGGMWVEKVLQLYQITQINHGLMMVGPSGSGKSMAWRVLLKALERLEGVEGVAHIID
PKAISKDHLYGTLDPNTREWTDGLFTHVLRKIIDSVRGELQKRQWIVFDGDVDPEWVENLNSVLDDNKLLTLPNGERLSL
PPNVRIMFEVQDLKYATLATVSRCGMVWFSEDVLSTDMIFNNFLARLRSIPLDEGEDEAQRRRKGKEDEGEEAASPMLQI
QRDAATIMQPYFTSNGLVTKALEHAFQLEHIMDLTRLRCLGSLFSMLHQACRNVAQYNANHPDFPMQIEQLERYIQRYLV
YAILWSLSGDSRLKMRAELGEYIRRITTVPLPTAPNIPIIDYEVSISGEWSPWQAKVPQIEVETHKVAAPDVVVPTLDTV
RHEALLYTWLAEHKPLVLCGPPGSGKTMTLFSALRALPDMEVVGLNFSSATTPELLLKTFDHYCEYRRTPNGVVLAPVQL
GKWLVLFCDEINLPDMDKYGTQRVISFIRQMVEHGGFYRTSDQTWVKLERIQFVGACNPPTDPGRKPLSHRFLRHVPVVY
VDYPGPASLTQIYGTFNRAMLRLIPSLRTYAEPLTAAMVEFYTMSQERFTQDTQPHYIYSPREMTRWVRGIFEALRPLET
LPVEGLIRIWAHEALRLFQDRLVEDEERRWTDENIDTVALKHFPNIDREKAMSRPILYSNWLSKDYIPVDQEELRDYVKA
RLKVFYEEELDVPLVLFNEVLDHVLRIDRIFRQPQGHLLLIGVSGAGKTTLSRFVAWMNGLSVYQIKVHRKYTGEDFDED
LRTVLRRSGCKNEKIAFIMDESNVLDSGFLERMNTLLANGEVPGLFEGDEYATLMTQCKEGAQKEGLMLDSHEELYKWFT
SQVIRNLHVVFTMNPSSEGLKDRAATSPALFNRCVLNWFGDWSTEALYQVGKEFTSKMDLEKPNYIVPDYMPVVYDKLPQ
PPSHREAIVNSCVFVHQTLHQANARLAKRGGRTMAITPRHYLDFINHYANLFHEKRSELEEQQMHLNVGLRKIKETVDQV
EELRRDLRIKSQELEVKNAAANDKLKKMVKDQQEAEKKKVMSQEIQEQLHKQQEVIADKQMSVKEDLLALDQEVQELKKR
LQEVQTERNQVAKRVPKAPPEEKEALIARGRALGEEAKRLEEALREKEAQLEALRNELQKLEDDAKDNQQKANEVEQMIR
DLEASIARYKEEYAVLISEAQAIKADLAAVEAKVNRSTALLKSLSAERERWEKTSETFKNQMSTIAGDCLLSAAFIAYAG
YFDQQMRQNLFTTWSHHLQQANIQFRTDIARTEYLSNADERLRWQASSLPADDLCTENAIMLKRFNRYPLIIDPSGQATE
FIMNEYKDRKITRTSFLDDAFRKNLESALRFGNPLLVQDVESYDPVLNPVLNREVRRTGGRVLITLGDQDIDLSPSFVIF
LSTRDPTVEFPPDLCSRVTFVNFTVTRSSLQSQCLNEVLKAERPDVDEKRSDLLKLQGEFQLRLRQLEKSLLQALNEVKG
RILDDDTIITTLENLKREAAEVTRKVEETDIVMQEVETVSQQYLPLSTACSSIYFTMESLKQIHFLYQYSLQFFLDIYHN
VLYENPNLKGVTDHTQRLSIITKDLFQVAFNRVARGMLHQDHITFAMLLARIKLKGTVGEPTYDAEFQHFLRGNEIVLSA
GSTPRIQGLTVEQAEAVVRLSCLPAFKDLIAKVQADEQFGIWLDSSSPEQTVPYLWSEETPATPIGQAIHRLLLIQAFRP
DRLLAMAHMFVSTNLGESFMSIMEQPLDLTHIVGTEVKPNTPVLMCSVPGYDASGHVEDLAAEQNTQITSIAIGSAEGFN
QADKAINTAVKSGRWVMLKNVHLAPGWLMQLEKKLHSLQPHACFRLFLTMEINPKVPVNLLRAGRIFVFEPPPGVKANML
RTFSSIPVSRICKSPNERARLYFLLAWFHAIIQERLRYAPLGWSKKYEFGESDLRSACDTVDTWLDDTAKGRQNISPDKI
PWSALKTLMAQSIYGGRVDNEFDQRLLNTFLERLFTTRSFDSEFKLACKVDGHKDIQMPDGIRREEFVQWVELLPDTQTP
SWLGLPNNAERVLLTTQGVDMISKMLKMQMLEDEDDLAYAETEKKTRTDSTSDGRPAWMRTLHTTASNWLHLIPQTLSHL
KRTVENIKDPLFRFFEREVKMGAKLLQDVRQDLADVVQVCEGKKKQTNYLRTLINELVKGILPRSWSHYTVPAGMTVIQW
VSDFSERIKQLQNISLAAASGGAKELKNIHVCLGGLFVPEAYITATRQYVAQANSWSLEELCLEVNVTTSQGATLDACSF
GVTGLKLQGATCNNNKLSLSNAISTALPLTQLRWVKQTNTEKKASVVTLPVYLNFTRADLIFTVDFEIATKEDPRSFYER
GVAVLCTEEF
;
_entity_poly.pdbx_strand_id   A
#
# COMPACT_ATOMS: atom_id res chain seq x y z
N LEU A 8 29.30 32.62 -21.96
CA LEU A 8 29.44 31.70 -23.09
C LEU A 8 30.89 31.25 -23.24
N LYS A 9 31.80 31.98 -22.60
CA LYS A 9 33.22 31.64 -22.64
C LYS A 9 33.48 30.29 -21.99
N GLN A 10 32.87 30.04 -20.82
CA GLN A 10 33.15 28.82 -20.06
C GLN A 10 32.96 27.57 -20.91
N ILE A 11 32.00 27.62 -21.84
CA ILE A 11 31.85 26.53 -22.80
C ILE A 11 33.13 26.36 -23.61
N ARG A 12 33.71 27.48 -24.07
CA ARG A 12 34.93 27.41 -24.87
C ARG A 12 36.10 26.85 -24.06
N GLU A 13 36.26 27.28 -22.81
CA GLU A 13 37.36 26.74 -22.03
C GLU A 13 37.15 25.27 -21.67
N VAL A 14 35.90 24.85 -21.46
CA VAL A 14 35.67 23.49 -20.99
C VAL A 14 35.70 22.48 -22.13
N TRP A 15 35.27 22.85 -23.34
CA TRP A 15 35.22 21.88 -24.42
C TRP A 15 36.58 21.50 -24.97
N ASN A 16 37.64 22.22 -24.61
CA ASN A 16 38.99 21.88 -25.04
C ASN A 16 39.64 20.89 -24.09
N THR A 17 38.90 20.35 -23.13
CA THR A 17 39.46 19.49 -22.10
C THR A 17 38.94 18.06 -22.09
N TYR A 18 37.81 17.77 -22.74
CA TYR A 18 37.28 16.42 -22.75
C TYR A 18 38.07 15.51 -23.69
N GLU A 19 38.50 14.37 -23.16
CA GLU A 19 38.92 13.24 -23.97
C GLU A 19 37.71 12.31 -24.14
N LEU A 20 37.92 11.16 -24.77
CA LEU A 20 36.85 10.18 -24.93
C LEU A 20 36.81 9.17 -23.79
N ASP A 21 37.74 9.24 -22.84
CA ASP A 21 37.74 8.42 -21.63
C ASP A 21 37.75 6.94 -21.99
N LEU A 22 38.85 6.52 -22.62
CA LEU A 22 38.95 5.20 -23.22
C LEU A 22 39.34 4.14 -22.18
N VAL A 23 38.88 2.91 -22.42
CA VAL A 23 39.25 1.75 -21.63
C VAL A 23 39.82 0.68 -22.54
N ASN A 24 40.72 -0.12 -21.99
CA ASN A 24 41.27 -1.26 -22.71
C ASN A 24 40.20 -2.34 -22.88
N TYR A 25 40.44 -3.22 -23.84
CA TYR A 25 39.52 -4.33 -24.14
C TYR A 25 40.28 -5.65 -24.06
N GLN A 26 39.51 -6.73 -23.98
CA GLN A 26 40.10 -8.06 -23.87
C GLN A 26 40.93 -8.39 -25.10
N ASN A 27 40.47 -7.99 -26.29
CA ASN A 27 41.16 -8.29 -27.55
C ASN A 27 42.04 -7.14 -28.00
N LYS A 28 42.65 -6.41 -27.06
CA LYS A 28 43.61 -5.35 -27.36
C LYS A 28 42.97 -4.26 -28.23
N CYS A 29 41.96 -3.60 -27.65
CA CYS A 29 41.24 -2.54 -28.32
C CYS A 29 41.00 -1.41 -27.32
N ARG A 30 40.28 -0.39 -27.77
CA ARG A 30 39.89 0.74 -26.93
C ARG A 30 38.40 0.99 -27.09
N LEU A 31 37.74 1.29 -25.97
CA LEU A 31 36.30 1.52 -25.99
C LEU A 31 35.95 2.75 -25.17
N ILE A 32 34.85 3.39 -25.53
CA ILE A 32 34.41 4.61 -24.84
C ILE A 32 33.40 4.23 -23.77
N ARG A 33 33.64 4.66 -22.53
CA ARG A 33 32.71 4.38 -21.44
C ARG A 33 31.95 5.61 -21.00
N GLY A 34 32.54 6.80 -21.12
CA GLY A 34 31.90 8.02 -20.65
C GLY A 34 30.77 8.42 -21.57
N TRP A 35 29.54 8.28 -21.10
CA TRP A 35 28.38 8.61 -21.92
C TRP A 35 27.48 9.62 -21.21
N ASP A 36 27.41 9.54 -19.88
CA ASP A 36 26.65 10.53 -19.13
C ASP A 36 27.26 11.91 -19.29
N ASP A 37 28.57 12.02 -19.19
CA ASP A 37 29.23 13.31 -19.35
C ASP A 37 29.20 13.78 -20.80
N LEU A 38 29.18 12.85 -21.75
CA LEU A 38 29.17 13.21 -23.17
C LEU A 38 27.76 13.30 -23.75
N PHE A 39 26.72 13.11 -22.92
CA PHE A 39 25.35 13.33 -23.35
C PHE A 39 24.65 14.41 -22.55
N ASN A 40 24.62 14.27 -21.22
CA ASN A 40 23.90 15.24 -20.39
C ASN A 40 24.56 16.61 -20.47
N LYS A 41 25.88 16.68 -20.37
CA LYS A 41 26.58 17.95 -20.46
C LYS A 41 26.37 18.60 -21.83
N VAL A 42 26.42 17.79 -22.89
CA VAL A 42 26.28 18.34 -24.23
C VAL A 42 24.86 18.85 -24.48
N LYS A 43 23.85 18.13 -24.01
CA LYS A 43 22.48 18.61 -24.19
C LYS A 43 22.21 19.84 -23.33
N GLU A 44 22.78 19.89 -22.13
CA GLU A 44 22.68 21.09 -21.32
C GLU A 44 23.33 22.28 -22.02
N HIS A 45 24.50 22.06 -22.63
CA HIS A 45 25.18 23.13 -23.34
C HIS A 45 24.39 23.61 -24.55
N ILE A 46 23.79 22.67 -25.30
CA ILE A 46 23.03 23.07 -26.48
C ILE A 46 21.78 23.83 -26.07
N ASN A 47 21.12 23.40 -24.98
CA ASN A 47 19.97 24.14 -24.48
C ASN A 47 20.39 25.54 -24.03
N SER A 48 21.52 25.65 -23.35
CA SER A 48 22.00 26.95 -22.88
C SER A 48 22.32 27.88 -24.04
N VAL A 49 22.99 27.37 -25.07
CA VAL A 49 23.35 28.22 -26.20
C VAL A 49 22.11 28.61 -26.99
N SER A 50 21.12 27.70 -27.10
CA SER A 50 19.87 28.07 -27.75
C SER A 50 19.17 29.20 -26.97
N ALA A 51 19.10 29.07 -25.65
CA ALA A 51 18.49 30.11 -24.83
C ALA A 51 19.24 31.43 -24.96
N MET A 52 20.57 31.38 -25.01
CA MET A 52 21.37 32.59 -25.16
C MET A 52 21.14 33.25 -26.51
N LYS A 53 21.23 32.50 -27.61
CA LYS A 53 21.12 33.10 -28.94
C LYS A 53 19.71 33.57 -29.25
N LEU A 54 18.69 32.81 -28.84
CA LEU A 54 17.32 33.26 -29.07
C LEU A 54 16.97 34.48 -28.24
N SER A 55 17.76 34.80 -27.22
CA SER A 55 17.57 36.07 -26.50
C SER A 55 17.97 37.23 -27.42
N PRO A 56 17.12 38.25 -27.56
CA PRO A 56 17.43 39.33 -28.51
C PRO A 56 18.70 40.10 -28.18
N TYR A 57 19.14 40.12 -26.92
CA TYR A 57 20.35 40.81 -26.54
C TYR A 57 21.54 39.91 -26.81
N TYR A 58 22.01 39.92 -28.06
CA TYR A 58 23.20 39.19 -28.46
C TYR A 58 24.29 40.13 -28.96
N LYS A 59 24.31 41.36 -28.46
CA LYS A 59 25.29 42.34 -28.91
C LYS A 59 26.70 41.96 -28.49
N VAL A 60 26.86 41.12 -27.48
CA VAL A 60 28.18 40.64 -27.09
C VAL A 60 28.53 39.30 -27.71
N PHE A 61 27.54 38.55 -28.20
CA PHE A 61 27.76 37.29 -28.91
C PHE A 61 27.01 37.30 -30.24
N GLU A 62 27.20 38.38 -31.02
CA GLU A 62 26.51 38.54 -32.30
C GLU A 62 26.68 37.32 -33.18
N GLU A 63 27.91 36.85 -33.35
CA GLU A 63 28.19 35.57 -33.99
C GLU A 63 29.13 34.80 -33.06
N ASP A 64 28.56 34.16 -32.05
CA ASP A 64 29.32 33.29 -31.16
C ASP A 64 28.59 32.01 -30.78
N ALA A 65 27.28 31.92 -31.02
CA ALA A 65 26.50 30.72 -30.71
C ALA A 65 26.16 29.87 -31.92
N LEU A 66 25.88 30.50 -33.07
CA LEU A 66 25.65 29.73 -34.29
C LEU A 66 26.89 28.97 -34.70
N SER A 67 28.08 29.45 -34.31
CA SER A 67 29.32 28.76 -34.63
C SER A 67 29.46 27.45 -33.86
N TRP A 68 28.74 27.28 -32.75
CA TRP A 68 28.90 26.11 -31.91
C TRP A 68 27.64 25.26 -31.78
N GLU A 69 26.46 25.80 -32.10
CA GLU A 69 25.26 24.98 -32.07
C GLU A 69 25.33 23.87 -33.11
N ASP A 70 25.87 24.17 -34.29
CA ASP A 70 26.06 23.13 -35.30
C ASP A 70 27.07 22.09 -34.83
N LYS A 71 28.14 22.53 -34.15
CA LYS A 71 29.11 21.59 -33.60
C LYS A 71 28.47 20.66 -32.58
N LEU A 72 27.62 21.22 -31.71
CA LEU A 72 26.95 20.38 -30.71
C LEU A 72 25.96 19.43 -31.37
N ASN A 73 25.26 19.88 -32.42
CA ASN A 73 24.37 19.00 -33.15
C ASN A 73 25.15 17.86 -33.80
N ARG A 74 26.32 18.16 -34.37
CA ARG A 74 27.15 17.12 -34.95
C ARG A 74 27.66 16.16 -33.88
N ILE A 75 27.99 16.68 -32.70
CA ILE A 75 28.40 15.82 -31.58
C ILE A 75 27.29 14.84 -31.24
N MET A 76 26.06 15.36 -31.09
CA MET A 76 24.93 14.48 -30.79
C MET A 76 24.72 13.44 -31.89
N ALA A 77 24.71 13.89 -33.14
CA ALA A 77 24.41 12.98 -34.25
C ALA A 77 25.48 11.90 -34.40
N LEU A 78 26.73 12.24 -34.12
CA LEU A 78 27.78 11.24 -34.16
C LEU A 78 27.68 10.28 -32.98
N PHE A 79 27.47 10.81 -31.77
CA PHE A 79 27.60 9.97 -30.58
C PHE A 79 26.40 9.06 -30.36
N ASP A 80 25.19 9.51 -30.71
CA ASP A 80 24.03 8.63 -30.53
C ASP A 80 24.10 7.40 -31.42
N VAL A 81 24.78 7.49 -32.57
CA VAL A 81 25.02 6.32 -33.40
C VAL A 81 26.29 5.59 -32.95
N TRP A 82 27.28 6.32 -32.42
CA TRP A 82 28.52 5.70 -31.97
C TRP A 82 28.26 4.73 -30.84
N ILE A 83 27.42 5.12 -29.88
CA ILE A 83 27.13 4.24 -28.75
C ILE A 83 26.44 2.96 -29.22
N ASP A 84 25.46 3.10 -30.12
CA ASP A 84 24.75 1.92 -30.64
C ASP A 84 25.70 1.01 -31.39
N VAL A 85 26.57 1.60 -32.22
CA VAL A 85 27.54 0.81 -32.97
C VAL A 85 28.45 0.05 -32.01
N GLN A 86 28.90 0.73 -30.96
CA GLN A 86 29.78 0.09 -29.98
C GLN A 86 29.09 -1.10 -29.32
N ARG A 87 27.86 -0.91 -28.84
CA ARG A 87 27.17 -2.01 -28.16
C ARG A 87 26.93 -3.18 -29.10
N ARG A 88 26.43 -2.91 -30.30
CA ARG A 88 26.15 -4.00 -31.23
C ARG A 88 27.43 -4.69 -31.66
N TRP A 89 28.52 -3.95 -31.86
CA TRP A 89 29.77 -4.56 -32.27
C TRP A 89 30.35 -5.44 -31.17
N VAL A 90 30.29 -4.97 -29.92
CA VAL A 90 30.83 -5.82 -28.86
C VAL A 90 29.97 -7.06 -28.66
N TYR A 91 28.65 -6.94 -28.77
CA TYR A 91 27.79 -8.12 -28.66
C TYR A 91 28.09 -9.11 -29.79
N LEU A 92 28.22 -8.60 -31.01
CA LEU A 92 28.48 -9.49 -32.15
C LEU A 92 29.86 -10.10 -32.08
N GLU A 93 30.84 -9.37 -31.54
CA GLU A 93 32.16 -9.93 -31.33
C GLU A 93 32.12 -11.05 -30.31
N GLY A 94 31.38 -10.85 -29.22
CA GLY A 94 31.20 -11.94 -28.26
C GLY A 94 30.54 -13.15 -28.88
N ILE A 95 29.56 -12.93 -29.76
CA ILE A 95 28.89 -14.04 -30.43
C ILE A 95 29.85 -14.77 -31.37
N PHE A 96 30.62 -14.02 -32.16
CA PHE A 96 31.43 -14.58 -33.23
C PHE A 96 32.79 -15.06 -32.79
N THR A 97 33.16 -14.87 -31.53
CA THR A 97 34.44 -15.33 -31.00
C THR A 97 34.20 -16.20 -29.76
N GLY A 98 33.20 -17.07 -29.87
CA GLY A 98 32.92 -18.04 -28.82
C GLY A 98 33.27 -19.44 -29.26
N SER A 99 32.27 -20.21 -29.64
CA SER A 99 32.51 -21.53 -30.22
C SER A 99 33.19 -21.39 -31.58
N ALA A 100 34.21 -22.21 -31.81
CA ALA A 100 34.98 -22.13 -33.06
C ALA A 100 34.31 -22.91 -34.19
N ASP A 101 33.02 -22.62 -34.41
CA ASP A 101 32.29 -23.25 -35.51
C ASP A 101 31.43 -22.26 -36.31
N ILE A 102 31.16 -21.06 -35.79
CA ILE A 102 30.38 -20.09 -36.54
C ILE A 102 31.12 -19.64 -37.79
N LYS A 103 32.44 -19.83 -37.83
CA LYS A 103 33.18 -19.59 -39.07
C LYS A 103 32.77 -20.55 -40.17
N HIS A 104 32.27 -21.73 -39.81
CA HIS A 104 31.76 -22.69 -40.78
C HIS A 104 30.26 -22.64 -40.95
N LEU A 105 29.55 -22.01 -40.02
CA LEU A 105 28.09 -21.87 -40.10
C LEU A 105 27.79 -20.42 -40.46
N LEU A 106 27.25 -20.21 -41.66
CA LEU A 106 27.08 -18.89 -42.26
C LEU A 106 28.44 -18.22 -42.44
N PRO A 107 29.31 -18.76 -43.31
CA PRO A 107 30.62 -18.12 -43.50
C PRO A 107 30.55 -16.73 -44.09
N VAL A 108 29.53 -16.44 -44.90
CA VAL A 108 29.38 -15.10 -45.48
C VAL A 108 29.19 -14.08 -44.37
N GLU A 109 28.40 -14.41 -43.35
CA GLU A 109 28.27 -13.52 -42.21
C GLU A 109 29.60 -13.36 -41.47
N THR A 110 30.38 -14.44 -41.39
CA THR A 110 31.66 -14.37 -40.72
C THR A 110 32.60 -13.40 -41.43
N GLN A 111 32.69 -13.49 -42.76
CA GLN A 111 33.59 -12.59 -43.48
C GLN A 111 33.06 -11.16 -43.50
N ARG A 112 31.73 -10.99 -43.56
CA ARG A 112 31.15 -9.66 -43.47
C ARG A 112 31.50 -9.00 -42.14
N PHE A 113 31.34 -9.76 -41.04
CA PHE A 113 31.70 -9.21 -39.73
C PHE A 113 33.21 -9.01 -39.61
N GLN A 114 34.01 -9.83 -40.30
CA GLN A 114 35.45 -9.60 -40.30
C GLN A 114 35.79 -8.24 -40.92
N SER A 115 35.17 -7.93 -42.06
CA SER A 115 35.40 -6.64 -42.69
C SER A 115 34.91 -5.50 -41.81
N ILE A 116 33.72 -5.66 -41.22
CA ILE A 116 33.18 -4.62 -40.35
C ILE A 116 34.09 -4.38 -39.15
N SER A 117 34.58 -5.46 -38.54
CA SER A 117 35.48 -5.34 -37.41
C SER A 117 36.80 -4.70 -37.80
N THR A 118 37.31 -5.03 -38.99
CA THR A 118 38.53 -4.38 -39.47
C THR A 118 38.35 -2.88 -39.57
N GLU A 119 37.24 -2.43 -40.19
CA GLU A 119 37.00 -1.01 -40.32
C GLU A 119 36.80 -0.35 -38.96
N PHE A 120 36.06 -1.02 -38.06
CA PHE A 120 35.81 -0.44 -36.75
C PHE A 120 37.08 -0.34 -35.93
N LEU A 121 37.97 -1.33 -36.04
CA LEU A 121 39.24 -1.26 -35.33
C LEU A 121 40.15 -0.19 -35.92
N ALA A 122 40.09 0.02 -37.24
CA ALA A 122 40.80 1.15 -37.83
C ALA A 122 40.30 2.46 -37.24
N LEU A 123 38.99 2.62 -37.13
CA LEU A 123 38.43 3.82 -36.52
C LEU A 123 38.84 3.95 -35.06
N MET A 124 38.86 2.82 -34.34
CA MET A 124 39.25 2.84 -32.93
C MET A 124 40.70 3.28 -32.77
N LYS A 125 41.59 2.76 -33.61
CA LYS A 125 42.98 3.19 -33.57
C LYS A 125 43.10 4.66 -33.92
N LYS A 126 42.32 5.12 -34.91
CA LYS A 126 42.36 6.53 -35.30
C LYS A 126 41.95 7.43 -34.14
N VAL A 127 40.87 7.07 -33.43
CA VAL A 127 40.42 7.92 -32.33
C VAL A 127 41.36 7.82 -31.14
N SER A 128 41.92 6.64 -30.88
CA SER A 128 42.83 6.50 -29.74
C SER A 128 44.15 7.21 -29.97
N LYS A 129 44.59 7.30 -31.22
CA LYS A 129 45.86 7.99 -31.51
C LYS A 129 45.77 9.47 -31.16
N SER A 130 44.62 10.10 -31.44
CA SER A 130 44.40 11.52 -31.16
C SER A 130 43.09 11.66 -30.40
N PRO A 131 43.08 11.31 -29.11
CA PRO A 131 41.83 11.37 -28.34
C PRO A 131 41.49 12.81 -27.98
N LEU A 132 40.35 13.29 -28.49
CA LEU A 132 39.84 14.62 -28.18
C LEU A 132 38.42 14.72 -28.72
N VAL A 133 37.56 15.45 -27.99
CA VAL A 133 36.17 15.55 -28.38
C VAL A 133 35.98 16.31 -29.69
N MET A 134 36.95 17.15 -30.08
CA MET A 134 36.94 17.71 -31.44
C MET A 134 37.69 16.84 -32.43
N ASP A 135 38.66 16.04 -31.99
CA ASP A 135 39.41 15.20 -32.91
C ASP A 135 38.63 13.99 -33.40
N VAL A 136 37.32 13.93 -33.11
CA VAL A 136 36.45 12.96 -33.76
C VAL A 136 35.61 13.60 -34.86
N LEU A 137 35.78 14.90 -35.09
CA LEU A 137 35.08 15.60 -36.15
C LEU A 137 35.91 15.82 -37.40
N ASN A 138 37.24 15.90 -37.27
CA ASN A 138 38.11 16.15 -38.41
C ASN A 138 38.25 14.96 -39.34
N ILE A 139 37.81 13.77 -38.93
CA ILE A 139 37.87 12.60 -39.80
C ILE A 139 36.85 12.80 -40.91
N GLN A 140 37.31 12.84 -42.15
CA GLN A 140 36.42 13.00 -43.29
C GLN A 140 35.57 11.75 -43.46
N GLY A 141 34.26 11.94 -43.57
CA GLY A 141 33.36 10.82 -43.73
C GLY A 141 33.20 9.94 -42.51
N VAL A 142 33.52 10.45 -41.32
CA VAL A 142 33.34 9.65 -40.11
C VAL A 142 31.86 9.36 -39.87
N GLN A 143 31.00 10.36 -40.06
CA GLN A 143 29.57 10.17 -39.84
C GLN A 143 29.01 9.11 -40.77
N ARG A 144 29.20 9.28 -42.08
CA ARG A 144 28.60 8.38 -43.05
C ARG A 144 29.12 6.96 -42.88
N SER A 145 30.42 6.82 -42.64
CA SER A 145 30.97 5.50 -42.34
C SER A 145 30.34 4.93 -41.08
N LEU A 146 29.99 5.80 -40.12
CA LEU A 146 29.36 5.32 -38.90
C LEU A 146 27.96 4.76 -39.16
N GLU A 147 27.16 5.48 -39.97
CA GLU A 147 25.84 4.90 -40.30
C GLU A 147 25.99 3.66 -41.16
N ARG A 148 27.01 3.59 -42.02
CA ARG A 148 27.22 2.38 -42.80
C ARG A 148 27.56 1.20 -41.91
N LEU A 149 28.42 1.42 -40.91
CA LEU A 149 28.73 0.36 -39.95
C LEU A 149 27.50 -0.04 -39.16
N ALA A 150 26.69 0.93 -38.75
CA ALA A 150 25.47 0.61 -38.01
C ALA A 150 24.52 -0.23 -38.85
N ASP A 151 24.36 0.14 -40.13
CA ASP A 151 23.48 -0.63 -41.01
C ASP A 151 24.00 -2.04 -41.24
N LEU A 152 25.32 -2.17 -41.45
CA LEU A 152 25.89 -3.50 -41.63
C LEU A 152 25.72 -4.37 -40.40
N LEU A 153 25.96 -3.79 -39.20
CA LEU A 153 25.78 -4.54 -37.97
C LEU A 153 24.32 -4.93 -37.77
N GLY A 154 23.40 -4.02 -38.06
CA GLY A 154 21.99 -4.36 -37.96
C GLY A 154 21.59 -5.48 -38.91
N LYS A 155 22.08 -5.42 -40.15
CA LYS A 155 21.75 -6.46 -41.11
C LYS A 155 22.32 -7.81 -40.70
N ILE A 156 23.56 -7.83 -40.21
CA ILE A 156 24.14 -9.10 -39.80
C ILE A 156 23.46 -9.65 -38.55
N GLN A 157 23.07 -8.79 -37.61
CA GLN A 157 22.33 -9.25 -36.45
C GLN A 157 20.96 -9.79 -36.84
N LYS A 158 20.30 -9.14 -37.79
CA LYS A 158 19.02 -9.65 -38.29
C LYS A 158 19.21 -10.99 -38.97
N ALA A 159 20.28 -11.15 -39.74
CA ALA A 159 20.55 -12.44 -40.38
C ALA A 159 20.82 -13.52 -39.34
N LEU A 160 21.54 -13.17 -38.27
CA LEU A 160 21.77 -14.12 -37.19
C LEU A 160 20.46 -14.53 -36.52
N GLY A 161 19.58 -13.55 -36.28
CA GLY A 161 18.28 -13.89 -35.70
C GLY A 161 17.45 -14.77 -36.60
N GLU A 162 17.45 -14.48 -37.90
CA GLU A 162 16.71 -15.32 -38.85
C GLU A 162 17.28 -16.73 -38.90
N TYR A 163 18.61 -16.86 -38.87
CA TYR A 163 19.22 -18.18 -38.84
C TYR A 163 18.86 -18.93 -37.56
N LEU A 164 18.86 -18.23 -36.42
CA LEU A 164 18.47 -18.86 -35.17
C LEU A 164 17.01 -19.35 -35.24
N GLU A 165 16.13 -18.53 -35.81
CA GLU A 165 14.74 -18.95 -35.95
C GLU A 165 14.61 -20.15 -36.89
N ARG A 166 15.37 -20.16 -37.98
CA ARG A 166 15.34 -21.28 -38.92
C ARG A 166 15.84 -22.56 -38.26
N GLU A 167 16.92 -22.45 -37.48
CA GLU A 167 17.43 -23.61 -36.76
C GLU A 167 16.43 -24.10 -35.71
N ARG A 168 15.77 -23.17 -35.03
CA ARG A 168 14.81 -23.52 -33.99
C ARG A 168 13.56 -24.17 -34.58
N SER A 169 13.18 -23.79 -35.81
CA SER A 169 11.99 -24.36 -36.43
C SER A 169 12.15 -25.85 -36.65
N SER A 170 13.34 -26.30 -37.01
CA SER A 170 13.66 -27.73 -37.04
C SER A 170 14.06 -28.17 -35.65
N PHE A 171 13.59 -29.35 -35.24
CA PHE A 171 13.77 -29.83 -33.87
C PHE A 171 13.25 -28.76 -32.90
N PRO A 172 11.93 -28.60 -32.80
CA PRO A 172 11.38 -27.46 -32.05
C PRO A 172 11.73 -27.45 -30.57
N ARG A 173 12.36 -28.51 -30.04
CA ARG A 173 12.76 -28.50 -28.64
C ARG A 173 13.75 -27.40 -28.31
N PHE A 174 14.43 -26.85 -29.32
CA PHE A 174 15.31 -25.71 -29.11
C PHE A 174 14.55 -24.47 -28.65
N TYR A 175 13.22 -24.45 -28.81
CA TYR A 175 12.43 -23.33 -28.32
C TYR A 175 12.52 -23.17 -26.81
N PHE A 176 12.81 -24.25 -26.09
CA PHE A 176 12.85 -24.18 -24.63
C PHE A 176 14.14 -23.52 -24.13
N VAL A 177 15.26 -23.73 -24.82
CA VAL A 177 16.52 -23.14 -24.38
C VAL A 177 16.56 -21.67 -24.76
N GLY A 178 17.53 -20.95 -24.18
CA GLY A 178 17.68 -19.54 -24.45
C GLY A 178 18.40 -19.26 -25.76
N ASP A 179 18.91 -18.03 -25.91
CA ASP A 179 19.63 -17.66 -27.13
C ASP A 179 21.10 -18.03 -27.05
N GLU A 180 21.77 -17.65 -25.96
CA GLU A 180 23.18 -18.01 -25.81
C GLU A 180 23.36 -19.52 -25.67
N ASP A 181 22.43 -20.19 -24.98
CA ASP A 181 22.49 -21.65 -24.88
C ASP A 181 22.33 -22.28 -26.26
N LEU A 182 21.39 -21.78 -27.06
CA LEU A 182 21.22 -22.31 -28.41
C LEU A 182 22.45 -22.05 -29.26
N LEU A 183 23.09 -20.88 -29.09
CA LEU A 183 24.31 -20.59 -29.83
C LEU A 183 25.42 -21.55 -29.45
N GLU A 184 25.57 -21.84 -28.16
CA GLU A 184 26.55 -22.82 -27.72
C GLU A 184 26.24 -24.20 -28.28
N ILE A 185 24.95 -24.54 -28.34
CA ILE A 185 24.55 -25.85 -28.85
C ILE A 185 24.91 -25.99 -30.33
N ILE A 186 24.54 -25.00 -31.14
CA ILE A 186 24.76 -25.11 -32.58
C ILE A 186 26.26 -24.99 -32.90
N GLY A 187 26.96 -24.06 -32.26
CA GLY A 187 28.36 -23.85 -32.54
C GLY A 187 29.24 -24.93 -31.95
N ASN A 188 29.29 -25.02 -30.63
CA ASN A 188 30.18 -25.94 -29.93
C ASN A 188 29.67 -27.38 -30.06
N SER A 189 29.70 -27.87 -31.31
CA SER A 189 29.16 -29.18 -31.64
C SER A 189 30.20 -30.18 -32.11
N LYS A 190 31.44 -29.75 -32.38
CA LYS A 190 32.47 -30.70 -32.79
C LYS A 190 32.75 -31.71 -31.69
N ASN A 191 32.80 -31.25 -30.44
CA ASN A 191 32.94 -32.14 -29.29
C ASN A 191 31.71 -32.00 -28.40
N VAL A 192 31.28 -33.11 -27.83
CA VAL A 192 30.10 -33.10 -26.97
C VAL A 192 30.53 -33.20 -25.52
N ALA A 193 30.77 -32.06 -24.90
CA ALA A 193 31.01 -31.99 -23.47
C ALA A 193 30.29 -30.81 -22.81
N LYS A 194 29.62 -29.97 -23.58
CA LYS A 194 28.87 -28.84 -23.05
C LYS A 194 27.40 -28.88 -23.43
N LEU A 195 27.01 -29.74 -24.38
CA LEU A 195 25.61 -29.93 -24.72
C LEU A 195 24.81 -30.55 -23.58
N GLN A 196 25.45 -31.34 -22.73
CA GLN A 196 24.76 -32.15 -21.74
C GLN A 196 24.17 -31.32 -20.60
N LYS A 197 24.56 -30.05 -20.46
CA LYS A 197 23.97 -29.19 -19.44
C LYS A 197 22.69 -28.51 -19.91
N HIS A 198 22.33 -28.65 -21.18
CA HIS A 198 21.07 -28.15 -21.71
C HIS A 198 20.07 -29.25 -22.00
N PHE A 199 20.48 -30.52 -21.88
CA PHE A 199 19.56 -31.62 -22.15
C PHE A 199 18.43 -31.70 -21.12
N LYS A 200 18.65 -31.18 -19.91
CA LYS A 200 17.63 -31.24 -18.87
C LYS A 200 16.48 -30.28 -19.11
N LYS A 201 16.64 -29.31 -20.01
CA LYS A 201 15.55 -28.40 -20.36
C LYS A 201 14.99 -28.65 -21.75
N MET A 202 15.51 -29.62 -22.48
CA MET A 202 14.96 -30.02 -23.76
C MET A 202 14.13 -31.29 -23.69
N PHE A 203 14.42 -32.16 -22.73
CA PHE A 203 13.65 -33.36 -22.47
C PHE A 203 13.32 -33.44 -20.98
N ALA A 204 12.47 -34.41 -20.62
CA ALA A 204 12.11 -34.66 -19.24
C ALA A 204 12.93 -35.83 -18.73
N GLY A 205 13.95 -35.55 -17.92
CA GLY A 205 14.76 -36.60 -17.34
C GLY A 205 15.97 -37.01 -18.15
N VAL A 206 16.08 -36.56 -19.40
CA VAL A 206 17.26 -36.84 -20.21
C VAL A 206 18.34 -35.84 -19.86
N SER A 207 19.21 -36.21 -18.92
CA SER A 207 20.25 -35.31 -18.43
C SER A 207 21.61 -35.58 -19.07
N SER A 208 21.70 -36.57 -19.96
CA SER A 208 22.97 -36.92 -20.59
C SER A 208 22.69 -37.82 -21.78
N ILE A 209 23.73 -38.04 -22.58
CA ILE A 209 23.69 -38.96 -23.71
C ILE A 209 24.92 -39.86 -23.64
N ILE A 210 24.73 -41.15 -23.90
CA ILE A 210 25.82 -42.13 -23.79
C ILE A 210 26.58 -42.08 -25.10
N LEU A 211 27.65 -41.29 -25.13
CA LEU A 211 28.47 -41.17 -26.32
C LEU A 211 29.33 -42.42 -26.51
N ASN A 212 29.90 -42.53 -27.71
CA ASN A 212 30.83 -43.62 -28.00
C ASN A 212 32.18 -43.33 -27.35
N GLU A 213 33.15 -44.21 -27.61
CA GLU A 213 34.50 -44.00 -27.09
C GLU A 213 35.11 -42.72 -27.67
N ASP A 214 34.94 -42.50 -28.98
CA ASP A 214 35.40 -41.30 -29.64
C ASP A 214 34.26 -40.33 -29.94
N ASN A 215 33.24 -40.33 -29.07
CA ASN A 215 32.06 -39.47 -29.13
C ASN A 215 31.57 -39.18 -30.55
N SER A 216 31.47 -40.22 -31.37
CA SER A 216 30.95 -40.10 -32.72
C SER A 216 29.65 -40.87 -32.93
N VAL A 217 29.30 -41.79 -32.04
CA VAL A 217 28.06 -42.56 -32.14
C VAL A 217 27.34 -42.47 -30.81
N VAL A 218 26.06 -42.10 -30.84
CA VAL A 218 25.25 -42.05 -29.63
C VAL A 218 24.59 -43.41 -29.43
N LEU A 219 24.84 -44.03 -28.28
CA LEU A 219 24.34 -45.37 -28.00
C LEU A 219 23.10 -45.39 -27.13
N GLY A 220 22.85 -44.36 -26.35
CA GLY A 220 21.71 -44.37 -25.47
C GLY A 220 21.54 -43.08 -24.69
N ILE A 221 20.67 -43.15 -23.69
CA ILE A 221 20.29 -42.01 -22.87
C ILE A 221 20.49 -42.35 -21.42
N SER A 222 20.96 -41.40 -20.63
CA SER A 222 21.13 -41.55 -19.20
C SER A 222 20.30 -40.51 -18.46
N SER A 223 19.74 -40.92 -17.33
CA SER A 223 18.96 -40.02 -16.49
C SER A 223 19.88 -39.26 -15.56
N ARG A 224 19.31 -38.33 -14.80
CA ARG A 224 20.10 -37.55 -13.84
C ARG A 224 20.61 -38.42 -12.70
N GLU A 225 19.79 -39.34 -12.20
CA GLU A 225 20.22 -40.18 -11.08
C GLU A 225 21.19 -41.25 -11.53
N GLY A 226 21.02 -41.77 -12.75
CA GLY A 226 21.92 -42.79 -13.25
C GLY A 226 21.26 -43.88 -14.06
N GLU A 227 19.93 -43.82 -14.19
CA GLU A 227 19.22 -44.78 -15.01
C GLU A 227 19.61 -44.61 -16.47
N GLU A 228 19.68 -45.73 -17.19
CA GLU A 228 20.13 -45.75 -18.57
C GLU A 228 19.18 -46.55 -19.44
N VAL A 229 19.02 -46.11 -20.68
CA VAL A 229 18.31 -46.85 -21.72
C VAL A 229 19.23 -46.90 -22.94
N MET A 230 19.43 -48.10 -23.49
CA MET A 230 20.35 -48.26 -24.60
C MET A 230 19.56 -48.40 -25.90
N PHE A 231 19.90 -47.56 -26.88
CA PHE A 231 19.21 -47.59 -28.16
C PHE A 231 19.41 -48.93 -28.85
N LYS A 232 18.35 -49.43 -29.47
CA LYS A 232 18.46 -50.67 -30.23
C LYS A 232 19.25 -50.45 -31.51
N THR A 233 19.05 -49.32 -32.17
CA THR A 233 19.85 -48.91 -33.33
C THR A 233 20.56 -47.61 -32.98
N PRO A 234 21.85 -47.64 -32.69
CA PRO A 234 22.54 -46.43 -32.22
C PRO A 234 22.50 -45.31 -33.27
N VAL A 235 22.39 -44.08 -32.77
CA VAL A 235 22.43 -42.90 -33.64
C VAL A 235 23.89 -42.56 -33.94
N SER A 236 24.20 -42.37 -35.22
CA SER A 236 25.56 -42.10 -35.65
C SER A 236 25.69 -40.62 -36.02
N ILE A 237 26.57 -39.92 -35.32
CA ILE A 237 26.85 -38.52 -35.65
C ILE A 237 27.84 -38.41 -36.79
N THR A 238 28.77 -39.37 -36.90
CA THR A 238 29.76 -39.36 -37.97
C THR A 238 29.12 -39.40 -39.35
N GLU A 239 27.88 -39.89 -39.45
CA GLU A 239 27.16 -39.91 -40.71
C GLU A 239 26.04 -38.87 -40.74
N HIS A 240 25.62 -38.34 -39.59
CA HIS A 240 24.64 -37.27 -39.51
C HIS A 240 25.26 -36.04 -38.83
N PRO A 241 25.87 -35.14 -39.60
CA PRO A 241 26.21 -33.82 -39.07
C PRO A 241 24.97 -32.94 -38.96
N LYS A 242 25.13 -31.64 -38.71
CA LYS A 242 24.01 -30.71 -38.58
C LYS A 242 23.13 -31.10 -37.39
N ILE A 243 23.68 -30.79 -36.21
CA ILE A 243 23.31 -31.33 -34.90
C ILE A 243 21.81 -31.55 -34.72
N ASN A 244 20.97 -30.63 -35.21
CA ASN A 244 19.53 -30.79 -35.03
C ASN A 244 19.02 -32.08 -35.66
N GLU A 245 19.63 -32.51 -36.76
CA GLU A 245 19.16 -33.71 -37.44
C GLU A 245 19.40 -34.96 -36.59
N TRP A 246 20.61 -35.13 -36.07
CA TRP A 246 20.84 -36.31 -35.25
C TRP A 246 20.18 -36.19 -33.88
N LEU A 247 19.86 -34.97 -33.43
CA LEU A 247 19.02 -34.85 -32.23
C LEU A 247 17.62 -35.37 -32.49
N THR A 248 17.05 -35.04 -33.66
CA THR A 248 15.76 -35.62 -34.05
C THR A 248 15.86 -37.14 -34.14
N LEU A 249 16.97 -37.64 -34.69
CA LEU A 249 17.16 -39.08 -34.74
C LEU A 249 17.23 -39.69 -33.35
N VAL A 250 17.90 -39.00 -32.41
CA VAL A 250 17.97 -39.49 -31.04
C VAL A 250 16.58 -39.57 -30.41
N GLU A 251 15.78 -38.53 -30.58
CA GLU A 251 14.45 -38.57 -29.96
C GLU A 251 13.58 -39.65 -30.59
N LYS A 252 13.66 -39.83 -31.92
CA LYS A 252 12.90 -40.88 -32.58
C LYS A 252 13.34 -42.27 -32.09
N GLU A 253 14.66 -42.47 -31.96
CA GLU A 253 15.16 -43.73 -31.45
C GLU A 253 14.75 -43.95 -30.00
N MET A 254 14.67 -42.89 -29.22
CA MET A 254 14.17 -43.00 -27.86
C MET A 254 12.74 -43.53 -27.85
N ARG A 255 11.89 -42.95 -28.69
CA ARG A 255 10.50 -43.41 -28.76
C ARG A 255 10.42 -44.88 -29.17
N VAL A 256 11.13 -45.24 -30.24
CA VAL A 256 11.00 -46.61 -30.75
C VAL A 256 11.60 -47.62 -29.77
N THR A 257 12.71 -47.28 -29.13
CA THR A 257 13.32 -48.16 -28.15
C THR A 257 12.42 -48.35 -26.95
N LEU A 258 11.79 -47.27 -26.48
CA LEU A 258 10.85 -47.39 -25.37
C LEU A 258 9.67 -48.27 -25.75
N ALA A 259 9.16 -48.13 -26.98
CA ALA A 259 8.05 -48.96 -27.41
C ALA A 259 8.44 -50.43 -27.44
N LYS A 260 9.60 -50.74 -28.02
CA LYS A 260 10.03 -52.13 -28.10
C LYS A 260 10.29 -52.73 -26.72
N LEU A 261 10.94 -51.95 -25.84
CA LEU A 261 11.19 -52.43 -24.48
C LEU A 261 9.89 -52.65 -23.73
N LEU A 262 8.91 -51.77 -23.91
CA LEU A 262 7.61 -51.97 -23.28
C LEU A 262 6.93 -53.22 -23.79
N ALA A 263 7.02 -53.48 -25.10
CA ALA A 263 6.45 -54.70 -25.65
C ALA A 263 7.08 -55.94 -25.02
N GLU A 264 8.42 -55.98 -24.96
CA GLU A 264 9.10 -57.12 -24.36
C GLU A 264 8.73 -57.27 -22.88
N SER A 265 8.69 -56.14 -22.16
CA SER A 265 8.39 -56.20 -20.73
C SER A 265 6.98 -56.70 -20.47
N VAL A 266 5.99 -56.22 -21.24
CA VAL A 266 4.62 -56.68 -21.03
C VAL A 266 4.50 -58.15 -21.43
N THR A 267 5.22 -58.59 -22.47
CA THR A 267 5.21 -60.00 -22.81
C THR A 267 5.75 -60.84 -21.66
N GLU A 268 6.81 -60.37 -20.99
CA GLU A 268 7.33 -61.08 -19.83
C GLU A 268 6.34 -61.06 -18.68
N VAL A 269 5.67 -59.92 -18.46
CA VAL A 269 4.77 -59.78 -17.32
C VAL A 269 3.53 -60.66 -17.47
N GLU A 270 3.09 -60.91 -18.70
CA GLU A 270 1.95 -61.79 -18.92
C GLU A 270 2.10 -63.13 -18.19
N ILE A 271 3.33 -63.58 -17.96
CA ILE A 271 3.55 -64.79 -17.17
C ILE A 271 3.16 -64.55 -15.71
N PHE A 272 3.61 -63.42 -15.13
CA PHE A 272 3.27 -63.12 -13.75
C PHE A 272 1.78 -62.88 -13.57
N GLY A 273 1.11 -62.33 -14.59
CA GLY A 273 -0.29 -61.99 -14.45
C GLY A 273 -1.19 -63.17 -14.21
N LYS A 274 -0.90 -64.30 -14.87
CA LYS A 274 -1.75 -65.48 -14.82
C LYS A 274 -1.03 -66.65 -14.13
N ALA A 275 -0.33 -66.37 -13.04
CA ALA A 275 0.39 -67.38 -12.28
C ALA A 275 -0.12 -67.38 -10.85
N THR A 276 -0.60 -68.53 -10.38
CA THR A 276 -1.09 -68.64 -9.01
C THR A 276 0.01 -68.41 -7.99
N SER A 277 1.21 -68.92 -8.24
CA SER A 277 2.38 -68.67 -7.40
C SER A 277 3.32 -67.73 -8.15
N ILE A 278 4.45 -67.43 -7.52
CA ILE A 278 5.43 -66.52 -8.10
C ILE A 278 6.77 -66.72 -7.40
N ASP A 279 7.83 -66.65 -8.18
CA ASP A 279 9.19 -66.77 -7.65
C ASP A 279 9.75 -65.38 -7.39
N PRO A 280 10.10 -65.05 -6.15
CA PRO A 280 10.60 -63.69 -5.87
C PRO A 280 11.84 -63.32 -6.68
N ASN A 281 12.74 -64.27 -6.90
CA ASN A 281 13.97 -63.97 -7.64
C ASN A 281 13.67 -63.57 -9.07
N THR A 282 12.76 -64.28 -9.74
CA THR A 282 12.40 -63.92 -11.10
C THR A 282 11.78 -62.54 -11.18
N TYR A 283 10.90 -62.22 -10.23
CA TYR A 283 10.29 -60.89 -10.20
C TYR A 283 11.33 -59.81 -9.97
N ILE A 284 12.30 -60.07 -9.08
CA ILE A 284 13.35 -59.10 -8.82
C ILE A 284 14.21 -58.90 -10.06
N THR A 285 14.55 -59.98 -10.76
CA THR A 285 15.33 -59.85 -11.99
C THR A 285 14.58 -59.04 -13.03
N TRP A 286 13.28 -59.31 -13.19
CA TRP A 286 12.48 -58.53 -14.14
C TRP A 286 12.44 -57.05 -13.75
N ILE A 287 12.31 -56.77 -12.45
CA ILE A 287 12.32 -55.40 -11.98
C ILE A 287 13.64 -54.72 -12.34
N ASP A 288 14.75 -55.41 -12.09
CA ASP A 288 16.07 -54.85 -12.36
C ASP A 288 16.35 -54.70 -13.85
N LYS A 289 15.67 -55.47 -14.70
CA LYS A 289 15.96 -55.42 -16.13
C LYS A 289 15.48 -54.11 -16.76
N TYR A 290 14.18 -53.86 -16.70
CA TYR A 290 13.58 -52.75 -17.45
C TYR A 290 13.54 -51.49 -16.60
N GLN A 291 13.25 -50.37 -17.26
CA GLN A 291 13.19 -49.07 -16.62
C GLN A 291 11.94 -48.95 -15.76
N ALA A 292 11.93 -47.94 -14.89
CA ALA A 292 10.87 -47.81 -13.89
C ALA A 292 9.51 -47.57 -14.55
N GLN A 293 9.44 -46.59 -15.46
CA GLN A 293 8.16 -46.28 -16.09
C GLN A 293 7.68 -47.46 -16.93
N LEU A 294 8.59 -48.15 -17.62
CA LEU A 294 8.21 -49.33 -18.37
C LEU A 294 7.70 -50.43 -17.45
N VAL A 295 8.32 -50.59 -16.28
CA VAL A 295 7.89 -51.60 -15.33
C VAL A 295 6.48 -51.31 -14.84
N VAL A 296 6.23 -50.07 -14.43
CA VAL A 296 4.91 -49.74 -13.88
C VAL A 296 3.84 -49.81 -14.98
N LEU A 297 4.18 -49.40 -16.20
CA LEU A 297 3.24 -49.53 -17.30
C LEU A 297 2.96 -50.99 -17.63
N SER A 298 3.97 -51.86 -17.55
CA SER A 298 3.74 -53.27 -17.78
C SER A 298 2.78 -53.83 -16.74
N ALA A 299 2.98 -53.47 -15.47
CA ALA A 299 2.08 -53.92 -14.42
C ALA A 299 0.65 -53.44 -14.69
N GLN A 300 0.50 -52.15 -15.04
CA GLN A 300 -0.83 -51.59 -15.28
C GLN A 300 -1.50 -52.26 -16.48
N ILE A 301 -0.74 -52.50 -17.55
CA ILE A 301 -1.32 -53.11 -18.76
C ILE A 301 -1.73 -54.55 -18.48
N ALA A 302 -0.89 -55.30 -17.77
CA ALA A 302 -1.26 -56.67 -17.43
C ALA A 302 -2.52 -56.71 -16.58
N TRP A 303 -2.61 -55.82 -15.58
CA TRP A 303 -3.80 -55.79 -14.74
C TRP A 303 -5.03 -55.41 -15.56
N SER A 304 -4.90 -54.42 -16.45
CA SER A 304 -6.04 -54.00 -17.25
C SER A 304 -6.53 -55.11 -18.16
N GLU A 305 -5.61 -55.81 -18.82
CA GLU A 305 -6.00 -56.91 -19.70
C GLU A 305 -6.64 -58.05 -18.91
N ASN A 306 -6.07 -58.35 -17.73
CA ASN A 306 -6.64 -59.41 -16.89
C ASN A 306 -8.07 -59.07 -16.47
N VAL A 307 -8.29 -57.82 -16.03
CA VAL A 307 -9.61 -57.42 -15.59
C VAL A 307 -10.59 -57.41 -16.76
N GLU A 308 -10.14 -56.95 -17.94
CA GLU A 308 -11.00 -56.94 -19.10
C GLU A 308 -11.42 -58.36 -19.48
N THR A 309 -10.47 -59.30 -19.50
CA THR A 309 -10.80 -60.68 -19.83
C THR A 309 -11.75 -61.28 -18.81
N ALA A 310 -11.48 -61.04 -17.51
CA ALA A 310 -12.34 -61.59 -16.48
C ALA A 310 -13.76 -61.04 -16.57
N LEU A 311 -13.90 -59.74 -16.82
CA LEU A 311 -15.23 -59.14 -16.93
C LEU A 311 -15.95 -59.63 -18.18
N SER A 312 -15.21 -59.82 -19.28
CA SER A 312 -15.82 -60.38 -20.49
C SER A 312 -16.33 -61.80 -20.24
N SER A 313 -15.53 -62.61 -19.55
CA SER A 313 -15.97 -63.98 -19.24
C SER A 313 -17.17 -63.97 -18.30
N MET A 314 -17.17 -63.07 -17.31
CA MET A 314 -18.26 -63.02 -16.34
C MET A 314 -19.54 -62.47 -16.94
N GLY A 315 -19.50 -61.94 -18.17
CA GLY A 315 -20.63 -61.27 -18.77
C GLY A 315 -21.89 -62.11 -18.89
N GLY A 316 -21.76 -63.43 -18.82
CA GLY A 316 -22.91 -64.30 -18.91
C GLY A 316 -23.75 -64.34 -17.65
N GLY A 317 -24.22 -63.18 -17.21
CA GLY A 317 -25.07 -63.12 -16.03
C GLY A 317 -24.40 -63.54 -14.75
N GLY A 318 -23.17 -63.10 -14.52
CA GLY A 318 -22.46 -63.44 -13.30
C GLY A 318 -22.01 -64.89 -13.25
N ASP A 319 -21.12 -65.27 -14.16
CA ASP A 319 -20.61 -66.64 -14.24
C ASP A 319 -19.55 -66.83 -13.16
N ALA A 320 -20.01 -67.24 -11.98
CA ALA A 320 -19.15 -67.49 -10.80
C ALA A 320 -18.37 -66.20 -10.52
N ALA A 321 -17.07 -66.26 -10.24
CA ALA A 321 -16.30 -65.06 -9.95
C ALA A 321 -14.82 -65.28 -10.18
N PRO A 322 -14.36 -65.31 -11.44
CA PRO A 322 -12.91 -65.38 -11.71
C PRO A 322 -12.16 -64.15 -11.23
N LEU A 323 -12.84 -63.00 -11.08
CA LEU A 323 -12.16 -61.78 -10.64
C LEU A 323 -11.41 -61.99 -9.34
N HIS A 324 -11.97 -62.81 -8.42
CA HIS A 324 -11.28 -63.11 -7.18
C HIS A 324 -9.85 -63.57 -7.44
N SER A 325 -9.67 -64.53 -8.35
CA SER A 325 -8.33 -64.98 -8.69
C SER A 325 -7.44 -63.80 -9.05
N VAL A 326 -7.92 -62.93 -9.95
CA VAL A 326 -7.14 -61.76 -10.33
C VAL A 326 -6.80 -60.95 -9.08
N LEU A 327 -7.80 -60.67 -8.25
CA LEU A 327 -7.54 -59.97 -7.00
C LEU A 327 -6.49 -60.72 -6.19
N SER A 328 -6.68 -62.02 -6.01
CA SER A 328 -5.71 -62.82 -5.27
C SER A 328 -4.32 -62.65 -5.89
N ASN A 329 -4.23 -62.73 -7.21
CA ASN A 329 -2.96 -62.55 -7.89
C ASN A 329 -2.30 -61.26 -7.43
N VAL A 330 -3.04 -60.14 -7.47
CA VAL A 330 -2.47 -58.87 -7.06
C VAL A 330 -1.95 -58.98 -5.63
N GLU A 331 -2.79 -59.48 -4.73
CA GLU A 331 -2.36 -59.61 -3.35
C GLU A 331 -1.09 -60.44 -3.25
N VAL A 332 -1.06 -61.57 -3.97
CA VAL A 332 0.13 -62.41 -3.95
C VAL A 332 1.35 -61.60 -4.36
N THR A 333 1.24 -60.91 -5.50
CA THR A 333 2.35 -60.08 -5.95
C THR A 333 2.70 -59.05 -4.88
N LEU A 334 1.67 -58.40 -4.33
CA LEU A 334 1.91 -57.40 -3.30
C LEU A 334 2.69 -57.99 -2.15
N ASN A 335 2.32 -59.22 -1.73
CA ASN A 335 3.02 -59.84 -0.62
C ASN A 335 4.52 -59.93 -0.91
N VAL A 336 4.87 -60.36 -2.12
CA VAL A 336 6.28 -60.47 -2.47
C VAL A 336 6.97 -59.13 -2.33
N LEU A 337 6.32 -58.06 -2.81
CA LEU A 337 6.89 -56.73 -2.64
C LEU A 337 7.04 -56.39 -1.17
N ALA A 338 6.01 -56.70 -0.37
CA ALA A 338 6.09 -56.44 1.05
C ALA A 338 7.21 -57.23 1.71
N ASP A 339 7.65 -58.32 1.07
CA ASP A 339 8.78 -59.08 1.59
C ASP A 339 10.10 -58.59 1.01
N SER A 340 10.09 -58.00 -0.18
CA SER A 340 11.33 -57.64 -0.87
C SER A 340 11.79 -56.22 -0.58
N VAL A 341 11.02 -55.44 0.15
CA VAL A 341 11.43 -54.07 0.47
C VAL A 341 12.14 -53.98 1.83
N LEU A 342 11.97 -54.99 2.69
CA LEU A 342 12.61 -54.96 4.00
C LEU A 342 14.11 -55.16 3.90
N MET A 343 14.56 -55.99 2.97
CA MET A 343 15.99 -56.26 2.81
C MET A 343 16.69 -55.02 2.23
N GLU A 344 18.02 -55.12 2.12
CA GLU A 344 18.80 -54.03 1.53
C GLU A 344 18.74 -54.13 0.02
N GLN A 345 18.56 -52.98 -0.64
CA GLN A 345 18.41 -52.93 -2.09
C GLN A 345 19.15 -51.71 -2.62
N PRO A 346 19.56 -51.73 -3.89
CA PRO A 346 20.08 -50.52 -4.50
C PRO A 346 18.99 -49.47 -4.59
N PRO A 347 19.37 -48.18 -4.57
CA PRO A 347 18.34 -47.13 -4.57
C PRO A 347 17.41 -47.18 -5.77
N LEU A 348 17.91 -47.53 -6.95
CA LEU A 348 17.04 -47.60 -8.12
C LEU A 348 15.99 -48.69 -7.96
N ARG A 349 16.42 -49.88 -7.51
CA ARG A 349 15.46 -50.95 -7.27
C ARG A 349 14.52 -50.61 -6.13
N ARG A 350 15.00 -49.87 -5.14
CA ARG A 350 14.13 -49.42 -4.05
C ARG A 350 13.02 -48.53 -4.57
N ARG A 351 13.37 -47.55 -5.41
CA ARG A 351 12.35 -46.66 -5.97
C ARG A 351 11.40 -47.41 -6.88
N LYS A 352 11.92 -48.37 -7.66
CA LYS A 352 11.06 -49.18 -8.50
C LYS A 352 10.06 -49.98 -7.67
N LEU A 353 10.53 -50.58 -6.57
CA LEU A 353 9.65 -51.33 -5.69
C LEU A 353 8.60 -50.41 -5.05
N GLU A 354 9.01 -49.20 -4.67
CA GLU A 354 8.06 -48.24 -4.12
C GLU A 354 6.97 -47.91 -5.14
N HIS A 355 7.37 -47.68 -6.40
CA HIS A 355 6.38 -47.37 -7.43
C HIS A 355 5.43 -48.54 -7.66
N LEU A 356 5.97 -49.76 -7.72
CA LEU A 356 5.11 -50.93 -7.89
C LEU A 356 4.16 -51.11 -6.73
N ILE A 357 4.62 -50.89 -5.50
CA ILE A 357 3.74 -51.01 -4.35
C ILE A 357 2.63 -49.96 -4.43
N THR A 358 2.99 -48.72 -4.76
CA THR A 358 2.00 -47.65 -4.85
C THR A 358 0.95 -47.97 -5.91
N GLU A 359 1.38 -48.52 -7.05
CA GLU A 359 0.42 -48.86 -8.10
C GLU A 359 -0.44 -50.05 -7.72
N LEU A 360 0.17 -51.08 -7.13
CA LEU A 360 -0.55 -52.31 -6.85
C LEU A 360 -1.54 -52.15 -5.71
N VAL A 361 -1.26 -51.26 -4.74
CA VAL A 361 -2.24 -51.02 -3.69
C VAL A 361 -3.51 -50.41 -4.28
N HIS A 362 -3.36 -49.44 -5.17
CA HIS A 362 -4.52 -48.85 -5.84
C HIS A 362 -5.22 -49.89 -6.72
N GLN A 363 -4.45 -50.73 -7.40
CA GLN A 363 -5.04 -51.78 -8.23
C GLN A 363 -5.89 -52.73 -7.39
N ARG A 364 -5.36 -53.16 -6.24
CA ARG A 364 -6.11 -54.04 -5.36
C ARG A 364 -7.36 -53.36 -4.83
N ASP A 365 -7.25 -52.09 -4.44
CA ASP A 365 -8.40 -51.37 -3.92
C ASP A 365 -9.49 -51.25 -4.98
N VAL A 366 -9.12 -50.91 -6.21
CA VAL A 366 -10.10 -50.80 -7.28
C VAL A 366 -10.74 -52.15 -7.56
N THR A 367 -9.92 -53.21 -7.61
CA THR A 367 -10.44 -54.52 -7.95
C THR A 367 -11.42 -55.04 -6.90
N ARG A 368 -11.09 -54.87 -5.61
CA ARG A 368 -11.93 -55.48 -4.59
C ARG A 368 -13.11 -54.59 -4.22
N SER A 369 -12.93 -53.27 -4.29
CA SER A 369 -13.98 -52.37 -3.83
C SER A 369 -14.96 -52.04 -4.96
N LEU A 370 -14.45 -51.51 -6.07
CA LEU A 370 -15.30 -50.98 -7.12
C LEU A 370 -15.54 -51.95 -8.27
N ILE A 371 -15.13 -53.22 -8.14
CA ILE A 371 -15.34 -54.19 -9.20
C ILE A 371 -16.10 -55.39 -8.64
N LYS A 372 -15.95 -55.64 -7.35
CA LYS A 372 -16.65 -56.74 -6.69
C LYS A 372 -18.04 -56.35 -6.19
N SER A 373 -18.50 -55.14 -6.49
CA SER A 373 -19.85 -54.70 -6.09
C SER A 373 -20.88 -55.20 -7.10
N LYS A 374 -20.86 -56.52 -7.33
CA LYS A 374 -21.81 -57.19 -8.21
C LYS A 374 -21.79 -56.59 -9.63
N ILE A 375 -20.61 -56.63 -10.25
CA ILE A 375 -20.39 -56.08 -11.57
C ILE A 375 -19.93 -57.20 -12.49
N ASP A 376 -20.58 -57.33 -13.65
CA ASP A 376 -20.26 -58.40 -14.59
C ASP A 376 -20.17 -57.95 -16.05
N ASN A 377 -20.42 -56.69 -16.35
CA ASN A 377 -20.44 -56.19 -17.72
C ASN A 377 -19.21 -55.32 -17.97
N ALA A 378 -18.47 -55.64 -19.03
CA ALA A 378 -17.25 -54.89 -19.35
C ALA A 378 -17.55 -53.48 -19.83
N LYS A 379 -18.80 -53.18 -20.20
CA LYS A 379 -19.18 -51.84 -20.65
C LYS A 379 -19.82 -51.01 -19.54
N SER A 380 -19.90 -51.54 -18.33
CA SER A 380 -20.47 -50.80 -17.22
C SER A 380 -19.58 -49.60 -16.86
N PHE A 381 -20.23 -48.51 -16.46
CA PHE A 381 -19.48 -47.30 -16.13
C PHE A 381 -18.65 -47.45 -14.86
N GLU A 382 -19.01 -48.38 -13.98
CA GLU A 382 -18.19 -48.61 -12.79
C GLU A 382 -16.81 -49.11 -13.17
N TRP A 383 -16.69 -49.76 -14.33
CA TRP A 383 -15.39 -50.16 -14.87
C TRP A 383 -14.85 -49.19 -15.90
N LEU A 384 -15.73 -48.61 -16.73
CA LEU A 384 -15.31 -47.65 -17.75
C LEU A 384 -14.75 -46.36 -17.16
N SER A 385 -14.99 -46.09 -15.87
CA SER A 385 -14.52 -44.86 -15.25
C SER A 385 -13.07 -44.94 -14.81
N GLN A 386 -12.46 -46.12 -14.79
CA GLN A 386 -11.08 -46.27 -14.34
C GLN A 386 -10.12 -46.05 -15.49
N MET A 387 -8.83 -45.97 -15.15
CA MET A 387 -7.78 -45.74 -16.13
C MET A 387 -7.38 -47.06 -16.75
N ARG A 388 -7.84 -47.31 -17.96
CA ARG A 388 -7.58 -48.56 -18.67
C ARG A 388 -6.49 -48.35 -19.72
N PHE A 389 -5.69 -49.40 -19.92
CA PHE A 389 -4.62 -49.40 -20.91
C PHE A 389 -4.88 -50.54 -21.89
N TYR A 390 -4.63 -50.28 -23.18
CA TYR A 390 -4.78 -51.28 -24.22
C TYR A 390 -3.52 -51.29 -25.05
N PHE A 391 -2.85 -52.43 -25.11
CA PHE A 391 -1.57 -52.56 -25.81
C PHE A 391 -1.76 -53.39 -27.06
N ASP A 392 -1.38 -52.82 -28.20
CA ASP A 392 -1.41 -53.54 -29.48
C ASP A 392 0.01 -53.61 -30.02
N PRO A 393 0.70 -54.75 -29.89
CA PRO A 393 2.07 -54.86 -30.38
C PRO A 393 2.20 -55.04 -31.88
N LYS A 394 1.10 -54.90 -32.63
CA LYS A 394 1.13 -55.03 -34.08
C LYS A 394 1.11 -53.70 -34.81
N GLN A 395 0.72 -52.62 -34.15
CA GLN A 395 0.70 -51.31 -34.79
C GLN A 395 2.13 -50.88 -35.12
N THR A 396 2.37 -50.57 -36.40
CA THR A 396 3.70 -50.19 -36.83
C THR A 396 4.16 -48.89 -36.18
N ASP A 397 3.25 -47.91 -36.10
CA ASP A 397 3.63 -46.61 -35.56
C ASP A 397 3.91 -46.71 -34.06
N VAL A 398 4.94 -45.97 -33.63
CA VAL A 398 5.30 -45.97 -32.22
C VAL A 398 4.21 -45.30 -31.38
N LEU A 399 3.57 -44.26 -31.93
CA LEU A 399 2.56 -43.50 -31.21
C LEU A 399 1.16 -44.04 -31.41
N GLN A 400 1.03 -45.32 -31.77
CA GLN A 400 -0.28 -45.94 -31.97
C GLN A 400 -0.38 -47.30 -31.30
N GLN A 401 0.59 -47.66 -30.47
CA GLN A 401 0.60 -48.98 -29.84
C GLN A 401 -0.21 -49.00 -28.54
N LEU A 402 0.09 -48.08 -27.62
CA LEU A 402 -0.55 -48.06 -26.31
C LEU A 402 -1.64 -46.98 -26.31
N SER A 403 -2.87 -47.40 -26.07
CA SER A 403 -4.02 -46.49 -25.99
C SER A 403 -4.50 -46.45 -24.55
N ILE A 404 -4.61 -45.24 -23.99
CA ILE A 404 -5.00 -45.04 -22.61
C ILE A 404 -6.38 -44.39 -22.60
N GLN A 405 -7.29 -44.94 -21.81
CA GLN A 405 -8.66 -44.44 -21.73
C GLN A 405 -9.01 -44.18 -20.28
N MET A 406 -9.77 -43.11 -20.04
CA MET A 406 -10.19 -42.77 -18.68
C MET A 406 -11.68 -42.95 -18.48
N ALA A 407 -12.52 -42.26 -19.25
CA ALA A 407 -13.94 -42.55 -19.32
C ALA A 407 -14.39 -42.86 -20.74
N ASN A 408 -14.14 -41.96 -21.69
CA ASN A 408 -14.35 -42.22 -23.10
C ASN A 408 -13.28 -41.57 -23.97
N ALA A 409 -12.28 -40.94 -23.37
CA ALA A 409 -11.23 -40.24 -24.11
C ALA A 409 -10.06 -41.19 -24.37
N LYS A 410 -9.60 -41.22 -25.61
CA LYS A 410 -8.48 -42.06 -26.02
C LYS A 410 -7.26 -41.18 -26.18
N PHE A 411 -6.17 -41.53 -25.49
CA PHE A 411 -4.90 -40.85 -25.61
C PHE A 411 -3.84 -41.84 -26.06
N ASN A 412 -3.05 -41.44 -27.04
CA ASN A 412 -1.90 -42.25 -27.43
C ASN A 412 -0.73 -41.98 -26.49
N TYR A 413 -0.15 -43.04 -25.95
CA TYR A 413 0.93 -42.88 -24.98
C TYR A 413 2.17 -42.34 -25.68
N GLY A 414 2.46 -41.06 -25.48
CA GLY A 414 3.70 -40.49 -25.96
C GLY A 414 4.87 -41.17 -25.28
N PHE A 415 5.76 -41.79 -26.06
CA PHE A 415 6.83 -42.60 -25.50
C PHE A 415 8.02 -41.72 -25.09
N GLU A 416 7.71 -40.72 -24.28
CA GLU A 416 8.76 -39.91 -23.65
C GLU A 416 9.44 -40.72 -22.56
N TYR A 417 10.76 -40.53 -22.44
CA TYR A 417 11.54 -41.21 -21.41
C TYR A 417 11.60 -40.29 -20.20
N LEU A 418 10.73 -40.53 -19.23
CA LEU A 418 10.60 -39.67 -18.06
C LEU A 418 11.60 -40.00 -16.97
N GLY A 419 12.44 -41.02 -17.15
CA GLY A 419 13.33 -41.42 -16.07
C GLY A 419 12.54 -42.04 -14.93
N VAL A 420 13.04 -41.81 -13.71
CA VAL A 420 12.35 -42.30 -12.53
C VAL A 420 11.76 -41.10 -11.78
N GLN A 421 10.50 -40.80 -12.07
CA GLN A 421 9.77 -39.74 -11.38
C GLN A 421 8.92 -40.33 -10.28
N ASP A 422 8.89 -39.65 -9.13
CA ASP A 422 8.11 -40.15 -8.00
C ASP A 422 6.63 -40.18 -8.35
N LYS A 423 5.99 -41.29 -8.01
CA LYS A 423 4.56 -41.45 -8.28
C LYS A 423 3.75 -40.83 -7.14
N LEU A 424 2.43 -40.77 -7.36
CA LEU A 424 1.51 -40.21 -6.39
C LEU A 424 0.51 -41.28 -5.95
N VAL A 425 0.14 -41.25 -4.68
CA VAL A 425 -0.87 -42.17 -4.18
C VAL A 425 -2.22 -41.82 -4.77
N GLN A 426 -2.88 -42.82 -5.37
CA GLN A 426 -4.12 -42.59 -6.10
C GLN A 426 -5.27 -42.49 -5.11
N THR A 427 -5.40 -41.31 -4.51
CA THR A 427 -6.52 -41.02 -3.64
C THR A 427 -7.79 -40.78 -4.46
N PRO A 428 -8.96 -40.93 -3.84
CA PRO A 428 -10.20 -40.62 -4.58
C PRO A 428 -10.23 -39.20 -5.13
N LEU A 429 -9.66 -38.24 -4.40
CA LEU A 429 -9.54 -36.90 -4.94
C LEU A 429 -8.68 -36.89 -6.19
N THR A 430 -7.58 -37.64 -6.18
CA THR A 430 -6.76 -37.75 -7.38
C THR A 430 -7.52 -38.45 -8.50
N ASP A 431 -8.36 -39.43 -8.17
CA ASP A 431 -9.15 -40.11 -9.20
C ASP A 431 -10.13 -39.15 -9.87
N ARG A 432 -10.85 -38.36 -9.07
CA ARG A 432 -11.78 -37.41 -9.66
C ARG A 432 -11.05 -36.30 -10.40
N CYS A 433 -9.86 -35.92 -9.93
CA CYS A 433 -9.05 -34.95 -10.66
C CYS A 433 -8.66 -35.49 -12.02
N TYR A 434 -8.23 -36.75 -12.07
CA TYR A 434 -7.88 -37.37 -13.34
C TYR A 434 -9.08 -37.41 -14.27
N LEU A 435 -10.24 -37.80 -13.73
CA LEU A 435 -11.44 -37.88 -14.56
C LEU A 435 -11.81 -36.51 -15.12
N THR A 436 -11.81 -35.48 -14.28
CA THR A 436 -12.17 -34.15 -14.73
C THR A 436 -11.18 -33.62 -15.75
N MET A 437 -9.88 -33.83 -15.52
CA MET A 437 -8.87 -33.34 -16.45
C MET A 437 -8.98 -34.03 -17.80
N THR A 438 -9.19 -35.35 -17.81
CA THR A 438 -9.35 -36.05 -19.07
C THR A 438 -10.64 -35.64 -19.78
N GLN A 439 -11.71 -35.38 -19.03
CA GLN A 439 -12.94 -34.90 -19.65
C GLN A 439 -12.72 -33.54 -20.29
N ALA A 440 -11.98 -32.65 -19.62
CA ALA A 440 -11.66 -31.36 -20.21
C ALA A 440 -10.81 -31.52 -21.47
N LEU A 441 -9.82 -32.42 -21.42
CA LEU A 441 -8.96 -32.64 -22.58
C LEU A 441 -9.75 -33.17 -23.77
N GLU A 442 -10.66 -34.10 -23.53
CA GLU A 442 -11.46 -34.67 -24.61
C GLU A 442 -12.32 -33.61 -25.28
N ALA A 443 -12.88 -32.68 -24.50
CA ALA A 443 -13.63 -31.57 -25.03
C ALA A 443 -12.74 -30.45 -25.56
N ARG A 444 -11.45 -30.72 -25.74
CA ARG A 444 -10.47 -29.74 -26.23
C ARG A 444 -10.45 -28.49 -25.35
N LEU A 445 -10.47 -28.71 -24.04
CA LEU A 445 -10.44 -27.64 -23.07
C LEU A 445 -9.16 -27.73 -22.25
N GLY A 446 -9.06 -26.90 -21.22
CA GLY A 446 -7.91 -26.92 -20.34
C GLY A 446 -8.35 -27.12 -18.90
N GLY A 447 -7.51 -27.80 -18.12
CA GLY A 447 -7.83 -28.09 -16.74
C GLY A 447 -7.29 -27.01 -15.83
N SER A 448 -8.16 -26.51 -14.96
CA SER A 448 -7.83 -25.42 -14.04
C SER A 448 -8.21 -25.79 -12.61
N PRO A 449 -7.45 -26.70 -11.99
CA PRO A 449 -7.70 -26.98 -10.57
C PRO A 449 -7.36 -25.78 -9.71
N PHE A 450 -8.08 -25.66 -8.58
CA PHE A 450 -7.87 -24.57 -7.66
C PHE A 450 -7.99 -25.09 -6.24
N GLY A 451 -7.75 -24.20 -5.27
CA GLY A 451 -7.80 -24.55 -3.88
C GLY A 451 -6.59 -24.03 -3.13
N PRO A 452 -6.57 -24.22 -1.81
CA PRO A 452 -5.44 -23.74 -1.02
C PRO A 452 -4.14 -24.42 -1.43
N ALA A 453 -3.04 -23.69 -1.29
CA ALA A 453 -1.74 -24.23 -1.63
C ALA A 453 -1.37 -25.36 -0.69
N GLY A 454 -0.89 -26.46 -1.25
CA GLY A 454 -0.49 -27.62 -0.48
C GLY A 454 -1.35 -28.85 -0.64
N THR A 455 -2.38 -28.80 -1.48
CA THR A 455 -3.22 -29.96 -1.72
C THR A 455 -2.77 -30.79 -2.91
N GLY A 456 -1.69 -30.40 -3.59
CA GLY A 456 -1.15 -31.21 -4.67
C GLY A 456 -1.82 -31.01 -6.01
N LYS A 457 -2.07 -29.76 -6.41
CA LYS A 457 -2.64 -29.52 -7.73
C LYS A 457 -1.59 -29.67 -8.82
N THR A 458 -0.46 -28.97 -8.67
CA THR A 458 0.62 -29.09 -9.65
C THR A 458 1.15 -30.52 -9.73
N GLU A 459 1.31 -31.17 -8.57
CA GLU A 459 1.78 -32.55 -8.57
C GLU A 459 0.78 -33.48 -9.24
N SER A 460 -0.52 -33.27 -9.01
CA SER A 460 -1.52 -34.11 -9.67
C SER A 460 -1.50 -33.92 -11.18
N VAL A 461 -1.40 -32.67 -11.64
CA VAL A 461 -1.34 -32.41 -13.08
C VAL A 461 -0.10 -33.04 -13.68
N LYS A 462 1.05 -32.89 -13.01
CA LYS A 462 2.29 -33.47 -13.51
C LYS A 462 2.22 -34.99 -13.54
N ALA A 463 1.61 -35.60 -12.52
CA ALA A 463 1.48 -37.05 -12.50
C ALA A 463 0.57 -37.53 -13.62
N LEU A 464 -0.51 -36.80 -13.89
CA LEU A 464 -1.38 -37.16 -15.01
C LEU A 464 -0.63 -37.05 -16.34
N GLY A 465 0.15 -35.98 -16.50
CA GLY A 465 0.94 -35.83 -17.72
C GLY A 465 1.95 -36.95 -17.89
N HIS A 466 2.59 -37.35 -16.79
CA HIS A 466 3.55 -38.45 -16.85
C HIS A 466 2.87 -39.79 -17.12
N GLN A 467 1.64 -39.95 -16.63
CA GLN A 467 0.93 -41.22 -16.82
C GLN A 467 0.65 -41.47 -18.30
N LEU A 468 0.30 -40.41 -19.03
CA LEU A 468 0.11 -40.51 -20.47
C LEU A 468 1.41 -40.39 -21.24
N GLY A 469 2.54 -40.19 -20.55
CA GLY A 469 3.82 -40.03 -21.21
C GLY A 469 3.90 -38.74 -22.01
N ARG A 470 3.84 -37.61 -21.31
CA ARG A 470 3.90 -36.31 -21.95
C ARG A 470 4.86 -35.42 -21.18
N PHE A 471 5.87 -34.91 -21.88
CA PHE A 471 6.84 -34.01 -21.27
C PHE A 471 6.12 -32.75 -20.80
N VAL A 472 6.05 -32.57 -19.49
CA VAL A 472 5.28 -31.48 -18.88
C VAL A 472 6.25 -30.44 -18.33
N LEU A 473 5.87 -29.18 -18.47
CA LEU A 473 6.65 -28.06 -17.94
C LEU A 473 5.78 -27.29 -16.95
N VAL A 474 6.29 -27.10 -15.74
CA VAL A 474 5.61 -26.30 -14.74
C VAL A 474 6.31 -24.95 -14.62
N PHE A 475 5.53 -23.88 -14.67
CA PHE A 475 6.06 -22.53 -14.52
C PHE A 475 5.64 -21.99 -13.16
N ASN A 476 6.63 -21.66 -12.33
CA ASN A 476 6.34 -21.30 -10.94
C ASN A 476 5.62 -19.98 -10.81
N CYS A 477 5.60 -19.16 -11.88
CA CYS A 477 4.98 -17.83 -11.86
C CYS A 477 5.61 -17.06 -10.69
N ASP A 478 4.81 -16.47 -9.79
CA ASP A 478 5.32 -15.78 -8.61
C ASP A 478 6.31 -14.68 -8.99
N GLU A 479 7.55 -14.78 -8.50
CA GLU A 479 8.55 -13.76 -8.75
C GLU A 479 9.59 -14.17 -9.78
N THR A 480 9.99 -15.44 -9.80
CA THR A 480 11.02 -15.92 -10.73
C THR A 480 10.49 -16.15 -12.14
N PHE A 481 9.30 -15.64 -12.45
CA PHE A 481 8.71 -15.85 -13.76
C PHE A 481 9.53 -15.14 -14.84
N ASP A 482 9.67 -15.81 -15.99
CA ASP A 482 10.41 -15.26 -17.13
C ASP A 482 9.39 -14.86 -18.20
N PHE A 483 8.97 -13.59 -18.14
CA PHE A 483 7.97 -13.09 -19.08
C PHE A 483 8.48 -13.12 -20.51
N GLN A 484 9.79 -12.91 -20.70
CA GLN A 484 10.35 -12.91 -22.05
C GLN A 484 10.29 -14.29 -22.68
N ALA A 485 10.53 -15.34 -21.89
CA ALA A 485 10.64 -16.69 -22.43
C ALA A 485 9.33 -17.26 -22.94
N MET A 486 8.18 -16.75 -22.48
CA MET A 486 6.90 -17.34 -22.84
C MET A 486 6.67 -17.35 -24.34
N GLY A 487 7.14 -16.31 -25.04
CA GLY A 487 6.90 -16.23 -26.48
C GLY A 487 7.42 -17.44 -27.23
N ARG A 488 8.60 -17.93 -26.85
CA ARG A 488 9.15 -19.13 -27.48
C ARG A 488 8.73 -20.41 -26.78
N ILE A 489 8.46 -20.36 -25.48
CA ILE A 489 8.07 -21.57 -24.76
C ILE A 489 6.69 -22.05 -25.22
N PHE A 490 5.78 -21.11 -25.49
CA PHE A 490 4.46 -21.50 -25.98
C PHE A 490 4.57 -22.13 -27.37
N VAL A 491 5.43 -21.59 -28.24
CA VAL A 491 5.63 -22.19 -29.55
C VAL A 491 6.23 -23.58 -29.41
N GLY A 492 7.16 -23.76 -28.47
CA GLY A 492 7.70 -25.08 -28.21
C GLY A 492 6.63 -26.05 -27.73
N LEU A 493 5.73 -25.58 -26.87
CA LEU A 493 4.63 -26.42 -26.43
C LEU A 493 3.74 -26.81 -27.61
N CYS A 494 3.46 -25.87 -28.50
CA CYS A 494 2.57 -26.13 -29.62
C CYS A 494 3.20 -27.11 -30.62
N GLN A 495 4.50 -26.98 -30.88
CA GLN A 495 5.10 -27.77 -31.94
C GLN A 495 5.66 -29.11 -31.45
N VAL A 496 6.31 -29.11 -30.29
CA VAL A 496 6.88 -30.35 -29.76
C VAL A 496 5.78 -31.34 -29.41
N GLY A 497 4.67 -30.85 -28.89
CA GLY A 497 3.63 -31.71 -28.37
C GLY A 497 3.70 -31.92 -26.87
N ALA A 498 4.33 -31.00 -26.14
CA ALA A 498 4.51 -31.14 -24.70
C ALA A 498 3.21 -30.84 -23.98
N TRP A 499 3.26 -30.75 -22.66
CA TRP A 499 2.07 -30.63 -21.83
C TRP A 499 1.87 -29.25 -21.25
N GLY A 500 2.89 -28.65 -20.65
CA GLY A 500 2.76 -27.32 -20.08
C GLY A 500 1.91 -27.29 -18.83
N CYS A 501 2.15 -26.30 -17.96
CA CYS A 501 1.40 -26.16 -16.73
C CYS A 501 1.63 -24.75 -16.19
N PHE A 502 0.95 -24.46 -15.08
CA PHE A 502 1.14 -23.18 -14.40
C PHE A 502 0.95 -23.41 -12.91
N ASP A 503 1.57 -22.54 -12.11
CA ASP A 503 1.57 -22.67 -10.66
C ASP A 503 1.20 -21.33 -10.06
N GLU A 504 0.05 -21.27 -9.38
CA GLU A 504 -0.43 -20.05 -8.73
C GLU A 504 -0.51 -18.90 -9.73
N PHE A 505 -1.37 -19.08 -10.73
CA PHE A 505 -1.49 -18.10 -11.81
C PHE A 505 -1.95 -16.74 -11.29
N ASN A 506 -2.77 -16.72 -10.24
CA ASN A 506 -3.23 -15.46 -9.69
C ASN A 506 -2.11 -14.67 -9.02
N ARG A 507 -1.01 -15.34 -8.65
CA ARG A 507 0.13 -14.69 -8.04
C ARG A 507 1.00 -13.92 -9.04
N LEU A 508 0.54 -13.77 -10.27
CA LEU A 508 1.28 -13.09 -11.32
C LEU A 508 0.81 -11.64 -11.43
N GLU A 509 1.73 -10.75 -11.78
CA GLU A 509 1.41 -9.34 -11.89
C GLU A 509 0.38 -9.11 -12.99
N GLU A 510 -0.42 -8.05 -12.82
CA GLU A 510 -1.62 -7.86 -13.62
C GLU A 510 -1.30 -7.71 -15.11
N ARG A 511 -0.22 -6.99 -15.44
CA ARG A 511 0.09 -6.78 -16.85
C ARG A 511 0.62 -8.05 -17.51
N MET A 512 1.54 -8.75 -16.83
CA MET A 512 1.98 -10.04 -17.33
C MET A 512 0.84 -11.05 -17.32
N LEU A 513 -0.03 -10.97 -16.31
CA LEU A 513 -1.20 -11.84 -16.28
C LEU A 513 -2.07 -11.62 -17.51
N SER A 514 -2.31 -10.36 -17.87
CA SER A 514 -3.13 -10.06 -19.05
C SER A 514 -2.46 -10.54 -20.33
N ALA A 515 -1.14 -10.32 -20.47
CA ALA A 515 -0.45 -10.74 -21.67
C ALA A 515 -0.48 -12.26 -21.83
N VAL A 516 -0.13 -12.98 -20.76
CA VAL A 516 -0.16 -14.43 -20.81
C VAL A 516 -1.57 -14.94 -21.01
N SER A 517 -2.57 -14.26 -20.44
CA SER A 517 -3.95 -14.65 -20.64
C SER A 517 -4.35 -14.51 -22.10
N GLN A 518 -3.94 -13.43 -22.75
CA GLN A 518 -4.24 -13.28 -24.18
C GLN A 518 -3.56 -14.37 -24.99
N GLN A 519 -2.29 -14.67 -24.68
CA GLN A 519 -1.58 -15.70 -25.44
C GLN A 519 -2.22 -17.07 -25.26
N VAL A 520 -2.57 -17.43 -24.02
CA VAL A 520 -3.17 -18.72 -23.76
C VAL A 520 -4.59 -18.78 -24.33
N GLN A 521 -5.30 -17.65 -24.35
CA GLN A 521 -6.62 -17.62 -24.98
C GLN A 521 -6.50 -17.90 -26.47
N CYS A 522 -5.51 -17.29 -27.13
CA CYS A 522 -5.30 -17.58 -28.54
C CYS A 522 -4.96 -19.05 -28.76
N ILE A 523 -4.07 -19.60 -27.93
CA ILE A 523 -3.67 -20.99 -28.09
C ILE A 523 -4.87 -21.92 -27.88
N GLN A 524 -5.65 -21.69 -26.83
CA GLN A 524 -6.79 -22.55 -26.53
C GLN A 524 -7.88 -22.41 -27.60
N GLU A 525 -8.09 -21.20 -28.10
CA GLU A 525 -9.07 -21.00 -29.17
C GLU A 525 -8.66 -21.75 -30.43
N ALA A 526 -7.36 -21.73 -30.75
CA ALA A 526 -6.89 -22.55 -31.86
C ALA A 526 -7.04 -24.04 -31.58
N LEU A 527 -6.84 -24.45 -30.33
CA LEU A 527 -6.98 -25.86 -29.98
C LEU A 527 -8.42 -26.33 -30.07
N ARG A 528 -9.39 -25.43 -29.82
CA ARG A 528 -10.80 -25.80 -29.89
C ARG A 528 -11.25 -26.26 -31.26
N GLU A 529 -10.51 -25.93 -32.31
CA GLU A 529 -10.95 -26.20 -33.67
C GLU A 529 -10.69 -27.62 -34.12
N HIS A 530 -9.91 -28.40 -33.37
CA HIS A 530 -9.66 -29.79 -33.75
C HIS A 530 -10.89 -30.66 -33.62
N SER A 531 -11.90 -30.25 -32.84
CA SER A 531 -13.10 -31.03 -32.60
C SER A 531 -14.29 -30.54 -33.40
N ASN A 532 -14.07 -29.72 -34.42
CA ASN A 532 -15.18 -29.22 -35.23
C ASN A 532 -15.78 -30.35 -36.04
N PRO A 533 -17.10 -30.57 -35.95
CA PRO A 533 -17.71 -31.67 -36.74
C PRO A 533 -17.50 -31.51 -38.24
N ASN A 534 -17.56 -30.29 -38.75
CA ASN A 534 -17.30 -30.06 -40.17
C ASN A 534 -15.82 -30.22 -40.50
N TYR A 535 -14.95 -29.89 -39.55
CA TYR A 535 -13.51 -29.95 -39.73
C TYR A 535 -12.92 -31.16 -39.00
N ASP A 536 -13.64 -32.27 -39.00
CA ASP A 536 -13.18 -33.47 -38.30
C ASP A 536 -11.86 -33.97 -38.87
N LYS A 537 -11.72 -33.97 -40.19
CA LYS A 537 -10.47 -34.36 -40.85
C LYS A 537 -9.60 -33.11 -40.96
N THR A 538 -8.31 -33.26 -40.63
CA THR A 538 -7.39 -32.12 -40.61
C THR A 538 -6.68 -32.08 -41.96
N SER A 539 -7.34 -31.47 -42.95
CA SER A 539 -6.70 -31.28 -44.24
C SER A 539 -5.63 -30.20 -44.17
N ALA A 540 -5.96 -29.07 -43.53
CA ALA A 540 -5.00 -28.00 -43.30
C ALA A 540 -4.67 -27.93 -41.82
N PRO A 541 -3.40 -27.94 -41.42
CA PRO A 541 -3.07 -27.93 -40.00
C PRO A 541 -3.56 -26.65 -39.33
N ILE A 542 -3.99 -26.79 -38.07
CA ILE A 542 -4.46 -25.65 -37.31
C ILE A 542 -3.30 -24.73 -36.98
N THR A 543 -3.48 -23.43 -37.20
CA THR A 543 -2.44 -22.45 -36.98
C THR A 543 -2.90 -21.42 -35.95
N CYS A 544 -1.94 -20.92 -35.18
CA CYS A 544 -2.20 -19.91 -34.16
C CYS A 544 -1.23 -18.75 -34.35
N GLU A 545 -1.64 -17.59 -33.84
CA GLU A 545 -0.87 -16.35 -33.91
C GLU A 545 -0.23 -16.10 -32.56
N LEU A 546 1.07 -16.37 -32.44
CA LEU A 546 1.81 -16.17 -31.20
C LEU A 546 2.86 -15.09 -31.32
N LEU A 547 3.75 -15.18 -32.30
CA LEU A 547 4.82 -14.22 -32.52
C LEU A 547 4.64 -13.53 -33.87
N ASN A 548 3.41 -13.12 -34.16
CA ASN A 548 3.04 -12.53 -35.46
C ASN A 548 3.37 -13.49 -36.60
N LYS A 549 3.07 -14.77 -36.38
CA LYS A 549 3.33 -15.80 -37.38
C LYS A 549 2.35 -16.95 -37.16
N GLN A 550 2.17 -17.75 -38.21
CA GLN A 550 1.33 -18.93 -38.12
C GLN A 550 2.16 -20.08 -37.54
N VAL A 551 1.78 -20.54 -36.35
CA VAL A 551 2.45 -21.65 -35.68
C VAL A 551 1.49 -22.83 -35.66
N LYS A 552 1.96 -23.99 -36.12
CA LYS A 552 1.13 -25.18 -36.14
C LYS A 552 0.94 -25.69 -34.71
N VAL A 553 -0.30 -25.96 -34.33
CA VAL A 553 -0.62 -26.42 -32.99
C VAL A 553 -0.85 -27.93 -33.04
N SER A 554 0.00 -28.68 -32.34
CA SER A 554 -0.21 -30.12 -32.27
C SER A 554 -1.42 -30.43 -31.40
N PRO A 555 -2.27 -31.37 -31.82
CA PRO A 555 -3.46 -31.70 -31.01
C PRO A 555 -3.15 -32.32 -29.67
N ASP A 556 -1.93 -32.82 -29.47
CA ASP A 556 -1.60 -33.55 -28.25
C ASP A 556 -1.18 -32.65 -27.10
N MET A 557 -1.10 -31.34 -27.32
CA MET A 557 -0.68 -30.43 -26.26
C MET A 557 -1.85 -30.14 -25.31
N ALA A 558 -1.58 -29.30 -24.32
CA ALA A 558 -2.60 -28.87 -23.37
C ALA A 558 -2.08 -27.65 -22.63
N ILE A 559 -2.95 -27.05 -21.83
CA ILE A 559 -2.58 -25.97 -20.91
C ILE A 559 -3.34 -26.19 -19.61
N PHE A 560 -2.61 -26.14 -18.49
CA PHE A 560 -3.22 -26.25 -17.17
C PHE A 560 -2.88 -25.02 -16.33
N ILE A 561 -3.87 -24.51 -15.62
CA ILE A 561 -3.75 -23.26 -14.87
C ILE A 561 -4.22 -23.54 -13.45
N THR A 562 -3.28 -23.67 -12.52
CA THR A 562 -3.60 -23.95 -11.12
C THR A 562 -3.61 -22.64 -10.34
N MET A 563 -4.75 -22.30 -9.76
CA MET A 563 -4.90 -21.05 -9.04
C MET A 563 -5.06 -21.32 -7.54
N ASN A 564 -5.29 -20.25 -6.78
CA ASN A 564 -5.42 -20.34 -5.34
C ASN A 564 -6.72 -19.73 -4.86
N LEU A 573 -10.05 -16.68 -12.31
CA LEU A 573 -9.32 -16.59 -13.57
C LEU A 573 -9.93 -15.50 -14.46
N PRO A 574 -9.11 -14.92 -15.35
CA PRO A 574 -9.58 -13.79 -16.16
C PRO A 574 -10.77 -14.16 -17.03
N ASP A 575 -11.59 -13.15 -17.33
CA ASP A 575 -12.81 -13.36 -18.10
C ASP A 575 -12.54 -13.95 -19.48
N ASN A 576 -11.33 -13.80 -20.00
CA ASN A 576 -11.02 -14.38 -21.31
C ASN A 576 -11.11 -15.90 -21.27
N LEU A 577 -10.69 -16.52 -20.18
CA LEU A 577 -10.58 -17.97 -20.08
C LEU A 577 -11.77 -18.63 -19.41
N LYS A 578 -12.76 -17.86 -18.97
CA LYS A 578 -13.88 -18.44 -18.24
C LYS A 578 -14.69 -19.42 -19.07
N LYS A 579 -14.65 -19.31 -20.40
CA LYS A 579 -15.39 -20.20 -21.28
C LYS A 579 -14.51 -21.28 -21.89
N LEU A 580 -13.28 -21.43 -21.43
CA LEU A 580 -12.34 -22.36 -22.04
C LEU A 580 -11.69 -23.34 -21.07
N PHE A 581 -11.88 -23.19 -19.77
CA PHE A 581 -11.21 -24.03 -18.79
C PHE A 581 -12.23 -24.66 -17.84
N ARG A 582 -12.09 -25.97 -17.64
CA ARG A 582 -12.92 -26.70 -16.69
C ARG A 582 -12.31 -26.56 -15.30
N SER A 583 -12.99 -25.88 -14.40
CA SER A 583 -12.50 -25.72 -13.05
C SER A 583 -12.64 -27.02 -12.27
N LEU A 584 -11.90 -27.11 -11.16
CA LEU A 584 -11.93 -28.29 -10.32
C LEU A 584 -11.44 -27.92 -8.93
N ALA A 585 -12.20 -28.32 -7.91
CA ALA A 585 -11.90 -27.94 -6.53
C ALA A 585 -11.05 -29.03 -5.88
N MET A 586 -9.81 -28.69 -5.55
CA MET A 586 -8.92 -29.56 -4.79
C MET A 586 -8.55 -28.82 -3.51
N THR A 587 -9.40 -28.96 -2.49
CA THR A 587 -9.24 -28.21 -1.25
C THR A 587 -8.54 -29.00 -0.16
N LYS A 588 -8.63 -30.33 -0.17
CA LYS A 588 -7.99 -31.12 0.86
C LYS A 588 -7.63 -32.52 0.34
N PRO A 589 -6.36 -32.88 0.34
CA PRO A 589 -5.98 -34.24 -0.04
C PRO A 589 -6.27 -35.23 1.08
N ASP A 590 -6.36 -36.50 0.68
CA ASP A 590 -6.59 -37.59 1.63
C ASP A 590 -5.26 -37.97 2.27
N ARG A 591 -4.92 -37.22 3.32
CA ARG A 591 -3.63 -37.42 3.98
C ARG A 591 -3.51 -38.81 4.60
N GLN A 592 -4.61 -39.34 5.15
CA GLN A 592 -4.57 -40.64 5.80
C GLN A 592 -4.19 -41.73 4.82
N LEU A 593 -4.83 -41.74 3.65
CA LEU A 593 -4.54 -42.77 2.64
C LEU A 593 -3.10 -42.64 2.13
N ILE A 594 -2.65 -41.41 1.89
CA ILE A 594 -1.29 -41.21 1.41
C ILE A 594 -0.28 -41.72 2.43
N ALA A 595 -0.49 -41.37 3.71
CA ALA A 595 0.42 -41.83 4.75
C ALA A 595 0.41 -43.34 4.86
N GLN A 596 -0.77 -43.95 4.80
CA GLN A 596 -0.86 -45.41 4.88
C GLN A 596 -0.12 -46.07 3.74
N VAL A 597 -0.29 -45.56 2.51
CA VAL A 597 0.35 -46.18 1.37
C VAL A 597 1.87 -46.00 1.43
N MET A 598 2.33 -44.81 1.82
CA MET A 598 3.76 -44.59 1.93
C MET A 598 4.38 -45.48 3.00
N LEU A 599 3.72 -45.63 4.15
CA LEU A 599 4.25 -46.50 5.19
C LEU A 599 4.21 -47.96 4.77
N TYR A 600 3.20 -48.37 4.02
CA TYR A 600 3.15 -49.74 3.50
C TYR A 600 4.30 -49.98 2.53
N SER A 601 4.60 -48.99 1.68
CA SER A 601 5.70 -49.14 0.72
C SER A 601 7.05 -49.19 1.41
N GLN A 602 7.18 -48.63 2.61
CA GLN A 602 8.44 -48.64 3.34
C GLN A 602 8.68 -49.93 4.09
N GLY A 603 7.74 -50.88 4.04
CA GLY A 603 7.86 -52.13 4.76
C GLY A 603 7.23 -52.15 6.13
N PHE A 604 6.69 -51.01 6.59
CA PHE A 604 6.06 -50.97 7.90
C PHE A 604 4.84 -51.89 7.94
N ARG A 605 4.73 -52.67 9.01
CA ARG A 605 3.51 -53.40 9.28
C ARG A 605 2.58 -52.56 10.14
N THR A 606 1.29 -52.89 10.08
CA THR A 606 0.25 -52.09 10.73
C THR A 606 0.35 -50.63 10.30
N ALA A 607 0.52 -50.43 9.00
CA ALA A 607 0.73 -49.08 8.47
C ALA A 607 -0.52 -48.23 8.63
N GLU A 608 -1.71 -48.84 8.55
CA GLU A 608 -2.94 -48.09 8.69
C GLU A 608 -3.06 -47.47 10.08
N VAL A 609 -2.68 -48.21 11.12
CA VAL A 609 -2.73 -47.68 12.47
C VAL A 609 -1.75 -46.51 12.61
N LEU A 610 -0.55 -46.66 12.07
CA LEU A 610 0.44 -45.58 12.15
C LEU A 610 -0.04 -44.34 11.42
N ALA A 611 -0.68 -44.50 10.26
CA ALA A 611 -1.21 -43.35 9.53
C ALA A 611 -2.34 -42.68 10.32
N ASN A 612 -3.25 -43.50 10.87
CA ASN A 612 -4.35 -42.96 11.65
C ASN A 612 -3.86 -42.24 12.90
N LYS A 613 -2.68 -42.61 13.39
CA LYS A 613 -2.11 -41.93 14.55
C LYS A 613 -1.28 -40.72 14.17
N ILE A 614 -0.70 -40.69 12.96
CA ILE A 614 0.23 -39.63 12.62
C ILE A 614 -0.45 -38.46 11.89
N VAL A 615 -1.47 -38.71 11.10
CA VAL A 615 -2.15 -37.62 10.39
C VAL A 615 -2.79 -36.65 11.37
N PRO A 616 -3.57 -37.10 12.35
CA PRO A 616 -4.08 -36.15 13.36
C PRO A 616 -2.97 -35.48 14.15
N PHE A 617 -1.83 -36.16 14.33
CA PHE A 617 -0.73 -35.55 15.06
C PHE A 617 -0.22 -34.30 14.35
N PHE A 618 -0.02 -34.38 13.03
CA PHE A 618 0.35 -33.19 12.28
C PHE A 618 -0.81 -32.22 12.13
N LYS A 619 -2.05 -32.69 12.22
CA LYS A 619 -3.17 -31.76 12.28
C LYS A 619 -3.27 -31.05 13.63
N LEU A 620 -2.54 -31.53 14.64
CA LEU A 620 -2.50 -30.87 15.94
C LEU A 620 -1.32 -29.91 16.07
N CYS A 621 -0.15 -30.27 15.52
CA CYS A 621 1.05 -29.46 15.68
C CYS A 621 0.93 -28.08 15.06
N ASP A 622 -0.03 -27.87 14.16
CA ASP A 622 -0.30 -26.54 13.63
C ASP A 622 -1.48 -25.86 14.32
N GLU A 623 -2.08 -26.50 15.32
CA GLU A 623 -3.18 -25.93 16.07
C GLU A 623 -2.85 -25.67 17.53
N GLN A 624 -2.12 -26.56 18.19
CA GLN A 624 -1.74 -26.38 19.58
C GLN A 624 -0.44 -25.62 19.74
N LEU A 625 0.55 -25.87 18.88
CA LEU A 625 1.82 -25.18 18.95
C LEU A 625 1.66 -23.73 18.49
N SER A 626 2.48 -22.86 19.06
CA SER A 626 2.49 -21.46 18.67
C SER A 626 2.93 -21.33 17.22
N SER A 627 2.20 -20.53 16.44
CA SER A 627 2.52 -20.38 15.03
C SER A 627 3.87 -19.71 14.84
N GLN A 628 4.65 -20.24 13.90
CA GLN A 628 5.95 -19.68 13.55
C GLN A 628 6.10 -19.64 12.05
N SER A 629 6.94 -18.72 11.57
CA SER A 629 7.17 -18.59 10.14
C SER A 629 7.83 -19.84 9.56
N HIS A 630 8.76 -20.45 10.29
CA HIS A 630 9.48 -21.61 9.81
C HIS A 630 8.78 -22.94 10.13
N TYR A 631 7.65 -22.89 10.84
CA TYR A 631 6.91 -24.11 11.14
C TYR A 631 6.22 -24.60 9.87
N ASP A 632 6.50 -25.85 9.48
CA ASP A 632 5.90 -26.45 8.29
C ASP A 632 5.37 -27.83 8.68
N PHE A 633 4.04 -27.98 8.64
CA PHE A 633 3.39 -29.25 8.92
C PHE A 633 2.50 -29.67 7.76
N GLY A 634 2.90 -29.34 6.54
CA GLY A 634 2.16 -29.72 5.36
C GLY A 634 2.42 -31.16 4.97
N LEU A 635 1.84 -31.54 3.83
CA LEU A 635 1.98 -32.92 3.36
C LEU A 635 3.42 -33.24 2.95
N ARG A 636 4.16 -32.24 2.47
CA ARG A 636 5.56 -32.46 2.11
C ARG A 636 6.37 -32.86 3.34
N ALA A 637 6.16 -32.17 4.46
CA ALA A 637 6.83 -32.52 5.70
C ALA A 637 6.44 -33.91 6.17
N LEU A 638 5.16 -34.27 6.01
CA LEU A 638 4.73 -35.60 6.38
C LEU A 638 5.44 -36.67 5.55
N LYS A 639 5.55 -36.44 4.24
CA LYS A 639 6.24 -37.41 3.38
C LYS A 639 7.71 -37.52 3.74
N SER A 640 8.36 -36.39 4.03
CA SER A 640 9.75 -36.43 4.47
C SER A 640 9.90 -37.22 5.77
N VAL A 641 8.97 -37.01 6.72
CA VAL A 641 9.02 -37.74 7.98
C VAL A 641 8.84 -39.24 7.72
N LEU A 642 7.94 -39.60 6.81
CA LEU A 642 7.70 -41.02 6.54
C LEU A 642 8.93 -41.68 5.91
N VAL A 643 9.58 -41.01 4.95
CA VAL A 643 10.75 -41.63 4.33
C VAL A 643 11.91 -41.70 5.32
N SER A 644 12.05 -40.68 6.18
CA SER A 644 13.06 -40.75 7.23
C SER A 644 12.77 -41.90 8.19
N ALA A 645 11.50 -42.12 8.53
CA ALA A 645 11.14 -43.22 9.40
C ALA A 645 11.46 -44.56 8.76
N GLY A 646 11.20 -44.69 7.46
CA GLY A 646 11.56 -45.91 6.75
C GLY A 646 13.06 -46.16 6.79
N ASN A 647 13.85 -45.12 6.54
CA ASN A 647 15.30 -45.28 6.60
C ASN A 647 15.76 -45.67 8.01
N VAL A 648 15.16 -45.06 9.03
CA VAL A 648 15.53 -45.39 10.42
C VAL A 648 15.16 -46.85 10.73
N LYS A 649 14.00 -47.30 10.27
CA LYS A 649 13.60 -48.69 10.51
C LYS A 649 14.56 -49.65 9.82
N ARG A 650 14.95 -49.34 8.59
CA ARG A 650 15.90 -50.20 7.90
C ARG A 650 17.26 -50.20 8.60
N GLU A 651 17.69 -49.05 9.12
CA GLU A 651 18.94 -49.01 9.88
C GLU A 651 18.85 -49.86 11.14
N ARG A 652 17.71 -49.81 11.83
CA ARG A 652 17.51 -50.66 13.00
C ARG A 652 17.56 -52.14 12.60
N ILE A 653 16.94 -52.49 11.48
CA ILE A 653 16.95 -53.88 11.01
C ILE A 653 18.37 -54.33 10.74
N GLN A 654 19.16 -53.49 10.07
CA GLN A 654 20.54 -53.83 9.77
C GLN A 654 21.37 -53.96 11.04
N LYS A 655 21.17 -53.06 12.00
CA LYS A 655 21.93 -53.14 13.24
C LYS A 655 21.59 -54.40 14.03
N ILE A 656 20.30 -54.75 14.10
CA ILE A 656 19.90 -55.96 14.83
C ILE A 656 20.43 -57.20 14.11
N LYS A 657 20.33 -57.24 12.79
CA LYS A 657 20.75 -58.40 12.02
C LYS A 657 22.26 -58.62 12.06
N ARG A 658 23.03 -57.63 12.52
CA ARG A 658 24.48 -57.70 12.54
C ARG A 658 25.01 -58.11 13.90
N GLU A 659 24.29 -58.98 14.61
CA GLU A 659 24.77 -59.52 15.87
C GLU A 659 25.66 -60.73 15.63
N ILE A 672 12.60 -61.79 9.00
CA ILE A 672 13.96 -61.30 9.14
C ILE A 672 14.02 -60.37 10.36
N ALA A 673 13.79 -60.95 11.53
CA ALA A 673 13.81 -60.22 12.81
C ALA A 673 12.88 -59.01 12.75
N GLU A 674 11.68 -59.23 12.21
CA GLU A 674 10.72 -58.16 12.01
C GLU A 674 9.72 -58.15 13.17
N ASN A 675 10.19 -57.64 14.32
CA ASN A 675 9.33 -57.46 15.48
C ASN A 675 9.66 -56.16 16.21
N LEU A 676 10.20 -55.17 15.49
CA LEU A 676 10.62 -53.93 16.11
C LEU A 676 9.40 -53.09 16.50
N PRO A 677 9.53 -52.28 17.56
CA PRO A 677 8.46 -51.33 17.88
C PRO A 677 8.42 -50.19 16.87
N GLU A 678 7.42 -50.21 15.98
CA GLU A 678 7.35 -49.26 14.89
C GLU A 678 6.89 -47.87 15.33
N GLN A 679 6.04 -47.79 16.36
CA GLN A 679 5.66 -46.49 16.89
C GLN A 679 6.86 -45.74 17.46
N GLU A 680 7.78 -46.47 18.09
CA GLU A 680 9.00 -45.85 18.59
C GLU A 680 9.84 -45.29 17.45
N ILE A 681 9.95 -46.05 16.36
CA ILE A 681 10.69 -45.56 15.19
C ILE A 681 10.02 -44.31 14.63
N LEU A 682 8.69 -44.33 14.53
CA LEU A 682 7.96 -43.19 13.99
C LEU A 682 8.17 -41.94 14.84
N ILE A 683 8.07 -42.08 16.17
CA ILE A 683 8.23 -40.91 17.02
C ILE A 683 9.69 -40.44 16.99
N GLN A 684 10.65 -41.35 16.88
CA GLN A 684 12.04 -40.94 16.78
C GLN A 684 12.26 -40.13 15.50
N SER A 685 11.71 -40.60 14.39
CA SER A 685 11.84 -39.85 13.13
C SER A 685 11.15 -38.50 13.20
N VAL A 686 9.98 -38.43 13.85
CA VAL A 686 9.29 -37.16 13.99
C VAL A 686 10.11 -36.19 14.83
N CYS A 687 10.64 -36.68 15.96
CA CYS A 687 11.41 -35.82 16.85
C CYS A 687 12.69 -35.32 16.19
N GLU A 688 13.42 -36.22 15.52
CA GLU A 688 14.70 -35.83 14.94
C GLU A 688 14.55 -34.75 13.87
N THR A 689 13.34 -34.54 13.36
CA THR A 689 13.07 -33.50 12.37
C THR A 689 12.40 -32.27 12.96
N MET A 690 11.55 -32.45 13.97
CA MET A 690 10.76 -31.32 14.49
C MET A 690 11.40 -30.65 15.71
N VAL A 691 12.17 -31.36 16.52
CA VAL A 691 12.73 -30.77 17.74
C VAL A 691 13.62 -29.58 17.46
N PRO A 692 14.58 -29.63 16.51
CA PRO A 692 15.43 -28.46 16.29
C PRO A 692 14.68 -27.19 15.91
N LYS A 693 13.52 -27.31 15.26
CA LYS A 693 12.77 -26.15 14.83
C LYS A 693 11.91 -25.54 15.93
N LEU A 694 11.81 -26.18 17.09
CA LEU A 694 10.95 -25.67 18.14
C LEU A 694 11.59 -24.47 18.83
N VAL A 695 10.77 -23.73 19.57
CA VAL A 695 11.17 -22.47 20.18
C VAL A 695 11.49 -22.63 21.66
N ALA A 696 11.79 -23.85 22.11
CA ALA A 696 12.20 -24.20 23.47
C ALA A 696 11.08 -24.05 24.48
N GLU A 697 9.91 -23.57 24.09
CA GLU A 697 8.74 -23.57 24.94
C GLU A 697 7.63 -24.48 24.43
N ASP A 698 7.66 -24.85 23.15
CA ASP A 698 6.72 -25.81 22.60
C ASP A 698 7.18 -27.25 22.76
N ILE A 699 8.41 -27.48 23.23
CA ILE A 699 8.88 -28.84 23.45
C ILE A 699 7.98 -29.61 24.41
N PRO A 700 7.62 -29.07 25.58
CA PRO A 700 6.62 -29.79 26.40
C PRO A 700 5.30 -29.98 25.68
N LEU A 701 4.88 -29.00 24.88
CA LEU A 701 3.66 -29.17 24.10
C LEU A 701 3.80 -30.31 23.09
N LEU A 702 4.95 -30.37 22.40
CA LEU A 702 5.15 -31.43 21.42
C LEU A 702 5.15 -32.80 22.08
N PHE A 703 5.83 -32.93 23.22
CA PHE A 703 5.86 -34.22 23.90
C PHE A 703 4.50 -34.58 24.49
N SER A 704 3.72 -33.59 24.93
CA SER A 704 2.37 -33.87 25.39
C SER A 704 1.49 -34.38 24.25
N LEU A 705 1.60 -33.75 23.08
CA LEU A 705 0.85 -34.25 21.93
C LEU A 705 1.29 -35.65 21.54
N LEU A 706 2.60 -35.92 21.59
CA LEU A 706 3.09 -37.25 21.27
C LEU A 706 2.55 -38.29 22.24
N SER A 707 2.57 -37.97 23.54
CA SER A 707 1.98 -38.89 24.52
C SER A 707 0.48 -39.02 24.36
N ASP A 708 -0.18 -38.01 23.78
CA ASP A 708 -1.61 -38.09 23.54
C ASP A 708 -1.92 -39.05 22.40
N VAL A 709 -1.30 -38.85 21.23
CA VAL A 709 -1.61 -39.71 20.09
C VAL A 709 -0.90 -41.05 20.21
N PHE A 710 0.29 -41.09 20.81
CA PHE A 710 1.01 -42.33 21.02
C PHE A 710 1.03 -42.66 22.51
N PRO A 711 0.15 -43.52 22.99
CA PRO A 711 -0.03 -43.74 24.44
C PRO A 711 0.95 -44.73 25.08
N GLY A 712 2.13 -44.23 25.43
CA GLY A 712 3.05 -45.02 26.22
C GLY A 712 4.35 -45.37 25.56
N VAL A 713 4.78 -44.55 24.61
CA VAL A 713 6.06 -44.75 23.94
C VAL A 713 6.92 -43.52 24.16
N GLN A 714 8.22 -43.74 24.37
CA GLN A 714 9.15 -42.68 24.76
C GLN A 714 10.19 -42.47 23.68
N TYR A 715 10.66 -41.24 23.56
CA TYR A 715 11.62 -40.84 22.53
C TYR A 715 13.03 -41.12 23.05
N HIS A 716 13.69 -42.11 22.44
CA HIS A 716 15.08 -42.41 22.75
C HIS A 716 16.00 -41.68 21.78
N ARG A 717 17.17 -41.29 22.27
CA ARG A 717 18.08 -40.42 21.54
C ARG A 717 19.47 -41.05 21.47
N GLY A 718 20.15 -40.85 20.35
CA GLY A 718 21.53 -41.27 20.23
C GLY A 718 22.46 -40.40 21.07
N GLU A 719 23.65 -40.93 21.32
CA GLU A 719 24.60 -40.28 22.21
C GLU A 719 25.77 -39.66 21.47
N MET A 720 26.41 -40.39 20.56
CA MET A 720 27.61 -39.92 19.86
C MET A 720 28.69 -39.51 20.86
N THR A 721 29.15 -40.51 21.62
CA THR A 721 30.07 -40.23 22.72
C THR A 721 31.41 -39.67 22.24
N ALA A 722 31.86 -40.06 21.06
CA ALA A 722 33.11 -39.52 20.53
C ALA A 722 32.99 -38.01 20.32
N LEU A 723 31.88 -37.57 19.72
CA LEU A 723 31.65 -36.13 19.57
C LEU A 723 31.49 -35.46 20.91
N ARG A 724 30.90 -36.14 21.90
CA ARG A 724 30.80 -35.56 23.23
C ARG A 724 32.17 -35.31 23.83
N GLU A 725 33.08 -36.28 23.69
CA GLU A 725 34.43 -36.10 24.18
C GLU A 725 35.14 -34.97 23.44
N GLU A 726 34.95 -34.90 22.13
CA GLU A 726 35.58 -33.82 21.36
C GLU A 726 35.07 -32.46 21.80
N LEU A 727 33.75 -32.34 22.01
CA LEU A 727 33.19 -31.07 22.48
C LEU A 727 33.69 -30.72 23.87
N LYS A 728 33.80 -31.71 24.76
CA LYS A 728 34.32 -31.43 26.09
C LYS A 728 35.75 -30.93 26.03
N LYS A 729 36.60 -31.58 25.21
CA LYS A 729 37.98 -31.16 25.10
C LYS A 729 38.11 -29.78 24.47
N VAL A 730 37.26 -29.47 23.49
CA VAL A 730 37.32 -28.15 22.86
C VAL A 730 36.84 -27.08 23.81
N CYS A 731 35.72 -27.30 24.48
CA CYS A 731 35.19 -26.33 25.43
C CYS A 731 36.09 -26.13 26.64
N GLN A 732 36.88 -27.13 27.02
CA GLN A 732 37.83 -26.94 28.11
C GLN A 732 38.93 -25.95 27.78
N GLU A 733 39.31 -25.84 26.51
CA GLU A 733 40.35 -24.91 26.09
C GLU A 733 39.81 -23.57 25.60
N MET A 734 38.50 -23.47 25.37
CA MET A 734 37.88 -22.22 24.96
C MET A 734 37.23 -21.47 26.10
N TYR A 735 37.36 -21.96 27.34
CA TYR A 735 36.74 -21.37 28.52
C TYR A 735 35.22 -21.32 28.38
N LEU A 736 34.64 -22.43 27.92
CA LEU A 736 33.20 -22.58 27.82
C LEU A 736 32.73 -23.63 28.81
N THR A 737 31.41 -23.72 28.96
CA THR A 737 30.78 -24.65 29.88
C THR A 737 30.13 -25.78 29.10
N TYR A 738 30.44 -27.01 29.49
CA TYR A 738 29.92 -28.20 28.84
C TYR A 738 29.06 -29.00 29.79
N GLY A 739 27.95 -29.52 29.30
CA GLY A 739 27.06 -30.34 30.11
C GLY A 739 26.43 -31.43 29.26
N ASP A 740 26.29 -32.61 29.86
CA ASP A 740 25.78 -33.76 29.14
C ASP A 740 24.28 -33.98 29.30
N GLY A 741 23.73 -33.68 30.47
CA GLY A 741 22.31 -33.90 30.70
C GLY A 741 21.57 -32.65 31.14
N GLU A 742 20.93 -32.72 32.31
CA GLU A 742 20.16 -31.60 32.83
C GLU A 742 21.04 -30.57 33.54
N GLU A 743 22.34 -30.81 33.67
CA GLU A 743 23.23 -29.84 34.30
C GLU A 743 23.42 -28.64 33.39
N VAL A 744 24.23 -27.69 33.86
CA VAL A 744 24.45 -26.46 33.11
C VAL A 744 25.11 -26.77 31.77
N GLY A 745 24.63 -26.13 30.72
CA GLY A 745 25.17 -26.32 29.40
C GLY A 745 24.58 -27.50 28.63
N GLY A 746 23.70 -28.28 29.25
CA GLY A 746 23.15 -29.45 28.57
C GLY A 746 22.35 -29.08 27.34
N MET A 747 21.49 -28.06 27.46
CA MET A 747 20.69 -27.63 26.31
C MET A 747 21.57 -27.08 25.19
N TRP A 748 22.61 -26.34 25.54
CA TRP A 748 23.52 -25.82 24.51
C TRP A 748 24.24 -26.94 23.78
N VAL A 749 24.71 -27.95 24.51
CA VAL A 749 25.37 -29.09 23.87
C VAL A 749 24.38 -29.86 23.01
N GLU A 750 23.13 -29.98 23.46
CA GLU A 750 22.12 -30.62 22.64
C GLU A 750 21.89 -29.85 21.35
N LYS A 751 21.88 -28.52 21.43
CA LYS A 751 21.74 -27.70 20.22
C LYS A 751 22.92 -27.89 19.29
N VAL A 752 24.14 -27.99 19.84
CA VAL A 752 25.31 -28.22 19.01
C VAL A 752 25.21 -29.57 18.31
N LEU A 753 24.77 -30.60 19.02
CA LEU A 753 24.62 -31.91 18.41
C LEU A 753 23.55 -31.90 17.33
N GLN A 754 22.46 -31.16 17.56
CA GLN A 754 21.43 -31.02 16.53
C GLN A 754 21.99 -30.31 15.30
N LEU A 755 22.83 -29.29 15.53
CA LEU A 755 23.48 -28.61 14.41
C LEU A 755 24.36 -29.56 13.62
N TYR A 756 25.10 -30.42 14.33
CA TYR A 756 25.91 -31.43 13.65
C TYR A 756 25.06 -32.38 12.83
N GLN A 757 23.91 -32.80 13.39
CA GLN A 757 23.02 -33.69 12.66
C GLN A 757 22.49 -33.02 11.40
N ILE A 758 22.11 -31.75 11.49
CA ILE A 758 21.62 -31.03 10.32
C ILE A 758 22.74 -30.83 9.31
N THR A 759 24.00 -30.76 9.77
CA THR A 759 25.12 -30.56 8.85
C THR A 759 25.23 -31.69 7.84
N GLN A 760 25.09 -32.93 8.30
CA GLN A 760 25.23 -34.08 7.41
C GLN A 760 24.04 -34.29 6.49
N ILE A 761 22.94 -33.57 6.69
CA ILE A 761 21.74 -33.79 5.89
C ILE A 761 21.67 -32.75 4.78
N ASN A 762 21.59 -31.48 5.14
CA ASN A 762 21.49 -30.40 4.18
C ASN A 762 22.85 -29.72 4.00
N HIS A 763 22.85 -28.66 3.19
CA HIS A 763 24.04 -27.84 2.98
C HIS A 763 23.76 -26.36 3.15
N GLY A 764 22.56 -26.00 3.63
CA GLY A 764 22.21 -24.60 3.79
C GLY A 764 21.55 -24.32 5.12
N LEU A 765 21.92 -25.05 6.16
CA LEU A 765 21.32 -24.89 7.47
C LEU A 765 21.48 -23.46 7.97
N MET A 766 20.44 -22.93 8.62
CA MET A 766 20.43 -21.56 9.10
C MET A 766 20.02 -21.54 10.57
N MET A 767 21.00 -21.42 11.45
CA MET A 767 20.73 -21.34 12.88
C MET A 767 20.10 -20.00 13.22
N VAL A 768 19.04 -20.03 14.02
CA VAL A 768 18.24 -18.85 14.33
C VAL A 768 18.05 -18.77 15.83
N GLY A 769 18.10 -17.55 16.36
CA GLY A 769 17.90 -17.34 17.78
C GLY A 769 18.11 -15.89 18.17
N PRO A 770 17.45 -15.47 19.24
CA PRO A 770 17.61 -14.09 19.71
C PRO A 770 19.05 -13.80 20.10
N SER A 771 19.44 -12.53 19.96
CA SER A 771 20.78 -12.11 20.31
C SER A 771 21.08 -12.43 21.77
N GLY A 772 22.27 -12.96 22.02
CA GLY A 772 22.66 -13.44 23.33
C GLY A 772 22.63 -14.94 23.47
N SER A 773 21.88 -15.63 22.63
CA SER A 773 21.92 -17.09 22.60
C SER A 773 23.23 -17.56 21.98
N GLY A 774 23.76 -18.66 22.50
CA GLY A 774 25.04 -19.15 22.07
C GLY A 774 25.00 -19.95 20.78
N LYS A 775 24.84 -19.27 19.64
CA LYS A 775 24.87 -19.94 18.35
C LYS A 775 26.19 -19.78 17.61
N SER A 776 26.80 -18.59 17.65
CA SER A 776 28.10 -18.41 17.03
C SER A 776 29.16 -19.30 17.67
N MET A 777 29.25 -19.25 19.00
CA MET A 777 30.14 -20.15 19.71
C MET A 777 29.76 -21.61 19.47
N ALA A 778 28.47 -21.90 19.26
CA ALA A 778 28.07 -23.27 19.00
C ALA A 778 28.73 -23.83 17.74
N TRP A 779 28.63 -23.10 16.63
CA TRP A 779 29.23 -23.62 15.40
C TRP A 779 30.74 -23.48 15.41
N ARG A 780 31.29 -22.50 16.12
CA ARG A 780 32.75 -22.45 16.26
C ARG A 780 33.28 -23.70 16.98
N VAL A 781 32.64 -24.06 18.10
CA VAL A 781 33.04 -25.24 18.85
C VAL A 781 32.82 -26.50 18.00
N LEU A 782 31.71 -26.55 17.27
CA LEU A 782 31.45 -27.70 16.41
C LEU A 782 32.53 -27.83 15.34
N LEU A 783 32.94 -26.72 14.74
CA LEU A 783 33.98 -26.77 13.72
C LEU A 783 35.30 -27.25 14.30
N LYS A 784 35.67 -26.72 15.48
CA LYS A 784 36.92 -27.15 16.10
C LYS A 784 36.87 -28.64 16.46
N ALA A 785 35.76 -29.10 17.03
CA ALA A 785 35.64 -30.50 17.41
C ALA A 785 35.67 -31.41 16.20
N LEU A 786 35.00 -31.01 15.11
CA LEU A 786 35.03 -31.82 13.90
C LEU A 786 36.41 -31.85 13.27
N GLU A 787 37.14 -30.73 13.34
CA GLU A 787 38.52 -30.73 12.89
C GLU A 787 39.37 -31.69 13.70
N ARG A 788 39.19 -31.70 15.02
CA ARG A 788 39.97 -32.60 15.87
C ARG A 788 39.61 -34.06 15.62
N LEU A 789 38.32 -34.36 15.40
CA LEU A 789 37.88 -35.74 15.28
C LEU A 789 38.12 -36.27 13.88
N GLU A 790 37.49 -35.67 12.87
CA GLU A 790 37.63 -36.13 11.50
C GLU A 790 39.05 -35.97 10.96
N GLY A 791 39.84 -35.09 11.57
CA GLY A 791 41.19 -34.86 11.10
C GLY A 791 41.31 -33.94 9.90
N VAL A 792 40.20 -33.37 9.44
CA VAL A 792 40.20 -32.47 8.29
C VAL A 792 40.10 -31.04 8.78
N GLU A 793 40.85 -30.15 8.14
CA GLU A 793 40.92 -28.76 8.57
C GLU A 793 39.59 -28.05 8.35
N GLY A 794 39.34 -27.04 9.18
CA GLY A 794 38.11 -26.27 9.08
C GLY A 794 38.34 -24.79 8.88
N VAL A 795 37.73 -24.22 7.85
CA VAL A 795 37.84 -22.81 7.53
C VAL A 795 36.44 -22.23 7.43
N ALA A 796 36.22 -21.08 8.08
CA ALA A 796 34.94 -20.41 8.08
C ALA A 796 35.10 -18.98 7.62
N HIS A 797 34.31 -18.58 6.63
CA HIS A 797 34.31 -17.21 6.10
C HIS A 797 33.04 -16.53 6.59
N ILE A 798 33.20 -15.54 7.48
CA ILE A 798 32.07 -14.85 8.09
C ILE A 798 31.75 -13.66 7.17
N ILE A 799 30.92 -13.91 6.17
CA ILE A 799 30.46 -12.88 5.25
C ILE A 799 29.23 -12.22 5.86
N ASP A 800 29.19 -10.89 5.84
CA ASP A 800 28.09 -10.12 6.43
C ASP A 800 27.36 -9.35 5.35
N PRO A 801 26.22 -9.84 4.88
CA PRO A 801 25.42 -9.07 3.92
C PRO A 801 24.77 -7.87 4.60
N LYS A 802 24.21 -7.00 3.76
CA LYS A 802 23.57 -5.73 4.12
C LYS A 802 24.57 -4.70 4.62
N ALA A 803 25.85 -5.06 4.77
CA ALA A 803 26.91 -4.08 4.93
C ALA A 803 27.67 -3.84 3.63
N ILE A 804 27.57 -4.77 2.68
CA ILE A 804 28.13 -4.64 1.35
C ILE A 804 26.97 -4.66 0.37
N SER A 805 27.00 -3.76 -0.62
CA SER A 805 25.92 -3.72 -1.65
C SER A 805 25.79 -5.08 -2.35
N LYS A 806 24.56 -5.48 -2.71
CA LYS A 806 24.34 -6.77 -3.40
C LYS A 806 25.14 -6.78 -4.71
N ASP A 807 25.29 -5.62 -5.35
CA ASP A 807 26.06 -5.52 -6.61
C ASP A 807 27.51 -5.99 -6.37
N HIS A 808 28.05 -5.71 -5.19
CA HIS A 808 29.45 -6.12 -4.87
C HIS A 808 29.46 -7.45 -4.08
N LEU A 809 28.29 -8.09 -3.93
CA LEU A 809 28.23 -9.41 -3.25
C LEU A 809 28.32 -10.52 -4.30
N TYR A 810 27.60 -10.38 -5.41
CA TYR A 810 27.57 -11.44 -6.45
C TYR A 810 28.41 -11.02 -7.67
N GLY A 811 28.54 -9.71 -7.92
CA GLY A 811 29.39 -9.25 -9.03
C GLY A 811 28.63 -8.39 -10.02
N THR A 812 29.32 -7.80 -11.00
CA THR A 812 28.64 -6.87 -11.94
C THR A 812 29.32 -6.83 -13.32
N LEU A 813 28.55 -6.56 -14.37
CA LEU A 813 29.06 -6.43 -15.72
C LEU A 813 28.90 -4.99 -16.16
N ASP A 814 29.98 -4.39 -16.62
CA ASP A 814 29.91 -3.05 -17.21
C ASP A 814 29.44 -3.16 -18.65
N PRO A 815 28.29 -2.57 -19.00
CA PRO A 815 27.73 -2.80 -20.35
C PRO A 815 28.63 -2.30 -21.48
N ASN A 816 29.52 -1.35 -21.22
CA ASN A 816 30.40 -0.82 -22.25
C ASN A 816 31.63 -1.68 -22.49
N THR A 817 31.83 -2.73 -21.68
CA THR A 817 32.99 -3.60 -21.83
C THR A 817 32.65 -5.09 -21.78
N ARG A 818 31.51 -5.48 -21.18
CA ARG A 818 31.16 -6.88 -20.97
C ARG A 818 32.21 -7.60 -20.13
N GLU A 819 32.82 -6.85 -19.21
CA GLU A 819 33.87 -7.45 -18.33
C GLU A 819 33.21 -7.94 -17.04
N TRP A 820 33.42 -9.21 -16.69
CA TRP A 820 32.80 -9.79 -15.47
C TRP A 820 33.69 -9.54 -14.25
N THR A 821 33.21 -8.73 -13.30
CA THR A 821 33.97 -8.51 -12.04
C THR A 821 33.22 -9.23 -10.91
N ASP A 822 33.75 -10.37 -10.44
CA ASP A 822 33.05 -11.19 -9.40
C ASP A 822 32.93 -10.42 -8.08
N GLY A 823 31.83 -10.62 -7.35
CA GLY A 823 31.64 -9.97 -6.04
C GLY A 823 32.23 -10.81 -4.92
N LEU A 824 31.98 -10.44 -3.66
CA LEU A 824 32.62 -11.16 -2.52
C LEU A 824 32.22 -12.64 -2.54
N PHE A 825 30.91 -12.94 -2.57
CA PHE A 825 30.45 -14.35 -2.50
C PHE A 825 30.98 -15.13 -3.71
N THR A 826 30.87 -14.56 -4.90
CA THR A 826 31.34 -15.27 -6.13
C THR A 826 32.86 -15.48 -6.04
N HIS A 827 33.59 -14.48 -5.54
CA HIS A 827 35.06 -14.59 -5.37
C HIS A 827 35.41 -15.75 -4.43
N VAL A 828 34.84 -15.76 -3.22
CA VAL A 828 35.22 -16.80 -2.25
C VAL A 828 34.77 -18.17 -2.74
N LEU A 829 33.61 -18.26 -3.40
CA LEU A 829 33.18 -19.54 -3.94
C LEU A 829 34.12 -20.03 -5.04
N ARG A 830 34.56 -19.11 -5.90
CA ARG A 830 35.50 -19.47 -6.95
C ARG A 830 36.84 -19.91 -6.37
N LYS A 831 37.28 -19.23 -5.30
CA LYS A 831 38.50 -19.65 -4.61
C LYS A 831 38.34 -21.06 -4.04
N ILE A 832 37.17 -21.37 -3.48
CA ILE A 832 36.94 -22.71 -2.96
C ILE A 832 36.96 -23.74 -4.10
N ILE A 833 36.29 -23.43 -5.21
CA ILE A 833 36.19 -24.40 -6.31
C ILE A 833 37.56 -24.66 -6.91
N ASP A 834 38.34 -23.62 -7.14
CA ASP A 834 39.69 -23.78 -7.68
C ASP A 834 40.59 -24.35 -6.61
N SER A 835 41.23 -25.49 -6.92
CA SER A 835 42.07 -26.19 -5.95
C SER A 835 43.49 -25.60 -5.93
N VAL A 836 43.55 -24.29 -5.65
CA VAL A 836 44.83 -23.62 -5.55
C VAL A 836 45.63 -24.16 -4.37
N ARG A 837 44.99 -24.25 -3.20
CA ARG A 837 45.59 -24.85 -2.02
C ARG A 837 44.83 -26.08 -1.56
N GLY A 838 43.51 -25.97 -1.36
CA GLY A 838 42.70 -27.10 -1.02
C GLY A 838 41.23 -26.91 -1.32
N GLU A 839 40.63 -27.87 -2.02
CA GLU A 839 39.20 -27.84 -2.32
C GLU A 839 38.42 -28.95 -1.64
N LEU A 840 39.09 -30.01 -1.19
CA LEU A 840 38.44 -31.11 -0.49
C LEU A 840 39.14 -31.52 0.78
N GLN A 841 40.36 -31.04 1.03
CA GLN A 841 41.07 -31.35 2.27
C GLN A 841 40.58 -30.52 3.45
N LYS A 842 39.84 -29.46 3.21
CA LYS A 842 39.29 -28.60 4.25
C LYS A 842 37.76 -28.69 4.23
N ARG A 843 37.14 -27.91 5.11
CA ARG A 843 35.69 -27.83 5.20
C ARG A 843 35.30 -26.35 5.22
N GLN A 844 35.12 -25.78 4.03
CA GLN A 844 34.71 -24.39 3.92
C GLN A 844 33.29 -24.22 4.44
N TRP A 845 33.10 -23.22 5.29
CA TRP A 845 31.81 -22.93 5.91
C TRP A 845 31.51 -21.45 5.69
N ILE A 846 30.76 -21.14 4.64
CA ILE A 846 30.37 -19.77 4.32
C ILE A 846 29.21 -19.41 5.25
N VAL A 847 29.47 -18.54 6.22
CA VAL A 847 28.48 -18.17 7.23
C VAL A 847 28.03 -16.74 6.97
N PHE A 848 26.72 -16.56 6.84
CA PHE A 848 26.12 -15.25 6.59
C PHE A 848 25.64 -14.68 7.91
N ASP A 849 26.58 -14.11 8.66
CA ASP A 849 26.28 -13.51 9.96
C ASP A 849 25.59 -12.17 9.73
N GLY A 850 24.29 -12.24 9.49
CA GLY A 850 23.50 -11.05 9.27
C GLY A 850 22.06 -11.37 8.92
N ASP A 851 21.14 -10.46 9.23
CA ASP A 851 19.73 -10.72 8.98
C ASP A 851 19.44 -10.82 7.49
N VAL A 852 18.41 -11.57 7.15
CA VAL A 852 18.11 -11.92 5.77
C VAL A 852 16.91 -11.11 5.29
N ASP A 853 16.83 -10.97 3.97
CA ASP A 853 15.69 -10.35 3.30
C ASP A 853 15.74 -10.76 1.83
N PRO A 854 14.57 -10.81 1.15
CA PRO A 854 14.51 -11.33 -0.21
C PRO A 854 15.01 -10.36 -1.29
N GLU A 855 16.27 -9.93 -1.13
CA GLU A 855 16.89 -9.04 -2.15
C GLU A 855 18.16 -9.73 -2.68
N TRP A 856 18.90 -10.40 -1.79
CA TRP A 856 20.14 -11.12 -2.19
C TRP A 856 19.92 -12.63 -2.06
N VAL A 857 19.03 -13.05 -1.16
CA VAL A 857 18.77 -14.51 -0.94
C VAL A 857 18.12 -15.10 -2.19
N GLU A 858 17.48 -14.27 -3.02
CA GLU A 858 16.82 -14.75 -4.27
C GLU A 858 17.88 -15.32 -5.22
N ASN A 859 19.09 -14.75 -5.22
CA ASN A 859 20.18 -15.25 -6.10
C ASN A 859 20.83 -16.49 -5.48
N LEU A 860 20.67 -16.67 -4.16
CA LEU A 860 21.30 -17.82 -3.45
C LEU A 860 20.37 -19.05 -3.50
N ASN A 861 19.15 -18.88 -4.03
CA ASN A 861 18.16 -19.99 -4.05
C ASN A 861 18.72 -21.20 -4.81
N SER A 862 19.29 -20.98 -6.01
CA SER A 862 19.77 -22.10 -6.81
C SER A 862 20.91 -22.86 -6.14
N VAL A 863 21.50 -22.32 -5.08
CA VAL A 863 22.57 -23.00 -4.35
C VAL A 863 22.04 -23.82 -3.19
N LEU A 864 21.05 -23.28 -2.48
CA LEU A 864 20.52 -23.99 -1.31
C LEU A 864 19.83 -25.29 -1.69
N ASP A 865 19.10 -25.30 -2.79
CA ASP A 865 18.29 -26.45 -3.17
C ASP A 865 19.17 -27.55 -3.76
N ASP A 866 18.54 -28.60 -4.30
CA ASP A 866 19.26 -29.76 -4.79
C ASP A 866 20.10 -29.45 -6.03
N ASN A 867 19.87 -28.31 -6.68
CA ASN A 867 20.66 -27.97 -7.86
C ASN A 867 22.14 -27.83 -7.51
N LYS A 868 22.44 -27.18 -6.38
CA LYS A 868 23.81 -27.00 -5.91
C LYS A 868 24.68 -26.31 -6.96
N LEU A 869 24.08 -25.36 -7.68
CA LEU A 869 24.80 -24.60 -8.69
C LEU A 869 24.34 -23.15 -8.65
N LEU A 870 25.29 -22.24 -8.83
CA LEU A 870 25.03 -20.81 -8.86
C LEU A 870 25.22 -20.32 -10.28
N THR A 871 24.20 -19.66 -10.82
CA THR A 871 24.29 -19.07 -12.15
C THR A 871 24.73 -17.62 -12.04
N LEU A 872 25.42 -17.16 -13.08
CA LEU A 872 25.93 -15.79 -13.07
C LEU A 872 25.36 -15.02 -14.25
N PRO A 873 25.17 -13.70 -14.09
CA PRO A 873 24.62 -12.89 -15.19
C PRO A 873 25.49 -12.88 -16.44
N ASN A 874 26.78 -13.21 -16.33
CA ASN A 874 27.65 -13.31 -17.49
C ASN A 874 27.56 -14.66 -18.18
N GLY A 875 26.62 -15.51 -17.76
CA GLY A 875 26.47 -16.82 -18.36
C GLY A 875 27.52 -17.80 -17.90
N GLU A 876 27.56 -18.07 -16.59
CA GLU A 876 28.51 -19.02 -16.03
C GLU A 876 27.82 -19.82 -14.94
N ARG A 877 28.29 -21.06 -14.75
CA ARG A 877 27.75 -21.99 -13.78
C ARG A 877 28.85 -22.39 -12.81
N LEU A 878 28.57 -22.25 -11.51
CA LEU A 878 29.53 -22.61 -10.46
C LEU A 878 28.88 -23.64 -9.55
N SER A 879 29.41 -24.86 -9.57
CA SER A 879 28.90 -25.94 -8.73
C SER A 879 29.80 -26.08 -7.51
N LEU A 880 29.20 -25.91 -6.32
CA LEU A 880 30.00 -26.00 -5.11
C LEU A 880 30.30 -27.46 -4.78
N PRO A 881 31.53 -27.77 -4.37
CA PRO A 881 31.88 -29.16 -4.05
C PRO A 881 31.17 -29.62 -2.79
N PRO A 882 31.07 -30.95 -2.56
CA PRO A 882 30.35 -31.47 -1.39
C PRO A 882 31.14 -31.36 -0.08
N ASN A 883 31.74 -30.19 0.15
CA ASN A 883 32.38 -29.89 1.42
C ASN A 883 32.12 -28.47 1.87
N VAL A 884 31.11 -27.81 1.33
CA VAL A 884 30.80 -26.41 1.63
C VAL A 884 29.36 -26.34 2.14
N ARG A 885 29.16 -25.60 3.23
CA ARG A 885 27.85 -25.38 3.80
C ARG A 885 27.56 -23.89 3.84
N ILE A 886 26.36 -23.51 3.43
CA ILE A 886 25.96 -22.10 3.39
C ILE A 886 25.10 -21.86 4.62
N MET A 887 25.74 -21.43 5.71
CA MET A 887 25.04 -21.22 6.96
C MET A 887 24.65 -19.76 7.15
N PHE A 888 23.54 -19.55 7.86
CA PHE A 888 23.04 -18.23 8.18
C PHE A 888 22.95 -18.12 9.71
N GLU A 889 23.34 -16.96 10.23
CA GLU A 889 23.25 -16.67 11.66
C GLU A 889 22.36 -15.44 11.81
N VAL A 890 21.05 -15.67 11.89
CA VAL A 890 20.07 -14.60 11.97
C VAL A 890 19.35 -14.70 13.31
N GLN A 891 18.53 -13.69 13.60
CA GLN A 891 17.79 -13.63 14.85
C GLN A 891 16.29 -13.46 14.68
N ASP A 892 15.82 -12.97 13.53
CA ASP A 892 14.41 -12.66 13.34
C ASP A 892 13.69 -13.65 12.45
N LEU A 893 14.23 -13.95 11.27
CA LEU A 893 13.62 -14.87 10.31
C LEU A 893 12.26 -14.36 9.82
N LYS A 894 11.95 -13.09 10.13
CA LYS A 894 10.66 -12.53 9.80
C LYS A 894 10.60 -11.88 8.42
N TYR A 895 11.74 -11.60 7.81
CA TYR A 895 11.80 -11.06 6.44
C TYR A 895 12.53 -12.09 5.59
N ALA A 896 11.78 -13.06 5.08
CA ALA A 896 12.36 -14.10 4.22
C ALA A 896 11.25 -14.85 3.49
N THR A 897 11.42 -15.04 2.18
CA THR A 897 10.46 -15.82 1.42
C THR A 897 10.44 -17.26 1.91
N LEU A 898 9.25 -17.87 1.86
CA LEU A 898 9.12 -19.26 2.28
C LEU A 898 9.98 -20.21 1.47
N ALA A 899 10.33 -19.82 0.23
CA ALA A 899 11.20 -20.67 -0.58
C ALA A 899 12.57 -20.84 0.07
N THR A 900 13.12 -19.74 0.60
CA THR A 900 14.45 -19.82 1.21
C THR A 900 14.43 -20.68 2.47
N VAL A 901 13.46 -20.44 3.35
CA VAL A 901 13.39 -21.21 4.59
C VAL A 901 12.91 -22.64 4.37
N SER A 902 12.36 -22.94 3.19
CA SER A 902 11.91 -24.30 2.89
C SER A 902 12.96 -25.13 2.15
N ARG A 903 13.95 -24.48 1.53
CA ARG A 903 14.98 -25.20 0.80
C ARG A 903 16.10 -25.71 1.68
N CYS A 904 16.05 -25.45 2.98
CA CYS A 904 17.13 -25.86 3.88
C CYS A 904 16.57 -26.00 5.29
N GLY A 905 17.05 -27.01 6.00
CA GLY A 905 16.68 -27.20 7.39
C GLY A 905 17.32 -26.15 8.27
N MET A 906 16.88 -26.12 9.53
CA MET A 906 17.37 -25.13 10.47
C MET A 906 17.24 -25.64 11.89
N VAL A 907 18.05 -25.07 12.78
CA VAL A 907 17.97 -25.33 14.21
C VAL A 907 17.72 -24.00 14.91
N TRP A 908 16.79 -24.01 15.86
CA TRP A 908 16.35 -22.78 16.52
C TRP A 908 16.99 -22.69 17.89
N PHE A 909 17.74 -21.61 18.12
CA PHE A 909 18.30 -21.31 19.42
C PHE A 909 17.37 -20.40 20.20
N SER A 910 17.47 -20.44 21.52
CA SER A 910 16.58 -19.68 22.38
C SER A 910 17.37 -19.00 23.49
N GLU A 911 16.74 -18.01 24.13
CA GLU A 911 17.40 -17.25 25.18
C GLU A 911 17.76 -18.14 26.36
N ASP A 912 16.85 -19.04 26.75
CA ASP A 912 17.09 -19.89 27.91
C ASP A 912 18.05 -21.04 27.61
N VAL A 913 18.42 -21.25 26.36
CA VAL A 913 19.41 -22.27 26.03
C VAL A 913 20.75 -21.93 26.68
N LEU A 914 21.09 -20.64 26.71
CA LEU A 914 22.32 -20.15 27.32
C LEU A 914 21.96 -19.45 28.62
N SER A 915 22.21 -20.14 29.74
CA SER A 915 21.89 -19.59 31.05
C SER A 915 22.96 -18.62 31.52
N THR A 916 22.57 -17.76 32.47
CA THR A 916 23.50 -16.77 33.01
C THR A 916 24.65 -17.41 33.76
N ASP A 917 24.43 -18.59 34.34
CA ASP A 917 25.49 -19.25 35.08
C ASP A 917 26.67 -19.58 34.17
N MET A 918 26.38 -20.00 32.94
CA MET A 918 27.47 -20.25 31.99
C MET A 918 28.19 -18.97 31.62
N ILE A 919 27.48 -17.84 31.55
CA ILE A 919 28.12 -16.55 31.30
C ILE A 919 29.10 -16.23 32.43
N PHE A 920 28.65 -16.40 33.67
CA PHE A 920 29.54 -16.12 34.81
C PHE A 920 30.74 -17.06 34.82
N ASN A 921 30.51 -18.34 34.51
CA ASN A 921 31.61 -19.29 34.47
C ASN A 921 32.62 -18.93 33.40
N ASN A 922 32.14 -18.54 32.22
CA ASN A 922 33.04 -18.10 31.16
C ASN A 922 33.83 -16.86 31.57
N PHE A 923 33.17 -15.90 32.21
CA PHE A 923 33.87 -14.69 32.64
C PHE A 923 34.96 -15.01 33.63
N LEU A 924 34.64 -15.85 34.63
CA LEU A 924 35.64 -16.19 35.64
C LEU A 924 36.78 -16.98 35.04
N ALA A 925 36.48 -17.93 34.15
CA ALA A 925 37.54 -18.72 33.51
C ALA A 925 38.44 -17.85 32.65
N ARG A 926 37.87 -16.92 31.89
CA ARG A 926 38.69 -16.01 31.09
C ARG A 926 39.39 -14.96 31.93
N LEU A 927 38.96 -14.76 33.17
CA LEU A 927 39.69 -13.88 34.08
C LEU A 927 40.88 -14.57 34.73
N ARG A 928 40.72 -15.82 35.15
CA ARG A 928 41.84 -16.54 35.74
C ARG A 928 42.93 -16.88 34.73
N SER A 929 42.65 -16.73 33.44
CA SER A 929 43.67 -16.85 32.40
C SER A 929 43.62 -15.59 31.54
N ILE A 930 44.33 -15.60 30.41
CA ILE A 930 44.34 -14.43 29.46
C ILE A 930 44.73 -13.14 30.21
N PRO A 931 46.03 -12.82 30.35
CA PRO A 931 46.47 -11.64 31.09
C PRO A 931 45.89 -10.33 30.52
N LEU A 932 45.38 -9.46 31.39
CA LEU A 932 44.83 -8.15 30.93
C LEU A 932 45.97 -7.25 30.45
N SER A 955 52.71 -12.14 34.32
CA SER A 955 52.52 -12.99 35.53
C SER A 955 51.84 -12.19 36.67
N PRO A 956 52.38 -11.05 37.17
CA PRO A 956 51.77 -10.34 38.30
C PRO A 956 50.34 -9.89 38.00
N MET A 957 50.08 -9.45 36.77
CA MET A 957 48.71 -9.03 36.36
C MET A 957 47.76 -10.22 36.52
N LEU A 958 48.14 -11.40 36.00
CA LEU A 958 47.29 -12.62 36.10
C LEU A 958 47.12 -13.02 37.56
N GLN A 959 48.17 -12.86 38.38
CA GLN A 959 48.09 -13.21 39.83
C GLN A 959 47.03 -12.33 40.50
N ILE A 960 47.04 -11.02 40.20
CA ILE A 960 46.06 -10.07 40.81
C ILE A 960 44.66 -10.40 40.26
N GLN A 961 44.56 -10.87 39.01
CA GLN A 961 43.25 -11.28 38.43
C GLN A 961 42.72 -12.48 39.20
N ARG A 962 43.58 -13.46 39.50
CA ARG A 962 43.14 -14.70 40.21
C ARG A 962 42.72 -14.34 41.64
N ASP A 963 43.57 -13.59 42.37
CA ASP A 963 43.21 -13.18 43.72
C ASP A 963 41.90 -12.41 43.78
N ALA A 964 41.59 -11.62 42.74
CA ALA A 964 40.30 -10.95 42.66
C ALA A 964 39.17 -11.88 42.25
N ALA A 965 39.43 -12.81 41.33
CA ALA A 965 38.41 -13.76 40.93
C ALA A 965 37.97 -14.63 42.09
N THR A 966 38.92 -15.04 42.94
CA THR A 966 38.56 -15.79 44.12
C THR A 966 37.59 -15.00 45.02
N ILE A 967 37.80 -13.70 45.14
CA ILE A 967 36.93 -12.88 45.98
C ILE A 967 35.56 -12.71 45.34
N MET A 968 35.52 -12.52 44.02
CA MET A 968 34.25 -12.34 43.33
C MET A 968 33.49 -13.64 43.10
N GLN A 969 34.12 -14.79 43.31
CA GLN A 969 33.44 -16.07 43.10
C GLN A 969 32.15 -16.22 43.90
N PRO A 970 32.10 -15.91 45.20
CA PRO A 970 30.84 -16.10 45.95
C PRO A 970 29.69 -15.20 45.49
N TYR A 971 29.90 -14.34 44.50
CA TYR A 971 28.83 -13.48 43.99
C TYR A 971 28.31 -13.92 42.63
N PHE A 972 28.95 -14.90 42.00
CA PHE A 972 28.51 -15.45 40.72
C PHE A 972 28.03 -16.88 40.87
N THR A 973 27.35 -17.16 41.99
CA THR A 973 26.92 -18.51 42.33
C THR A 973 25.48 -18.81 41.94
N SER A 974 24.99 -18.17 40.87
CA SER A 974 23.62 -18.27 40.40
C SER A 974 22.59 -17.83 41.44
N ASN A 975 23.05 -17.25 42.55
CA ASN A 975 22.20 -16.68 43.57
C ASN A 975 22.96 -15.52 44.21
N GLY A 976 22.46 -15.05 45.35
CA GLY A 976 23.17 -14.03 46.10
C GLY A 976 22.96 -12.63 45.59
N LEU A 977 24.03 -11.99 45.12
CA LEU A 977 24.01 -10.57 44.78
C LEU A 977 23.75 -10.31 43.29
N VAL A 978 24.63 -10.83 42.42
CA VAL A 978 24.69 -10.34 41.06
C VAL A 978 23.44 -10.74 40.27
N THR A 979 23.07 -12.02 40.32
CA THR A 979 21.96 -12.47 39.51
C THR A 979 20.62 -12.00 40.06
N LYS A 980 20.50 -11.86 41.39
CA LYS A 980 19.29 -11.30 41.95
C LYS A 980 19.07 -9.87 41.47
N ALA A 981 20.14 -9.06 41.48
CA ALA A 981 20.04 -7.70 40.99
C ALA A 981 19.77 -7.68 39.49
N LEU A 982 20.38 -8.61 38.74
CA LEU A 982 20.13 -8.67 37.31
C LEU A 982 18.67 -8.97 37.01
N GLU A 983 18.08 -9.90 37.75
CA GLU A 983 16.66 -10.20 37.57
C GLU A 983 15.80 -9.03 38.01
N HIS A 984 16.16 -8.36 39.09
CA HIS A 984 15.37 -7.24 39.59
C HIS A 984 15.45 -6.03 38.68
N ALA A 985 16.53 -5.91 37.91
CA ALA A 985 16.72 -4.75 37.04
C ALA A 985 15.99 -4.88 35.70
N PHE A 986 15.33 -6.00 35.45
CA PHE A 986 14.57 -6.19 34.22
C PHE A 986 13.15 -5.68 34.32
N GLN A 987 12.73 -5.17 35.47
CA GLN A 987 11.41 -4.58 35.64
C GLN A 987 11.49 -3.07 35.88
N LEU A 988 12.60 -2.45 35.50
CA LEU A 988 12.80 -1.02 35.63
C LEU A 988 12.71 -0.34 34.27
N GLU A 989 12.26 0.91 34.26
CA GLU A 989 12.11 1.66 33.02
C GLU A 989 13.50 1.97 32.46
N HIS A 990 13.88 1.28 31.40
CA HIS A 990 15.18 1.45 30.76
C HIS A 990 14.97 1.87 29.32
N ILE A 991 15.55 3.03 28.94
CA ILE A 991 15.63 3.37 27.54
C ILE A 991 16.62 2.43 26.86
N MET A 992 16.41 2.19 25.56
CA MET A 992 17.22 1.25 24.80
C MET A 992 17.19 -0.13 25.46
N ASP A 993 16.00 -0.73 25.40
CA ASP A 993 15.60 -1.86 26.24
C ASP A 993 16.73 -2.85 26.47
N LEU A 994 16.86 -3.29 27.72
CA LEU A 994 18.03 -4.01 28.18
C LEU A 994 18.14 -5.38 27.51
N THR A 995 19.37 -5.89 27.52
CA THR A 995 19.67 -7.24 27.07
C THR A 995 20.61 -7.87 28.09
N ARG A 996 20.41 -9.15 28.38
CA ARG A 996 21.20 -9.80 29.42
C ARG A 996 22.68 -9.78 29.11
N LEU A 997 23.06 -9.82 27.84
CA LEU A 997 24.47 -9.83 27.44
C LEU A 997 25.07 -8.44 27.37
N ARG A 998 24.28 -7.39 27.59
CA ARG A 998 24.82 -6.03 27.57
C ARG A 998 25.27 -5.61 28.96
N CYS A 999 24.38 -5.74 29.96
CA CYS A 999 24.73 -5.39 31.33
C CYS A 999 25.87 -6.27 31.83
N LEU A 1000 25.84 -7.56 31.50
CA LEU A 1000 26.90 -8.46 31.95
C LEU A 1000 28.23 -8.11 31.29
N GLY A 1001 28.21 -7.75 30.00
CA GLY A 1001 29.45 -7.32 29.35
C GLY A 1001 30.00 -6.05 29.96
N SER A 1002 29.13 -5.09 30.27
CA SER A 1002 29.56 -3.88 30.96
C SER A 1002 30.18 -4.20 32.32
N LEU A 1003 29.52 -5.08 33.08
CA LEU A 1003 30.04 -5.46 34.38
C LEU A 1003 31.41 -6.11 34.27
N PHE A 1004 31.57 -7.00 33.29
CA PHE A 1004 32.86 -7.66 33.11
C PHE A 1004 33.94 -6.67 32.72
N SER A 1005 33.61 -5.72 31.83
CA SER A 1005 34.60 -4.72 31.43
C SER A 1005 35.03 -3.86 32.61
N MET A 1006 34.07 -3.44 33.44
CA MET A 1006 34.45 -2.57 34.56
C MET A 1006 35.16 -3.36 35.65
N LEU A 1007 34.88 -4.66 35.77
CA LEU A 1007 35.66 -5.50 36.69
C LEU A 1007 37.09 -5.68 36.20
N HIS A 1008 37.27 -5.83 34.88
CA HIS A 1008 38.62 -5.86 34.33
C HIS A 1008 39.33 -4.54 34.60
N GLN A 1009 38.62 -3.42 34.49
CA GLN A 1009 39.20 -2.13 34.83
C GLN A 1009 39.60 -2.08 36.29
N ALA A 1010 38.78 -2.64 37.18
CA ALA A 1010 39.14 -2.69 38.60
C ALA A 1010 40.41 -3.49 38.82
N CYS A 1011 40.54 -4.63 38.14
CA CYS A 1011 41.73 -5.45 38.27
C CYS A 1011 42.97 -4.71 37.80
N ARG A 1012 42.88 -4.05 36.64
CA ARG A 1012 44.04 -3.31 36.16
C ARG A 1012 44.32 -2.07 37.00
N ASN A 1013 43.29 -1.51 37.63
CA ASN A 1013 43.48 -0.38 38.53
C ASN A 1013 44.25 -0.81 39.78
N VAL A 1014 43.85 -1.93 40.37
CA VAL A 1014 44.51 -2.38 41.63
C VAL A 1014 45.94 -2.83 41.30
N ALA A 1015 46.18 -3.30 40.07
CA ALA A 1015 47.55 -3.66 39.64
C ALA A 1015 48.35 -2.38 39.44
N GLN A 1016 47.71 -1.34 38.88
CA GLN A 1016 48.39 -0.02 38.70
C GLN A 1016 48.79 0.51 40.09
N TYR A 1017 47.89 0.40 41.07
CA TYR A 1017 48.22 0.83 42.43
C TYR A 1017 49.39 0.02 43.00
N ASN A 1018 49.42 -1.29 42.76
CA ASN A 1018 50.54 -2.09 43.20
C ASN A 1018 51.84 -1.62 42.56
N ALA A 1019 51.80 -1.33 41.26
CA ALA A 1019 52.99 -0.83 40.58
C ALA A 1019 53.37 0.57 41.04
N ASN A 1020 52.44 1.32 41.62
CA ASN A 1020 52.74 2.66 42.09
C ASN A 1020 53.64 2.62 43.31
N HIS A 1021 53.41 1.67 44.21
CA HIS A 1021 54.21 1.54 45.44
C HIS A 1021 55.04 0.26 45.34
N PRO A 1022 56.32 0.36 45.02
CA PRO A 1022 57.16 -0.86 44.98
C PRO A 1022 57.24 -1.56 46.33
N ASP A 1023 57.66 -0.85 47.37
CA ASP A 1023 57.61 -1.41 48.71
C ASP A 1023 56.16 -1.47 49.19
N PHE A 1024 55.90 -2.43 50.09
CA PHE A 1024 54.55 -2.67 50.61
C PHE A 1024 53.58 -2.88 49.46
N PRO A 1025 53.63 -4.01 48.77
CA PRO A 1025 52.71 -4.24 47.65
C PRO A 1025 51.25 -4.31 48.09
N MET A 1026 50.33 -4.39 47.13
CA MET A 1026 48.91 -4.34 47.43
C MET A 1026 48.52 -5.53 48.30
N GLN A 1027 47.98 -5.27 49.48
CA GLN A 1027 47.70 -6.34 50.43
C GLN A 1027 46.41 -7.07 50.07
N ILE A 1028 46.40 -8.38 50.35
CA ILE A 1028 45.23 -9.20 50.03
C ILE A 1028 44.03 -8.79 50.88
N GLU A 1029 44.25 -8.52 52.16
CA GLU A 1029 43.14 -8.19 53.06
C GLU A 1029 42.43 -6.92 52.59
N GLN A 1030 43.19 -5.89 52.25
CA GLN A 1030 42.58 -4.66 51.75
C GLN A 1030 41.96 -4.88 50.37
N LEU A 1031 42.57 -5.74 49.56
CA LEU A 1031 42.03 -6.03 48.23
C LEU A 1031 40.66 -6.68 48.32
N GLU A 1032 40.44 -7.53 49.33
CA GLU A 1032 39.15 -8.18 49.49
C GLU A 1032 38.03 -7.15 49.63
N ARG A 1033 38.19 -6.20 50.54
CA ARG A 1033 37.17 -5.19 50.80
C ARG A 1033 37.16 -4.10 49.75
N TYR A 1034 38.24 -3.95 48.96
CA TYR A 1034 38.17 -3.09 47.79
C TYR A 1034 37.31 -3.68 46.69
N ILE A 1035 37.52 -4.97 46.40
CA ILE A 1035 36.77 -5.63 45.34
C ILE A 1035 35.30 -5.81 45.75
N GLN A 1036 35.05 -6.14 47.02
CA GLN A 1036 33.67 -6.37 47.46
C GLN A 1036 32.79 -5.14 47.26
N ARG A 1037 33.39 -3.94 47.33
CA ARG A 1037 32.63 -2.71 47.11
C ARG A 1037 32.70 -2.22 45.67
N TYR A 1038 33.82 -2.43 44.99
CA TYR A 1038 33.87 -2.08 43.57
C TYR A 1038 32.86 -2.91 42.78
N LEU A 1039 32.59 -4.13 43.22
CA LEU A 1039 31.58 -4.94 42.55
C LEU A 1039 30.19 -4.29 42.65
N VAL A 1040 29.84 -3.78 43.83
CA VAL A 1040 28.57 -3.10 43.99
C VAL A 1040 28.53 -1.82 43.16
N TYR A 1041 29.62 -1.06 43.17
CA TYR A 1041 29.70 0.13 42.34
C TYR A 1041 29.48 -0.21 40.88
N ALA A 1042 30.15 -1.25 40.40
CA ALA A 1042 30.05 -1.64 39.00
C ALA A 1042 28.65 -2.14 38.65
N ILE A 1043 28.04 -2.94 39.53
CA ILE A 1043 26.71 -3.46 39.23
C ILE A 1043 25.69 -2.33 39.20
N LEU A 1044 25.83 -1.35 40.11
CA LEU A 1044 24.92 -0.21 40.10
C LEU A 1044 25.09 0.62 38.84
N TRP A 1045 26.33 0.87 38.42
CA TRP A 1045 26.56 1.71 37.25
C TRP A 1045 26.45 0.96 35.93
N SER A 1046 26.27 -0.36 35.95
CA SER A 1046 26.05 -1.13 34.73
C SER A 1046 24.59 -1.50 34.53
N LEU A 1047 23.91 -1.98 35.57
CA LEU A 1047 22.52 -2.36 35.43
C LEU A 1047 21.61 -1.14 35.32
N SER A 1048 21.83 -0.13 36.15
CA SER A 1048 21.02 1.08 36.16
C SER A 1048 21.75 2.27 35.55
N GLY A 1049 22.72 2.01 34.67
CA GLY A 1049 23.47 3.07 34.04
C GLY A 1049 22.80 3.74 32.89
N ASP A 1050 21.58 3.33 32.54
CA ASP A 1050 20.86 3.87 31.38
C ASP A 1050 19.45 4.30 31.75
N SER A 1051 19.23 4.73 32.99
CA SER A 1051 17.92 5.15 33.44
C SER A 1051 18.05 6.41 34.29
N ARG A 1052 16.92 7.06 34.52
CA ARG A 1052 16.89 8.28 35.31
C ARG A 1052 17.28 8.00 36.76
N LEU A 1053 17.42 9.08 37.53
CA LEU A 1053 17.89 8.95 38.91
C LEU A 1053 16.92 8.14 39.76
N LYS A 1054 15.63 8.13 39.41
CA LYS A 1054 14.66 7.37 40.18
C LYS A 1054 14.97 5.89 40.16
N MET A 1055 15.23 5.34 38.97
CA MET A 1055 15.54 3.91 38.88
C MET A 1055 16.89 3.58 39.49
N ARG A 1056 17.87 4.49 39.37
CA ARG A 1056 19.15 4.27 40.03
C ARG A 1056 18.98 4.19 41.55
N ALA A 1057 18.19 5.10 42.10
CA ALA A 1057 17.93 5.07 43.54
C ALA A 1057 17.16 3.81 43.94
N GLU A 1058 16.21 3.38 43.11
CA GLU A 1058 15.46 2.16 43.41
C GLU A 1058 16.38 0.95 43.44
N LEU A 1059 17.28 0.84 42.44
CA LEU A 1059 18.22 -0.26 42.42
C LEU A 1059 19.18 -0.20 43.60
N GLY A 1060 19.59 1.02 43.98
CA GLY A 1060 20.43 1.16 45.15
C GLY A 1060 19.74 0.69 46.42
N GLU A 1061 18.45 1.02 46.55
CA GLU A 1061 17.69 0.55 47.71
C GLU A 1061 17.56 -0.98 47.70
N TYR A 1062 17.33 -1.55 46.51
CA TYR A 1062 17.25 -3.01 46.42
C TYR A 1062 18.56 -3.67 46.82
N ILE A 1063 19.68 -3.10 46.37
CA ILE A 1063 20.99 -3.61 46.77
C ILE A 1063 21.16 -3.48 48.28
N ARG A 1064 20.79 -2.33 48.85
CA ARG A 1064 20.82 -2.16 50.29
C ARG A 1064 20.05 -3.25 51.00
N ARG A 1065 18.90 -3.63 50.44
CA ARG A 1065 18.05 -4.66 51.03
C ARG A 1065 18.63 -6.06 50.88
N ILE A 1066 19.36 -6.36 49.82
CA ILE A 1066 19.80 -7.73 49.56
C ILE A 1066 21.29 -7.94 49.75
N THR A 1067 22.12 -6.90 49.84
CA THR A 1067 23.55 -7.13 49.87
C THR A 1067 24.02 -7.55 51.26
N THR A 1068 25.31 -7.91 51.33
CA THR A 1068 25.96 -8.24 52.59
C THR A 1068 27.28 -7.51 52.79
N VAL A 1069 27.81 -6.84 51.77
CA VAL A 1069 29.07 -6.10 51.87
C VAL A 1069 28.82 -4.81 52.64
N PRO A 1070 29.85 -4.19 53.22
CA PRO A 1070 29.65 -2.88 53.87
C PRO A 1070 29.19 -1.84 52.86
N LEU A 1071 28.36 -0.92 53.33
CA LEU A 1071 27.80 0.13 52.51
C LEU A 1071 28.00 1.48 53.19
N PRO A 1072 28.05 2.56 52.42
CA PRO A 1072 28.20 3.89 53.03
C PRO A 1072 27.04 4.20 53.97
N THR A 1073 27.36 4.85 55.08
CA THR A 1073 26.38 5.19 56.11
C THR A 1073 25.89 6.61 55.86
N ALA A 1074 24.80 6.73 55.11
CA ALA A 1074 24.20 8.02 54.81
C ALA A 1074 22.69 7.96 55.07
N PRO A 1075 22.08 9.08 55.45
CA PRO A 1075 20.63 9.08 55.68
C PRO A 1075 19.83 8.80 54.42
N ASN A 1076 20.04 9.59 53.37
CA ASN A 1076 19.29 9.44 52.13
C ASN A 1076 20.14 9.54 50.88
N ILE A 1077 21.44 9.75 50.99
CA ILE A 1077 22.30 9.88 49.82
C ILE A 1077 22.43 8.53 49.13
N PRO A 1078 22.09 8.44 47.84
CA PRO A 1078 22.20 7.15 47.14
C PRO A 1078 23.65 6.72 46.96
N ILE A 1079 23.83 5.41 46.82
CA ILE A 1079 25.16 4.86 46.61
C ILE A 1079 25.76 5.29 45.28
N ILE A 1080 24.92 5.74 44.35
CA ILE A 1080 25.41 6.24 43.06
C ILE A 1080 26.38 7.40 43.26
N ASP A 1081 26.23 8.14 44.35
CA ASP A 1081 27.06 9.32 44.62
C ASP A 1081 28.31 8.98 45.42
N TYR A 1082 28.84 7.77 45.28
CA TYR A 1082 30.05 7.36 45.96
C TYR A 1082 30.97 6.65 44.98
N GLU A 1083 32.25 6.60 45.33
CA GLU A 1083 33.25 5.87 44.57
C GLU A 1083 34.03 4.95 45.50
N VAL A 1084 34.40 3.79 45.00
CA VAL A 1084 35.17 2.82 45.77
C VAL A 1084 36.64 3.18 45.57
N SER A 1085 37.12 4.09 46.41
CA SER A 1085 38.50 4.55 46.29
C SER A 1085 39.46 3.41 46.66
N ILE A 1086 40.69 3.51 46.14
CA ILE A 1086 41.70 2.54 46.48
C ILE A 1086 41.91 2.53 48.00
N SER A 1087 42.30 1.37 48.51
CA SER A 1087 42.33 1.01 49.93
C SER A 1087 40.94 0.69 50.46
N GLY A 1088 39.90 0.75 49.63
CA GLY A 1088 38.59 0.25 49.99
C GLY A 1088 37.77 1.14 50.90
N GLU A 1089 37.40 2.34 50.43
CA GLU A 1089 36.49 3.21 51.14
C GLU A 1089 35.48 3.81 50.18
N TRP A 1090 34.27 4.04 50.68
CA TRP A 1090 33.20 4.68 49.93
C TRP A 1090 33.38 6.20 50.01
N SER A 1091 34.30 6.70 49.22
CA SER A 1091 34.55 8.14 49.21
C SER A 1091 33.43 8.85 48.45
N PRO A 1092 32.78 9.84 49.05
CA PRO A 1092 31.73 10.57 48.33
C PRO A 1092 32.29 11.27 47.11
N TRP A 1093 31.50 11.28 46.03
CA TRP A 1093 31.91 11.93 44.80
C TRP A 1093 32.08 13.44 44.99
N GLN A 1094 31.37 14.03 45.95
CA GLN A 1094 31.47 15.46 46.20
C GLN A 1094 32.87 15.88 46.61
N ALA A 1095 33.69 14.96 47.09
CA ALA A 1095 35.08 15.26 47.43
C ALA A 1095 35.94 15.53 46.20
N LYS A 1096 35.43 15.25 45.00
CA LYS A 1096 36.16 15.49 43.76
C LYS A 1096 35.41 16.50 42.89
N VAL A 1097 34.92 17.57 43.51
CA VAL A 1097 34.23 18.64 42.78
C VAL A 1097 34.93 19.95 43.12
N PRO A 1098 36.03 20.28 42.45
CA PRO A 1098 36.77 21.50 42.78
C PRO A 1098 36.06 22.74 42.27
N GLN A 1099 35.53 23.53 43.20
CA GLN A 1099 34.88 24.80 42.87
C GLN A 1099 35.94 25.76 42.35
N ILE A 1100 35.96 25.98 41.04
CA ILE A 1100 36.97 26.80 40.40
C ILE A 1100 36.29 28.00 39.75
N GLU A 1101 37.08 29.05 39.55
CA GLU A 1101 36.62 30.26 38.86
C GLU A 1101 37.28 30.32 37.50
N VAL A 1102 36.47 30.39 36.45
CA VAL A 1102 36.99 30.41 35.09
C VAL A 1102 37.41 31.82 34.71
N GLU A 1103 38.37 31.93 33.81
CA GLU A 1103 38.85 33.23 33.38
C GLU A 1103 37.76 33.99 32.64
N THR A 1104 37.84 35.33 32.72
CA THR A 1104 36.74 36.18 32.26
C THR A 1104 36.51 36.03 30.76
N HIS A 1105 37.57 35.97 29.97
CA HIS A 1105 37.42 36.04 28.52
C HIS A 1105 36.76 34.80 27.94
N LYS A 1106 36.89 33.65 28.61
CA LYS A 1106 36.32 32.40 28.09
C LYS A 1106 35.15 31.97 28.98
N VAL A 1107 33.94 32.21 28.49
CA VAL A 1107 32.73 31.69 29.13
C VAL A 1107 31.89 30.97 28.08
N ALA A 1108 32.55 30.46 27.03
CA ALA A 1108 31.88 29.89 25.87
C ALA A 1108 31.91 28.36 25.93
N ALA A 1109 31.33 27.75 24.91
CA ALA A 1109 31.31 26.28 24.81
C ALA A 1109 32.70 25.66 24.75
N PRO A 1110 33.64 26.16 23.94
CA PRO A 1110 34.98 25.52 23.90
C PRO A 1110 35.70 25.53 25.23
N ASP A 1111 35.30 26.40 26.16
CA ASP A 1111 35.89 26.38 27.50
C ASP A 1111 35.64 25.03 28.16
N VAL A 1112 36.63 24.59 28.93
CA VAL A 1112 36.52 23.30 29.61
C VAL A 1112 35.33 23.33 30.59
N VAL A 1113 34.84 22.13 30.91
CA VAL A 1113 33.67 22.02 31.77
C VAL A 1113 33.97 22.57 33.16
N VAL A 1114 32.96 23.18 33.77
CA VAL A 1114 33.04 23.49 35.19
C VAL A 1114 32.65 22.24 35.99
N PRO A 1115 33.46 21.81 36.95
CA PRO A 1115 33.21 20.53 37.61
C PRO A 1115 31.86 20.48 38.31
N THR A 1116 31.22 19.32 38.25
CA THR A 1116 29.99 19.05 38.96
C THR A 1116 29.88 17.54 39.15
N LEU A 1117 28.87 17.13 39.92
CA LEU A 1117 28.73 15.73 40.28
C LEU A 1117 28.60 14.84 39.05
N ASP A 1118 27.65 15.16 38.17
CA ASP A 1118 27.43 14.35 36.98
C ASP A 1118 28.66 14.34 36.09
N THR A 1119 29.31 15.50 35.91
CA THR A 1119 30.47 15.58 35.05
C THR A 1119 31.61 14.73 35.59
N VAL A 1120 31.97 14.91 36.87
CA VAL A 1120 33.09 14.17 37.43
C VAL A 1120 32.79 12.70 37.65
N ARG A 1121 31.52 12.31 37.60
CA ARG A 1121 31.15 10.90 37.66
C ARG A 1121 31.23 10.23 36.29
N HIS A 1122 30.65 10.88 35.29
CA HIS A 1122 30.77 10.38 33.92
C HIS A 1122 32.22 10.41 33.44
N GLU A 1123 33.05 11.29 33.98
CA GLU A 1123 34.47 11.27 33.65
C GLU A 1123 35.09 9.92 34.00
N ALA A 1124 34.92 9.48 35.25
CA ALA A 1124 35.48 8.19 35.65
C ALA A 1124 34.83 7.05 34.88
N LEU A 1125 33.51 7.12 34.68
CA LEU A 1125 32.82 6.03 33.97
C LEU A 1125 33.35 5.88 32.54
N LEU A 1126 33.46 7.00 31.83
CA LEU A 1126 33.96 6.96 30.45
C LEU A 1126 35.44 6.61 30.40
N TYR A 1127 36.22 7.03 31.40
CA TYR A 1127 37.61 6.57 31.46
C TYR A 1127 37.68 5.06 31.59
N THR A 1128 36.82 4.50 32.44
CA THR A 1128 36.75 3.05 32.60
C THR A 1128 36.40 2.37 31.29
N TRP A 1129 35.40 2.88 30.58
CA TRP A 1129 34.98 2.22 29.34
C TRP A 1129 35.85 2.54 28.14
N LEU A 1130 36.70 3.56 28.21
CA LEU A 1130 37.61 3.88 27.12
C LEU A 1130 39.00 3.29 27.30
N ALA A 1131 39.37 2.91 28.54
CA ALA A 1131 40.65 2.25 28.75
C ALA A 1131 40.71 0.92 28.02
N GLU A 1132 39.62 0.16 28.02
CA GLU A 1132 39.57 -1.15 27.41
C GLU A 1132 39.24 -1.10 25.91
N HIS A 1133 39.23 0.08 25.31
CA HIS A 1133 38.93 0.25 23.89
C HIS A 1133 37.58 -0.37 23.52
N LYS A 1134 36.57 -0.04 24.31
CA LYS A 1134 35.23 -0.55 24.08
C LYS A 1134 34.36 0.51 23.43
N PRO A 1135 33.49 0.13 22.50
CA PRO A 1135 32.56 1.10 21.92
C PRO A 1135 31.59 1.62 22.96
N LEU A 1136 31.15 2.86 22.76
CA LEU A 1136 30.30 3.52 23.74
C LEU A 1136 29.13 4.20 23.04
N VAL A 1137 28.03 4.34 23.78
CA VAL A 1137 26.86 5.08 23.32
C VAL A 1137 26.37 5.95 24.48
N LEU A 1138 26.20 7.25 24.21
CA LEU A 1138 25.67 8.19 25.18
C LEU A 1138 24.29 8.63 24.69
N CYS A 1139 23.25 8.11 25.32
CA CYS A 1139 21.87 8.42 24.95
C CYS A 1139 21.29 9.40 25.95
N GLY A 1140 20.80 10.53 25.45
CA GLY A 1140 20.23 11.55 26.30
C GLY A 1140 19.51 12.62 25.51
N PRO A 1141 18.72 13.44 26.20
CA PRO A 1141 18.03 14.53 25.51
C PRO A 1141 19.02 15.50 24.91
N PRO A 1142 18.66 16.15 23.80
CA PRO A 1142 19.60 17.09 23.17
C PRO A 1142 19.99 18.21 24.10
N GLY A 1143 21.26 18.61 24.04
CA GLY A 1143 21.78 19.66 24.88
C GLY A 1143 22.16 19.23 26.28
N SER A 1144 22.01 17.95 26.62
CA SER A 1144 22.35 17.50 27.96
C SER A 1144 23.85 17.64 28.22
N GLY A 1145 24.67 17.37 27.20
CA GLY A 1145 26.10 17.50 27.35
C GLY A 1145 26.87 16.23 27.04
N LYS A 1146 26.29 15.36 26.22
CA LYS A 1146 26.94 14.11 25.88
C LYS A 1146 28.25 14.35 25.13
N THR A 1147 28.19 15.15 24.06
CA THR A 1147 29.40 15.44 23.29
C THR A 1147 30.43 16.15 24.15
N MET A 1148 30.00 17.13 24.94
CA MET A 1148 30.92 17.88 25.78
C MET A 1148 31.58 16.97 26.82
N THR A 1149 30.78 16.09 27.45
CA THR A 1149 31.33 15.18 28.44
C THR A 1149 32.34 14.22 27.81
N LEU A 1150 32.01 13.69 26.63
CA LEU A 1150 32.94 12.79 25.94
C LEU A 1150 34.23 13.50 25.60
N PHE A 1151 34.15 14.71 25.06
CA PHE A 1151 35.36 15.45 24.71
C PHE A 1151 36.19 15.77 25.94
N SER A 1152 35.55 16.19 27.03
CA SER A 1152 36.28 16.48 28.26
C SER A 1152 36.97 15.23 28.78
N ALA A 1153 36.30 14.08 28.71
CA ALA A 1153 36.95 12.83 29.10
C ALA A 1153 38.13 12.51 28.19
N LEU A 1154 38.04 12.89 26.92
CA LEU A 1154 39.11 12.62 25.96
C LEU A 1154 40.34 13.49 26.17
N ARG A 1155 40.24 14.57 26.96
CA ARG A 1155 41.44 15.31 27.34
C ARG A 1155 42.30 14.53 28.34
N ALA A 1156 41.68 13.76 29.23
CA ALA A 1156 42.45 12.98 30.18
C ALA A 1156 43.33 11.96 29.47
N LEU A 1157 42.80 11.32 28.44
CA LEU A 1157 43.60 10.40 27.62
C LEU A 1157 44.46 11.22 26.66
N PRO A 1158 45.78 11.08 26.70
CA PRO A 1158 46.65 11.94 25.88
C PRO A 1158 46.98 11.42 24.49
N ASP A 1159 46.54 10.21 24.14
CA ASP A 1159 46.92 9.60 22.86
C ASP A 1159 45.69 9.11 22.12
N MET A 1160 44.60 9.88 22.17
CA MET A 1160 43.37 9.54 21.47
C MET A 1160 42.96 10.72 20.59
N GLU A 1161 42.96 10.51 19.28
CA GLU A 1161 42.48 11.49 18.33
C GLU A 1161 40.99 11.30 18.10
N VAL A 1162 40.32 12.38 17.69
CA VAL A 1162 38.87 12.41 17.55
C VAL A 1162 38.52 12.70 16.11
N VAL A 1163 37.56 11.95 15.57
CA VAL A 1163 37.00 12.23 14.25
C VAL A 1163 35.48 12.32 14.43
N GLY A 1164 34.94 13.52 14.25
CA GLY A 1164 33.52 13.73 14.47
C GLY A 1164 32.68 13.55 13.22
N LEU A 1165 31.87 12.50 13.18
CA LEU A 1165 30.97 12.24 12.07
C LEU A 1165 29.56 12.58 12.48
N ASN A 1166 28.80 13.16 11.56
CA ASN A 1166 27.42 13.59 11.83
C ASN A 1166 26.48 12.65 11.09
N PHE A 1167 26.03 11.61 11.78
CA PHE A 1167 25.08 10.68 11.17
C PHE A 1167 23.73 11.35 10.97
N SER A 1168 23.01 10.91 9.95
CA SER A 1168 21.70 11.44 9.62
C SER A 1168 20.95 10.42 8.79
N SER A 1169 19.77 10.80 8.31
CA SER A 1169 19.04 9.95 7.39
C SER A 1169 19.80 9.81 6.08
N ALA A 1170 19.55 8.69 5.38
CA ALA A 1170 20.24 8.37 4.13
C ALA A 1170 21.74 8.33 4.33
N THR A 1171 22.17 7.76 5.46
CA THR A 1171 23.59 7.54 5.74
C THR A 1171 23.91 6.07 5.54
N THR A 1172 24.97 5.80 4.79
CA THR A 1172 25.36 4.46 4.39
C THR A 1172 26.81 4.21 4.73
N PRO A 1173 27.22 2.93 4.83
CA PRO A 1173 28.60 2.62 5.25
C PRO A 1173 29.69 3.25 4.39
N GLU A 1174 29.34 3.86 3.25
CA GLU A 1174 30.36 4.53 2.46
C GLU A 1174 30.99 5.69 3.20
N LEU A 1175 30.25 6.34 4.09
CA LEU A 1175 30.79 7.46 4.84
C LEU A 1175 31.95 7.02 5.73
N LEU A 1176 31.80 5.88 6.39
CA LEU A 1176 32.91 5.35 7.19
C LEU A 1176 34.09 4.99 6.31
N LEU A 1177 33.83 4.47 5.10
CA LEU A 1177 34.91 4.17 4.17
C LEU A 1177 35.69 5.42 3.78
N LYS A 1178 34.97 6.51 3.49
CA LYS A 1178 35.65 7.77 3.17
C LYS A 1178 36.43 8.29 4.37
N THR A 1179 35.87 8.15 5.58
CA THR A 1179 36.59 8.56 6.78
C THR A 1179 37.88 7.78 6.94
N PHE A 1180 37.83 6.46 6.72
CA PHE A 1180 39.04 5.65 6.80
C PHE A 1180 40.04 6.06 5.72
N ASP A 1181 39.56 6.31 4.50
CA ASP A 1181 40.46 6.76 3.44
C ASP A 1181 41.13 8.08 3.80
N HIS A 1182 40.42 8.95 4.51
CA HIS A 1182 40.99 10.22 4.92
C HIS A 1182 41.96 10.11 6.09
N TYR A 1183 41.71 9.22 7.05
CA TYR A 1183 42.48 9.17 8.28
C TYR A 1183 43.26 7.87 8.48
N CYS A 1184 43.03 6.84 7.68
CA CYS A 1184 43.62 5.51 7.88
C CYS A 1184 44.32 5.04 6.61
N GLU A 1185 45.20 5.90 6.07
CA GLU A 1185 45.86 5.62 4.80
C GLU A 1185 46.59 4.29 4.78
N TYR A 1186 47.10 3.81 5.92
CA TYR A 1186 47.81 2.54 5.94
C TYR A 1186 46.91 1.39 5.51
N ARG A 1187 47.43 0.58 4.58
CA ARG A 1187 46.83 -0.69 4.19
C ARG A 1187 47.91 -1.75 4.06
N ARG A 1188 48.87 -1.73 4.98
CA ARG A 1188 50.01 -2.65 4.91
C ARG A 1188 49.55 -4.09 5.08
N THR A 1189 50.35 -5.00 4.52
CA THR A 1189 50.02 -6.43 4.52
C THR A 1189 51.19 -7.24 5.03
N PRO A 1190 51.51 -7.14 6.33
CA PRO A 1190 52.52 -8.03 6.90
C PRO A 1190 52.03 -9.47 6.96
N ASN A 1191 50.84 -9.66 7.54
CA ASN A 1191 50.18 -10.96 7.61
C ASN A 1191 48.72 -10.83 7.23
N GLY A 1192 48.40 -9.91 6.32
CA GLY A 1192 47.03 -9.60 5.98
C GLY A 1192 46.80 -8.11 5.98
N VAL A 1193 45.79 -7.64 5.24
CA VAL A 1193 45.52 -6.21 5.17
C VAL A 1193 45.12 -5.69 6.55
N VAL A 1194 45.79 -4.65 7.01
CA VAL A 1194 45.55 -4.07 8.32
C VAL A 1194 45.29 -2.58 8.13
N LEU A 1195 44.17 -2.11 8.67
CA LEU A 1195 43.84 -0.69 8.62
C LEU A 1195 44.28 0.00 9.90
N ALA A 1196 45.14 1.00 9.77
CA ALA A 1196 45.69 1.71 10.91
C ALA A 1196 45.64 3.21 10.65
N PRO A 1197 45.53 4.01 11.71
CA PRO A 1197 45.53 5.47 11.52
C PRO A 1197 46.88 5.97 11.03
N VAL A 1198 46.85 7.15 10.40
CA VAL A 1198 48.07 7.73 9.84
C VAL A 1198 49.09 8.02 10.94
N GLN A 1199 48.64 8.65 12.02
CA GLN A 1199 49.55 8.96 13.12
C GLN A 1199 49.92 7.70 13.89
N LEU A 1200 51.19 7.61 14.27
CA LEU A 1200 51.70 6.43 14.96
C LEU A 1200 51.41 6.52 16.46
N GLY A 1201 51.00 5.40 17.05
CA GLY A 1201 50.77 5.33 18.47
C GLY A 1201 49.52 6.00 18.97
N LYS A 1202 48.58 6.34 18.08
CA LYS A 1202 47.36 7.01 18.47
C LYS A 1202 46.16 6.16 18.09
N TRP A 1203 45.09 6.30 18.87
CA TRP A 1203 43.83 5.61 18.63
C TRP A 1203 42.78 6.64 18.20
N LEU A 1204 42.11 6.36 17.08
CA LEU A 1204 41.03 7.22 16.63
C LEU A 1204 39.72 6.82 17.29
N VAL A 1205 38.94 7.81 17.69
CA VAL A 1205 37.57 7.61 18.15
C VAL A 1205 36.68 8.27 17.11
N LEU A 1206 35.88 7.46 16.43
CA LEU A 1206 34.93 7.97 15.45
C LEU A 1206 33.63 8.33 16.14
N PHE A 1207 33.54 9.57 16.62
CA PHE A 1207 32.35 10.02 17.35
C PHE A 1207 31.23 10.21 16.33
N CYS A 1208 30.39 9.19 16.19
CA CYS A 1208 29.26 9.23 15.27
C CYS A 1208 28.05 9.79 16.02
N ASP A 1209 27.85 11.10 15.91
CA ASP A 1209 26.71 11.73 16.55
C ASP A 1209 25.42 11.27 15.91
N GLU A 1210 24.39 11.04 16.74
CA GLU A 1210 23.10 10.55 16.30
C GLU A 1210 23.23 9.22 15.56
N ILE A 1211 23.83 8.24 16.25
CA ILE A 1211 24.15 6.97 15.62
C ILE A 1211 22.90 6.17 15.30
N ASN A 1212 21.79 6.42 15.99
CA ASN A 1212 20.54 5.73 15.73
C ASN A 1212 19.67 6.45 14.71
N LEU A 1213 20.12 7.57 14.18
CA LEU A 1213 19.37 8.37 13.21
C LEU A 1213 19.34 7.78 11.81
N PRO A 1214 20.44 7.14 11.30
CA PRO A 1214 20.38 6.54 9.95
C PRO A 1214 19.11 5.78 9.65
N ASP A 1215 18.54 6.04 8.47
CA ASP A 1215 17.21 5.54 8.13
C ASP A 1215 17.20 4.03 8.03
N MET A 1216 16.18 3.41 8.62
CA MET A 1216 15.98 1.97 8.55
C MET A 1216 15.13 1.65 7.32
N ASP A 1217 15.65 0.78 6.46
CA ASP A 1217 14.97 0.45 5.21
C ASP A 1217 13.74 -0.41 5.52
N LYS A 1218 13.03 -0.82 4.47
CA LYS A 1218 11.78 -1.55 4.63
C LYS A 1218 11.97 -2.98 5.09
N TYR A 1219 13.19 -3.40 5.41
CA TYR A 1219 13.46 -4.73 5.92
C TYR A 1219 13.91 -4.72 7.37
N GLY A 1220 13.65 -3.64 8.10
CA GLY A 1220 13.94 -3.57 9.52
C GLY A 1220 15.40 -3.69 9.87
N THR A 1221 16.26 -2.98 9.15
CA THR A 1221 17.69 -3.01 9.44
C THR A 1221 18.32 -1.70 8.97
N GLN A 1222 19.52 -1.44 9.49
CA GLN A 1222 20.31 -0.29 9.12
C GLN A 1222 21.68 -0.76 8.64
N ARG A 1223 22.09 -0.31 7.46
CA ARG A 1223 23.32 -0.79 6.86
C ARG A 1223 24.54 -0.37 7.67
N VAL A 1224 24.60 0.90 8.06
CA VAL A 1224 25.77 1.39 8.79
C VAL A 1224 25.87 0.76 10.17
N ILE A 1225 24.72 0.49 10.81
CA ILE A 1225 24.73 -0.15 12.12
C ILE A 1225 25.28 -1.56 12.00
N SER A 1226 24.83 -2.32 11.00
CA SER A 1226 25.37 -3.66 10.79
C SER A 1226 26.85 -3.62 10.44
N PHE A 1227 27.27 -2.61 9.68
CA PHE A 1227 28.68 -2.48 9.34
C PHE A 1227 29.53 -2.26 10.59
N ILE A 1228 29.16 -1.27 11.40
CA ILE A 1228 29.93 -0.99 12.62
C ILE A 1228 29.75 -2.05 13.68
N ARG A 1229 28.76 -2.93 13.52
CA ARG A 1229 28.65 -4.10 14.39
C ARG A 1229 29.60 -5.21 13.95
N GLN A 1230 29.70 -5.46 12.64
CA GLN A 1230 30.63 -6.49 12.18
C GLN A 1230 32.08 -6.08 12.42
N MET A 1231 32.43 -4.81 12.23
CA MET A 1231 33.84 -4.46 12.37
C MET A 1231 34.22 -4.23 13.83
N VAL A 1232 33.26 -4.28 14.75
CA VAL A 1232 33.54 -4.30 16.18
C VAL A 1232 33.59 -5.72 16.72
N GLU A 1233 32.60 -6.55 16.38
CA GLU A 1233 32.57 -7.91 16.88
C GLU A 1233 33.67 -8.76 16.23
N HIS A 1234 33.80 -8.68 14.91
CA HIS A 1234 34.79 -9.47 14.19
C HIS A 1234 36.11 -8.74 14.01
N GLY A 1235 36.19 -7.47 14.40
CA GLY A 1235 37.43 -6.72 14.32
C GLY A 1235 37.97 -6.55 12.92
N GLY A 1236 37.09 -6.26 11.97
CA GLY A 1236 37.52 -6.04 10.60
C GLY A 1236 36.33 -6.12 9.66
N PHE A 1237 36.66 -6.01 8.37
CA PHE A 1237 35.61 -6.11 7.34
C PHE A 1237 36.26 -6.56 6.04
N TYR A 1238 35.47 -6.47 4.96
CA TYR A 1238 35.90 -6.92 3.65
C TYR A 1238 36.00 -5.73 2.70
N ARG A 1239 37.12 -5.63 2.00
CA ARG A 1239 37.29 -4.59 1.00
C ARG A 1239 36.49 -4.93 -0.25
N THR A 1240 35.68 -3.98 -0.71
CA THR A 1240 34.87 -4.21 -1.91
C THR A 1240 35.70 -4.22 -3.18
N SER A 1241 36.93 -3.70 -3.13
CA SER A 1241 37.74 -3.60 -4.34
C SER A 1241 38.44 -4.92 -4.66
N ASP A 1242 39.30 -5.39 -3.76
CA ASP A 1242 40.10 -6.58 -3.99
C ASP A 1242 39.58 -7.81 -3.25
N GLN A 1243 38.47 -7.70 -2.53
CA GLN A 1243 37.86 -8.81 -1.80
C GLN A 1243 38.87 -9.47 -0.84
N THR A 1244 39.30 -8.68 0.13
CA THR A 1244 40.25 -9.14 1.13
C THR A 1244 39.76 -8.77 2.52
N TRP A 1245 40.17 -9.55 3.51
CA TRP A 1245 39.77 -9.35 4.90
C TRP A 1245 40.74 -8.36 5.54
N VAL A 1246 40.27 -7.12 5.73
CA VAL A 1246 41.06 -6.07 6.35
C VAL A 1246 40.74 -6.02 7.85
N LYS A 1247 41.78 -5.89 8.67
CA LYS A 1247 41.63 -5.89 10.11
C LYS A 1247 41.85 -4.48 10.67
N LEU A 1248 41.04 -4.13 11.67
CA LEU A 1248 41.27 -2.89 12.39
C LEU A 1248 42.50 -2.99 13.27
N GLU A 1249 43.18 -1.86 13.46
CA GLU A 1249 44.37 -1.82 14.31
C GLU A 1249 44.21 -0.91 15.51
N ARG A 1250 43.83 0.35 15.31
CA ARG A 1250 43.75 1.32 16.40
C ARG A 1250 42.51 2.19 16.25
N ILE A 1251 41.36 1.57 15.98
CA ILE A 1251 40.11 2.29 15.78
C ILE A 1251 39.17 1.98 16.94
N GLN A 1252 38.38 2.97 17.34
CA GLN A 1252 37.41 2.83 18.42
C GLN A 1252 36.16 3.62 18.07
N PHE A 1253 35.03 3.18 18.61
CA PHE A 1253 33.73 3.75 18.28
C PHE A 1253 33.04 4.32 19.51
N VAL A 1254 32.64 5.58 19.42
CA VAL A 1254 31.78 6.24 20.40
C VAL A 1254 30.67 6.94 19.63
N GLY A 1255 29.46 6.90 20.16
CA GLY A 1255 28.33 7.52 19.51
C GLY A 1255 27.44 8.24 20.50
N ALA A 1256 26.66 9.19 19.97
CA ALA A 1256 25.67 9.93 20.74
C ALA A 1256 24.29 9.62 20.21
N CYS A 1257 23.28 9.81 21.05
CA CYS A 1257 21.92 9.43 20.68
C CYS A 1257 20.94 10.40 21.34
N ASN A 1258 19.66 10.10 21.14
CA ASN A 1258 18.54 10.70 21.85
C ASN A 1258 17.62 9.55 22.26
N PRO A 1259 16.76 9.75 23.25
CA PRO A 1259 15.87 8.67 23.68
C PRO A 1259 15.07 8.14 22.50
N PRO A 1260 14.93 6.81 22.39
CA PRO A 1260 14.28 6.24 21.20
C PRO A 1260 12.85 6.68 21.00
N THR A 1261 12.16 7.09 22.08
CA THR A 1261 10.80 7.61 21.95
C THR A 1261 10.76 8.98 21.27
N ASP A 1262 11.90 9.65 21.12
CA ASP A 1262 11.92 10.93 20.42
C ASP A 1262 11.54 10.73 18.95
N PRO A 1263 10.70 11.60 18.40
CA PRO A 1263 10.31 11.45 16.99
C PRO A 1263 11.51 11.50 16.06
N GLY A 1264 11.47 10.67 15.02
CA GLY A 1264 12.56 10.56 14.07
C GLY A 1264 13.67 9.63 14.49
N ARG A 1265 13.58 9.01 15.66
CA ARG A 1265 14.59 8.11 16.16
C ARG A 1265 14.05 6.68 16.15
N LYS A 1266 14.92 5.73 15.80
CA LYS A 1266 14.53 4.34 15.68
C LYS A 1266 15.41 3.48 16.59
N PRO A 1267 14.85 2.43 17.17
CA PRO A 1267 15.63 1.60 18.10
C PRO A 1267 16.77 0.88 17.41
N LEU A 1268 17.85 0.69 18.16
CA LEU A 1268 19.01 -0.02 17.64
C LEU A 1268 18.83 -1.52 17.76
N SER A 1269 19.47 -2.26 16.86
CA SER A 1269 19.38 -3.71 16.86
C SER A 1269 20.05 -4.29 18.09
N HIS A 1270 19.47 -5.37 18.61
CA HIS A 1270 20.03 -6.03 19.79
C HIS A 1270 21.40 -6.61 19.49
N ARG A 1271 21.62 -7.13 18.29
CA ARG A 1271 22.91 -7.69 17.93
C ARG A 1271 24.02 -6.65 18.01
N PHE A 1272 23.68 -5.38 17.83
CA PHE A 1272 24.65 -4.29 17.99
C PHE A 1272 24.65 -3.75 19.41
N LEU A 1273 23.49 -3.63 20.03
CA LEU A 1273 23.41 -3.11 21.38
C LEU A 1273 24.11 -4.02 22.39
N ARG A 1274 24.28 -5.30 22.04
CA ARG A 1274 24.89 -6.25 22.97
C ARG A 1274 26.31 -5.84 23.34
N HIS A 1275 27.04 -5.19 22.42
CA HIS A 1275 28.42 -4.83 22.68
C HIS A 1275 28.60 -3.43 23.25
N VAL A 1276 27.64 -2.54 23.03
CA VAL A 1276 27.79 -1.13 23.39
C VAL A 1276 27.01 -0.88 24.68
N PRO A 1277 27.68 -0.53 25.79
CA PRO A 1277 26.97 -0.10 26.99
C PRO A 1277 26.56 1.37 26.86
N VAL A 1278 25.30 1.65 27.09
CA VAL A 1278 24.77 2.99 26.89
C VAL A 1278 24.71 3.73 28.23
N VAL A 1279 24.85 5.05 28.15
CA VAL A 1279 24.86 5.92 29.33
C VAL A 1279 23.76 6.96 29.15
N TYR A 1280 22.90 7.09 30.15
CA TYR A 1280 21.83 8.08 30.13
C TYR A 1280 22.30 9.34 30.86
N VAL A 1281 22.56 10.38 30.09
CA VAL A 1281 23.00 11.67 30.63
C VAL A 1281 21.79 12.60 30.58
N ASP A 1282 21.11 12.75 31.72
CA ASP A 1282 19.92 13.58 31.81
C ASP A 1282 20.31 15.06 31.94
N TYR A 1283 19.30 15.91 31.89
CA TYR A 1283 19.52 17.34 32.09
C TYR A 1283 20.04 17.59 33.50
N PRO A 1284 21.03 18.46 33.67
CA PRO A 1284 21.50 18.79 35.01
C PRO A 1284 20.38 19.36 35.87
N GLY A 1285 20.38 19.00 37.15
CA GLY A 1285 19.37 19.44 38.07
C GLY A 1285 19.55 20.88 38.46
N PRO A 1286 18.59 21.43 39.21
CA PRO A 1286 18.71 22.83 39.65
C PRO A 1286 19.98 23.10 40.45
N ALA A 1287 20.39 22.16 41.31
CA ALA A 1287 21.65 22.32 42.02
C ALA A 1287 22.83 22.29 41.05
N SER A 1288 22.79 21.35 40.10
CA SER A 1288 23.87 21.27 39.11
C SER A 1288 23.91 22.53 38.24
N LEU A 1289 22.74 23.02 37.82
CA LEU A 1289 22.70 24.24 37.02
C LEU A 1289 23.25 25.43 37.81
N THR A 1290 22.87 25.55 39.09
CA THR A 1290 23.37 26.63 39.92
C THR A 1290 24.89 26.55 40.05
N GLN A 1291 25.41 25.35 40.32
CA GLN A 1291 26.85 25.19 40.46
C GLN A 1291 27.57 25.51 39.14
N ILE A 1292 26.96 25.14 38.02
CA ILE A 1292 27.61 25.34 36.69
C ILE A 1292 27.63 26.82 36.31
N TYR A 1293 26.45 27.45 36.18
CA TYR A 1293 26.39 28.85 35.67
C TYR A 1293 26.69 29.86 36.79
N GLY A 1294 26.76 29.42 38.05
CA GLY A 1294 27.15 30.34 39.13
C GLY A 1294 28.57 30.84 38.90
N THR A 1295 29.48 29.92 38.56
CA THR A 1295 30.88 30.31 38.25
C THR A 1295 30.90 31.26 37.05
N PHE A 1296 30.15 30.94 35.99
CA PHE A 1296 30.14 31.78 34.77
C PHE A 1296 29.67 33.19 35.12
N ASN A 1297 28.61 33.32 35.93
CA ASN A 1297 28.06 34.65 36.29
C ASN A 1297 29.11 35.46 37.06
N ARG A 1298 29.79 34.83 38.02
CA ARG A 1298 30.80 35.54 38.85
C ARG A 1298 31.94 36.04 37.94
N ALA A 1299 32.41 35.19 37.03
CA ALA A 1299 33.50 35.58 36.09
C ALA A 1299 32.99 36.67 35.13
N MET A 1300 31.73 36.59 34.71
CA MET A 1300 31.14 37.56 33.77
C MET A 1300 31.03 38.95 34.43
N LEU A 1301 30.71 38.99 35.72
CA LEU A 1301 30.49 40.30 36.41
C LEU A 1301 31.82 40.79 37.02
N ARG A 1302 32.96 40.31 36.53
CA ARG A 1302 34.28 40.81 37.02
C ARG A 1302 34.62 42.11 36.28
N LEU A 1303 33.86 42.46 35.24
CA LEU A 1303 34.11 43.68 34.49
C LEU A 1303 33.92 44.93 35.34
N ILE A 1304 33.22 44.82 36.46
CA ILE A 1304 33.02 45.94 37.37
C ILE A 1304 32.61 45.39 38.73
N PRO A 1305 33.25 45.83 39.83
CA PRO A 1305 32.90 45.28 41.14
C PRO A 1305 31.54 45.71 41.66
N SER A 1306 30.93 46.73 41.08
CA SER A 1306 29.63 47.19 41.55
C SER A 1306 28.50 46.22 41.22
N LEU A 1307 28.76 45.21 40.39
CA LEU A 1307 27.76 44.22 40.03
C LEU A 1307 28.04 42.83 40.57
N ARG A 1308 29.24 42.58 41.11
CA ARG A 1308 29.60 41.24 41.56
C ARG A 1308 28.67 40.75 42.67
N THR A 1309 28.25 41.64 43.56
CA THR A 1309 27.42 41.25 44.69
C THR A 1309 26.11 40.60 44.22
N TYR A 1310 25.67 40.94 43.01
CA TYR A 1310 24.37 40.42 42.50
C TYR A 1310 24.56 39.17 41.64
N ALA A 1311 25.76 38.58 41.63
CA ALA A 1311 26.04 37.40 40.79
C ALA A 1311 25.15 36.22 41.22
N GLU A 1312 25.06 35.98 42.53
CA GLU A 1312 24.25 34.85 43.06
C GLU A 1312 22.76 35.08 42.79
N PRO A 1313 22.14 36.23 43.14
CA PRO A 1313 20.73 36.49 42.79
C PRO A 1313 20.47 36.34 41.28
N LEU A 1314 21.38 36.85 40.44
CA LEU A 1314 21.20 36.75 38.97
C LEU A 1314 21.14 35.27 38.56
N THR A 1315 22.08 34.46 39.08
CA THR A 1315 22.11 33.01 38.75
C THR A 1315 20.79 32.36 39.19
N ALA A 1316 20.33 32.66 40.41
CA ALA A 1316 19.10 32.04 40.94
C ALA A 1316 17.90 32.41 40.04
N ALA A 1317 17.77 33.69 39.67
CA ALA A 1317 16.66 34.13 38.80
C ALA A 1317 16.79 33.46 37.43
N MET A 1318 18.01 33.37 36.90
CA MET A 1318 18.25 32.75 35.57
C MET A 1318 17.81 31.29 35.60
N VAL A 1319 18.15 30.56 36.67
CA VAL A 1319 17.78 29.11 36.79
C VAL A 1319 16.26 29.00 37.00
N GLU A 1320 15.69 29.83 37.88
CA GLU A 1320 14.26 29.75 38.17
C GLU A 1320 13.45 29.89 36.90
N PHE A 1321 13.71 30.95 36.13
CA PHE A 1321 12.92 31.15 34.91
C PHE A 1321 13.08 29.95 33.99
N TYR A 1322 14.31 29.48 33.81
CA TYR A 1322 14.53 28.33 32.95
C TYR A 1322 13.71 27.14 33.41
N THR A 1323 13.73 26.87 34.72
CA THR A 1323 12.93 25.76 35.23
C THR A 1323 11.47 25.95 34.87
N MET A 1324 10.95 27.15 35.09
CA MET A 1324 9.56 27.42 34.70
C MET A 1324 9.40 27.26 33.20
N SER A 1325 10.36 27.79 32.42
CA SER A 1325 10.28 27.62 30.98
C SER A 1325 10.37 26.16 30.59
N GLN A 1326 11.05 25.35 31.39
CA GLN A 1326 11.08 23.92 31.11
C GLN A 1326 9.87 23.21 31.70
N GLU A 1327 9.25 23.78 32.74
CA GLU A 1327 8.06 23.17 33.31
C GLU A 1327 6.91 23.21 32.32
N ARG A 1328 6.71 24.36 31.68
CA ARG A 1328 5.74 24.50 30.61
C ARG A 1328 6.44 24.30 29.27
N PHE A 1329 5.73 24.58 28.18
CA PHE A 1329 6.27 24.50 26.82
C PHE A 1329 6.86 23.12 26.54
N THR A 1330 6.08 22.10 26.85
CA THR A 1330 6.52 20.73 26.67
C THR A 1330 6.62 20.37 25.19
N GLN A 1331 7.23 19.21 24.93
CA GLN A 1331 7.42 18.76 23.55
C GLN A 1331 6.11 18.48 22.85
N ASP A 1332 5.13 17.90 23.56
CA ASP A 1332 3.89 17.45 22.95
C ASP A 1332 2.94 18.59 22.58
N THR A 1333 3.36 19.84 22.70
CA THR A 1333 2.56 20.97 22.26
C THR A 1333 2.96 21.47 20.88
N GLN A 1334 4.24 21.71 20.66
CA GLN A 1334 4.79 22.04 19.35
C GLN A 1334 6.09 21.27 19.17
N PRO A 1335 6.43 20.90 17.93
CA PRO A 1335 7.59 20.02 17.72
C PRO A 1335 8.94 20.69 17.93
N HIS A 1336 8.99 21.94 18.38
CA HIS A 1336 10.26 22.64 18.58
C HIS A 1336 10.34 23.31 19.95
N TYR A 1337 9.60 22.81 20.93
CA TYR A 1337 9.61 23.38 22.28
C TYR A 1337 10.57 22.61 23.19
N ILE A 1338 11.85 22.72 22.86
CA ILE A 1338 12.92 22.10 23.64
C ILE A 1338 13.70 23.20 24.34
N TYR A 1339 14.15 22.93 25.56
CA TYR A 1339 14.88 23.91 26.37
C TYR A 1339 15.96 23.18 27.16
N SER A 1340 17.17 23.16 26.62
CA SER A 1340 18.33 22.53 27.22
C SER A 1340 19.22 23.57 27.87
N PRO A 1341 20.22 23.16 28.65
CA PRO A 1341 21.21 24.12 29.17
C PRO A 1341 21.95 24.89 28.08
N ARG A 1342 21.85 24.46 26.82
CA ARG A 1342 22.38 25.27 25.72
C ARG A 1342 21.75 26.66 25.72
N GLU A 1343 20.47 26.76 26.10
CA GLU A 1343 19.83 28.06 26.20
C GLU A 1343 20.50 28.91 27.28
N MET A 1344 20.83 28.30 28.42
CA MET A 1344 21.54 29.03 29.48
C MET A 1344 22.92 29.49 29.00
N THR A 1345 23.63 28.62 28.27
CA THR A 1345 24.94 29.01 27.76
C THR A 1345 24.83 30.18 26.79
N ARG A 1346 23.85 30.12 25.88
CA ARG A 1346 23.62 31.24 24.98
C ARG A 1346 23.24 32.50 25.75
N TRP A 1347 22.51 32.31 26.87
CA TRP A 1347 22.09 33.45 27.72
C TRP A 1347 23.32 34.14 28.30
N VAL A 1348 24.15 33.42 29.06
CA VAL A 1348 25.34 34.04 29.72
C VAL A 1348 26.29 34.59 28.66
N ARG A 1349 26.38 33.92 27.50
CA ARG A 1349 27.28 34.38 26.41
C ARG A 1349 26.76 35.72 25.88
N GLY A 1350 25.46 35.83 25.58
CA GLY A 1350 24.90 37.09 25.12
C GLY A 1350 25.06 38.20 26.13
N ILE A 1351 24.83 37.90 27.41
CA ILE A 1351 25.01 38.92 28.44
C ILE A 1351 26.47 39.36 28.49
N PHE A 1352 27.40 38.42 28.38
CA PHE A 1352 28.82 38.77 28.40
C PHE A 1352 29.18 39.62 27.18
N GLU A 1353 28.64 39.29 26.01
CA GLU A 1353 28.91 40.09 24.83
C GLU A 1353 28.36 41.50 24.99
N ALA A 1354 27.17 41.64 25.57
CA ALA A 1354 26.60 42.96 25.80
C ALA A 1354 27.42 43.76 26.81
N LEU A 1355 27.97 43.09 27.82
CA LEU A 1355 28.75 43.77 28.85
C LEU A 1355 30.22 43.92 28.50
N ARG A 1356 30.68 43.35 27.38
CA ARG A 1356 32.11 43.40 27.07
C ARG A 1356 32.65 44.81 26.90
N PRO A 1357 32.03 45.69 26.09
CA PRO A 1357 32.56 47.06 25.99
C PRO A 1357 31.94 48.06 26.95
N LEU A 1358 30.85 47.70 27.62
CA LEU A 1358 30.19 48.61 28.54
C LEU A 1358 30.88 48.59 29.90
N GLU A 1359 30.89 49.74 30.56
CA GLU A 1359 31.54 49.89 31.85
C GLU A 1359 30.77 50.87 32.71
N THR A 1360 30.83 50.65 34.03
CA THR A 1360 30.06 51.40 35.01
C THR A 1360 28.56 51.41 34.66
N LEU A 1361 27.98 50.21 34.68
CA LEU A 1361 26.55 50.03 34.43
C LEU A 1361 25.83 49.80 35.74
N PRO A 1362 24.74 50.52 36.01
CA PRO A 1362 23.97 50.27 37.23
C PRO A 1362 23.28 48.92 37.17
N VAL A 1363 22.72 48.51 38.32
CA VAL A 1363 22.09 47.20 38.42
C VAL A 1363 20.90 47.09 37.49
N GLU A 1364 20.14 48.19 37.32
CA GLU A 1364 18.97 48.14 36.47
C GLU A 1364 19.35 47.87 35.01
N GLY A 1365 20.50 48.39 34.57
CA GLY A 1365 20.95 48.06 33.22
C GLY A 1365 21.25 46.58 33.06
N LEU A 1366 21.88 45.98 34.06
CA LEU A 1366 22.14 44.54 34.00
C LEU A 1366 20.85 43.75 33.98
N ILE A 1367 19.86 44.14 34.79
CA ILE A 1367 18.57 43.46 34.77
C ILE A 1367 17.89 43.65 33.41
N ARG A 1368 18.03 44.82 32.81
CA ARG A 1368 17.45 45.05 31.49
C ARG A 1368 18.07 44.15 30.43
N ILE A 1369 19.40 44.03 30.46
CA ILE A 1369 20.06 43.13 29.50
C ILE A 1369 19.64 41.69 29.74
N TRP A 1370 19.55 41.28 31.00
CA TRP A 1370 19.12 39.93 31.33
C TRP A 1370 17.72 39.66 30.81
N ALA A 1371 16.80 40.61 31.01
CA ALA A 1371 15.44 40.46 30.53
C ALA A 1371 15.38 40.44 29.01
N HIS A 1372 16.18 41.27 28.36
CA HIS A 1372 16.19 41.30 26.90
C HIS A 1372 16.66 39.96 26.34
N GLU A 1373 17.73 39.40 26.92
CA GLU A 1373 18.20 38.10 26.48
C GLU A 1373 17.17 37.01 26.77
N ALA A 1374 16.50 37.07 27.91
CA ALA A 1374 15.46 36.09 28.22
C ALA A 1374 14.33 36.15 27.20
N LEU A 1375 13.91 37.36 26.83
CA LEU A 1375 12.87 37.50 25.81
C LEU A 1375 13.34 36.96 24.47
N ARG A 1376 14.58 37.30 24.08
CA ARG A 1376 15.08 36.87 22.79
C ARG A 1376 15.40 35.38 22.73
N LEU A 1377 15.46 34.70 23.89
CA LEU A 1377 15.74 33.27 23.89
C LEU A 1377 14.53 32.39 24.16
N PHE A 1378 13.60 32.83 24.99
CA PHE A 1378 12.53 31.96 25.48
C PHE A 1378 11.14 32.33 24.97
N GLN A 1379 10.99 33.38 24.18
CA GLN A 1379 9.69 33.71 23.63
C GLN A 1379 9.71 34.09 22.15
N ASP A 1380 10.87 34.03 21.50
CA ASP A 1380 10.89 34.27 20.05
C ASP A 1380 10.22 33.15 19.28
N ARG A 1381 10.30 31.92 19.78
CA ARG A 1381 9.79 30.74 19.10
C ARG A 1381 8.36 30.40 19.48
N LEU A 1382 7.76 31.13 20.41
CA LEU A 1382 6.39 30.85 20.81
C LEU A 1382 5.43 31.18 19.66
N VAL A 1383 4.37 30.38 19.55
CA VAL A 1383 3.49 30.44 18.40
C VAL A 1383 2.13 31.09 18.71
N GLU A 1384 1.79 31.28 19.98
CA GLU A 1384 0.53 31.90 20.35
C GLU A 1384 0.78 33.11 21.25
N ASP A 1385 -0.14 34.08 21.16
CA ASP A 1385 -0.01 35.30 21.94
C ASP A 1385 -0.14 35.04 23.43
N GLU A 1386 -0.98 34.07 23.83
CA GLU A 1386 -1.17 33.80 25.25
C GLU A 1386 0.13 33.33 25.91
N GLU A 1387 0.89 32.49 25.22
CA GLU A 1387 2.18 32.06 25.79
C GLU A 1387 3.20 33.20 25.78
N ARG A 1388 3.15 34.08 24.78
CA ARG A 1388 4.01 35.25 24.81
C ARG A 1388 3.73 36.10 26.06
N ARG A 1389 2.45 36.34 26.35
CA ARG A 1389 2.12 37.05 27.58
C ARG A 1389 2.59 36.28 28.79
N TRP A 1390 2.21 35.00 28.91
CA TRP A 1390 2.67 34.17 30.02
C TRP A 1390 4.16 34.37 30.28
N THR A 1391 4.96 34.34 29.23
CA THR A 1391 6.39 34.61 29.37
C THR A 1391 6.65 36.02 29.89
N ASP A 1392 5.90 37.01 29.40
CA ASP A 1392 6.13 38.39 29.83
C ASP A 1392 5.85 38.59 31.32
N GLU A 1393 4.66 38.19 31.77
CA GLU A 1393 4.36 38.30 33.20
C GLU A 1393 5.30 37.45 34.04
N ASN A 1394 5.73 36.29 33.52
CA ASN A 1394 6.57 35.44 34.35
C ASN A 1394 7.98 35.99 34.49
N ILE A 1395 8.54 36.55 33.41
CA ILE A 1395 9.84 37.20 33.55
C ILE A 1395 9.74 38.42 34.45
N ASP A 1396 8.65 39.18 34.34
CA ASP A 1396 8.48 40.34 35.21
C ASP A 1396 8.41 39.92 36.67
N THR A 1397 7.62 38.89 36.98
CA THR A 1397 7.48 38.48 38.37
C THR A 1397 8.75 37.82 38.91
N VAL A 1398 9.49 37.09 38.07
CA VAL A 1398 10.75 36.52 38.53
C VAL A 1398 11.75 37.62 38.85
N ALA A 1399 11.86 38.62 37.97
CA ALA A 1399 12.76 39.73 38.23
C ALA A 1399 12.36 40.48 39.49
N LEU A 1400 11.05 40.71 39.68
CA LEU A 1400 10.59 41.39 40.88
C LEU A 1400 10.89 40.57 42.13
N LYS A 1401 10.70 39.26 42.07
CA LYS A 1401 10.89 38.41 43.25
C LYS A 1401 12.37 38.34 43.63
N HIS A 1402 13.25 38.16 42.66
CA HIS A 1402 14.67 38.03 42.95
C HIS A 1402 15.40 39.37 43.02
N PHE A 1403 14.72 40.47 42.73
CA PHE A 1403 15.30 41.80 42.83
C PHE A 1403 14.25 42.76 43.36
N PRO A 1404 14.02 42.75 44.68
CA PRO A 1404 12.98 43.60 45.27
C PRO A 1404 13.43 45.02 45.64
N ASN A 1405 14.65 45.40 45.31
CA ASN A 1405 15.19 46.72 45.64
C ASN A 1405 15.75 47.39 44.40
N ILE A 1406 14.99 47.33 43.30
CA ILE A 1406 15.40 47.88 42.02
C ILE A 1406 14.31 48.78 41.48
N ASP A 1407 14.69 49.66 40.56
CA ASP A 1407 13.71 50.47 39.86
C ASP A 1407 12.98 49.63 38.82
N ARG A 1408 11.84 50.14 38.36
CA ARG A 1408 11.02 49.41 37.41
C ARG A 1408 11.20 49.98 36.00
N GLU A 1409 12.43 50.39 35.67
CA GLU A 1409 12.68 50.99 34.37
C GLU A 1409 12.31 50.07 33.22
N LYS A 1410 12.50 48.75 33.39
CA LYS A 1410 12.14 47.81 32.33
C LYS A 1410 10.63 47.76 32.12
N ALA A 1411 9.85 48.01 33.17
CA ALA A 1411 8.39 47.97 33.03
C ALA A 1411 7.90 49.05 32.08
N MET A 1412 8.33 50.30 32.30
CA MET A 1412 7.95 51.37 31.39
C MET A 1412 8.52 51.14 30.00
N SER A 1413 9.78 50.70 29.92
CA SER A 1413 10.41 50.39 28.64
C SER A 1413 10.12 48.95 28.23
N ARG A 1414 8.82 48.65 28.14
CA ARG A 1414 8.39 47.29 27.79
C ARG A 1414 8.95 46.80 26.46
N PRO A 1415 9.06 47.61 25.38
CA PRO A 1415 9.62 47.08 24.14
C PRO A 1415 10.99 46.42 24.30
N ILE A 1416 11.85 47.01 25.14
CA ILE A 1416 13.20 46.50 25.40
C ILE A 1416 13.92 46.23 24.08
N LEU A 1417 14.32 47.30 23.40
CA LEU A 1417 14.98 47.19 22.11
C LEU A 1417 16.44 47.60 22.24
N TYR A 1418 17.33 46.70 21.83
CA TYR A 1418 18.77 46.94 21.84
C TYR A 1418 19.29 46.93 20.41
N SER A 1419 20.11 47.91 20.07
CA SER A 1419 20.69 47.98 18.73
C SER A 1419 22.05 48.67 18.82
N ASN A 1420 22.90 48.36 17.85
CA ASN A 1420 24.23 48.96 17.74
C ASN A 1420 24.37 49.83 16.49
N TRP A 1421 23.26 50.36 15.98
CA TRP A 1421 23.30 51.22 14.81
C TRP A 1421 23.51 52.68 15.19
N LEU A 1422 22.65 53.22 16.05
CA LEU A 1422 22.77 54.61 16.47
C LEU A 1422 24.07 54.84 17.24
N SER A 1423 24.43 53.91 18.12
CA SER A 1423 25.64 54.01 18.92
C SER A 1423 26.63 52.94 18.49
N LYS A 1424 27.91 53.19 18.79
CA LYS A 1424 28.96 52.24 18.43
C LYS A 1424 28.79 50.91 19.16
N ASP A 1425 28.46 50.95 20.44
CA ASP A 1425 28.35 49.77 21.26
C ASP A 1425 26.88 49.30 21.31
N TYR A 1426 26.60 48.34 22.17
CA TYR A 1426 25.29 47.70 22.23
C TYR A 1426 24.44 48.34 23.33
N ILE A 1427 23.92 49.52 23.00
CA ILE A 1427 23.12 50.30 23.94
C ILE A 1427 21.65 50.15 23.58
N PRO A 1428 20.75 50.03 24.56
CA PRO A 1428 19.31 50.02 24.25
C PRO A 1428 18.88 51.33 23.60
N VAL A 1429 17.95 51.22 22.66
CA VAL A 1429 17.53 52.37 21.85
C VAL A 1429 16.02 52.55 21.99
N ASP A 1430 15.58 53.78 21.72
CA ASP A 1430 14.16 54.11 21.75
C ASP A 1430 13.48 53.58 20.48
N GLN A 1431 12.17 53.35 20.60
CA GLN A 1431 11.40 52.83 19.49
C GLN A 1431 11.41 53.80 18.30
N GLU A 1432 11.17 55.09 18.58
CA GLU A 1432 10.99 56.05 17.49
C GLU A 1432 12.31 56.36 16.79
N GLU A 1433 13.40 56.46 17.54
CA GLU A 1433 14.70 56.68 16.91
C GLU A 1433 15.06 55.53 15.98
N LEU A 1434 14.84 54.30 16.45
CA LEU A 1434 15.09 53.13 15.61
C LEU A 1434 14.20 53.15 14.37
N ARG A 1435 12.92 53.51 14.55
CA ARG A 1435 12.01 53.56 13.40
C ARG A 1435 12.48 54.59 12.38
N ASP A 1436 12.92 55.76 12.84
CA ASP A 1436 13.40 56.79 11.92
C ASP A 1436 14.66 56.34 11.19
N TYR A 1437 15.59 55.71 11.91
CA TYR A 1437 16.81 55.22 11.27
C TYR A 1437 16.49 54.16 10.23
N VAL A 1438 15.59 53.22 10.56
CA VAL A 1438 15.20 52.19 9.60
C VAL A 1438 14.47 52.82 8.42
N LYS A 1439 13.68 53.87 8.64
CA LYS A 1439 13.03 54.55 7.54
C LYS A 1439 14.03 55.17 6.59
N ALA A 1440 15.07 55.82 7.12
CA ALA A 1440 16.11 56.38 6.26
C ALA A 1440 16.84 55.27 5.50
N ARG A 1441 17.16 54.17 6.19
CA ARG A 1441 17.84 53.06 5.53
C ARG A 1441 16.97 52.47 4.42
N LEU A 1442 15.66 52.37 4.66
CA LEU A 1442 14.76 51.88 3.63
C LEU A 1442 14.66 52.85 2.48
N LYS A 1443 14.70 54.16 2.75
CA LYS A 1443 14.70 55.13 1.68
C LYS A 1443 15.91 54.96 0.77
N VAL A 1444 17.08 54.70 1.37
CA VAL A 1444 18.27 54.42 0.58
C VAL A 1444 18.13 53.10 -0.17
N PHE A 1445 17.64 52.07 0.53
CA PHE A 1445 17.58 50.73 -0.04
C PHE A 1445 16.60 50.64 -1.20
N TYR A 1446 15.54 51.46 -1.18
CA TYR A 1446 14.55 51.43 -2.26
C TYR A 1446 15.21 51.68 -3.61
N GLU A 1447 15.99 52.76 -3.71
CA GLU A 1447 16.73 53.02 -4.93
C GLU A 1447 17.94 52.12 -5.08
N GLU A 1448 18.48 51.59 -3.97
CA GLU A 1448 19.62 50.67 -4.08
C GLU A 1448 19.24 49.41 -4.83
N GLU A 1449 18.15 48.76 -4.42
CA GLU A 1449 17.64 47.57 -5.10
C GLU A 1449 16.27 47.23 -4.52
N LEU A 1450 15.51 46.45 -5.29
CA LEU A 1450 14.20 45.95 -4.84
C LEU A 1450 13.27 47.09 -4.47
N ASP A 1451 12.91 47.89 -5.48
CA ASP A 1451 12.08 49.08 -5.28
C ASP A 1451 10.63 48.66 -5.03
N VAL A 1452 10.40 48.10 -3.85
CA VAL A 1452 9.06 47.74 -3.40
C VAL A 1452 8.83 48.37 -2.04
N PRO A 1453 7.77 49.16 -1.86
CA PRO A 1453 7.58 49.86 -0.59
C PRO A 1453 7.27 48.91 0.56
N LEU A 1454 7.66 49.32 1.76
CA LEU A 1454 7.34 48.62 2.99
C LEU A 1454 6.82 49.61 4.02
N VAL A 1455 5.97 49.12 4.93
CA VAL A 1455 5.47 49.92 6.04
C VAL A 1455 6.18 49.46 7.31
N LEU A 1456 6.53 50.41 8.17
CA LEU A 1456 7.31 50.12 9.38
C LEU A 1456 6.38 50.06 10.59
N PHE A 1457 5.76 48.91 10.78
CA PHE A 1457 5.07 48.63 12.02
C PHE A 1457 5.98 47.87 12.98
N ASN A 1458 5.60 47.90 14.26
CA ASN A 1458 6.53 47.54 15.33
C ASN A 1458 7.08 46.13 15.18
N GLU A 1459 6.26 45.18 14.72
CA GLU A 1459 6.75 43.82 14.57
C GLU A 1459 7.87 43.74 13.54
N VAL A 1460 7.81 44.56 12.50
CA VAL A 1460 8.90 44.61 11.52
C VAL A 1460 10.20 45.07 12.19
N LEU A 1461 10.12 46.10 13.03
CA LEU A 1461 11.31 46.58 13.71
C LEU A 1461 11.87 45.50 14.64
N ASP A 1462 11.00 44.82 15.39
CA ASP A 1462 11.46 43.77 16.28
C ASP A 1462 12.14 42.65 15.50
N HIS A 1463 11.54 42.23 14.38
CA HIS A 1463 12.11 41.16 13.59
C HIS A 1463 13.43 41.57 12.96
N VAL A 1464 13.53 42.83 12.50
CA VAL A 1464 14.78 43.32 11.94
C VAL A 1464 15.87 43.31 12.98
N LEU A 1465 15.55 43.76 14.20
CA LEU A 1465 16.54 43.72 15.28
C LEU A 1465 16.97 42.29 15.57
N ARG A 1466 16.03 41.35 15.61
CA ARG A 1466 16.37 39.96 15.90
C ARG A 1466 17.28 39.38 14.84
N ILE A 1467 16.95 39.62 13.55
CA ILE A 1467 17.74 39.04 12.48
C ILE A 1467 19.13 39.67 12.43
N ASP A 1468 19.22 40.99 12.69
CA ASP A 1468 20.53 41.62 12.76
C ASP A 1468 21.36 41.02 13.89
N ARG A 1469 20.73 40.82 15.06
CA ARG A 1469 21.45 40.24 16.20
C ARG A 1469 21.97 38.84 15.85
N ILE A 1470 21.15 38.04 15.17
CA ILE A 1470 21.61 36.70 14.78
C ILE A 1470 22.74 36.80 13.76
N PHE A 1471 22.62 37.74 12.81
CA PHE A 1471 23.63 37.89 11.76
C PHE A 1471 24.96 38.38 12.30
N ARG A 1472 24.97 39.07 13.45
CA ARG A 1472 26.23 39.59 13.98
C ARG A 1472 27.20 38.46 14.31
N GLN A 1473 26.74 37.44 15.03
CA GLN A 1473 27.64 36.38 15.46
C GLN A 1473 28.11 35.55 14.26
N PRO A 1474 29.35 35.06 14.29
CA PRO A 1474 29.87 34.33 13.12
C PRO A 1474 29.50 32.86 13.11
N GLN A 1475 28.26 32.56 13.51
CA GLN A 1475 27.69 31.23 13.32
C GLN A 1475 26.22 31.31 12.95
N GLY A 1476 25.67 32.51 12.78
CA GLY A 1476 24.24 32.71 12.66
C GLY A 1476 23.56 31.96 11.53
N HIS A 1477 22.80 30.94 11.89
CA HIS A 1477 21.93 30.23 10.96
C HIS A 1477 20.49 30.45 11.42
N LEU A 1478 19.67 30.98 10.54
CA LEU A 1478 18.34 31.45 10.91
C LEU A 1478 17.27 30.55 10.29
N LEU A 1479 16.19 30.34 11.02
CA LEU A 1479 15.03 29.57 10.56
C LEU A 1479 13.79 30.40 10.83
N LEU A 1480 13.38 31.17 9.83
CA LEU A 1480 12.17 31.99 9.92
C LEU A 1480 10.99 31.14 9.47
N ILE A 1481 10.04 30.95 10.38
CA ILE A 1481 8.87 30.12 10.14
C ILE A 1481 7.61 30.97 10.35
N GLY A 1482 6.70 30.90 9.40
CA GLY A 1482 5.50 31.73 9.46
C GLY A 1482 4.74 31.64 8.16
N VAL A 1483 3.60 32.33 8.14
CA VAL A 1483 2.73 32.31 6.97
C VAL A 1483 3.46 32.92 5.77
N SER A 1484 3.29 32.30 4.61
CA SER A 1484 3.97 32.73 3.40
C SER A 1484 3.45 34.10 2.97
N GLY A 1485 4.34 35.08 2.90
CA GLY A 1485 3.97 36.44 2.52
C GLY A 1485 4.00 37.44 3.66
N ALA A 1486 4.32 37.04 4.88
CA ALA A 1486 4.35 37.96 6.00
C ALA A 1486 5.60 38.83 6.05
N GLY A 1487 6.60 38.53 5.21
CA GLY A 1487 7.79 39.36 5.16
C GLY A 1487 9.06 38.70 5.65
N LYS A 1488 9.22 37.40 5.39
CA LYS A 1488 10.44 36.71 5.76
C LYS A 1488 11.58 37.05 4.81
N THR A 1489 11.40 36.74 3.53
CA THR A 1489 12.46 36.96 2.55
C THR A 1489 12.77 38.44 2.40
N THR A 1490 11.74 39.29 2.40
CA THR A 1490 11.97 40.72 2.20
C THR A 1490 12.81 41.31 3.33
N LEU A 1491 12.41 41.06 4.59
CA LEU A 1491 13.16 41.58 5.72
C LEU A 1491 14.55 40.96 5.78
N SER A 1492 14.67 39.67 5.48
CA SER A 1492 15.97 39.03 5.49
C SER A 1492 16.91 39.67 4.48
N ARG A 1493 16.43 39.90 3.26
CA ARG A 1493 17.25 40.55 2.24
C ARG A 1493 17.62 41.97 2.67
N PHE A 1494 16.66 42.70 3.22
CA PHE A 1494 16.94 44.07 3.65
C PHE A 1494 18.04 44.10 4.70
N VAL A 1495 17.91 43.28 5.74
CA VAL A 1495 18.91 43.30 6.80
C VAL A 1495 20.24 42.72 6.32
N ALA A 1496 20.21 41.79 5.37
CA ALA A 1496 21.45 41.25 4.84
C ALA A 1496 22.22 42.29 4.05
N TRP A 1497 21.52 43.05 3.22
CA TRP A 1497 22.17 44.16 2.50
C TRP A 1497 22.66 45.22 3.47
N MET A 1498 21.86 45.53 4.49
CA MET A 1498 22.23 46.59 5.43
C MET A 1498 23.36 46.15 6.36
N ASN A 1499 23.61 44.84 6.44
CA ASN A 1499 24.77 44.32 7.15
C ASN A 1499 25.98 44.12 6.23
N GLY A 1500 25.82 44.30 4.93
CA GLY A 1500 26.90 44.09 4.00
C GLY A 1500 27.14 42.62 3.68
N LEU A 1501 26.06 41.92 3.32
CA LEU A 1501 26.13 40.50 2.98
C LEU A 1501 25.50 40.30 1.62
N SER A 1502 26.21 39.63 0.71
CA SER A 1502 25.67 39.35 -0.61
C SER A 1502 24.67 38.21 -0.52
N VAL A 1503 23.42 38.49 -0.90
CA VAL A 1503 22.36 37.51 -0.79
C VAL A 1503 22.46 36.52 -1.94
N TYR A 1504 22.46 35.23 -1.60
CA TYR A 1504 22.47 34.16 -2.58
C TYR A 1504 21.16 33.37 -2.50
N GLN A 1505 20.66 32.96 -3.66
CA GLN A 1505 19.40 32.25 -3.73
C GLN A 1505 19.52 31.10 -4.72
N ILE A 1506 18.66 30.10 -4.56
CA ILE A 1506 18.59 28.95 -5.45
C ILE A 1506 17.31 29.05 -6.26
N LYS A 1507 17.44 29.22 -7.57
CA LYS A 1507 16.30 29.26 -8.48
C LYS A 1507 16.02 27.83 -8.92
N VAL A 1508 15.19 27.13 -8.15
CA VAL A 1508 14.99 25.70 -8.33
C VAL A 1508 13.78 25.47 -9.22
N HIS A 1509 13.91 24.55 -10.17
CA HIS A 1509 12.82 24.06 -10.99
C HIS A 1509 12.66 22.56 -10.77
N ARG A 1510 11.71 21.96 -11.49
CA ARG A 1510 11.40 20.55 -11.29
C ARG A 1510 12.49 19.62 -11.80
N LYS A 1511 13.49 20.13 -12.53
CA LYS A 1511 14.55 19.31 -13.09
C LYS A 1511 15.82 19.34 -12.24
N TYR A 1512 15.78 19.97 -11.07
CA TYR A 1512 16.94 19.95 -10.18
C TYR A 1512 17.20 18.55 -9.64
N THR A 1513 18.48 18.22 -9.52
CA THR A 1513 18.90 16.94 -8.95
C THR A 1513 19.84 17.19 -7.79
N GLY A 1514 20.39 16.11 -7.21
CA GLY A 1514 21.36 16.27 -6.14
C GLY A 1514 22.63 16.97 -6.62
N GLU A 1515 23.08 16.62 -7.82
CA GLU A 1515 24.34 17.18 -8.33
C GLU A 1515 24.23 18.67 -8.60
N ASP A 1516 23.07 19.15 -9.06
CA ASP A 1516 22.90 20.59 -9.25
C ASP A 1516 23.01 21.33 -7.93
N PHE A 1517 22.40 20.78 -6.87
CA PHE A 1517 22.52 21.38 -5.56
C PHE A 1517 23.96 21.32 -5.06
N ASP A 1518 24.68 20.23 -5.35
CA ASP A 1518 26.08 20.14 -4.98
C ASP A 1518 26.90 21.22 -5.70
N GLU A 1519 26.60 21.47 -6.97
CA GLU A 1519 27.30 22.52 -7.71
C GLU A 1519 27.00 23.89 -7.12
N ASP A 1520 25.74 24.14 -6.76
CA ASP A 1520 25.38 25.41 -6.14
C ASP A 1520 26.10 25.59 -4.80
N LEU A 1521 26.17 24.51 -4.01
CA LEU A 1521 26.90 24.57 -2.74
C LEU A 1521 28.38 24.80 -2.97
N ARG A 1522 28.95 24.18 -4.01
CA ARG A 1522 30.34 24.43 -4.34
C ARG A 1522 30.56 25.91 -4.68
N THR A 1523 29.64 26.49 -5.45
CA THR A 1523 29.74 27.90 -5.80
C THR A 1523 29.68 28.78 -4.55
N VAL A 1524 28.73 28.50 -3.67
CA VAL A 1524 28.56 29.34 -2.49
C VAL A 1524 29.75 29.19 -1.54
N LEU A 1525 30.30 27.97 -1.43
CA LEU A 1525 31.48 27.77 -0.60
C LEU A 1525 32.70 28.47 -1.17
N ARG A 1526 32.86 28.42 -2.50
CA ARG A 1526 33.95 29.14 -3.14
C ARG A 1526 33.82 30.65 -2.92
N ARG A 1527 32.60 31.17 -3.00
CA ARG A 1527 32.39 32.59 -2.75
C ARG A 1527 32.60 32.95 -1.29
N SER A 1528 32.34 32.02 -0.38
CA SER A 1528 32.47 32.30 1.05
C SER A 1528 33.90 32.11 1.55
N GLY A 1529 34.45 30.92 1.36
CA GLY A 1529 35.82 30.65 1.77
C GLY A 1529 36.82 31.48 1.00
N CYS A 1530 36.95 31.19 -0.29
CA CYS A 1530 37.78 32.02 -1.16
C CYS A 1530 37.14 33.39 -1.35
N LYS A 1531 37.98 34.39 -1.59
CA LYS A 1531 37.62 35.78 -1.85
C LYS A 1531 37.08 36.49 -0.61
N ASN A 1532 36.91 35.79 0.52
CA ASN A 1532 36.50 36.40 1.78
C ASN A 1532 35.24 37.25 1.62
N GLU A 1533 34.22 36.67 0.99
CA GLU A 1533 32.95 37.33 0.75
C GLU A 1533 31.89 36.71 1.63
N LYS A 1534 31.27 37.53 2.49
CA LYS A 1534 30.19 37.06 3.34
C LYS A 1534 28.93 36.82 2.51
N ILE A 1535 28.24 35.72 2.79
CA ILE A 1535 27.10 35.30 2.00
C ILE A 1535 25.93 34.96 2.92
N ALA A 1536 24.74 35.44 2.56
CA ALA A 1536 23.50 35.10 3.24
C ALA A 1536 22.73 34.16 2.30
N PHE A 1537 23.01 32.86 2.43
CA PHE A 1537 22.38 31.82 1.61
C PHE A 1537 20.98 31.59 2.14
N ILE A 1538 20.00 32.23 1.49
CA ILE A 1538 18.60 32.14 1.89
C ILE A 1538 17.85 31.20 0.96
N MET A 1539 17.06 30.31 1.55
CA MET A 1539 16.29 29.35 0.78
C MET A 1539 14.96 29.08 1.47
N ASP A 1540 13.96 28.70 0.66
CA ASP A 1540 12.62 28.42 1.14
C ASP A 1540 12.40 26.92 1.24
N GLU A 1541 11.31 26.54 1.92
CA GLU A 1541 10.89 25.14 1.88
C GLU A 1541 10.48 24.73 0.47
N SER A 1542 9.97 25.69 -0.32
CA SER A 1542 9.72 25.43 -1.73
C SER A 1542 11.02 25.19 -2.50
N ASN A 1543 12.15 25.65 -1.98
CA ASN A 1543 13.46 25.36 -2.55
C ASN A 1543 13.99 24.01 -2.12
N VAL A 1544 13.12 23.14 -1.60
CA VAL A 1544 13.49 21.80 -1.15
C VAL A 1544 12.64 20.81 -1.94
N LEU A 1545 13.31 19.84 -2.57
CA LEU A 1545 12.63 18.80 -3.33
C LEU A 1545 13.05 17.38 -2.97
N ASP A 1546 14.26 17.18 -2.46
CA ASP A 1546 14.74 15.85 -2.12
C ASP A 1546 15.42 15.90 -0.76
N SER A 1547 15.47 14.74 -0.10
CA SER A 1547 16.11 14.64 1.21
C SER A 1547 17.61 14.87 1.13
N GLY A 1548 18.22 14.73 -0.06
CA GLY A 1548 19.63 15.02 -0.19
C GLY A 1548 19.95 16.48 0.10
N PHE A 1549 19.03 17.38 -0.24
CA PHE A 1549 19.22 18.79 0.10
C PHE A 1549 19.38 18.97 1.60
N LEU A 1550 18.48 18.35 2.37
CA LEU A 1550 18.56 18.47 3.82
C LEU A 1550 19.75 17.71 4.40
N GLU A 1551 20.17 16.63 3.75
CA GLU A 1551 21.38 15.93 4.20
C GLU A 1551 22.60 16.84 4.03
N ARG A 1552 22.71 17.50 2.89
CA ARG A 1552 23.81 18.44 2.67
C ARG A 1552 23.73 19.61 3.65
N MET A 1553 22.52 20.10 3.91
CA MET A 1553 22.36 21.17 4.89
C MET A 1553 22.78 20.72 6.28
N ASN A 1554 22.46 19.47 6.64
CA ASN A 1554 22.87 18.95 7.94
C ASN A 1554 24.38 18.87 8.02
N THR A 1555 25.04 18.42 6.95
CA THR A 1555 26.49 18.35 6.95
C THR A 1555 27.15 19.74 6.96
N LEU A 1556 26.50 20.74 6.38
CA LEU A 1556 27.07 22.07 6.27
C LEU A 1556 26.85 22.93 7.51
N LEU A 1557 25.63 22.95 8.05
CA LEU A 1557 25.31 23.80 9.18
C LEU A 1557 26.12 23.42 10.41
N ALA A 1558 26.49 22.16 10.55
CA ALA A 1558 27.26 21.67 11.67
C ALA A 1558 28.66 21.31 11.21
N ASN A 1559 29.66 21.74 11.99
CA ASN A 1559 31.06 21.44 11.73
C ASN A 1559 31.53 21.97 10.38
N GLY A 1560 30.91 23.04 9.91
CA GLY A 1560 31.40 23.74 8.73
C GLY A 1560 31.37 22.95 7.44
N GLU A 1561 32.56 22.53 6.99
CA GLU A 1561 32.74 21.95 5.66
C GLU A 1561 31.81 20.77 5.43
N VAL A 1562 31.54 20.51 4.15
CA VAL A 1562 30.72 19.38 3.71
C VAL A 1562 31.66 18.28 3.25
N PRO A 1563 31.73 17.14 3.95
CA PRO A 1563 32.63 16.07 3.50
C PRO A 1563 32.11 15.41 2.23
N GLY A 1564 33.02 15.14 1.31
CA GLY A 1564 32.68 14.48 0.07
C GLY A 1564 32.02 15.35 -0.97
N LEU A 1565 31.89 16.65 -0.72
CA LEU A 1565 31.28 17.54 -1.71
C LEU A 1565 32.16 17.73 -2.93
N PHE A 1566 33.48 17.68 -2.76
CA PHE A 1566 34.43 17.99 -3.80
C PHE A 1566 35.15 16.72 -4.25
N GLU A 1567 35.16 16.48 -5.56
CA GLU A 1567 35.91 15.37 -6.13
C GLU A 1567 37.37 15.78 -6.33
N GLY A 1568 38.16 14.85 -6.89
CA GLY A 1568 39.60 15.09 -7.00
C GLY A 1568 39.94 16.30 -7.84
N ASP A 1569 39.32 16.41 -9.03
CA ASP A 1569 39.51 17.60 -9.84
C ASP A 1569 38.99 18.84 -9.12
N GLU A 1570 37.80 18.73 -8.52
CA GLU A 1570 37.27 19.82 -7.71
C GLU A 1570 38.15 20.09 -6.50
N TYR A 1571 38.76 19.04 -5.93
CA TYR A 1571 39.69 19.25 -4.82
C TYR A 1571 40.88 20.09 -5.25
N ALA A 1572 41.47 19.77 -6.40
CA ALA A 1572 42.61 20.54 -6.90
C ALA A 1572 42.21 21.97 -7.21
N THR A 1573 41.04 22.16 -7.85
CA THR A 1573 40.59 23.51 -8.15
C THR A 1573 40.40 24.32 -6.88
N LEU A 1574 39.69 23.75 -5.90
CA LEU A 1574 39.45 24.48 -4.65
C LEU A 1574 40.76 24.80 -3.96
N MET A 1575 41.74 23.89 -4.02
CA MET A 1575 43.03 24.18 -3.42
C MET A 1575 43.70 25.35 -4.12
N THR A 1576 43.59 25.42 -5.44
CA THR A 1576 44.15 26.57 -6.16
C THR A 1576 43.49 27.87 -5.71
N GLN A 1577 42.15 27.91 -5.70
CA GLN A 1577 41.50 29.16 -5.31
C GLN A 1577 41.79 29.53 -3.86
N CYS A 1578 41.83 28.54 -2.97
CA CYS A 1578 42.04 28.85 -1.56
C CYS A 1578 43.47 29.27 -1.28
N LYS A 1579 44.45 28.70 -2.00
CA LYS A 1579 45.81 29.19 -1.85
C LYS A 1579 45.95 30.60 -2.42
N GLU A 1580 45.25 30.89 -3.51
CA GLU A 1580 45.24 32.27 -4.02
C GLU A 1580 44.66 33.22 -2.98
N GLY A 1581 43.56 32.82 -2.33
CA GLY A 1581 42.98 33.66 -1.29
C GLY A 1581 43.88 33.79 -0.07
N ALA A 1582 44.58 32.72 0.31
CA ALA A 1582 45.47 32.76 1.45
C ALA A 1582 46.63 33.73 1.19
N GLN A 1583 47.22 33.67 0.00
CA GLN A 1583 48.26 34.63 -0.33
C GLN A 1583 47.69 36.04 -0.52
N LYS A 1584 46.41 36.14 -0.87
CA LYS A 1584 45.75 37.44 -0.87
C LYS A 1584 45.68 38.03 0.53
N GLU A 1585 45.34 37.20 1.52
CA GLU A 1585 45.32 37.65 2.91
C GLU A 1585 46.74 37.82 3.44
N GLY A 1586 47.62 36.86 3.14
CA GLY A 1586 49.00 36.95 3.57
C GLY A 1586 49.51 35.70 4.26
N LEU A 1587 48.62 34.76 4.57
CA LEU A 1587 49.03 33.54 5.25
C LEU A 1587 49.90 32.67 4.34
N MET A 1588 50.78 31.89 4.97
CA MET A 1588 51.72 31.05 4.25
C MET A 1588 51.03 29.80 3.69
N LEU A 1589 51.67 29.20 2.69
CA LEU A 1589 51.23 27.95 2.09
C LEU A 1589 52.15 26.85 2.59
N ASP A 1590 51.61 25.95 3.41
CA ASP A 1590 52.38 24.88 4.02
C ASP A 1590 52.01 23.50 3.47
N SER A 1591 50.74 23.12 3.55
CA SER A 1591 50.31 21.81 3.12
C SER A 1591 48.82 21.86 2.83
N HIS A 1592 48.29 20.76 2.29
CA HIS A 1592 46.88 20.71 1.94
C HIS A 1592 45.99 20.85 3.16
N GLU A 1593 46.40 20.23 4.28
CA GLU A 1593 45.55 20.18 5.46
C GLU A 1593 45.30 21.57 6.03
N GLU A 1594 46.34 22.41 6.10
CA GLU A 1594 46.14 23.72 6.73
C GLU A 1594 45.43 24.69 5.79
N LEU A 1595 45.61 24.56 4.48
CA LEU A 1595 44.75 25.29 3.56
C LEU A 1595 43.29 24.88 3.74
N TYR A 1596 43.03 23.58 3.91
CA TYR A 1596 41.66 23.11 4.12
C TYR A 1596 41.09 23.66 5.41
N LYS A 1597 41.88 23.67 6.49
CA LYS A 1597 41.37 24.18 7.76
C LYS A 1597 41.14 25.69 7.71
N TRP A 1598 41.99 26.43 6.98
CA TRP A 1598 41.73 27.85 6.78
C TRP A 1598 40.44 28.06 6.00
N PHE A 1599 40.21 27.24 4.97
CA PHE A 1599 38.97 27.32 4.21
C PHE A 1599 37.77 27.07 5.09
N THR A 1600 37.85 26.04 5.95
CA THR A 1600 36.74 25.73 6.85
C THR A 1600 36.49 26.87 7.83
N SER A 1601 37.56 27.45 8.38
CA SER A 1601 37.39 28.58 9.30
C SER A 1601 36.76 29.77 8.60
N GLN A 1602 37.20 30.05 7.37
CA GLN A 1602 36.61 31.15 6.61
C GLN A 1602 35.13 30.91 6.31
N VAL A 1603 34.77 29.67 5.98
CA VAL A 1603 33.37 29.34 5.75
C VAL A 1603 32.57 29.54 7.04
N ILE A 1604 33.13 29.12 8.17
CA ILE A 1604 32.44 29.32 9.45
C ILE A 1604 32.21 30.80 9.71
N ARG A 1605 33.24 31.61 9.49
CA ARG A 1605 33.15 33.04 9.79
C ARG A 1605 32.37 33.82 8.75
N ASN A 1606 32.32 33.37 7.49
CA ASN A 1606 31.74 34.18 6.43
C ASN A 1606 30.62 33.46 5.69
N LEU A 1607 29.67 32.89 6.41
CA LEU A 1607 28.51 32.26 5.80
C LEU A 1607 27.36 32.24 6.80
N HIS A 1608 26.16 32.54 6.30
CA HIS A 1608 24.95 32.49 7.13
C HIS A 1608 23.83 31.89 6.30
N VAL A 1609 23.25 30.79 6.78
CA VAL A 1609 22.20 30.07 6.07
C VAL A 1609 20.86 30.42 6.69
N VAL A 1610 19.92 30.86 5.85
CA VAL A 1610 18.59 31.24 6.29
C VAL A 1610 17.58 30.32 5.60
N PHE A 1611 16.70 29.74 6.40
CA PHE A 1611 15.58 28.92 5.90
C PHE A 1611 14.29 29.67 6.15
N THR A 1612 13.38 29.62 5.18
CA THR A 1612 12.05 30.19 5.35
C THR A 1612 11.02 29.06 5.17
N MET A 1613 10.16 28.90 6.16
CA MET A 1613 9.23 27.77 6.17
C MET A 1613 7.83 28.24 6.55
N ASN A 1614 6.84 27.46 6.09
CA ASN A 1614 5.44 27.67 6.43
C ASN A 1614 5.17 27.21 7.86
N PRO A 1615 4.03 27.66 8.45
CA PRO A 1615 3.74 27.31 9.86
C PRO A 1615 3.80 25.82 10.17
N SER A 1616 3.86 25.50 11.46
CA SER A 1616 4.15 24.15 11.89
C SER A 1616 3.08 23.16 11.44
N SER A 1617 3.54 21.99 11.01
CA SER A 1617 2.68 20.86 10.68
C SER A 1617 3.50 19.59 10.90
N GLU A 1618 3.03 18.47 10.36
CA GLU A 1618 3.86 17.27 10.35
C GLU A 1618 5.11 17.46 9.49
N GLY A 1619 5.09 18.44 8.58
CA GLY A 1619 6.28 18.74 7.81
C GLY A 1619 7.44 19.19 8.67
N LEU A 1620 7.15 19.98 9.71
CA LEU A 1620 8.21 20.40 10.63
C LEU A 1620 8.80 19.19 11.36
N LYS A 1621 7.95 18.26 11.79
CA LYS A 1621 8.45 17.04 12.44
C LYS A 1621 9.31 16.23 11.48
N ASP A 1622 8.87 16.09 10.22
CA ASP A 1622 9.66 15.35 9.25
C ASP A 1622 11.00 16.03 8.99
N ARG A 1623 10.99 17.36 8.88
CA ARG A 1623 12.23 18.11 8.64
C ARG A 1623 13.20 17.96 9.80
N ALA A 1624 12.68 18.00 11.03
CA ALA A 1624 13.53 17.76 12.19
C ALA A 1624 14.08 16.35 12.18
N ALA A 1625 13.26 15.37 11.78
CA ALA A 1625 13.69 13.98 11.77
C ALA A 1625 14.82 13.76 10.75
N THR A 1626 14.64 14.26 9.53
CA THR A 1626 15.66 14.01 8.50
C THR A 1626 16.94 14.80 8.77
N SER A 1627 16.83 15.91 9.49
CA SER A 1627 18.00 16.73 9.81
C SER A 1627 17.79 17.49 11.10
N PRO A 1628 18.40 17.06 12.21
CA PRO A 1628 18.23 17.79 13.47
C PRO A 1628 19.07 19.05 13.58
N ALA A 1629 19.95 19.31 12.62
CA ALA A 1629 20.82 20.48 12.70
C ALA A 1629 20.01 21.78 12.73
N LEU A 1630 18.94 21.85 11.95
CA LEU A 1630 18.10 23.04 11.94
C LEU A 1630 17.30 23.21 13.23
N PHE A 1631 17.41 22.28 14.18
CA PHE A 1631 16.90 22.49 15.53
C PHE A 1631 18.01 22.69 16.55
N ASN A 1632 19.27 22.48 16.18
CA ASN A 1632 20.39 22.70 17.08
C ASN A 1632 21.30 23.83 16.60
N ARG A 1633 21.80 23.73 15.36
CA ARG A 1633 22.67 24.78 14.83
C ARG A 1633 21.90 26.03 14.46
N CYS A 1634 20.70 25.88 13.91
CA CYS A 1634 19.90 27.01 13.48
C CYS A 1634 19.00 27.49 14.61
N VAL A 1635 19.03 28.79 14.88
CA VAL A 1635 18.14 29.38 15.87
C VAL A 1635 16.77 29.58 15.24
N LEU A 1636 15.73 29.12 15.92
CA LEU A 1636 14.37 29.17 15.40
C LEU A 1636 13.71 30.46 15.88
N ASN A 1637 13.37 31.33 14.94
CA ASN A 1637 12.70 32.59 15.24
C ASN A 1637 11.33 32.54 14.58
N TRP A 1638 10.29 32.32 15.39
CA TRP A 1638 8.94 32.35 14.88
C TRP A 1638 8.60 33.74 14.35
N PHE A 1639 7.92 33.77 13.20
CA PHE A 1639 7.60 35.01 12.51
C PHE A 1639 6.11 34.93 12.18
N GLY A 1640 5.29 35.41 13.11
CA GLY A 1640 3.87 35.14 13.05
C GLY A 1640 3.15 35.94 11.99
N ASP A 1641 1.87 35.61 11.83
CA ASP A 1641 1.02 36.32 10.89
C ASP A 1641 0.74 37.75 11.38
N TRP A 1642 0.38 38.62 10.44
CA TRP A 1642 0.14 40.01 10.77
C TRP A 1642 -0.98 40.16 11.78
N SER A 1643 -0.78 41.05 12.75
CA SER A 1643 -1.78 41.33 13.76
C SER A 1643 -2.74 42.41 13.24
N THR A 1644 -3.74 42.74 14.06
CA THR A 1644 -4.75 43.71 13.63
C THR A 1644 -4.14 45.11 13.46
N GLU A 1645 -3.23 45.50 14.35
CA GLU A 1645 -2.64 46.84 14.24
C GLU A 1645 -1.72 46.95 13.04
N ALA A 1646 -0.99 45.86 12.72
CA ALA A 1646 -0.18 45.87 11.52
C ALA A 1646 -1.03 46.02 10.27
N LEU A 1647 -2.16 45.30 10.23
CA LEU A 1647 -3.08 45.44 9.11
C LEU A 1647 -3.61 46.86 9.00
N TYR A 1648 -4.00 47.45 10.14
CA TYR A 1648 -4.50 48.82 10.11
C TYR A 1648 -3.43 49.79 9.63
N GLN A 1649 -2.20 49.62 10.08
CA GLN A 1649 -1.13 50.54 9.68
C GLN A 1649 -0.83 50.42 8.20
N VAL A 1650 -0.74 49.19 7.67
CA VAL A 1650 -0.44 49.04 6.26
C VAL A 1650 -1.59 49.54 5.40
N GLY A 1651 -2.83 49.31 5.82
CA GLY A 1651 -3.97 49.86 5.10
C GLY A 1651 -3.97 51.37 5.10
N LYS A 1652 -3.66 51.97 6.26
CA LYS A 1652 -3.60 53.42 6.36
C LYS A 1652 -2.52 53.99 5.45
N GLU A 1653 -1.37 53.33 5.39
CA GLU A 1653 -0.25 53.87 4.61
C GLU A 1653 -0.49 53.71 3.11
N PHE A 1654 -0.98 52.55 2.67
CA PHE A 1654 -1.16 52.34 1.23
C PHE A 1654 -2.38 53.06 0.69
N THR A 1655 -3.39 53.32 1.52
CA THR A 1655 -4.57 54.06 1.10
C THR A 1655 -4.42 55.56 1.35
N SER A 1656 -3.19 56.02 1.61
CA SER A 1656 -2.97 57.45 1.79
C SER A 1656 -3.23 58.22 0.51
N LYS A 1657 -2.79 57.69 -0.63
CA LYS A 1657 -2.98 58.35 -1.93
C LYS A 1657 -4.29 57.88 -2.56
N MET A 1658 -5.39 58.14 -1.85
CA MET A 1658 -6.71 57.75 -2.30
C MET A 1658 -7.73 58.87 -2.24
N ASP A 1659 -7.32 60.10 -1.93
CA ASP A 1659 -8.14 61.33 -1.96
C ASP A 1659 -9.59 61.06 -1.55
N LEU A 1660 -9.73 60.39 -0.42
CA LEU A 1660 -11.05 59.97 0.06
C LEU A 1660 -11.90 61.18 0.43
N GLU A 1661 -13.21 60.97 0.42
CA GLU A 1661 -14.17 62.07 0.53
C GLU A 1661 -13.95 62.89 1.80
N LYS A 1662 -13.85 62.22 2.94
CA LYS A 1662 -13.83 62.86 4.25
C LYS A 1662 -14.97 63.88 4.39
N PRO A 1663 -16.23 63.45 4.23
CA PRO A 1663 -17.36 64.38 4.36
C PRO A 1663 -17.71 64.59 5.83
N ASN A 1664 -18.84 65.28 6.08
CA ASN A 1664 -19.35 65.44 7.44
C ASN A 1664 -19.30 64.12 8.20
N TYR A 1665 -19.85 63.06 7.61
CA TYR A 1665 -19.66 61.69 8.08
C TYR A 1665 -19.98 61.51 9.56
N ILE A 1666 -21.27 61.55 9.91
CA ILE A 1666 -21.69 61.11 11.24
C ILE A 1666 -21.03 59.76 11.54
N VAL A 1667 -20.59 59.59 12.79
CA VAL A 1667 -19.76 58.45 13.16
C VAL A 1667 -20.48 57.68 14.28
N PRO A 1668 -21.47 56.84 13.96
CA PRO A 1668 -21.93 55.85 14.93
C PRO A 1668 -21.18 54.53 14.77
N ASP A 1669 -19.84 54.59 14.83
CA ASP A 1669 -19.01 53.45 14.48
C ASP A 1669 -19.25 52.28 15.43
N TYR A 1670 -18.87 52.45 16.69
CA TYR A 1670 -19.03 51.42 17.74
C TYR A 1670 -18.30 50.13 17.40
N MET A 1671 -17.35 50.16 16.47
CA MET A 1671 -16.63 48.97 16.04
C MET A 1671 -15.24 48.94 16.63
N PRO A 1672 -14.97 48.12 17.64
CA PRO A 1672 -13.62 48.05 18.21
C PRO A 1672 -12.74 47.03 17.51
N VAL A 1673 -12.65 47.10 16.18
CA VAL A 1673 -11.79 46.18 15.45
C VAL A 1673 -10.33 46.43 15.81
N VAL A 1674 -9.94 47.69 15.88
CA VAL A 1674 -8.62 48.10 16.34
C VAL A 1674 -8.79 48.97 17.57
N TYR A 1675 -8.04 48.65 18.64
CA TYR A 1675 -8.16 49.39 19.89
C TYR A 1675 -7.41 50.72 19.85
N ASP A 1676 -6.47 50.90 18.93
CA ASP A 1676 -5.75 52.14 18.77
C ASP A 1676 -6.49 53.13 17.88
N LYS A 1677 -7.79 52.95 17.70
CA LYS A 1677 -8.60 53.90 16.97
C LYS A 1677 -8.68 55.21 17.75
N LEU A 1678 -8.91 56.30 17.03
CA LEU A 1678 -8.99 57.61 17.67
C LEU A 1678 -10.21 57.67 18.59
N PRO A 1679 -10.02 58.04 19.86
CA PRO A 1679 -11.19 58.21 20.75
C PRO A 1679 -12.18 59.24 20.21
N GLN A 1680 -11.68 60.33 19.65
CA GLN A 1680 -12.52 61.24 18.90
C GLN A 1680 -13.04 60.52 17.65
N PRO A 1681 -14.22 60.88 17.15
CA PRO A 1681 -14.87 60.04 16.15
C PRO A 1681 -14.06 59.99 14.87
N PRO A 1682 -13.67 58.79 14.43
CA PRO A 1682 -12.74 58.67 13.31
C PRO A 1682 -13.30 59.23 12.02
N SER A 1683 -12.41 59.72 11.17
CA SER A 1683 -12.81 60.28 9.88
C SER A 1683 -13.19 59.16 8.91
N HIS A 1684 -13.58 59.58 7.71
CA HIS A 1684 -14.00 58.62 6.68
C HIS A 1684 -12.85 57.70 6.28
N ARG A 1685 -11.66 58.26 6.10
CA ARG A 1685 -10.49 57.47 5.71
C ARG A 1685 -10.20 56.36 6.72
N GLU A 1686 -10.13 56.73 8.00
CA GLU A 1686 -9.82 55.76 9.03
C GLU A 1686 -10.91 54.72 9.17
N ALA A 1687 -12.17 55.13 8.99
CA ALA A 1687 -13.27 54.16 9.01
C ALA A 1687 -13.14 53.17 7.86
N ILE A 1688 -12.76 53.64 6.67
CA ILE A 1688 -12.56 52.74 5.54
C ILE A 1688 -11.43 51.75 5.82
N VAL A 1689 -10.34 52.22 6.40
CA VAL A 1689 -9.24 51.32 6.72
C VAL A 1689 -9.67 50.28 7.76
N ASN A 1690 -10.43 50.72 8.76
CA ASN A 1690 -10.95 49.79 9.76
C ASN A 1690 -11.88 48.77 9.12
N SER A 1691 -12.70 49.20 8.17
CA SER A 1691 -13.57 48.26 7.45
C SER A 1691 -12.76 47.25 6.65
N CYS A 1692 -11.64 47.71 6.06
CA CYS A 1692 -10.77 46.79 5.32
C CYS A 1692 -10.20 45.71 6.23
N VAL A 1693 -9.64 46.12 7.37
CA VAL A 1693 -9.08 45.12 8.28
C VAL A 1693 -10.19 44.23 8.83
N PHE A 1694 -11.41 44.77 8.99
CA PHE A 1694 -12.52 43.94 9.42
C PHE A 1694 -12.89 42.91 8.36
N VAL A 1695 -12.81 43.28 7.09
CA VAL A 1695 -13.07 42.33 6.01
C VAL A 1695 -12.04 41.19 6.06
N HIS A 1696 -10.78 41.55 6.30
CA HIS A 1696 -9.76 40.50 6.44
C HIS A 1696 -10.06 39.57 7.61
N GLN A 1697 -10.46 40.15 8.74
CA GLN A 1697 -10.81 39.33 9.91
C GLN A 1697 -12.00 38.44 9.63
N THR A 1698 -13.00 38.95 8.92
CA THR A 1698 -14.16 38.13 8.54
C THR A 1698 -13.75 36.99 7.62
N LEU A 1699 -12.82 37.23 6.70
CA LEU A 1699 -12.35 36.13 5.86
C LEU A 1699 -11.67 35.06 6.69
N HIS A 1700 -10.87 35.47 7.69
CA HIS A 1700 -10.26 34.49 8.59
C HIS A 1700 -11.33 33.70 9.36
N GLN A 1701 -12.34 34.39 9.86
CA GLN A 1701 -13.43 33.72 10.58
C GLN A 1701 -14.17 32.75 9.67
N ALA A 1702 -14.41 33.15 8.43
CA ALA A 1702 -15.08 32.27 7.48
C ALA A 1702 -14.25 31.02 7.21
N ASN A 1703 -12.93 31.20 7.05
CA ASN A 1703 -12.07 30.04 6.85
C ASN A 1703 -12.11 29.10 8.05
N ALA A 1704 -12.08 29.66 9.26
CA ALA A 1704 -12.16 28.84 10.46
C ALA A 1704 -13.46 28.06 10.51
N ARG A 1705 -14.58 28.73 10.24
CA ARG A 1705 -15.88 28.05 10.28
C ARG A 1705 -15.98 26.98 9.21
N LEU A 1706 -15.46 27.26 8.01
CA LEU A 1706 -15.47 26.26 6.95
C LEU A 1706 -14.62 25.06 7.32
N ALA A 1707 -13.46 25.29 7.93
CA ALA A 1707 -12.64 24.18 8.40
C ALA A 1707 -13.35 23.37 9.47
N LYS A 1708 -14.17 24.03 10.29
CA LYS A 1708 -14.95 23.30 11.29
C LYS A 1708 -15.95 22.35 10.63
N ARG A 1709 -16.61 22.79 9.56
CA ARG A 1709 -17.70 22.03 8.96
C ARG A 1709 -17.19 21.01 7.93
N GLY A 1710 -15.92 20.62 8.01
CA GLY A 1710 -15.41 19.60 7.13
C GLY A 1710 -14.27 20.03 6.24
N GLY A 1711 -13.47 20.98 6.71
CA GLY A 1711 -12.27 21.38 5.98
C GLY A 1711 -12.61 22.02 4.65
N ARG A 1712 -11.77 21.74 3.64
CA ARG A 1712 -11.86 22.33 2.32
C ARG A 1712 -11.77 23.85 2.38
N THR A 1713 -10.70 24.32 3.00
CA THR A 1713 -10.40 25.74 3.10
C THR A 1713 -8.95 25.97 2.67
N MET A 1714 -8.68 27.17 2.19
CA MET A 1714 -7.37 27.52 1.66
C MET A 1714 -6.83 28.73 2.40
N ALA A 1715 -5.54 28.72 2.67
CA ALA A 1715 -4.93 29.71 3.54
C ALA A 1715 -5.01 31.12 2.94
N ILE A 1716 -5.25 32.11 3.80
CA ILE A 1716 -5.24 33.51 3.43
C ILE A 1716 -3.99 34.15 4.04
N THR A 1717 -3.28 34.92 3.23
CA THR A 1717 -1.97 35.45 3.56
C THR A 1717 -1.99 36.97 3.50
N PRO A 1718 -1.00 37.65 4.11
CA PRO A 1718 -0.92 39.10 3.96
C PRO A 1718 -0.81 39.56 2.53
N ARG A 1719 -0.30 38.71 1.63
CA ARG A 1719 -0.30 39.05 0.21
C ARG A 1719 -1.72 39.21 -0.31
N HIS A 1720 -2.67 38.44 0.22
CA HIS A 1720 -4.07 38.65 -0.14
C HIS A 1720 -4.54 40.04 0.26
N TYR A 1721 -4.17 40.49 1.46
CA TYR A 1721 -4.53 41.83 1.91
C TYR A 1721 -3.90 42.89 1.02
N LEU A 1722 -2.64 42.70 0.64
CA LEU A 1722 -1.97 43.66 -0.23
C LEU A 1722 -2.66 43.72 -1.59
N ASP A 1723 -3.01 42.56 -2.14
CA ASP A 1723 -3.72 42.53 -3.42
C ASP A 1723 -5.08 43.20 -3.30
N PHE A 1724 -5.76 43.01 -2.17
CA PHE A 1724 -7.05 43.65 -1.95
C PHE A 1724 -6.90 45.17 -1.90
N ILE A 1725 -5.85 45.66 -1.23
CA ILE A 1725 -5.62 47.10 -1.17
C ILE A 1725 -5.31 47.65 -2.56
N ASN A 1726 -4.49 46.93 -3.34
CA ASN A 1726 -4.17 47.39 -4.68
C ASN A 1726 -5.41 47.40 -5.57
N HIS A 1727 -6.26 46.37 -5.46
CA HIS A 1727 -7.51 46.37 -6.20
C HIS A 1727 -8.39 47.54 -5.81
N TYR A 1728 -8.48 47.82 -4.50
CA TYR A 1728 -9.26 48.96 -4.05
C TYR A 1728 -8.76 50.25 -4.67
N ALA A 1729 -7.44 50.46 -4.64
CA ALA A 1729 -6.87 51.69 -5.19
C ALA A 1729 -7.15 51.82 -6.69
N ASN A 1730 -6.85 50.75 -7.44
CA ASN A 1730 -7.01 50.81 -8.88
C ASN A 1730 -8.48 51.00 -9.27
N LEU A 1731 -9.38 50.24 -8.64
CA LEU A 1731 -10.79 50.33 -8.99
C LEU A 1731 -11.37 51.68 -8.59
N PHE A 1732 -10.96 52.22 -7.44
CA PHE A 1732 -11.45 53.53 -7.02
C PHE A 1732 -10.98 54.61 -7.98
N HIS A 1733 -9.71 54.56 -8.38
CA HIS A 1733 -9.21 55.55 -9.33
C HIS A 1733 -9.95 55.44 -10.66
N GLU A 1734 -10.18 54.22 -11.13
CA GLU A 1734 -10.86 54.04 -12.41
C GLU A 1734 -12.30 54.55 -12.33
N LYS A 1735 -13.01 54.22 -11.26
CA LYS A 1735 -14.39 54.66 -11.13
C LYS A 1735 -14.50 56.18 -10.99
N ARG A 1736 -13.59 56.79 -10.21
CA ARG A 1736 -13.62 58.23 -10.06
C ARG A 1736 -13.27 58.93 -11.38
N SER A 1737 -12.33 58.36 -12.14
CA SER A 1737 -11.92 58.99 -13.39
C SER A 1737 -13.07 59.02 -14.40
N GLU A 1738 -13.80 57.91 -14.51
CA GLU A 1738 -14.87 57.86 -15.50
C GLU A 1738 -16.07 58.71 -15.08
N LEU A 1739 -16.25 58.91 -13.77
CA LEU A 1739 -17.38 59.70 -13.30
C LEU A 1739 -17.15 61.18 -13.52
N GLU A 1740 -15.90 61.64 -13.39
CA GLU A 1740 -15.60 63.06 -13.60
C GLU A 1740 -15.76 63.44 -15.07
N GLU A 1741 -15.22 62.62 -15.98
CA GLU A 1741 -15.34 62.93 -17.40
C GLU A 1741 -16.78 62.86 -17.87
N GLN A 1742 -17.59 62.00 -17.24
CA GLN A 1742 -18.99 61.93 -17.59
C GLN A 1742 -19.76 63.19 -17.20
N GLN A 1743 -19.34 63.86 -16.13
CA GLN A 1743 -19.91 65.16 -15.80
C GLN A 1743 -19.34 66.27 -16.66
N MET A 1744 -18.06 66.15 -17.06
CA MET A 1744 -17.48 67.13 -17.98
C MET A 1744 -18.22 67.12 -19.31
N HIS A 1745 -18.57 65.93 -19.80
CA HIS A 1745 -19.37 65.83 -21.01
C HIS A 1745 -20.71 66.52 -20.85
N LEU A 1746 -21.36 66.35 -19.70
CA LEU A 1746 -22.64 67.00 -19.45
C LEU A 1746 -22.48 68.52 -19.41
N ASN A 1747 -21.40 69.02 -18.80
CA ASN A 1747 -21.16 70.46 -18.76
C ASN A 1747 -20.92 71.01 -20.16
N VAL A 1748 -20.14 70.31 -20.97
CA VAL A 1748 -19.92 70.74 -22.34
C VAL A 1748 -21.22 70.75 -23.13
N GLY A 1749 -22.05 69.73 -22.93
CA GLY A 1749 -23.36 69.73 -23.58
C GLY A 1749 -24.24 70.87 -23.14
N LEU A 1750 -24.21 71.21 -21.85
CA LEU A 1750 -24.98 72.34 -21.35
C LEU A 1750 -24.52 73.64 -22.00
N ARG A 1751 -23.20 73.82 -22.11
CA ARG A 1751 -22.68 75.01 -22.78
C ARG A 1751 -23.09 75.05 -24.25
N LYS A 1752 -23.06 73.89 -24.91
CA LYS A 1752 -23.50 73.82 -26.30
C LYS A 1752 -24.98 74.17 -26.43
N ILE A 1753 -25.80 73.72 -25.47
CA ILE A 1753 -27.22 74.05 -25.51
C ILE A 1753 -27.42 75.55 -25.28
N LYS A 1754 -26.58 76.16 -24.43
CA LYS A 1754 -26.62 77.61 -24.29
C LYS A 1754 -26.29 78.30 -25.61
N GLU A 1755 -25.29 77.80 -26.33
CA GLU A 1755 -24.96 78.35 -27.64
C GLU A 1755 -26.14 78.24 -28.60
N THR A 1756 -26.81 77.09 -28.58
CA THR A 1756 -28.00 76.90 -29.41
C THR A 1756 -29.11 77.87 -29.02
N VAL A 1757 -29.26 78.12 -27.72
CA VAL A 1757 -30.26 79.09 -27.25
C VAL A 1757 -29.95 80.47 -27.79
N ASP A 1758 -28.68 80.87 -27.74
CA ASP A 1758 -28.28 82.15 -28.29
C ASP A 1758 -28.56 82.22 -29.78
N GLN A 1759 -28.26 81.14 -30.52
CA GLN A 1759 -28.51 81.12 -31.96
C GLN A 1759 -30.00 81.26 -32.25
N VAL A 1760 -30.85 80.54 -31.51
CA VAL A 1760 -32.28 80.59 -31.74
C VAL A 1760 -32.83 81.98 -31.41
N GLU A 1761 -32.35 82.57 -30.31
CA GLU A 1761 -32.80 83.92 -29.94
C GLU A 1761 -32.38 84.93 -31.00
N GLU A 1762 -31.17 84.80 -31.54
CA GLU A 1762 -30.74 85.68 -32.62
C GLU A 1762 -31.62 85.51 -33.85
N LEU A 1763 -31.97 84.27 -34.18
CA LEU A 1763 -32.84 84.03 -35.33
C LEU A 1763 -34.21 84.65 -35.11
N ARG A 1764 -34.72 84.59 -33.88
CA ARG A 1764 -36.03 85.17 -33.58
C ARG A 1764 -36.02 86.68 -33.81
N ARG A 1765 -34.96 87.36 -33.40
CA ARG A 1765 -34.83 88.80 -33.62
C ARG A 1765 -34.49 89.07 -35.08
N LYS A 1953 -39.57 80.05 -38.49
CA LYS A 1953 -40.97 80.36 -38.22
C LYS A 1953 -41.23 80.44 -36.72
N VAL A 1954 -42.37 81.03 -36.36
CA VAL A 1954 -42.70 81.22 -34.94
C VAL A 1954 -42.91 79.88 -34.25
N ASN A 1955 -43.62 78.95 -34.90
CA ASN A 1955 -43.88 77.64 -34.30
C ASN A 1955 -42.59 76.88 -34.08
N ARG A 1956 -41.64 76.98 -35.02
CA ARG A 1956 -40.33 76.36 -34.82
C ARG A 1956 -39.63 76.95 -33.62
N SER A 1957 -39.72 78.26 -33.44
CA SER A 1957 -39.11 78.89 -32.27
C SER A 1957 -39.75 78.40 -30.98
N THR A 1958 -41.08 78.25 -30.97
CA THR A 1958 -41.75 77.72 -29.79
C THR A 1958 -41.31 76.29 -29.50
N ALA A 1959 -41.14 75.46 -30.54
CA ALA A 1959 -40.63 74.12 -30.35
C ALA A 1959 -39.22 74.14 -29.77
N LEU A 1960 -38.38 75.06 -30.26
CA LEU A 1960 -37.04 75.19 -29.70
C LEU A 1960 -37.07 75.61 -28.23
N LEU A 1961 -37.97 76.51 -27.84
CA LEU A 1961 -38.05 76.91 -26.44
C LEU A 1961 -38.57 75.76 -25.56
N LYS A 1962 -39.54 74.99 -26.04
CA LYS A 1962 -39.99 73.86 -25.24
C LYS A 1962 -38.91 72.78 -25.13
N SER A 1963 -38.15 72.53 -26.20
CA SER A 1963 -37.00 71.65 -26.10
C SER A 1963 -35.96 72.22 -25.13
N LEU A 1964 -35.79 73.55 -25.15
CA LEU A 1964 -34.92 74.20 -24.19
C LEU A 1964 -35.31 73.84 -22.77
N SER A 1965 -36.59 74.03 -22.44
CA SER A 1965 -37.04 73.75 -21.08
C SER A 1965 -36.85 72.29 -20.71
N ALA A 1966 -37.24 71.38 -21.62
CA ALA A 1966 -37.12 69.96 -21.34
C ALA A 1966 -35.67 69.55 -21.12
N GLU A 1967 -34.77 69.98 -22.02
CA GLU A 1967 -33.37 69.61 -21.91
C GLU A 1967 -32.73 70.22 -20.67
N ARG A 1968 -33.06 71.48 -20.35
CA ARG A 1968 -32.52 72.08 -19.14
C ARG A 1968 -32.94 71.30 -17.91
N GLU A 1969 -34.23 70.95 -17.82
CA GLU A 1969 -34.69 70.20 -16.65
C GLU A 1969 -34.01 68.84 -16.56
N ARG A 1970 -33.94 68.11 -17.68
CA ARG A 1970 -33.37 66.77 -17.65
C ARG A 1970 -31.89 66.81 -17.30
N TRP A 1971 -31.15 67.75 -17.90
CA TRP A 1971 -29.71 67.77 -17.65
C TRP A 1971 -29.40 68.33 -16.27
N GLU A 1972 -30.22 69.26 -15.77
CA GLU A 1972 -30.04 69.73 -14.40
C GLU A 1972 -30.27 68.62 -13.40
N LYS A 1973 -31.33 67.83 -13.58
CA LYS A 1973 -31.57 66.73 -12.64
C LYS A 1973 -30.52 65.64 -12.79
N THR A 1974 -30.02 65.42 -14.00
CA THR A 1974 -28.94 64.46 -14.19
C THR A 1974 -27.68 64.91 -13.47
N SER A 1975 -27.33 66.20 -13.58
CA SER A 1975 -26.18 66.72 -12.87
C SER A 1975 -26.36 66.63 -11.36
N GLU A 1976 -27.57 66.91 -10.87
CA GLU A 1976 -27.85 66.77 -9.46
C GLU A 1976 -27.66 65.32 -9.01
N THR A 1977 -28.10 64.37 -9.83
CA THR A 1977 -27.91 62.96 -9.51
C THR A 1977 -26.44 62.58 -9.51
N PHE A 1978 -25.64 63.20 -10.39
CA PHE A 1978 -24.22 62.85 -10.49
C PHE A 1978 -23.49 63.05 -9.17
N LYS A 1979 -23.83 64.10 -8.41
CA LYS A 1979 -23.17 64.32 -7.13
C LYS A 1979 -23.54 63.24 -6.11
N ASN A 1980 -24.62 62.48 -6.37
CA ASN A 1980 -24.98 61.40 -5.46
C ASN A 1980 -24.07 60.21 -5.64
N GLN A 1981 -23.68 59.90 -6.89
CA GLN A 1981 -22.79 58.77 -7.12
C GLN A 1981 -21.43 58.99 -6.49
N MET A 1982 -20.91 60.23 -6.54
CA MET A 1982 -19.65 60.51 -5.87
C MET A 1982 -19.74 60.25 -4.37
N SER A 1983 -20.93 60.43 -3.79
CA SER A 1983 -21.10 60.17 -2.36
C SER A 1983 -21.00 58.68 -2.04
N THR A 1984 -21.60 57.84 -2.88
CA THR A 1984 -21.69 56.41 -2.63
C THR A 1984 -20.72 55.59 -3.48
N ILE A 1985 -19.54 56.15 -3.76
CA ILE A 1985 -18.56 55.45 -4.59
C ILE A 1985 -17.50 54.72 -3.77
N ALA A 1986 -17.10 55.26 -2.61
CA ALA A 1986 -16.02 54.65 -1.84
C ALA A 1986 -16.43 53.29 -1.29
N GLY A 1987 -17.58 53.20 -0.64
CA GLY A 1987 -18.02 51.93 -0.09
C GLY A 1987 -18.33 50.90 -1.18
N ASP A 1988 -18.93 51.35 -2.28
CA ASP A 1988 -19.22 50.43 -3.39
C ASP A 1988 -17.93 49.87 -3.96
N CYS A 1989 -16.92 50.72 -4.19
CA CYS A 1989 -15.65 50.24 -4.70
C CYS A 1989 -14.97 49.33 -3.70
N LEU A 1990 -15.06 49.64 -2.40
CA LEU A 1990 -14.47 48.78 -1.38
C LEU A 1990 -15.09 47.40 -1.41
N LEU A 1991 -16.43 47.33 -1.50
CA LEU A 1991 -17.10 46.04 -1.55
C LEU A 1991 -16.72 45.27 -2.81
N SER A 1992 -16.67 45.96 -3.95
CA SER A 1992 -16.31 45.28 -5.20
C SER A 1992 -14.89 44.74 -5.15
N ALA A 1993 -13.95 45.54 -4.63
CA ALA A 1993 -12.57 45.10 -4.52
C ALA A 1993 -12.44 43.93 -3.55
N ALA A 1994 -13.16 43.97 -2.44
CA ALA A 1994 -13.15 42.85 -1.50
C ALA A 1994 -13.69 41.59 -2.15
N PHE A 1995 -14.75 41.71 -2.95
CA PHE A 1995 -15.30 40.56 -3.64
C PHE A 1995 -14.30 40.00 -4.66
N ILE A 1996 -13.63 40.88 -5.40
CA ILE A 1996 -12.70 40.43 -6.43
C ILE A 1996 -11.49 39.74 -5.80
N ALA A 1997 -10.87 40.39 -4.81
CA ALA A 1997 -9.58 39.91 -4.32
C ALA A 1997 -9.73 38.64 -3.49
N TYR A 1998 -10.71 38.60 -2.58
CA TYR A 1998 -10.85 37.51 -1.63
C TYR A 1998 -11.73 36.38 -2.17
N ALA A 1999 -12.96 36.70 -2.53
CA ALA A 1999 -13.87 35.68 -3.04
C ALA A 1999 -13.37 35.14 -4.38
N GLY A 2000 -13.84 33.94 -4.73
CA GLY A 2000 -13.45 33.31 -5.96
C GLY A 2000 -13.22 31.82 -5.81
N TYR A 2001 -12.71 31.41 -4.65
CA TYR A 2001 -12.58 29.98 -4.36
C TYR A 2001 -13.85 29.40 -3.75
N PHE A 2002 -14.65 30.21 -3.08
CA PHE A 2002 -15.87 29.74 -2.43
C PHE A 2002 -17.01 29.66 -3.44
N ASP A 2003 -18.02 28.86 -3.09
CA ASP A 2003 -19.18 28.69 -3.95
C ASP A 2003 -20.10 29.91 -3.87
N GLN A 2004 -21.23 29.82 -4.56
CA GLN A 2004 -22.14 30.96 -4.66
C GLN A 2004 -22.70 31.35 -3.30
N GLN A 2005 -23.14 30.35 -2.51
CA GLN A 2005 -23.74 30.66 -1.21
C GLN A 2005 -22.73 31.33 -0.28
N MET A 2006 -21.50 30.83 -0.24
CA MET A 2006 -20.51 31.41 0.65
C MET A 2006 -20.11 32.80 0.19
N ARG A 2007 -20.03 33.01 -1.13
CA ARG A 2007 -19.78 34.35 -1.64
C ARG A 2007 -20.88 35.31 -1.23
N GLN A 2008 -22.13 34.88 -1.33
CA GLN A 2008 -23.25 35.72 -0.91
C GLN A 2008 -23.17 36.02 0.58
N ASN A 2009 -22.81 35.02 1.39
CA ASN A 2009 -22.69 35.24 2.83
C ASN A 2009 -21.61 36.27 3.15
N LEU A 2010 -20.45 36.14 2.50
CA LEU A 2010 -19.38 37.11 2.72
C LEU A 2010 -19.81 38.51 2.27
N PHE A 2011 -20.46 38.60 1.11
CA PHE A 2011 -20.89 39.90 0.60
C PHE A 2011 -21.90 40.55 1.54
N THR A 2012 -22.87 39.78 2.04
CA THR A 2012 -23.87 40.36 2.91
C THR A 2012 -23.28 40.72 4.28
N THR A 2013 -22.29 39.95 4.75
CA THR A 2013 -21.62 40.33 6.00
C THR A 2013 -20.88 41.65 5.83
N TRP A 2014 -20.12 41.79 4.75
CA TRP A 2014 -19.42 43.05 4.50
C TRP A 2014 -20.38 44.20 4.33
N SER A 2015 -21.49 43.98 3.62
CA SER A 2015 -22.47 45.04 3.41
C SER A 2015 -23.12 45.46 4.73
N HIS A 2016 -23.46 44.49 5.58
CA HIS A 2016 -24.05 44.81 6.87
C HIS A 2016 -23.08 45.60 7.73
N HIS A 2017 -21.80 45.20 7.74
CA HIS A 2017 -20.81 45.96 8.50
C HIS A 2017 -20.66 47.38 7.95
N LEU A 2018 -20.62 47.52 6.63
CA LEU A 2018 -20.43 48.83 6.02
C LEU A 2018 -21.61 49.76 6.32
N GLN A 2019 -22.84 49.25 6.20
CA GLN A 2019 -23.99 50.08 6.50
C GLN A 2019 -24.11 50.36 7.99
N GLN A 2020 -23.60 49.45 8.83
CA GLN A 2020 -23.58 49.71 10.27
C GLN A 2020 -22.66 50.89 10.60
N ALA A 2021 -21.50 50.94 9.96
CA ALA A 2021 -20.51 51.99 10.21
C ALA A 2021 -20.83 53.30 9.49
N ASN A 2022 -22.03 53.41 8.92
CA ASN A 2022 -22.47 54.63 8.23
C ASN A 2022 -21.54 55.01 7.09
N ILE A 2023 -21.02 54.00 6.40
CA ILE A 2023 -20.22 54.21 5.19
C ILE A 2023 -21.17 54.16 4.01
N GLN A 2024 -21.17 55.22 3.20
CA GLN A 2024 -22.15 55.37 2.13
C GLN A 2024 -21.78 54.47 0.97
N PHE A 2025 -22.49 53.37 0.83
CA PHE A 2025 -22.40 52.49 -0.34
C PHE A 2025 -23.80 52.22 -0.85
N ARG A 2026 -23.95 52.22 -2.17
CA ARG A 2026 -25.27 51.98 -2.75
C ARG A 2026 -25.77 50.59 -2.39
N THR A 2027 -27.04 50.51 -2.00
CA THR A 2027 -27.63 49.23 -1.68
C THR A 2027 -28.01 48.48 -2.95
N ASP A 2028 -28.27 47.18 -2.77
CA ASP A 2028 -28.59 46.23 -3.85
C ASP A 2028 -27.72 46.47 -5.09
N ILE A 2029 -26.41 46.49 -4.86
CA ILE A 2029 -25.45 46.62 -5.95
C ILE A 2029 -25.26 45.26 -6.61
N ALA A 2030 -25.43 45.21 -7.93
CA ALA A 2030 -25.19 43.99 -8.69
C ALA A 2030 -23.72 43.98 -9.09
N ARG A 2031 -22.90 43.27 -8.33
CA ARG A 2031 -21.48 43.18 -8.62
C ARG A 2031 -21.21 42.56 -9.97
N THR A 2032 -22.13 41.74 -10.48
CA THR A 2032 -21.97 41.19 -11.82
C THR A 2032 -22.01 42.30 -12.87
N GLU A 2033 -22.93 43.26 -12.72
CA GLU A 2033 -23.07 44.33 -13.69
C GLU A 2033 -22.15 45.51 -13.40
N TYR A 2034 -21.90 45.82 -12.13
CA TYR A 2034 -21.12 47.01 -11.78
C TYR A 2034 -19.66 46.90 -12.23
N LEU A 2035 -19.17 45.69 -12.49
CA LEU A 2035 -17.77 45.50 -12.84
C LEU A 2035 -17.58 45.11 -14.30
N SER A 2036 -18.64 45.14 -15.11
CA SER A 2036 -18.55 44.77 -16.52
C SER A 2036 -19.44 45.70 -17.33
N ASN A 2037 -19.59 45.39 -18.61
CA ASN A 2037 -20.41 46.16 -19.53
C ASN A 2037 -21.20 45.21 -20.42
N ALA A 2038 -22.25 45.74 -21.05
CA ALA A 2038 -23.13 44.91 -21.86
C ALA A 2038 -22.38 44.28 -23.03
N ASP A 2039 -21.54 45.06 -23.71
CA ASP A 2039 -20.80 44.52 -24.85
C ASP A 2039 -19.85 43.41 -24.42
N GLU A 2040 -19.15 43.61 -23.31
CA GLU A 2040 -18.26 42.56 -22.82
C GLU A 2040 -19.03 41.31 -22.42
N ARG A 2041 -20.19 41.49 -21.77
CA ARG A 2041 -20.98 40.34 -21.36
C ARG A 2041 -21.50 39.56 -22.56
N LEU A 2042 -21.98 40.27 -23.60
CA LEU A 2042 -22.47 39.56 -24.78
C LEU A 2042 -21.32 38.91 -25.54
N ARG A 2043 -20.14 39.52 -25.56
CA ARG A 2043 -18.98 38.88 -26.17
C ARG A 2043 -18.61 37.61 -25.41
N TRP A 2044 -18.65 37.66 -24.08
CA TRP A 2044 -18.42 36.45 -23.29
C TRP A 2044 -19.44 35.37 -23.62
N GLN A 2045 -20.72 35.76 -23.71
CA GLN A 2045 -21.76 34.79 -24.03
C GLN A 2045 -21.54 34.17 -25.39
N ALA A 2046 -21.15 34.98 -26.39
CA ALA A 2046 -20.90 34.46 -27.73
C ALA A 2046 -19.60 33.68 -27.82
N SER A 2047 -18.70 33.82 -26.84
CA SER A 2047 -17.42 33.11 -26.83
C SER A 2047 -17.47 31.88 -25.94
N SER A 2048 -18.60 31.17 -25.93
CA SER A 2048 -18.79 29.92 -25.20
C SER A 2048 -18.57 30.12 -23.69
N LEU A 2049 -19.45 30.93 -23.10
CA LEU A 2049 -19.52 31.08 -21.66
C LEU A 2049 -20.95 30.83 -21.18
N PRO A 2050 -21.12 30.08 -20.10
CA PRO A 2050 -22.48 29.84 -19.58
C PRO A 2050 -23.13 31.11 -19.07
N ALA A 2051 -24.46 31.11 -19.08
CA ALA A 2051 -25.24 32.27 -18.69
C ALA A 2051 -25.42 32.38 -17.18
N ASP A 2052 -24.83 31.47 -16.41
CA ASP A 2052 -24.93 31.54 -14.95
C ASP A 2052 -24.29 32.82 -14.42
N ASP A 2053 -24.87 33.35 -13.33
CA ASP A 2053 -24.28 34.51 -12.69
C ASP A 2053 -22.92 34.19 -12.11
N LEU A 2054 -22.73 32.97 -11.60
CA LEU A 2054 -21.42 32.56 -11.09
C LEU A 2054 -20.38 32.62 -12.19
N CYS A 2055 -20.73 32.18 -13.40
CA CYS A 2055 -19.79 32.24 -14.52
C CYS A 2055 -19.45 33.67 -14.88
N THR A 2056 -20.42 34.57 -14.82
CA THR A 2056 -20.13 35.98 -15.11
C THR A 2056 -19.21 36.59 -14.05
N GLU A 2057 -19.43 36.24 -12.77
CA GLU A 2057 -18.53 36.71 -11.72
C GLU A 2057 -17.13 36.16 -11.93
N ASN A 2058 -17.02 34.89 -12.34
CA ASN A 2058 -15.72 34.30 -12.62
C ASN A 2058 -15.04 35.00 -13.79
N ALA A 2059 -15.80 35.35 -14.82
CA ALA A 2059 -15.24 36.11 -15.93
C ALA A 2059 -14.77 37.48 -15.48
N ILE A 2060 -15.53 38.13 -14.59
CA ILE A 2060 -15.10 39.41 -14.02
C ILE A 2060 -13.76 39.25 -13.32
N MET A 2061 -13.63 38.19 -12.52
CA MET A 2061 -12.37 37.94 -11.83
C MET A 2061 -11.24 37.67 -12.82
N LEU A 2062 -11.54 36.95 -13.91
CA LEU A 2062 -10.55 36.69 -14.94
C LEU A 2062 -10.16 37.94 -15.70
N LYS A 2063 -10.99 38.98 -15.67
CA LYS A 2063 -10.65 40.23 -16.34
C LYS A 2063 -9.93 41.20 -15.40
N ARG A 2064 -10.45 41.39 -14.19
CA ARG A 2064 -9.86 42.31 -13.22
C ARG A 2064 -9.09 41.50 -12.18
N PHE A 2065 -7.82 41.24 -12.48
CA PHE A 2065 -6.96 40.47 -11.60
C PHE A 2065 -5.57 41.09 -11.57
N ASN A 2066 -4.99 41.16 -10.37
CA ASN A 2066 -3.61 41.58 -10.21
C ASN A 2066 -2.65 40.41 -10.05
N ARG A 2067 -3.16 39.23 -9.69
CA ARG A 2067 -2.38 38.02 -9.64
C ARG A 2067 -2.96 37.02 -10.64
N TYR A 2068 -2.08 36.31 -11.34
CA TYR A 2068 -2.52 35.42 -12.41
C TYR A 2068 -3.45 34.36 -11.84
N PRO A 2069 -4.53 34.01 -12.54
CA PRO A 2069 -5.57 33.15 -11.95
C PRO A 2069 -5.20 31.67 -12.00
N LEU A 2070 -5.86 30.93 -11.12
CA LEU A 2070 -5.82 29.46 -11.10
C LEU A 2070 -7.26 28.98 -11.26
N ILE A 2071 -7.64 28.69 -12.50
CA ILE A 2071 -9.02 28.34 -12.83
C ILE A 2071 -9.26 26.90 -12.38
N ILE A 2072 -10.13 26.71 -11.39
CA ILE A 2072 -10.57 25.38 -11.00
C ILE A 2072 -11.81 25.04 -11.81
N ASP A 2073 -11.72 24.00 -12.63
CA ASP A 2073 -12.79 23.66 -13.57
C ASP A 2073 -12.92 22.15 -13.65
N PRO A 2074 -13.89 21.57 -12.96
CA PRO A 2074 -14.15 20.12 -13.14
C PRO A 2074 -14.53 19.77 -14.57
N SER A 2075 -15.23 20.65 -15.26
CA SER A 2075 -15.56 20.48 -16.66
C SER A 2075 -14.46 21.09 -17.52
N GLY A 2076 -14.75 21.26 -18.81
CA GLY A 2076 -13.83 21.92 -19.72
C GLY A 2076 -14.30 23.25 -20.27
N GLN A 2077 -15.42 23.79 -19.77
CA GLN A 2077 -15.99 25.00 -20.35
C GLN A 2077 -15.11 26.22 -20.09
N ALA A 2078 -14.50 26.31 -18.92
CA ALA A 2078 -13.69 27.48 -18.58
C ALA A 2078 -12.48 27.59 -19.50
N THR A 2079 -11.81 26.46 -19.77
CA THR A 2079 -10.67 26.48 -20.70
C THR A 2079 -11.12 26.89 -22.10
N GLU A 2080 -12.27 26.37 -22.55
CA GLU A 2080 -12.78 26.78 -23.85
C GLU A 2080 -13.03 28.28 -23.90
N PHE A 2081 -13.62 28.83 -22.84
CA PHE A 2081 -13.88 30.27 -22.78
C PHE A 2081 -12.58 31.07 -22.79
N ILE A 2082 -11.58 30.60 -22.05
CA ILE A 2082 -10.33 31.37 -21.97
C ILE A 2082 -9.58 31.33 -23.30
N MET A 2083 -9.67 30.22 -24.04
CA MET A 2083 -9.12 30.21 -25.40
C MET A 2083 -9.91 31.11 -26.32
N ASN A 2084 -11.24 31.07 -26.25
CA ASN A 2084 -12.06 31.88 -27.15
C ASN A 2084 -11.88 33.36 -26.90
N GLU A 2085 -11.60 33.75 -25.65
CA GLU A 2085 -11.41 35.15 -25.32
C GLU A 2085 -10.07 35.70 -25.80
N TYR A 2086 -9.03 34.88 -25.81
CA TYR A 2086 -7.68 35.33 -26.18
C TYR A 2086 -7.20 34.69 -27.48
N LYS A 2087 -8.14 34.33 -28.36
CA LYS A 2087 -7.75 33.75 -29.64
C LYS A 2087 -6.99 34.73 -30.51
N ASP A 2088 -7.41 36.00 -30.52
CA ASP A 2088 -6.75 37.00 -31.35
C ASP A 2088 -5.32 37.25 -30.91
N ARG A 2089 -5.02 37.07 -29.63
CA ARG A 2089 -3.68 37.28 -29.09
C ARG A 2089 -2.85 36.01 -29.09
N LYS A 2090 -3.13 35.08 -30.02
CA LYS A 2090 -2.40 33.83 -30.20
C LYS A 2090 -2.06 33.14 -28.87
N ILE A 2091 -3.09 32.82 -28.08
CA ILE A 2091 -2.89 32.19 -26.78
C ILE A 2091 -2.34 30.79 -27.01
N THR A 2092 -1.17 30.52 -26.42
CA THR A 2092 -0.55 29.21 -26.55
C THR A 2092 -1.03 28.30 -25.43
N ARG A 2093 -1.26 27.03 -25.76
CA ARG A 2093 -1.69 26.03 -24.80
C ARG A 2093 -0.55 25.07 -24.50
N THR A 2094 -0.42 24.71 -23.23
CA THR A 2094 0.63 23.80 -22.78
C THR A 2094 0.19 23.19 -21.46
N SER A 2095 1.03 22.29 -20.94
CA SER A 2095 0.78 21.62 -19.68
C SER A 2095 2.08 21.53 -18.88
N PHE A 2096 1.93 21.41 -17.56
CA PHE A 2096 3.07 21.31 -16.67
C PHE A 2096 3.88 20.03 -16.87
N LEU A 2097 3.27 18.98 -17.41
CA LEU A 2097 3.97 17.74 -17.69
C LEU A 2097 4.52 17.70 -19.11
N ASP A 2098 4.37 18.76 -19.87
CA ASP A 2098 4.94 18.82 -21.21
C ASP A 2098 6.46 18.93 -21.11
N ASP A 2099 7.16 18.12 -21.91
CA ASP A 2099 8.62 18.14 -21.89
C ASP A 2099 9.15 19.50 -22.33
N ALA A 2100 8.45 20.16 -23.25
CA ALA A 2100 8.83 21.49 -23.73
C ALA A 2100 8.04 22.60 -23.04
N PHE A 2101 7.66 22.39 -21.77
CA PHE A 2101 6.95 23.42 -21.03
C PHE A 2101 7.79 24.67 -20.87
N ARG A 2102 9.08 24.50 -20.55
CA ARG A 2102 9.96 25.66 -20.39
C ARG A 2102 10.06 26.45 -21.68
N LYS A 2103 10.40 25.79 -22.80
CA LYS A 2103 10.55 26.49 -24.06
C LYS A 2103 9.30 27.28 -24.42
N ASN A 2104 8.13 26.66 -24.26
CA ASN A 2104 6.86 27.35 -24.47
C ASN A 2104 6.66 28.53 -23.52
N LEU A 2105 7.37 28.56 -22.39
CA LEU A 2105 7.23 29.62 -21.42
C LEU A 2105 7.99 30.88 -21.82
N GLU A 2106 9.30 30.78 -22.07
CA GLU A 2106 10.03 31.95 -22.53
C GLU A 2106 9.63 32.33 -23.95
N SER A 2107 9.12 31.36 -24.72
CA SER A 2107 8.62 31.68 -26.06
C SER A 2107 7.46 32.67 -25.98
N ALA A 2108 6.54 32.45 -25.04
CA ALA A 2108 5.43 33.38 -24.85
C ALA A 2108 5.88 34.63 -24.11
N LEU A 2109 6.82 34.48 -23.17
CA LEU A 2109 7.30 35.61 -22.38
C LEU A 2109 8.01 36.64 -23.25
N ARG A 2110 8.79 36.18 -24.23
CA ARG A 2110 9.54 37.10 -25.08
C ARG A 2110 8.62 37.98 -25.91
N PHE A 2111 7.56 37.40 -26.47
CA PHE A 2111 6.69 38.09 -27.41
C PHE A 2111 5.37 38.52 -26.79
N GLY A 2112 5.24 38.43 -25.47
CA GLY A 2112 4.02 38.84 -24.81
C GLY A 2112 2.81 38.05 -25.22
N ASN A 2113 2.95 36.72 -25.29
CA ASN A 2113 1.86 35.85 -25.71
C ASN A 2113 1.16 35.27 -24.50
N PRO A 2114 -0.16 35.44 -24.37
CA PRO A 2114 -0.88 34.79 -23.28
C PRO A 2114 -0.70 33.27 -23.32
N LEU A 2115 -0.51 32.69 -22.14
CA LEU A 2115 -0.21 31.26 -22.01
C LEU A 2115 -1.23 30.61 -21.08
N LEU A 2116 -1.83 29.52 -21.52
CA LEU A 2116 -2.73 28.72 -20.71
C LEU A 2116 -2.02 27.44 -20.31
N VAL A 2117 -1.69 27.30 -19.04
CA VAL A 2117 -1.01 26.12 -18.51
C VAL A 2117 -2.02 25.33 -17.67
N GLN A 2118 -2.20 24.06 -18.01
CA GLN A 2118 -3.15 23.20 -17.35
C GLN A 2118 -2.42 22.10 -16.59
N ASP A 2119 -3.19 21.32 -15.83
CA ASP A 2119 -2.66 20.27 -14.95
C ASP A 2119 -1.66 20.86 -13.96
N VAL A 2120 -2.17 21.74 -13.08
CA VAL A 2120 -1.33 22.49 -12.17
C VAL A 2120 -0.95 21.69 -10.93
N GLU A 2121 -1.48 20.48 -10.77
CA GLU A 2121 -1.13 19.67 -9.60
C GLU A 2121 0.36 19.39 -9.54
N SER A 2122 0.97 19.06 -10.68
CA SER A 2122 2.43 18.93 -10.78
C SER A 2122 3.00 20.30 -11.10
N TYR A 2123 2.92 21.20 -10.12
CA TYR A 2123 3.31 22.58 -10.30
C TYR A 2123 4.82 22.70 -10.43
N ASP A 2124 5.26 23.52 -11.38
CA ASP A 2124 6.68 23.76 -11.60
C ASP A 2124 7.12 24.96 -10.78
N PRO A 2125 8.09 24.83 -9.89
CA PRO A 2125 8.56 25.99 -9.10
C PRO A 2125 9.21 27.07 -9.94
N VAL A 2126 9.57 26.78 -11.19
CA VAL A 2126 10.25 27.77 -12.02
C VAL A 2126 9.38 28.98 -12.29
N LEU A 2127 8.07 28.87 -12.09
CA LEU A 2127 7.16 29.99 -12.26
C LEU A 2127 7.16 30.94 -11.07
N ASN A 2128 7.88 30.61 -10.00
CA ASN A 2128 7.89 31.45 -8.81
C ASN A 2128 8.35 32.88 -9.10
N PRO A 2129 9.45 33.14 -9.82
CA PRO A 2129 9.78 34.53 -10.16
C PRO A 2129 8.75 35.20 -11.05
N VAL A 2130 7.94 34.43 -11.78
CA VAL A 2130 6.93 35.00 -12.65
C VAL A 2130 5.68 35.38 -11.88
N LEU A 2131 5.19 34.47 -11.02
CA LEU A 2131 3.96 34.73 -10.27
C LEU A 2131 4.13 35.88 -9.29
N ASN A 2132 5.32 36.04 -8.73
CA ASN A 2132 5.58 37.13 -7.79
C ASN A 2132 5.69 38.48 -8.46
N ARG A 2133 5.72 38.53 -9.79
CA ARG A 2133 5.82 39.77 -10.55
C ARG A 2133 7.05 40.58 -10.15
N GLU A 2134 8.13 39.87 -9.84
CA GLU A 2134 9.40 40.54 -9.59
C GLU A 2134 9.99 41.02 -10.91
N VAL A 2135 10.54 42.23 -10.89
CA VAL A 2135 11.09 42.86 -12.10
C VAL A 2135 12.41 43.51 -11.73
N ARG A 2136 13.37 43.49 -12.66
CA ARG A 2136 14.60 44.24 -12.51
C ARG A 2136 14.72 45.23 -13.67
N ARG A 2137 15.22 46.43 -13.37
CA ARG A 2137 15.29 47.52 -14.34
C ARG A 2137 16.75 47.74 -14.72
N THR A 2138 17.03 47.68 -16.01
CA THR A 2138 18.38 47.87 -16.54
C THR A 2138 18.29 48.61 -17.85
N GLY A 2139 18.83 49.83 -17.89
CA GLY A 2139 18.90 50.62 -19.10
C GLY A 2139 17.57 50.96 -19.72
N GLY A 2140 16.48 50.90 -18.96
CA GLY A 2140 15.15 51.11 -19.49
C GLY A 2140 14.41 49.85 -19.86
N ARG A 2141 14.96 48.68 -19.59
CA ARG A 2141 14.28 47.41 -19.84
C ARG A 2141 13.69 46.88 -18.54
N VAL A 2142 12.89 45.82 -18.68
CA VAL A 2142 12.29 45.12 -17.54
C VAL A 2142 12.62 43.65 -17.73
N LEU A 2143 13.55 43.14 -16.93
CA LEU A 2143 14.02 41.76 -17.05
C LEU A 2143 13.50 40.92 -15.89
N ILE A 2144 13.26 39.64 -16.18
CA ILE A 2144 12.84 38.64 -15.20
C ILE A 2144 13.90 37.56 -15.15
N THR A 2145 14.14 37.01 -13.96
CA THR A 2145 15.18 35.98 -13.79
C THR A 2145 14.56 34.58 -13.88
N LEU A 2146 14.24 34.21 -15.12
CA LEU A 2146 13.75 32.86 -15.42
C LEU A 2146 14.94 31.90 -15.40
N GLY A 2147 15.24 31.42 -14.21
CA GLY A 2147 16.39 30.59 -13.98
C GLY A 2147 17.65 31.43 -13.83
N ASP A 2148 18.77 30.85 -14.26
CA ASP A 2148 20.04 31.59 -14.22
C ASP A 2148 20.07 32.69 -15.27
N GLN A 2149 19.41 32.47 -16.41
CA GLN A 2149 19.37 33.49 -17.46
C GLN A 2149 18.27 34.50 -17.18
N ASP A 2150 18.30 35.59 -17.94
CA ASP A 2150 17.34 36.69 -17.80
C ASP A 2150 16.58 36.88 -19.09
N ILE A 2151 15.26 37.04 -18.98
CA ILE A 2151 14.38 37.25 -20.13
C ILE A 2151 13.59 38.53 -19.89
N ASP A 2152 13.46 39.35 -20.93
CA ASP A 2152 12.68 40.58 -20.80
C ASP A 2152 11.21 40.26 -20.58
N LEU A 2153 10.56 41.08 -19.76
CA LEU A 2153 9.18 40.80 -19.36
C LEU A 2153 8.23 40.88 -20.56
N SER A 2154 8.46 41.84 -21.46
CA SER A 2154 7.61 42.16 -22.62
C SER A 2154 6.33 42.84 -22.11
N PRO A 2155 5.55 43.50 -22.99
CA PRO A 2155 4.44 44.34 -22.48
C PRO A 2155 3.36 43.58 -21.74
N SER A 2156 2.87 42.46 -22.30
CA SER A 2156 1.73 41.77 -21.70
C SER A 2156 1.95 40.26 -21.83
N PHE A 2157 2.50 39.66 -20.78
CA PHE A 2157 2.56 38.20 -20.65
C PHE A 2157 1.59 37.80 -19.55
N VAL A 2158 0.39 37.40 -19.93
CA VAL A 2158 -0.63 36.99 -18.97
C VAL A 2158 -0.75 35.47 -19.04
N ILE A 2159 -0.40 34.82 -17.94
CA ILE A 2159 -0.45 33.36 -17.86
C ILE A 2159 -1.72 32.95 -17.13
N PHE A 2160 -2.25 31.80 -17.49
CA PHE A 2160 -3.48 31.27 -16.88
C PHE A 2160 -3.22 29.84 -16.43
N LEU A 2161 -3.05 29.65 -15.13
CA LEU A 2161 -2.94 28.31 -14.58
C LEU A 2161 -4.33 27.70 -14.41
N SER A 2162 -4.41 26.37 -14.51
CA SER A 2162 -5.70 25.71 -14.41
C SER A 2162 -5.49 24.24 -14.06
N THR A 2163 -6.56 23.62 -13.57
CA THR A 2163 -6.61 22.19 -13.31
C THR A 2163 -7.99 21.68 -13.67
N ARG A 2164 -8.25 20.41 -13.35
CA ARG A 2164 -9.52 19.79 -13.65
C ARG A 2164 -10.13 19.04 -12.46
N ASP A 2165 -9.39 18.80 -11.39
CA ASP A 2165 -9.92 18.11 -10.22
C ASP A 2165 -10.25 19.11 -9.13
N PRO A 2166 -11.51 19.29 -8.78
CA PRO A 2166 -11.85 20.23 -7.70
C PRO A 2166 -11.28 19.85 -6.34
N THR A 2167 -11.10 18.56 -6.07
CA THR A 2167 -10.67 18.09 -4.75
C THR A 2167 -9.15 17.96 -4.73
N VAL A 2168 -8.48 19.11 -4.81
CA VAL A 2168 -7.02 19.17 -4.75
C VAL A 2168 -6.64 20.34 -3.87
N GLU A 2169 -5.58 20.16 -3.08
CA GLU A 2169 -5.06 21.20 -2.21
C GLU A 2169 -3.65 21.57 -2.64
N PHE A 2170 -3.28 22.83 -2.43
CA PHE A 2170 -1.96 23.30 -2.78
C PHE A 2170 -1.25 23.88 -1.57
N PRO A 2171 0.08 23.86 -1.55
CA PRO A 2171 0.79 24.47 -0.43
C PRO A 2171 0.52 25.95 -0.36
N PRO A 2172 0.51 26.53 0.85
CA PRO A 2172 0.09 27.93 1.00
C PRO A 2172 0.95 28.93 0.23
N ASP A 2173 2.23 28.60 -0.03
CA ASP A 2173 3.07 29.55 -0.77
C ASP A 2173 2.53 29.76 -2.18
N LEU A 2174 2.10 28.68 -2.85
CA LEU A 2174 1.48 28.83 -4.15
C LEU A 2174 0.13 29.52 -4.05
N CYS A 2175 -0.64 29.18 -3.00
CA CYS A 2175 -1.97 29.77 -2.82
C CYS A 2175 -1.91 31.27 -2.59
N SER A 2176 -0.82 31.78 -2.01
CA SER A 2176 -0.70 33.19 -1.70
C SER A 2176 -0.43 34.05 -2.94
N ARG A 2177 0.22 33.49 -3.96
CA ARG A 2177 0.64 34.25 -5.12
C ARG A 2177 -0.30 34.06 -6.31
N VAL A 2178 -1.47 33.47 -6.10
CA VAL A 2178 -2.38 33.14 -7.20
C VAL A 2178 -3.79 33.57 -6.83
N THR A 2179 -4.53 34.02 -7.84
CA THR A 2179 -5.92 34.42 -7.65
C THR A 2179 -6.82 33.21 -7.91
N PHE A 2180 -7.56 32.79 -6.89
CA PHE A 2180 -8.36 31.57 -7.00
C PHE A 2180 -9.73 31.90 -7.57
N VAL A 2181 -10.06 31.26 -8.70
CA VAL A 2181 -11.38 31.32 -9.30
C VAL A 2181 -11.88 29.89 -9.48
N ASN A 2182 -13.10 29.63 -9.04
CA ASN A 2182 -13.66 28.28 -8.99
C ASN A 2182 -14.89 28.20 -9.85
N PHE A 2183 -14.92 27.23 -10.77
CA PHE A 2183 -16.06 26.96 -11.62
C PHE A 2183 -16.86 25.74 -11.18
N THR A 2184 -16.50 25.14 -10.04
CA THR A 2184 -17.16 23.92 -9.60
C THR A 2184 -18.61 24.20 -9.22
N VAL A 2185 -19.50 23.32 -9.65
CA VAL A 2185 -20.93 23.46 -9.35
C VAL A 2185 -21.22 22.84 -8.00
N THR A 2186 -22.21 23.39 -7.31
CA THR A 2186 -22.59 22.91 -5.99
C THR A 2186 -24.11 22.95 -5.90
N ARG A 2187 -24.63 22.75 -4.68
CA ARG A 2187 -26.08 22.76 -4.48
C ARG A 2187 -26.67 24.14 -4.77
N SER A 2188 -26.06 25.19 -4.21
CA SER A 2188 -26.58 26.54 -4.40
C SER A 2188 -26.45 26.98 -5.84
N SER A 2189 -25.32 26.68 -6.48
CA SER A 2189 -25.13 27.09 -7.87
C SER A 2189 -26.13 26.42 -8.80
N LEU A 2190 -26.35 25.12 -8.62
CA LEU A 2190 -27.33 24.43 -9.46
C LEU A 2190 -28.75 24.88 -9.14
N GLN A 2191 -29.02 25.19 -7.87
CA GLN A 2191 -30.33 25.74 -7.52
C GLN A 2191 -30.58 27.06 -8.24
N SER A 2192 -29.58 27.94 -8.26
CA SER A 2192 -29.70 29.20 -8.98
C SER A 2192 -29.88 28.97 -10.48
N GLN A 2193 -29.12 28.02 -11.04
CA GLN A 2193 -29.25 27.71 -12.45
C GLN A 2193 -30.66 27.25 -12.79
N CYS A 2194 -31.20 26.32 -11.98
CA CYS A 2194 -32.53 25.79 -12.24
C CYS A 2194 -33.60 26.87 -12.06
N LEU A 2195 -33.45 27.73 -11.04
CA LEU A 2195 -34.42 28.81 -10.86
C LEU A 2195 -34.40 29.77 -12.04
N ASN A 2196 -33.20 30.13 -12.51
CA ASN A 2196 -33.10 31.01 -13.67
C ASN A 2196 -33.72 30.38 -14.90
N GLU A 2197 -33.46 29.09 -15.12
CA GLU A 2197 -34.00 28.43 -16.32
C GLU A 2197 -35.51 28.30 -16.25
N VAL A 2198 -36.06 27.98 -15.07
CA VAL A 2198 -37.51 27.85 -14.95
C VAL A 2198 -38.18 29.20 -15.06
N LEU A 2199 -37.53 30.27 -14.60
CA LEU A 2199 -38.09 31.61 -14.80
C LEU A 2199 -37.97 32.05 -16.25
N LYS A 2200 -36.96 31.54 -16.97
CA LYS A 2200 -36.86 31.83 -18.40
C LYS A 2200 -37.96 31.11 -19.18
N ALA A 2201 -38.20 29.85 -18.87
CA ALA A 2201 -39.21 29.08 -19.60
C ALA A 2201 -40.61 29.51 -19.21
N GLU A 2202 -40.97 29.34 -17.94
CA GLU A 2202 -42.27 29.77 -17.44
C GLU A 2202 -42.19 31.20 -16.93
N ARG A 2203 -43.24 31.97 -17.18
CA ARG A 2203 -43.33 33.38 -16.81
C ARG A 2203 -42.15 34.17 -17.37
N PRO A 2204 -42.02 34.25 -18.70
CA PRO A 2204 -40.92 35.06 -19.26
C PRO A 2204 -41.07 36.55 -18.97
N ASP A 2205 -42.29 37.01 -18.69
CA ASP A 2205 -42.50 38.43 -18.44
C ASP A 2205 -41.78 38.90 -17.19
N VAL A 2206 -41.81 38.09 -16.13
CA VAL A 2206 -41.10 38.45 -14.91
C VAL A 2206 -39.59 38.37 -15.12
N ASP A 2207 -39.13 37.36 -15.88
CA ASP A 2207 -37.70 37.19 -16.09
C ASP A 2207 -37.10 38.40 -16.79
N GLU A 2208 -37.73 38.87 -17.87
CA GLU A 2208 -37.24 40.07 -18.54
C GLU A 2208 -37.39 41.30 -17.66
N LYS A 2209 -38.47 41.38 -16.88
CA LYS A 2209 -38.67 42.53 -15.99
C LYS A 2209 -37.56 42.60 -14.95
N ARG A 2210 -37.16 41.45 -14.39
CA ARG A 2210 -36.00 41.43 -13.51
C ARG A 2210 -34.75 41.83 -14.28
N SER A 2211 -34.62 41.39 -15.53
CA SER A 2211 -33.50 41.81 -16.36
C SER A 2211 -33.52 43.32 -16.59
N ASP A 2212 -34.70 43.89 -16.83
CA ASP A 2212 -34.79 45.34 -16.99
C ASP A 2212 -34.38 46.06 -15.71
N LEU A 2213 -34.81 45.56 -14.56
CA LEU A 2213 -34.42 46.18 -13.29
C LEU A 2213 -32.91 46.09 -13.08
N LEU A 2214 -32.32 44.94 -13.40
CA LEU A 2214 -30.87 44.80 -13.25
C LEU A 2214 -30.12 45.73 -14.19
N LYS A 2215 -30.60 45.86 -15.43
CA LYS A 2215 -30.01 46.78 -16.39
C LYS A 2215 -30.31 48.24 -16.09
N LEU A 2216 -31.23 48.52 -15.17
CA LEU A 2216 -31.57 49.89 -14.84
C LEU A 2216 -30.40 50.63 -14.20
N GLN A 2217 -29.48 49.90 -13.58
CA GLN A 2217 -28.38 50.53 -12.85
C GLN A 2217 -27.51 51.36 -13.78
N GLY A 2218 -26.86 50.72 -14.75
CA GLY A 2218 -25.93 51.44 -15.61
C GLY A 2218 -26.24 51.37 -17.09
N GLU A 2219 -26.92 50.32 -17.53
CA GLU A 2219 -27.08 50.08 -18.96
C GLU A 2219 -27.88 51.19 -19.63
N PHE A 2220 -29.07 51.49 -19.12
CA PHE A 2220 -29.88 52.56 -19.71
C PHE A 2220 -29.21 53.92 -19.54
N GLN A 2221 -28.61 54.17 -18.36
CA GLN A 2221 -27.91 55.43 -18.14
C GLN A 2221 -26.78 55.61 -19.15
N LEU A 2222 -26.00 54.55 -19.37
CA LEU A 2222 -24.95 54.61 -20.39
C LEU A 2222 -25.55 54.69 -21.79
N ARG A 2223 -26.66 53.99 -22.03
CA ARG A 2223 -27.24 53.93 -23.36
C ARG A 2223 -27.71 55.31 -23.82
N LEU A 2224 -28.34 56.07 -22.93
CA LEU A 2224 -28.81 57.40 -23.32
C LEU A 2224 -27.67 58.41 -23.47
N ARG A 2225 -26.48 58.10 -22.96
CA ARG A 2225 -25.33 58.97 -23.18
C ARG A 2225 -24.99 59.06 -24.66
N GLN A 2226 -25.09 57.94 -25.38
CA GLN A 2226 -24.86 57.97 -26.82
C GLN A 2226 -25.87 58.87 -27.53
N LEU A 2227 -27.14 58.81 -27.14
CA LEU A 2227 -28.13 59.70 -27.74
C LEU A 2227 -27.86 61.16 -27.41
N GLU A 2228 -27.41 61.45 -26.18
CA GLU A 2228 -27.10 62.83 -25.83
C GLU A 2228 -25.91 63.35 -26.65
N LYS A 2229 -24.86 62.54 -26.80
CA LYS A 2229 -23.72 63.00 -27.59
C LYS A 2229 -24.08 63.07 -29.08
N SER A 2230 -24.98 62.22 -29.54
CA SER A 2230 -25.47 62.35 -30.92
C SER A 2230 -26.29 63.61 -31.10
N LEU A 2231 -27.03 64.00 -30.06
CA LEU A 2231 -27.72 65.29 -30.09
C LEU A 2231 -26.72 66.43 -30.20
N LEU A 2232 -25.63 66.36 -29.43
CA LEU A 2232 -24.59 67.38 -29.53
C LEU A 2232 -23.99 67.41 -30.94
N GLN A 2233 -23.73 66.24 -31.50
CA GLN A 2233 -23.18 66.14 -32.84
C GLN A 2233 -24.14 66.74 -33.87
N ALA A 2234 -25.43 66.44 -33.75
CA ALA A 2234 -26.41 67.00 -34.68
C ALA A 2234 -26.48 68.52 -34.54
N LEU A 2235 -26.42 69.03 -33.31
CA LEU A 2235 -26.46 70.47 -33.11
C LEU A 2235 -25.26 71.16 -33.75
N ASN A 2236 -24.07 70.58 -33.63
CA ASN A 2236 -22.93 71.23 -34.27
C ASN A 2236 -22.94 71.04 -35.79
N GLU A 2237 -23.51 69.95 -36.28
CA GLU A 2237 -23.53 69.72 -37.73
C GLU A 2237 -24.54 70.63 -38.42
N VAL A 2238 -25.74 70.77 -37.85
CA VAL A 2238 -26.77 71.58 -38.50
C VAL A 2238 -26.40 73.05 -38.53
N LYS A 2239 -25.62 73.53 -37.57
CA LYS A 2239 -25.23 74.94 -37.50
C LYS A 2239 -26.46 75.85 -37.46
N GLY A 2240 -27.46 75.43 -36.70
CA GLY A 2240 -28.68 76.21 -36.53
C GLY A 2240 -29.56 76.33 -37.76
N ARG A 2241 -29.74 75.24 -38.51
CA ARG A 2241 -30.71 75.22 -39.62
C ARG A 2241 -32.06 74.82 -39.06
N ILE A 2242 -32.83 75.82 -38.64
CA ILE A 2242 -34.16 75.61 -38.10
C ILE A 2242 -35.11 75.27 -39.23
N LEU A 2243 -34.64 75.45 -40.47
CA LEU A 2243 -35.48 75.15 -41.64
C LEU A 2243 -35.96 73.71 -41.63
N ASP A 2244 -35.05 72.76 -41.44
CA ASP A 2244 -35.42 71.36 -41.25
C ASP A 2244 -35.56 71.05 -39.76
N ASP A 2245 -36.30 71.92 -39.08
CA ASP A 2245 -36.38 71.86 -37.62
C ASP A 2245 -36.97 70.54 -37.16
N ASP A 2246 -38.02 70.08 -37.84
CA ASP A 2246 -38.65 68.81 -37.47
C ASP A 2246 -37.60 67.72 -37.35
N THR A 2247 -36.61 67.71 -38.26
CA THR A 2247 -35.53 66.73 -38.19
C THR A 2247 -34.94 66.68 -36.78
N ILE A 2248 -34.37 67.78 -36.32
CA ILE A 2248 -33.80 67.77 -34.98
C ILE A 2248 -34.89 67.50 -33.96
N ILE A 2249 -36.08 68.08 -34.17
CA ILE A 2249 -37.19 67.85 -33.25
C ILE A 2249 -37.42 66.36 -33.08
N THR A 2250 -37.33 65.61 -34.18
CA THR A 2250 -37.48 64.16 -34.12
C THR A 2250 -36.62 63.58 -33.01
N THR A 2251 -35.29 63.74 -33.11
CA THR A 2251 -34.44 63.12 -32.10
C THR A 2251 -34.68 63.78 -30.74
N LEU A 2252 -35.04 65.06 -30.75
CA LEU A 2252 -35.39 65.72 -29.50
C LEU A 2252 -36.51 64.97 -28.80
N GLU A 2253 -37.58 64.65 -29.54
CA GLU A 2253 -38.67 63.89 -28.95
C GLU A 2253 -38.16 62.56 -28.40
N ASN A 2254 -37.23 61.92 -29.11
CA ASN A 2254 -36.64 60.70 -28.60
C ASN A 2254 -35.97 60.94 -27.26
N LEU A 2255 -35.11 61.97 -27.18
CA LEU A 2255 -34.44 62.26 -25.93
C LEU A 2255 -35.44 62.62 -24.84
N LYS A 2256 -36.65 63.01 -25.24
CA LYS A 2256 -37.72 63.13 -24.27
C LYS A 2256 -38.22 61.74 -23.85
N ARG A 2257 -38.72 60.97 -24.81
CA ARG A 2257 -39.49 59.77 -24.46
C ARG A 2257 -38.64 58.75 -23.70
N GLU A 2258 -37.49 58.38 -24.26
CA GLU A 2258 -36.64 57.41 -23.58
C GLU A 2258 -36.13 57.93 -22.25
N ALA A 2259 -36.12 59.25 -22.04
CA ALA A 2259 -35.85 59.75 -20.70
C ALA A 2259 -36.97 59.35 -19.74
N ALA A 2260 -38.22 59.68 -20.11
CA ALA A 2260 -39.33 59.50 -19.18
C ALA A 2260 -39.43 58.05 -18.72
N GLU A 2261 -39.43 57.11 -19.66
CA GLU A 2261 -39.51 55.70 -19.28
C GLU A 2261 -38.40 55.33 -18.30
N VAL A 2262 -37.18 55.81 -18.56
CA VAL A 2262 -36.08 55.52 -17.62
C VAL A 2262 -36.42 56.10 -16.25
N THR A 2263 -36.84 57.37 -16.23
CA THR A 2263 -37.33 57.94 -14.97
C THR A 2263 -38.53 57.15 -14.47
N ARG A 2264 -39.43 56.79 -15.38
CA ARG A 2264 -40.54 55.91 -15.01
C ARG A 2264 -40.00 54.62 -14.41
N LYS A 2265 -38.98 54.02 -15.04
CA LYS A 2265 -38.44 52.76 -14.53
C LYS A 2265 -37.85 52.96 -13.15
N VAL A 2266 -37.40 54.17 -12.83
CA VAL A 2266 -36.87 54.44 -11.49
C VAL A 2266 -37.97 54.33 -10.45
N GLU A 2267 -39.20 54.75 -10.80
CA GLU A 2267 -40.28 54.79 -9.83
C GLU A 2267 -40.69 53.40 -9.35
N GLU A 2268 -40.91 52.45 -10.26
CA GLU A 2268 -41.29 51.11 -9.87
C GLU A 2268 -40.11 50.21 -9.55
N THR A 2269 -38.92 50.78 -9.33
CA THR A 2269 -37.77 49.96 -8.95
C THR A 2269 -38.07 49.16 -7.70
N ASP A 2270 -38.72 49.77 -6.71
CA ASP A 2270 -39.05 49.05 -5.48
C ASP A 2270 -40.17 48.06 -5.70
N ILE A 2271 -41.32 48.52 -6.22
CA ILE A 2271 -42.52 47.68 -6.23
C ILE A 2271 -42.32 46.47 -7.13
N VAL A 2272 -41.50 46.60 -8.18
CA VAL A 2272 -41.19 45.45 -9.02
C VAL A 2272 -40.44 44.39 -8.22
N MET A 2273 -39.58 44.83 -7.30
CA MET A 2273 -38.75 43.88 -6.55
C MET A 2273 -39.59 42.89 -5.77
N GLN A 2274 -40.66 43.36 -5.12
CA GLN A 2274 -41.50 42.42 -4.39
C GLN A 2274 -42.23 41.47 -5.33
N GLU A 2275 -42.60 41.94 -6.52
CA GLU A 2275 -43.25 41.07 -7.49
C GLU A 2275 -42.29 39.98 -7.97
N VAL A 2276 -41.08 40.37 -8.36
CA VAL A 2276 -40.09 39.40 -8.82
C VAL A 2276 -39.69 38.48 -7.67
N GLU A 2277 -39.56 39.03 -6.46
CA GLU A 2277 -39.22 38.20 -5.30
C GLU A 2277 -40.30 37.16 -5.05
N THR A 2278 -41.57 37.55 -5.13
CA THR A 2278 -42.66 36.61 -4.92
C THR A 2278 -42.69 35.54 -6.01
N VAL A 2279 -42.49 35.95 -7.28
CA VAL A 2279 -42.48 34.97 -8.37
C VAL A 2279 -41.35 33.97 -8.18
N SER A 2280 -40.16 34.46 -7.82
CA SER A 2280 -39.04 33.57 -7.57
C SER A 2280 -39.32 32.64 -6.39
N GLN A 2281 -39.92 33.17 -5.33
CA GLN A 2281 -40.27 32.34 -4.18
C GLN A 2281 -41.27 31.25 -4.55
N GLN A 2282 -42.13 31.53 -5.54
CA GLN A 2282 -43.09 30.52 -5.99
C GLN A 2282 -42.37 29.31 -6.58
N TYR A 2283 -41.29 29.55 -7.35
CA TYR A 2283 -40.59 28.50 -8.06
C TYR A 2283 -39.39 27.95 -7.30
N LEU A 2284 -39.16 28.42 -6.08
CA LEU A 2284 -38.04 27.98 -5.25
C LEU A 2284 -38.08 26.49 -4.91
N PRO A 2285 -39.24 25.94 -4.50
CA PRO A 2285 -39.25 24.50 -4.17
C PRO A 2285 -38.81 23.61 -5.31
N LEU A 2286 -39.17 23.96 -6.56
CA LEU A 2286 -38.73 23.17 -7.69
C LEU A 2286 -37.22 23.19 -7.83
N SER A 2287 -36.60 24.36 -7.63
CA SER A 2287 -35.14 24.47 -7.72
C SER A 2287 -34.47 23.66 -6.62
N THR A 2288 -34.99 23.74 -5.39
CA THR A 2288 -34.41 22.95 -4.30
C THR A 2288 -34.53 21.45 -4.58
N ALA A 2289 -35.69 21.02 -5.10
CA ALA A 2289 -35.86 19.62 -5.47
C ALA A 2289 -34.87 19.23 -6.56
N CYS A 2290 -34.66 20.10 -7.55
CA CYS A 2290 -33.72 19.81 -8.62
C CYS A 2290 -32.31 19.61 -8.08
N SER A 2291 -31.86 20.52 -7.22
CA SER A 2291 -30.53 20.40 -6.63
C SER A 2291 -30.41 19.11 -5.84
N SER A 2292 -31.41 18.83 -5.00
CA SER A 2292 -31.35 17.64 -4.16
C SER A 2292 -31.32 16.36 -5.00
N ILE A 2293 -32.15 16.30 -6.05
CA ILE A 2293 -32.22 15.08 -6.85
C ILE A 2293 -30.93 14.90 -7.65
N TYR A 2294 -30.37 15.99 -8.16
CA TYR A 2294 -29.10 15.86 -8.88
C TYR A 2294 -28.00 15.38 -7.97
N PHE A 2295 -27.93 15.92 -6.75
CA PHE A 2295 -26.85 15.48 -5.87
C PHE A 2295 -27.07 14.07 -5.36
N THR A 2296 -28.33 13.64 -5.21
CA THR A 2296 -28.59 12.24 -4.91
C THR A 2296 -28.12 11.34 -6.05
N MET A 2297 -28.41 11.74 -7.30
CA MET A 2297 -27.94 10.97 -8.45
C MET A 2297 -26.42 10.91 -8.49
N GLU A 2298 -25.75 12.02 -8.20
CA GLU A 2298 -24.30 12.04 -8.21
C GLU A 2298 -23.72 11.16 -7.10
N SER A 2299 -24.32 11.20 -5.90
CA SER A 2299 -23.85 10.40 -4.79
C SER A 2299 -24.26 8.93 -4.90
N LEU A 2300 -25.13 8.59 -5.84
CA LEU A 2300 -25.52 7.19 -6.04
C LEU A 2300 -24.35 6.31 -6.46
N LYS A 2301 -23.16 6.89 -6.63
CA LYS A 2301 -21.99 6.10 -7.00
C LYS A 2301 -21.60 5.12 -5.90
N GLN A 2302 -21.86 5.47 -4.64
CA GLN A 2302 -21.37 4.67 -3.52
C GLN A 2302 -22.09 3.34 -3.36
N ILE A 2303 -23.36 3.25 -3.78
CA ILE A 2303 -24.05 1.97 -3.75
C ILE A 2303 -23.41 0.99 -4.74
N HIS A 2304 -23.18 1.44 -5.97
CA HIS A 2304 -22.65 0.56 -7.01
C HIS A 2304 -21.80 1.38 -7.95
N PHE A 2305 -20.68 0.80 -8.39
CA PHE A 2305 -19.79 1.48 -9.31
C PHE A 2305 -20.46 1.79 -10.64
N LEU A 2306 -21.55 1.09 -10.97
CA LEU A 2306 -22.23 1.28 -12.25
C LEU A 2306 -23.07 2.54 -12.30
N TYR A 2307 -23.37 3.16 -11.15
CA TYR A 2307 -24.26 4.33 -11.11
C TYR A 2307 -23.44 5.61 -11.26
N GLN A 2308 -22.99 5.86 -12.49
CA GLN A 2308 -22.25 7.07 -12.82
C GLN A 2308 -23.16 7.97 -13.65
N TYR A 2309 -23.38 9.19 -13.17
CA TYR A 2309 -24.25 10.15 -13.83
C TYR A 2309 -23.56 11.52 -13.86
N SER A 2310 -23.65 12.19 -15.00
CA SER A 2310 -23.02 13.50 -15.18
C SER A 2310 -24.03 14.62 -14.99
N LEU A 2311 -23.50 15.83 -14.80
CA LEU A 2311 -24.36 17.00 -14.70
C LEU A 2311 -25.13 17.23 -15.99
N GLN A 2312 -24.52 16.95 -17.14
CA GLN A 2312 -25.21 17.07 -18.42
C GLN A 2312 -26.41 16.14 -18.48
N PHE A 2313 -26.34 14.98 -17.83
CA PHE A 2313 -27.48 14.07 -17.80
C PHE A 2313 -28.68 14.70 -17.11
N PHE A 2314 -28.46 15.27 -15.93
CA PHE A 2314 -29.56 15.91 -15.21
C PHE A 2314 -30.05 17.16 -15.94
N LEU A 2315 -29.14 17.89 -16.58
CA LEU A 2315 -29.56 19.04 -17.38
C LEU A 2315 -30.43 18.61 -18.54
N ASP A 2316 -30.08 17.49 -19.18
CA ASP A 2316 -30.92 16.95 -20.25
C ASP A 2316 -32.28 16.53 -19.72
N ILE A 2317 -32.32 15.91 -18.54
CA ILE A 2317 -33.59 15.53 -17.93
C ILE A 2317 -34.46 16.76 -17.69
N TYR A 2318 -33.86 17.81 -17.11
CA TYR A 2318 -34.59 19.04 -16.82
C TYR A 2318 -35.10 19.69 -18.10
N HIS A 2319 -34.26 19.75 -19.13
CA HIS A 2319 -34.69 20.36 -20.39
C HIS A 2319 -35.79 19.55 -21.06
N ASN A 2320 -35.69 18.22 -20.98
CA ASN A 2320 -36.74 17.38 -21.55
C ASN A 2320 -38.06 17.56 -20.83
N VAL A 2321 -38.03 17.67 -19.50
CA VAL A 2321 -39.28 17.84 -18.75
C VAL A 2321 -39.81 19.26 -18.85
N LEU A 2322 -38.97 20.23 -19.21
CA LEU A 2322 -39.43 21.62 -19.28
C LEU A 2322 -39.89 22.01 -20.69
N TYR A 2323 -39.26 21.47 -21.73
CA TYR A 2323 -39.56 21.89 -23.10
C TYR A 2323 -40.21 20.81 -23.94
N GLU A 2324 -40.18 19.55 -23.52
CA GLU A 2324 -40.74 18.44 -24.28
C GLU A 2324 -41.75 17.67 -23.45
N ASN A 2325 -42.62 18.40 -22.73
CA ASN A 2325 -43.61 17.77 -21.88
C ASN A 2325 -44.92 17.65 -22.63
N PRO A 2326 -45.39 16.43 -22.94
CA PRO A 2326 -46.69 16.29 -23.58
C PRO A 2326 -47.86 16.73 -22.72
N ASN A 2327 -47.71 16.72 -21.40
CA ASN A 2327 -48.80 17.06 -20.49
C ASN A 2327 -48.97 18.56 -20.31
N LEU A 2328 -48.05 19.38 -20.82
CA LEU A 2328 -48.08 20.82 -20.58
C LEU A 2328 -48.82 21.60 -21.66
N LYS A 2329 -49.18 20.99 -22.78
CA LYS A 2329 -49.90 21.69 -23.83
C LYS A 2329 -51.38 21.77 -23.48
N GLY A 2330 -52.00 22.89 -23.84
CA GLY A 2330 -53.40 23.10 -23.58
C GLY A 2330 -53.74 23.57 -22.19
N VAL A 2331 -52.75 23.71 -21.30
CA VAL A 2331 -52.98 24.20 -19.95
C VAL A 2331 -52.08 25.41 -19.71
N THR A 2332 -52.69 26.52 -19.29
CA THR A 2332 -51.97 27.76 -19.00
C THR A 2332 -52.56 28.34 -17.72
N ASP A 2333 -51.90 28.09 -16.59
CA ASP A 2333 -52.36 28.63 -15.32
C ASP A 2333 -51.28 29.24 -14.46
N HIS A 2334 -50.00 29.00 -14.75
CA HIS A 2334 -48.85 29.50 -13.97
C HIS A 2334 -48.84 28.98 -12.54
N THR A 2335 -49.78 28.12 -12.18
CA THR A 2335 -49.76 27.43 -10.89
C THR A 2335 -50.05 25.94 -11.00
N GLN A 2336 -50.74 25.49 -12.05
CA GLN A 2336 -50.89 24.08 -12.34
C GLN A 2336 -49.74 23.54 -13.18
N ARG A 2337 -49.21 24.38 -14.08
CA ARG A 2337 -48.06 23.98 -14.87
C ARG A 2337 -46.87 23.66 -13.98
N LEU A 2338 -46.69 24.40 -12.89
CA LEU A 2338 -45.61 24.12 -11.97
C LEU A 2338 -45.76 22.75 -11.31
N SER A 2339 -46.98 22.42 -10.87
CA SER A 2339 -47.21 21.11 -10.27
C SER A 2339 -46.98 20.00 -11.27
N ILE A 2340 -47.47 20.17 -12.50
CA ILE A 2340 -47.24 19.17 -13.54
C ILE A 2340 -45.75 19.02 -13.81
N ILE A 2341 -45.03 20.13 -13.84
CA ILE A 2341 -43.59 20.09 -14.10
C ILE A 2341 -42.88 19.32 -12.99
N THR A 2342 -43.25 19.58 -11.73
CA THR A 2342 -42.61 18.87 -10.61
C THR A 2342 -42.90 17.37 -10.68
N LYS A 2343 -44.16 17.01 -10.86
CA LYS A 2343 -44.53 15.60 -10.91
C LYS A 2343 -43.83 14.87 -12.06
N ASP A 2344 -43.84 15.49 -13.25
CA ASP A 2344 -43.20 14.87 -14.39
C ASP A 2344 -41.68 14.84 -14.24
N LEU A 2345 -41.10 15.84 -13.57
CA LEU A 2345 -39.67 15.81 -13.28
C LEU A 2345 -39.32 14.60 -12.46
N PHE A 2346 -40.03 14.39 -11.35
CA PHE A 2346 -39.74 13.22 -10.52
C PHE A 2346 -39.94 11.93 -11.31
N GLN A 2347 -41.05 11.83 -12.05
CA GLN A 2347 -41.35 10.60 -12.77
C GLN A 2347 -40.31 10.30 -13.84
N VAL A 2348 -39.96 11.31 -14.64
CA VAL A 2348 -39.02 11.08 -15.74
C VAL A 2348 -37.61 10.86 -15.21
N ALA A 2349 -37.25 11.50 -14.10
CA ALA A 2349 -35.95 11.22 -13.50
C ALA A 2349 -35.86 9.78 -13.04
N PHE A 2350 -36.91 9.29 -12.37
CA PHE A 2350 -36.92 7.89 -11.97
C PHE A 2350 -36.85 6.97 -13.19
N ASN A 2351 -37.61 7.29 -14.25
CA ASN A 2351 -37.60 6.45 -15.44
C ASN A 2351 -36.22 6.41 -16.08
N ARG A 2352 -35.56 7.57 -16.19
CA ARG A 2352 -34.28 7.63 -16.87
C ARG A 2352 -33.15 7.05 -16.04
N VAL A 2353 -33.28 7.05 -14.71
CA VAL A 2353 -32.21 6.52 -13.86
C VAL A 2353 -32.36 5.02 -13.63
N ALA A 2354 -33.56 4.56 -13.30
CA ALA A 2354 -33.75 3.15 -12.95
C ALA A 2354 -33.45 2.22 -14.11
N ARG A 2355 -33.58 2.67 -15.35
CA ARG A 2355 -33.26 1.81 -16.49
C ARG A 2355 -31.80 1.39 -16.51
N GLY A 2356 -30.91 2.17 -15.90
CA GLY A 2356 -29.53 1.77 -15.76
C GLY A 2356 -29.23 1.27 -14.36
N MET A 2357 -30.23 0.64 -13.75
CA MET A 2357 -30.15 0.18 -12.37
C MET A 2357 -30.71 -1.23 -12.27
N LEU A 2358 -30.09 -2.05 -11.42
CA LEU A 2358 -30.56 -3.41 -11.23
C LEU A 2358 -31.94 -3.41 -10.57
N HIS A 2359 -32.68 -4.50 -10.80
CA HIS A 2359 -34.02 -4.60 -10.24
C HIS A 2359 -33.96 -5.10 -8.80
N GLN A 2360 -33.09 -4.49 -8.01
CA GLN A 2360 -33.08 -4.68 -6.57
C GLN A 2360 -32.82 -3.37 -5.83
N ASP A 2361 -32.68 -2.25 -6.55
CA ASP A 2361 -32.44 -0.96 -5.95
C ASP A 2361 -33.40 0.11 -6.46
N HIS A 2362 -34.34 -0.25 -7.33
CA HIS A 2362 -35.37 0.70 -7.75
C HIS A 2362 -36.12 1.25 -6.55
N ILE A 2363 -36.40 0.39 -5.57
CA ILE A 2363 -37.12 0.83 -4.38
C ILE A 2363 -36.30 1.84 -3.59
N THR A 2364 -34.97 1.68 -3.57
CA THR A 2364 -34.12 2.62 -2.86
C THR A 2364 -34.18 4.01 -3.48
N PHE A 2365 -34.03 4.08 -4.81
CA PHE A 2365 -34.09 5.37 -5.48
C PHE A 2365 -35.48 5.98 -5.36
N ALA A 2366 -36.53 5.17 -5.48
CA ALA A 2366 -37.87 5.69 -5.31
C ALA A 2366 -38.09 6.23 -3.90
N MET A 2367 -37.55 5.56 -2.89
CA MET A 2367 -37.65 6.03 -1.52
C MET A 2367 -36.92 7.34 -1.34
N LEU A 2368 -35.72 7.47 -1.92
CA LEU A 2368 -34.98 8.73 -1.82
C LEU A 2368 -35.75 9.85 -2.50
N LEU A 2369 -36.35 9.57 -3.66
CA LEU A 2369 -37.15 10.59 -4.34
C LEU A 2369 -38.36 10.99 -3.52
N ALA A 2370 -39.04 10.02 -2.91
CA ALA A 2370 -40.19 10.32 -2.07
C ALA A 2370 -39.80 11.15 -0.87
N ARG A 2371 -38.65 10.83 -0.25
CA ARG A 2371 -38.17 11.63 0.88
C ARG A 2371 -37.83 13.05 0.45
N ILE A 2372 -37.21 13.20 -0.72
CA ILE A 2372 -36.90 14.54 -1.22
C ILE A 2372 -38.18 15.33 -1.46
N LYS A 2373 -39.18 14.70 -2.06
CA LYS A 2373 -40.46 15.39 -2.29
C LYS A 2373 -41.13 15.77 -0.97
N LEU A 2374 -41.08 14.86 0.02
CA LEU A 2374 -41.68 15.15 1.31
C LEU A 2374 -40.98 16.33 1.99
N LYS A 2375 -39.65 16.40 1.88
CA LYS A 2375 -38.95 17.56 2.39
C LYS A 2375 -39.35 18.83 1.64
N GLY A 2376 -39.49 18.73 0.32
CA GLY A 2376 -39.82 19.89 -0.48
C GLY A 2376 -41.21 20.43 -0.25
N THR A 2377 -42.20 19.53 -0.13
CA THR A 2377 -43.58 19.96 -0.04
C THR A 2377 -43.84 20.72 1.24
N VAL A 2378 -44.83 21.61 1.19
CA VAL A 2378 -45.16 22.49 2.31
C VAL A 2378 -46.49 22.07 2.90
N GLY A 2379 -46.62 22.22 4.22
CA GLY A 2379 -47.81 21.85 4.94
C GLY A 2379 -47.74 20.53 5.67
N GLU A 2380 -46.60 19.84 5.60
CA GLU A 2380 -46.46 18.54 6.23
C GLU A 2380 -45.26 18.53 7.16
N PRO A 2381 -45.37 17.91 8.34
CA PRO A 2381 -44.19 17.76 9.21
C PRO A 2381 -43.12 16.92 8.54
N THR A 2382 -41.87 17.22 8.87
CA THR A 2382 -40.73 16.56 8.25
C THR A 2382 -40.52 15.13 8.72
N TYR A 2383 -41.03 14.77 9.89
CA TYR A 2383 -40.84 13.43 10.47
C TYR A 2383 -39.37 13.06 10.56
N ASP A 2384 -38.55 14.04 10.97
CA ASP A 2384 -37.12 13.80 11.08
C ASP A 2384 -36.81 12.72 12.10
N ALA A 2385 -37.49 12.75 13.25
CA ALA A 2385 -37.29 11.72 14.26
C ALA A 2385 -37.73 10.36 13.74
N GLU A 2386 -38.85 10.31 12.99
CA GLU A 2386 -39.32 9.04 12.47
C GLU A 2386 -38.32 8.43 11.49
N PHE A 2387 -37.80 9.24 10.55
CA PHE A 2387 -36.79 8.73 9.63
C PHE A 2387 -35.51 8.34 10.35
N GLN A 2388 -35.11 9.12 11.35
CA GLN A 2388 -33.90 8.79 12.10
C GLN A 2388 -34.03 7.45 12.80
N HIS A 2389 -35.20 7.19 13.40
CA HIS A 2389 -35.45 5.88 14.00
C HIS A 2389 -35.52 4.80 12.94
N PHE A 2390 -36.08 5.13 11.77
CA PHE A 2390 -36.22 4.15 10.70
C PHE A 2390 -34.85 3.68 10.20
N LEU A 2391 -33.92 4.60 10.04
CA LEU A 2391 -32.61 4.25 9.50
C LEU A 2391 -31.71 3.60 10.54
N ARG A 2392 -31.40 4.33 11.61
CA ARG A 2392 -30.45 3.85 12.61
C ARG A 2392 -31.01 3.81 14.03
N GLY A 2393 -32.10 4.52 14.32
CA GLY A 2393 -32.63 4.55 15.67
C GLY A 2393 -33.13 3.21 16.17
N ASN A 2394 -33.43 2.28 15.26
CA ASN A 2394 -33.85 0.94 15.64
C ASN A 2394 -32.67 0.01 15.91
N GLU A 2395 -31.44 0.50 15.75
CA GLU A 2395 -30.24 -0.30 16.00
C GLU A 2395 -29.57 0.07 17.32
N ILE A 2396 -30.30 0.72 18.23
CA ILE A 2396 -29.74 1.10 19.52
C ILE A 2396 -29.69 -0.11 20.43
N VAL A 2397 -28.96 0.02 21.54
CA VAL A 2397 -28.78 -1.08 22.49
C VAL A 2397 -29.42 -0.68 23.82
N LEU A 2398 -29.84 -1.69 24.58
CA LEU A 2398 -30.57 -1.47 25.82
C LEU A 2398 -30.26 -2.61 26.79
N SER A 2399 -30.78 -2.49 28.02
CA SER A 2399 -30.42 -3.42 29.09
C SER A 2399 -31.42 -4.57 29.21
N ALA A 2400 -32.69 -4.27 29.46
CA ALA A 2400 -33.68 -5.30 29.72
C ALA A 2400 -35.04 -4.81 29.23
N GLY A 2401 -36.09 -5.50 29.65
CA GLY A 2401 -37.43 -5.21 29.20
C GLY A 2401 -37.93 -6.08 28.06
N SER A 2402 -37.23 -7.16 27.73
CA SER A 2402 -37.57 -8.02 26.61
C SER A 2402 -38.45 -9.19 27.02
N THR A 2403 -39.26 -9.03 28.06
CA THR A 2403 -40.14 -10.10 28.49
C THR A 2403 -41.18 -10.41 27.41
N PRO A 2404 -41.43 -11.69 27.11
CA PRO A 2404 -42.48 -12.03 26.15
C PRO A 2404 -43.86 -11.88 26.77
N ARG A 2405 -44.75 -11.21 26.05
CA ARG A 2405 -46.12 -11.02 26.51
C ARG A 2405 -47.12 -11.89 25.76
N ILE A 2406 -47.09 -11.87 24.43
CA ILE A 2406 -48.00 -12.65 23.60
C ILE A 2406 -47.24 -13.86 23.09
N GLN A 2407 -47.86 -15.05 23.22
CA GLN A 2407 -47.22 -16.27 22.75
C GLN A 2407 -46.91 -16.21 21.25
N GLY A 2408 -47.71 -15.46 20.48
CA GLY A 2408 -47.41 -15.24 19.09
C GLY A 2408 -46.32 -14.23 18.84
N LEU A 2409 -46.01 -13.39 19.83
CA LEU A 2409 -44.98 -12.38 19.69
C LEU A 2409 -43.67 -12.89 20.27
N THR A 2410 -42.64 -12.98 19.43
CA THR A 2410 -41.39 -13.58 19.80
C THR A 2410 -40.46 -12.58 20.50
N VAL A 2411 -39.30 -13.09 20.92
CA VAL A 2411 -38.38 -12.29 21.73
C VAL A 2411 -37.75 -11.17 20.91
N GLU A 2412 -37.38 -11.45 19.66
CA GLU A 2412 -36.80 -10.40 18.82
C GLU A 2412 -37.82 -9.32 18.53
N GLN A 2413 -39.08 -9.70 18.28
CA GLN A 2413 -40.13 -8.72 18.08
C GLN A 2413 -40.37 -7.91 19.35
N ALA A 2414 -40.30 -8.55 20.51
CA ALA A 2414 -40.46 -7.82 21.77
C ALA A 2414 -39.34 -6.81 21.97
N GLU A 2415 -38.10 -7.20 21.65
CA GLU A 2415 -36.98 -6.28 21.82
C GLU A 2415 -37.05 -5.13 20.81
N ALA A 2416 -37.54 -5.41 19.60
CA ALA A 2416 -37.83 -4.34 18.65
C ALA A 2416 -38.92 -3.41 19.17
N VAL A 2417 -39.92 -3.97 19.86
CA VAL A 2417 -40.94 -3.15 20.51
C VAL A 2417 -40.29 -2.24 21.55
N VAL A 2418 -39.35 -2.78 22.32
CA VAL A 2418 -38.70 -1.97 23.34
C VAL A 2418 -37.92 -0.83 22.71
N ARG A 2419 -37.25 -1.09 21.57
CA ARG A 2419 -36.64 0.02 20.83
C ARG A 2419 -37.68 1.04 20.38
N LEU A 2420 -38.75 0.57 19.72
CA LEU A 2420 -39.73 1.48 19.16
C LEU A 2420 -40.45 2.30 20.22
N SER A 2421 -40.48 1.79 21.46
CA SER A 2421 -41.17 2.51 22.53
C SER A 2421 -40.49 3.84 22.87
N CYS A 2422 -39.17 3.93 22.66
CA CYS A 2422 -38.47 5.17 23.01
C CYS A 2422 -38.88 6.33 22.11
N LEU A 2423 -39.53 6.05 20.98
CA LEU A 2423 -40.01 7.10 20.09
C LEU A 2423 -41.31 7.66 20.66
N PRO A 2424 -41.41 8.98 20.88
CA PRO A 2424 -42.65 9.54 21.43
C PRO A 2424 -43.85 9.43 20.50
N ALA A 2425 -43.63 9.09 19.22
CA ALA A 2425 -44.74 8.90 18.30
C ALA A 2425 -45.63 7.73 18.66
N PHE A 2426 -45.18 6.85 19.55
CA PHE A 2426 -46.00 5.79 20.11
C PHE A 2426 -46.22 5.95 21.60
N LYS A 2427 -45.14 6.08 22.38
CA LYS A 2427 -45.14 6.38 23.81
C LYS A 2427 -45.63 5.18 24.62
N ASP A 2428 -46.15 4.17 23.93
CA ASP A 2428 -46.59 2.93 24.56
C ASP A 2428 -46.89 1.92 23.46
N LEU A 2429 -46.33 0.73 23.59
CA LEU A 2429 -46.63 -0.35 22.66
C LEU A 2429 -47.05 -1.63 23.36
N ILE A 2430 -46.49 -1.90 24.55
CA ILE A 2430 -46.86 -3.10 25.29
C ILE A 2430 -48.34 -3.07 25.66
N ALA A 2431 -48.82 -1.92 26.13
CA ALA A 2431 -50.23 -1.81 26.51
C ALA A 2431 -51.14 -2.04 25.32
N LYS A 2432 -50.77 -1.51 24.15
CA LYS A 2432 -51.60 -1.68 22.96
C LYS A 2432 -51.69 -3.14 22.55
N VAL A 2433 -50.56 -3.87 22.60
CA VAL A 2433 -50.57 -5.27 22.19
C VAL A 2433 -51.13 -6.20 23.26
N GLN A 2434 -51.22 -5.74 24.50
CA GLN A 2434 -51.88 -6.53 25.54
C GLN A 2434 -53.33 -6.79 25.16
N ALA A 2435 -54.06 -5.75 24.77
CA ALA A 2435 -55.42 -5.87 24.27
C ALA A 2435 -55.37 -6.12 22.77
N ASP A 2436 -56.55 -6.23 22.15
CA ASP A 2436 -56.68 -6.43 20.71
C ASP A 2436 -55.94 -7.69 20.27
N GLU A 2437 -56.46 -8.83 20.74
CA GLU A 2437 -55.89 -10.13 20.39
C GLU A 2437 -55.90 -10.39 18.89
N GLN A 2438 -56.75 -9.69 18.13
CA GLN A 2438 -56.72 -9.79 16.67
C GLN A 2438 -55.35 -9.46 16.11
N PHE A 2439 -54.58 -8.62 16.81
CA PHE A 2439 -53.21 -8.34 16.40
C PHE A 2439 -52.42 -9.62 16.17
N GLY A 2440 -52.60 -10.62 17.03
CA GLY A 2440 -51.91 -11.89 16.84
C GLY A 2440 -52.21 -12.49 15.49
N ILE A 2441 -53.48 -12.47 15.08
CA ILE A 2441 -53.83 -12.96 13.75
C ILE A 2441 -53.12 -12.12 12.68
N TRP A 2442 -53.10 -10.80 12.87
CA TRP A 2442 -52.38 -9.95 11.92
C TRP A 2442 -50.90 -10.29 11.89
N LEU A 2443 -50.38 -10.85 12.98
CA LEU A 2443 -48.97 -11.23 13.01
C LEU A 2443 -48.67 -12.46 12.16
N ASP A 2444 -49.70 -13.14 11.66
CA ASP A 2444 -49.52 -14.33 10.84
C ASP A 2444 -50.17 -14.23 9.47
N SER A 2445 -50.62 -13.04 9.08
CA SER A 2445 -51.25 -12.87 7.78
C SER A 2445 -50.22 -13.05 6.66
N SER A 2446 -50.71 -13.50 5.50
CA SER A 2446 -49.85 -13.68 4.34
C SER A 2446 -49.32 -12.35 3.81
N SER A 2447 -50.12 -11.29 3.88
CA SER A 2447 -49.68 -9.95 3.46
C SER A 2447 -50.08 -8.95 4.54
N PRO A 2448 -49.40 -8.99 5.69
CA PRO A 2448 -49.78 -8.15 6.83
C PRO A 2448 -49.27 -6.71 6.73
N GLU A 2449 -49.44 -6.11 5.55
CA GLU A 2449 -49.13 -4.70 5.36
C GLU A 2449 -50.24 -3.92 4.66
N GLN A 2450 -51.17 -4.59 3.97
CA GLN A 2450 -52.33 -3.90 3.43
C GLN A 2450 -53.21 -3.35 4.55
N THR A 2451 -53.40 -4.12 5.62
CA THR A 2451 -54.18 -3.70 6.77
C THR A 2451 -53.30 -3.76 8.01
N VAL A 2452 -53.22 -2.63 8.73
CA VAL A 2452 -52.42 -2.55 9.94
C VAL A 2452 -53.21 -1.82 11.02
N PRO A 2453 -53.32 -2.38 12.22
CA PRO A 2453 -54.05 -1.69 13.29
C PRO A 2453 -53.30 -0.45 13.78
N TYR A 2454 -54.06 0.48 14.34
CA TYR A 2454 -53.51 1.75 14.83
C TYR A 2454 -52.93 1.54 16.22
N LEU A 2455 -51.71 1.00 16.26
CA LEU A 2455 -51.04 0.81 17.54
C LEU A 2455 -50.57 2.14 18.13
N TRP A 2456 -50.19 3.09 17.28
CA TRP A 2456 -49.86 4.42 17.77
C TRP A 2456 -51.12 5.11 18.29
N SER A 2457 -50.98 5.81 19.42
CA SER A 2457 -52.10 6.41 20.14
C SER A 2457 -51.87 7.89 20.34
N GLU A 2458 -51.52 8.58 19.26
CA GLU A 2458 -51.20 9.99 19.28
C GLU A 2458 -52.22 10.77 18.45
N GLU A 2459 -51.93 12.04 18.21
CA GLU A 2459 -52.82 12.89 17.44
C GLU A 2459 -53.06 12.30 16.05
N THR A 2460 -54.27 12.48 15.55
CA THR A 2460 -54.71 11.80 14.33
C THR A 2460 -53.85 12.20 13.14
N PRO A 2461 -53.20 11.25 12.47
CA PRO A 2461 -52.46 11.55 11.22
C PRO A 2461 -53.39 11.55 10.01
N ALA A 2462 -54.24 12.59 9.94
CA ALA A 2462 -55.20 12.69 8.86
C ALA A 2462 -54.50 12.74 7.51
N THR A 2463 -53.32 13.34 7.45
CA THR A 2463 -52.54 13.33 6.22
C THR A 2463 -52.04 11.91 5.95
N PRO A 2464 -52.20 11.39 4.72
CA PRO A 2464 -51.77 10.02 4.45
C PRO A 2464 -50.28 9.78 4.66
N ILE A 2465 -49.45 10.82 4.56
CA ILE A 2465 -48.01 10.63 4.68
C ILE A 2465 -47.63 10.18 6.09
N GLY A 2466 -48.21 10.83 7.10
CA GLY A 2466 -47.92 10.45 8.47
C GLY A 2466 -48.39 9.05 8.80
N GLN A 2467 -49.61 8.70 8.37
CA GLN A 2467 -50.09 7.34 8.57
C GLN A 2467 -49.19 6.34 7.87
N ALA A 2468 -48.76 6.64 6.64
CA ALA A 2468 -47.92 5.72 5.90
C ALA A 2468 -46.57 5.52 6.58
N ILE A 2469 -45.96 6.61 7.07
CA ILE A 2469 -44.65 6.48 7.69
C ILE A 2469 -44.75 5.76 9.04
N HIS A 2470 -45.81 6.04 9.82
CA HIS A 2470 -45.99 5.31 11.06
C HIS A 2470 -46.20 3.82 10.80
N ARG A 2471 -47.02 3.49 9.80
CA ARG A 2471 -47.25 2.09 9.45
C ARG A 2471 -45.97 1.44 8.94
N LEU A 2472 -45.14 2.20 8.22
CA LEU A 2472 -43.86 1.67 7.74
C LEU A 2472 -42.92 1.36 8.90
N LEU A 2473 -42.87 2.24 9.89
CA LEU A 2473 -42.06 1.96 11.08
C LEU A 2473 -42.59 0.74 11.82
N LEU A 2474 -43.91 0.62 11.93
CA LEU A 2474 -44.50 -0.54 12.59
C LEU A 2474 -44.18 -1.83 11.84
N ILE A 2475 -44.20 -1.77 10.50
CA ILE A 2475 -43.85 -2.93 9.70
C ILE A 2475 -42.37 -3.29 9.87
N GLN A 2476 -41.52 -2.27 9.99
CA GLN A 2476 -40.14 -2.54 10.37
C GLN A 2476 -40.05 -3.24 11.71
N ALA A 2477 -40.97 -2.91 12.64
CA ALA A 2477 -40.99 -3.59 13.92
C ALA A 2477 -41.44 -5.05 13.77
N PHE A 2478 -42.65 -5.26 13.27
CA PHE A 2478 -43.21 -6.60 13.12
C PHE A 2478 -43.15 -7.04 11.65
N ARG A 2479 -42.63 -8.25 11.43
CA ARG A 2479 -42.53 -8.85 10.11
C ARG A 2479 -41.70 -7.97 9.19
N PRO A 2480 -40.38 -7.86 9.43
CA PRO A 2480 -39.55 -7.01 8.57
C PRO A 2480 -39.46 -7.51 7.14
N ASP A 2481 -39.77 -8.79 6.89
CA ASP A 2481 -39.71 -9.32 5.53
C ASP A 2481 -40.68 -8.59 4.60
N ARG A 2482 -41.87 -8.27 5.09
CA ARG A 2482 -42.83 -7.52 4.30
C ARG A 2482 -42.42 -6.06 4.12
N LEU A 2483 -41.39 -5.62 4.84
CA LEU A 2483 -40.95 -4.22 4.79
C LEU A 2483 -40.87 -3.67 3.38
N LEU A 2484 -40.15 -4.38 2.50
CA LEU A 2484 -40.00 -3.93 1.12
C LEU A 2484 -41.35 -3.68 0.48
N ALA A 2485 -42.28 -4.63 0.62
CA ALA A 2485 -43.63 -4.44 0.09
C ALA A 2485 -44.26 -3.19 0.69
N MET A 2486 -44.22 -3.06 2.02
CA MET A 2486 -44.71 -1.84 2.65
C MET A 2486 -43.94 -0.63 2.14
N ALA A 2487 -42.64 -0.79 1.89
CA ALA A 2487 -41.86 0.27 1.30
C ALA A 2487 -42.55 0.81 0.05
N HIS A 2488 -42.94 -0.11 -0.85
CA HIS A 2488 -43.65 0.29 -2.06
C HIS A 2488 -44.83 1.17 -1.72
N MET A 2489 -45.64 0.76 -0.74
CA MET A 2489 -46.81 1.54 -0.37
C MET A 2489 -46.40 2.95 0.04
N PHE A 2490 -45.36 3.07 0.88
CA PHE A 2490 -44.95 4.40 1.31
C PHE A 2490 -44.49 5.24 0.13
N VAL A 2491 -43.94 4.62 -0.91
CA VAL A 2491 -43.65 5.36 -2.13
C VAL A 2491 -44.94 5.71 -2.85
N SER A 2492 -45.84 4.73 -2.99
CA SER A 2492 -47.03 4.92 -3.83
C SER A 2492 -47.90 6.05 -3.29
N THR A 2493 -48.26 5.98 -2.02
CA THR A 2493 -49.08 7.04 -1.42
C THR A 2493 -48.36 8.37 -1.37
N ASN A 2494 -47.04 8.38 -1.59
CA ASN A 2494 -46.31 9.64 -1.66
C ASN A 2494 -46.05 10.08 -3.10
N LEU A 2495 -46.28 9.21 -4.09
CA LEU A 2495 -46.01 9.57 -5.46
C LEU A 2495 -47.06 9.06 -6.44
N GLY A 2496 -48.21 8.60 -5.96
CA GLY A 2496 -49.23 8.03 -6.82
C GLY A 2496 -49.00 6.55 -7.08
N GLU A 2497 -50.06 5.87 -7.48
CA GLU A 2497 -49.95 4.44 -7.78
C GLU A 2497 -49.63 4.22 -9.25
N SER A 2498 -48.63 4.97 -9.74
CA SER A 2498 -48.10 4.73 -11.07
C SER A 2498 -46.59 4.97 -11.15
N PHE A 2499 -45.92 5.28 -10.03
CA PHE A 2499 -44.55 5.78 -10.09
C PHE A 2499 -43.60 4.71 -10.60
N MET A 2500 -43.66 3.51 -10.02
CA MET A 2500 -42.76 2.42 -10.36
C MET A 2500 -43.36 1.43 -11.35
N SER A 2501 -44.55 1.73 -11.88
CA SER A 2501 -45.21 0.81 -12.81
C SER A 2501 -44.49 0.73 -14.15
N ILE A 2502 -43.73 1.76 -14.53
CA ILE A 2502 -43.03 1.72 -15.81
C ILE A 2502 -41.95 0.63 -15.81
N MET A 2503 -41.22 0.51 -14.70
CA MET A 2503 -40.15 -0.48 -14.64
C MET A 2503 -40.69 -1.90 -14.72
N GLU A 2504 -41.89 -2.14 -14.21
CA GLU A 2504 -42.52 -3.45 -14.31
C GLU A 2504 -42.77 -3.87 -15.75
N GLN A 2505 -43.01 -2.92 -16.65
CA GLN A 2505 -43.25 -3.21 -18.06
C GLN A 2505 -41.94 -3.18 -18.82
N PRO A 2506 -41.65 -4.20 -19.64
CA PRO A 2506 -40.37 -4.23 -20.34
C PRO A 2506 -40.19 -3.02 -21.25
N LEU A 2507 -38.96 -2.52 -21.29
CA LEU A 2507 -38.66 -1.28 -22.00
C LEU A 2507 -38.67 -1.49 -23.50
N ASP A 2508 -38.90 -0.39 -24.22
CA ASP A 2508 -38.84 -0.36 -25.68
C ASP A 2508 -37.92 0.79 -26.08
N LEU A 2509 -36.74 0.46 -26.60
CA LEU A 2509 -35.72 1.47 -26.85
C LEU A 2509 -35.98 2.28 -28.11
N THR A 2510 -36.98 1.94 -28.91
CA THR A 2510 -37.21 2.63 -30.18
C THR A 2510 -37.50 4.12 -29.96
N HIS A 2511 -37.97 4.49 -28.77
CA HIS A 2511 -38.17 5.89 -28.44
C HIS A 2511 -37.00 6.47 -27.68
N ILE A 2512 -36.30 5.66 -26.88
CA ILE A 2512 -35.20 6.18 -26.07
C ILE A 2512 -34.02 6.55 -26.96
N VAL A 2513 -33.65 5.67 -27.89
CA VAL A 2513 -32.49 5.95 -28.73
C VAL A 2513 -32.82 6.89 -29.88
N GLY A 2514 -34.08 6.98 -30.29
CA GLY A 2514 -34.44 7.86 -31.38
C GLY A 2514 -34.28 9.33 -31.01
N THR A 2515 -34.73 9.71 -29.82
CA THR A 2515 -34.73 11.11 -29.41
C THR A 2515 -33.85 11.38 -28.21
N GLU A 2516 -34.02 10.63 -27.13
CA GLU A 2516 -33.33 10.94 -25.88
C GLU A 2516 -31.82 10.70 -25.94
N VAL A 2517 -31.33 10.03 -26.97
CA VAL A 2517 -29.92 9.68 -27.09
C VAL A 2517 -29.30 10.56 -28.17
N LYS A 2518 -28.32 11.37 -27.80
CA LYS A 2518 -27.58 12.14 -28.78
C LYS A 2518 -26.67 11.21 -29.58
N PRO A 2519 -26.40 11.55 -30.84
CA PRO A 2519 -25.54 10.67 -31.67
C PRO A 2519 -24.12 10.56 -31.15
N ASN A 2520 -23.68 11.47 -30.30
CA ASN A 2520 -22.34 11.42 -29.73
C ASN A 2520 -22.29 10.60 -28.43
N THR A 2521 -23.43 10.13 -27.94
CA THR A 2521 -23.48 9.38 -26.69
C THR A 2521 -23.60 7.90 -26.97
N PRO A 2522 -22.61 7.08 -26.60
CA PRO A 2522 -22.73 5.63 -26.84
C PRO A 2522 -23.66 4.99 -25.82
N VAL A 2523 -24.54 4.13 -26.31
CA VAL A 2523 -25.52 3.44 -25.46
C VAL A 2523 -24.85 2.14 -24.98
N LEU A 2524 -24.51 2.09 -23.69
CA LEU A 2524 -23.98 0.88 -23.10
C LEU A 2524 -25.13 -0.01 -22.61
N MET A 2525 -24.99 -1.30 -22.86
CA MET A 2525 -26.00 -2.29 -22.47
C MET A 2525 -25.29 -3.32 -21.59
N CYS A 2526 -25.27 -3.06 -20.28
CA CYS A 2526 -24.68 -4.01 -19.35
C CYS A 2526 -25.58 -5.23 -19.19
N SER A 2527 -24.97 -6.40 -19.11
CA SER A 2527 -25.70 -7.65 -18.95
C SER A 2527 -25.14 -8.40 -17.75
N VAL A 2528 -26.05 -8.96 -16.95
CA VAL A 2528 -25.62 -9.82 -15.84
C VAL A 2528 -24.90 -11.04 -16.41
N PRO A 2529 -23.83 -11.53 -15.80
CA PRO A 2529 -23.12 -12.68 -16.35
C PRO A 2529 -24.04 -13.88 -16.56
N GLY A 2530 -23.85 -14.56 -17.69
CA GLY A 2530 -24.74 -15.62 -18.09
C GLY A 2530 -25.94 -15.20 -18.91
N TYR A 2531 -26.07 -13.90 -19.20
CA TYR A 2531 -27.17 -13.39 -20.00
C TYR A 2531 -26.63 -12.43 -21.05
N ASP A 2532 -27.31 -12.39 -22.19
CA ASP A 2532 -26.93 -11.53 -23.31
C ASP A 2532 -28.10 -10.61 -23.67
N ALA A 2533 -27.77 -9.35 -23.95
CA ALA A 2533 -28.77 -8.35 -24.33
C ALA A 2533 -28.66 -7.94 -25.79
N SER A 2534 -27.84 -8.62 -26.57
CA SER A 2534 -27.67 -8.25 -27.98
C SER A 2534 -28.96 -8.43 -28.77
N GLY A 2535 -29.78 -9.42 -28.40
CA GLY A 2535 -30.97 -9.70 -29.18
C GLY A 2535 -31.98 -8.56 -29.17
N HIS A 2536 -32.08 -7.83 -28.07
CA HIS A 2536 -33.04 -6.74 -27.98
C HIS A 2536 -32.74 -5.67 -29.02
N VAL A 2537 -31.52 -5.16 -29.03
CA VAL A 2537 -31.15 -4.13 -30.00
C VAL A 2537 -31.10 -4.71 -31.40
N GLU A 2538 -30.79 -6.00 -31.53
CA GLU A 2538 -30.79 -6.62 -32.85
C GLU A 2538 -32.19 -6.59 -33.47
N ASP A 2539 -33.20 -7.02 -32.71
CA ASP A 2539 -34.57 -6.99 -33.22
C ASP A 2539 -35.07 -5.56 -33.36
N LEU A 2540 -34.60 -4.64 -32.51
CA LEU A 2540 -34.97 -3.25 -32.67
C LEU A 2540 -34.46 -2.68 -33.99
N ALA A 2541 -33.20 -2.97 -34.32
CA ALA A 2541 -32.65 -2.53 -35.61
C ALA A 2541 -33.36 -3.20 -36.77
N ALA A 2542 -33.72 -4.48 -36.61
CA ALA A 2542 -34.47 -5.16 -37.66
C ALA A 2542 -35.81 -4.50 -37.91
N GLU A 2543 -36.53 -4.16 -36.84
CA GLU A 2543 -37.80 -3.46 -36.99
C GLU A 2543 -37.59 -2.08 -37.61
N GLN A 2544 -36.56 -1.36 -37.18
CA GLN A 2544 -36.22 -0.08 -37.77
C GLN A 2544 -35.71 -0.22 -39.20
N ASN A 2545 -35.39 -1.45 -39.64
CA ASN A 2545 -34.90 -1.71 -40.99
C ASN A 2545 -33.58 -0.99 -41.26
N THR A 2546 -32.74 -0.88 -40.23
CA THR A 2546 -31.40 -0.32 -40.35
C THR A 2546 -30.39 -1.41 -40.03
N GLN A 2547 -29.65 -1.84 -41.05
CA GLN A 2547 -28.65 -2.88 -40.85
C GLN A 2547 -27.46 -2.36 -40.05
N ILE A 2548 -26.91 -3.24 -39.23
CA ILE A 2548 -25.91 -2.89 -38.22
C ILE A 2548 -24.70 -3.81 -38.38
N THR A 2549 -23.57 -3.38 -37.82
CA THR A 2549 -22.34 -4.16 -37.87
C THR A 2549 -22.04 -4.70 -36.47
N SER A 2550 -22.53 -5.91 -36.20
CA SER A 2550 -22.19 -6.58 -34.96
C SER A 2550 -20.75 -7.08 -35.03
N ILE A 2551 -19.93 -6.64 -34.08
CA ILE A 2551 -18.49 -6.88 -34.11
C ILE A 2551 -18.02 -7.32 -32.73
N ALA A 2552 -17.19 -8.37 -32.69
CA ALA A 2552 -16.61 -8.81 -31.43
C ALA A 2552 -15.39 -7.95 -31.08
N ILE A 2553 -14.92 -8.12 -29.84
CA ILE A 2553 -13.84 -7.28 -29.33
C ILE A 2553 -12.68 -8.15 -28.86
N GLY A 2554 -12.98 -9.40 -28.51
CA GLY A 2554 -11.97 -10.27 -27.92
C GLY A 2554 -10.78 -10.50 -28.83
N SER A 2555 -11.03 -10.69 -30.13
CA SER A 2555 -9.95 -10.99 -31.06
C SER A 2555 -9.04 -9.78 -31.26
N ALA A 2556 -7.79 -10.07 -31.62
CA ALA A 2556 -6.82 -9.00 -31.88
C ALA A 2556 -7.23 -8.17 -33.10
N GLU A 2557 -7.78 -8.83 -34.12
CA GLU A 2557 -8.30 -8.10 -35.28
C GLU A 2557 -9.52 -7.28 -34.94
N GLY A 2558 -10.21 -7.60 -33.83
CA GLY A 2558 -11.44 -6.92 -33.49
C GLY A 2558 -11.27 -5.43 -33.26
N PHE A 2559 -10.15 -5.03 -32.65
CA PHE A 2559 -9.93 -3.61 -32.40
C PHE A 2559 -9.88 -2.83 -33.71
N ASN A 2560 -9.07 -3.31 -34.66
CA ASN A 2560 -8.97 -2.67 -35.96
C ASN A 2560 -10.30 -2.71 -36.72
N GLN A 2561 -10.99 -3.85 -36.66
CA GLN A 2561 -12.28 -3.94 -37.35
C GLN A 2561 -13.26 -2.92 -36.82
N ALA A 2562 -13.37 -2.79 -35.49
CA ALA A 2562 -14.23 -1.78 -34.91
C ALA A 2562 -13.77 -0.37 -35.24
N ASP A 2563 -12.45 -0.14 -35.32
CA ASP A 2563 -11.94 1.18 -35.65
C ASP A 2563 -12.40 1.63 -37.02
N LYS A 2564 -12.17 0.80 -38.04
CA LYS A 2564 -12.68 1.13 -39.38
C LYS A 2564 -14.20 1.14 -39.44
N ALA A 2565 -14.90 0.31 -38.67
CA ALA A 2565 -16.36 0.37 -38.68
C ALA A 2565 -16.83 1.72 -38.19
N ILE A 2566 -16.23 2.23 -37.11
CA ILE A 2566 -16.57 3.54 -36.59
C ILE A 2566 -16.24 4.61 -37.62
N ASN A 2567 -15.06 4.53 -38.24
CA ASN A 2567 -14.67 5.56 -39.20
C ASN A 2567 -15.60 5.61 -40.40
N THR A 2568 -16.04 4.44 -40.88
CA THR A 2568 -16.91 4.39 -42.05
C THR A 2568 -18.39 4.60 -41.72
N ALA A 2569 -18.76 4.56 -40.43
CA ALA A 2569 -20.17 4.73 -40.08
C ALA A 2569 -20.52 6.16 -39.67
N VAL A 2570 -19.58 6.90 -39.09
CA VAL A 2570 -19.86 8.26 -38.66
C VAL A 2570 -20.13 9.22 -39.81
N LYS A 2571 -19.71 8.87 -41.03
CA LYS A 2571 -19.97 9.69 -42.20
C LYS A 2571 -21.13 9.17 -43.03
N SER A 2572 -21.84 8.14 -42.56
CA SER A 2572 -22.90 7.53 -43.34
C SER A 2572 -24.19 7.40 -42.54
N GLY A 2573 -24.08 7.30 -41.21
CA GLY A 2573 -25.25 7.23 -40.37
C GLY A 2573 -25.71 5.81 -40.08
N ARG A 2574 -24.76 4.91 -39.85
CA ARG A 2574 -25.04 3.52 -39.54
C ARG A 2574 -24.78 3.26 -38.05
N TRP A 2575 -25.37 2.18 -37.55
CA TRP A 2575 -25.27 1.83 -36.14
C TRP A 2575 -24.20 0.76 -35.98
N VAL A 2576 -23.06 1.15 -35.43
CA VAL A 2576 -21.99 0.21 -35.10
C VAL A 2576 -22.33 -0.45 -33.77
N MET A 2577 -22.28 -1.77 -33.73
CA MET A 2577 -22.52 -2.54 -32.51
C MET A 2577 -21.26 -3.30 -32.14
N LEU A 2578 -20.76 -3.06 -30.94
CA LEU A 2578 -19.65 -3.83 -30.41
C LEU A 2578 -20.16 -4.77 -29.31
N LYS A 2579 -19.82 -6.05 -29.45
CA LYS A 2579 -20.27 -7.06 -28.50
C LYS A 2579 -19.25 -7.21 -27.38
N ASN A 2580 -19.78 -7.45 -26.17
CA ASN A 2580 -19.03 -7.74 -24.95
C ASN A 2580 -17.71 -6.97 -24.85
N VAL A 2581 -17.79 -5.65 -24.96
CA VAL A 2581 -16.58 -4.81 -24.96
C VAL A 2581 -16.26 -4.52 -23.50
N HIS A 2582 -15.60 -5.49 -22.87
CA HIS A 2582 -15.08 -5.32 -21.52
C HIS A 2582 -13.73 -5.99 -21.33
N LEU A 2583 -13.22 -6.69 -22.35
CA LEU A 2583 -11.93 -7.37 -22.26
C LEU A 2583 -10.76 -6.46 -22.60
N ALA A 2584 -11.02 -5.23 -23.06
CA ALA A 2584 -10.00 -4.27 -23.44
C ALA A 2584 -10.28 -2.93 -22.79
N PRO A 2585 -10.01 -2.80 -21.49
CA PRO A 2585 -10.22 -1.49 -20.84
C PRO A 2585 -9.41 -0.37 -21.46
N GLY A 2586 -8.17 -0.64 -21.87
CA GLY A 2586 -7.36 0.40 -22.50
C GLY A 2586 -7.92 0.83 -23.84
N TRP A 2587 -8.31 -0.15 -24.67
CA TRP A 2587 -8.93 0.19 -25.95
C TRP A 2587 -10.27 0.87 -25.74
N LEU A 2588 -10.99 0.53 -24.68
CA LEU A 2588 -12.25 1.21 -24.38
C LEU A 2588 -12.00 2.65 -23.98
N MET A 2589 -10.93 2.90 -23.22
CA MET A 2589 -10.54 4.27 -22.91
C MET A 2589 -10.18 5.03 -24.18
N GLN A 2590 -9.46 4.38 -25.09
CA GLN A 2590 -9.13 5.02 -26.37
C GLN A 2590 -10.40 5.37 -27.13
N LEU A 2591 -11.36 4.45 -27.17
CA LEU A 2591 -12.62 4.70 -27.86
C LEU A 2591 -13.36 5.88 -27.25
N GLU A 2592 -13.45 5.91 -25.92
CA GLU A 2592 -14.22 6.98 -25.27
C GLU A 2592 -13.53 8.33 -25.44
N LYS A 2593 -12.21 8.36 -25.40
CA LYS A 2593 -11.52 9.64 -25.61
C LYS A 2593 -11.60 10.06 -27.08
N LYS A 2594 -11.73 9.10 -27.99
CA LYS A 2594 -11.98 9.44 -29.40
C LYS A 2594 -13.38 9.99 -29.60
N LEU A 2595 -14.35 9.49 -28.81
CA LEU A 2595 -15.73 9.88 -28.99
C LEU A 2595 -15.98 11.35 -28.65
N HIS A 2596 -15.09 11.99 -27.89
CA HIS A 2596 -15.26 13.40 -27.61
C HIS A 2596 -15.18 14.24 -28.88
N SER A 2597 -14.47 13.76 -29.89
CA SER A 2597 -14.51 14.38 -31.21
C SER A 2597 -15.94 14.30 -31.75
N LEU A 2598 -16.42 15.43 -32.28
CA LEU A 2598 -17.80 15.50 -32.74
C LEU A 2598 -18.01 14.65 -33.99
N GLN A 2599 -19.05 13.82 -33.96
CA GLN A 2599 -19.47 13.07 -35.13
C GLN A 2599 -20.70 13.74 -35.71
N PRO A 2600 -20.59 14.45 -36.83
CA PRO A 2600 -21.69 15.33 -37.27
C PRO A 2600 -22.98 14.61 -37.60
N HIS A 2601 -22.92 13.33 -37.97
CA HIS A 2601 -24.13 12.63 -38.39
C HIS A 2601 -25.09 12.46 -37.22
N ALA A 2602 -26.38 12.61 -37.51
CA ALA A 2602 -27.41 12.61 -36.48
C ALA A 2602 -28.02 11.24 -36.21
N CYS A 2603 -28.04 10.36 -37.22
CA CYS A 2603 -28.65 9.04 -37.07
C CYS A 2603 -27.64 7.97 -36.66
N PHE A 2604 -26.39 8.35 -36.41
CA PHE A 2604 -25.36 7.40 -36.03
C PHE A 2604 -25.43 7.15 -34.53
N ARG A 2605 -25.72 5.90 -34.16
CA ARG A 2605 -25.72 5.47 -32.76
C ARG A 2605 -24.71 4.34 -32.59
N LEU A 2606 -24.08 4.30 -31.42
CA LEU A 2606 -23.05 3.31 -31.11
C LEU A 2606 -23.49 2.52 -29.88
N PHE A 2607 -23.92 1.28 -30.08
CA PHE A 2607 -24.33 0.41 -28.99
C PHE A 2607 -23.16 -0.48 -28.58
N LEU A 2608 -22.90 -0.52 -27.28
CA LEU A 2608 -21.80 -1.32 -26.73
C LEU A 2608 -22.38 -2.35 -25.77
N THR A 2609 -22.37 -3.62 -26.18
CA THR A 2609 -22.68 -4.69 -25.26
C THR A 2609 -21.62 -4.73 -24.17
N MET A 2610 -22.05 -4.98 -22.93
CA MET A 2610 -21.24 -4.67 -21.77
C MET A 2610 -21.40 -5.74 -20.71
N GLU A 2611 -20.34 -5.95 -19.94
CA GLU A 2611 -20.35 -6.84 -18.79
C GLU A 2611 -20.25 -5.99 -17.53
N ILE A 2612 -21.00 -6.40 -16.50
CA ILE A 2612 -21.04 -5.65 -15.25
C ILE A 2612 -19.84 -6.07 -14.42
N ASN A 2613 -18.72 -5.37 -14.60
CA ASN A 2613 -17.51 -5.61 -13.82
C ASN A 2613 -16.82 -4.28 -13.57
N PRO A 2614 -16.10 -4.13 -12.46
CA PRO A 2614 -15.44 -2.85 -12.16
C PRO A 2614 -14.27 -2.53 -13.08
N LYS A 2615 -13.80 -3.49 -13.89
CA LYS A 2615 -12.63 -3.24 -14.72
C LYS A 2615 -12.89 -2.23 -15.82
N VAL A 2616 -14.14 -1.90 -16.10
CA VAL A 2616 -14.46 -0.91 -17.13
C VAL A 2616 -14.06 0.48 -16.63
N PRO A 2617 -13.44 1.31 -17.47
CA PRO A 2617 -13.13 2.68 -17.06
C PRO A 2617 -14.40 3.46 -16.72
N VAL A 2618 -14.29 4.31 -15.70
CA VAL A 2618 -15.43 5.11 -15.28
C VAL A 2618 -15.76 6.20 -16.29
N ASN A 2619 -14.78 6.57 -17.12
CA ASN A 2619 -14.98 7.68 -18.05
C ASN A 2619 -16.08 7.37 -19.05
N LEU A 2620 -16.04 6.19 -19.68
CA LEU A 2620 -17.10 5.80 -20.60
C LEU A 2620 -18.43 5.67 -19.87
N LEU A 2621 -18.41 5.11 -18.66
CA LEU A 2621 -19.65 4.93 -17.91
C LEU A 2621 -20.33 6.26 -17.64
N ARG A 2622 -19.56 7.28 -17.30
CA ARG A 2622 -20.14 8.61 -17.09
C ARG A 2622 -20.51 9.29 -18.40
N ALA A 2623 -19.77 9.01 -19.48
CA ALA A 2623 -20.00 9.74 -20.73
C ALA A 2623 -21.27 9.27 -21.42
N GLY A 2624 -21.52 7.97 -21.48
CA GLY A 2624 -22.60 7.43 -22.26
C GLY A 2624 -23.81 7.00 -21.42
N ARG A 2625 -24.93 6.86 -22.11
CA ARG A 2625 -26.15 6.36 -21.49
C ARG A 2625 -25.98 4.89 -21.13
N ILE A 2626 -26.61 4.49 -20.02
CA ILE A 2626 -26.44 3.16 -19.44
C ILE A 2626 -27.78 2.47 -19.38
N PHE A 2627 -27.81 1.20 -19.79
CA PHE A 2627 -28.96 0.32 -19.60
C PHE A 2627 -28.46 -0.96 -18.95
N VAL A 2628 -29.30 -1.56 -18.11
CA VAL A 2628 -28.96 -2.79 -17.41
C VAL A 2628 -30.01 -3.84 -17.76
N PHE A 2629 -29.55 -5.01 -18.20
CA PHE A 2629 -30.42 -6.11 -18.57
C PHE A 2629 -30.16 -7.27 -17.62
N GLU A 2630 -31.23 -7.85 -17.09
CA GLU A 2630 -31.12 -8.92 -16.12
C GLU A 2630 -31.95 -10.12 -16.56
N PRO A 2631 -31.51 -11.32 -16.22
CA PRO A 2631 -32.34 -12.50 -16.49
C PRO A 2631 -33.51 -12.56 -15.53
N PRO A 2632 -34.74 -12.57 -16.04
CA PRO A 2632 -35.91 -12.63 -15.16
C PRO A 2632 -35.91 -13.90 -14.33
N PRO A 2633 -36.31 -13.83 -13.07
CA PRO A 2633 -36.28 -15.02 -12.21
C PRO A 2633 -37.46 -15.93 -12.46
N GLY A 2634 -37.36 -17.12 -11.89
CA GLY A 2634 -38.41 -18.13 -12.03
C GLY A 2634 -37.90 -19.34 -12.79
N VAL A 2635 -38.34 -20.52 -12.35
CA VAL A 2635 -37.94 -21.75 -13.02
C VAL A 2635 -38.50 -21.81 -14.44
N LYS A 2636 -39.74 -21.35 -14.60
CA LYS A 2636 -40.38 -21.35 -15.92
C LYS A 2636 -39.59 -20.51 -16.92
N ALA A 2637 -39.25 -19.28 -16.52
CA ALA A 2637 -38.49 -18.41 -17.41
C ALA A 2637 -37.11 -18.99 -17.72
N ASN A 2638 -36.46 -19.57 -16.72
CA ASN A 2638 -35.14 -20.16 -16.92
C ASN A 2638 -35.21 -21.32 -17.91
N MET A 2639 -36.21 -22.19 -17.76
CA MET A 2639 -36.32 -23.32 -18.67
C MET A 2639 -36.67 -22.86 -20.09
N LEU A 2640 -37.55 -21.87 -20.21
CA LEU A 2640 -37.85 -21.32 -21.52
C LEU A 2640 -36.61 -20.70 -22.16
N ARG A 2641 -35.76 -20.05 -21.38
CA ARG A 2641 -34.51 -19.50 -21.88
C ARG A 2641 -33.52 -20.58 -22.29
N THR A 2642 -33.42 -21.67 -21.54
CA THR A 2642 -32.50 -22.76 -21.87
C THR A 2642 -33.03 -23.67 -22.96
N PHE A 2643 -34.30 -23.58 -23.32
CA PHE A 2643 -34.82 -24.34 -24.45
C PHE A 2643 -34.66 -23.62 -25.78
N SER A 2644 -34.74 -22.30 -25.79
CA SER A 2644 -34.49 -21.55 -27.02
C SER A 2644 -33.00 -21.50 -27.36
N SER A 2645 -32.14 -21.56 -26.35
CA SER A 2645 -30.70 -21.55 -26.60
C SER A 2645 -30.25 -22.79 -27.36
N ILE A 2646 -30.78 -23.95 -26.99
CA ILE A 2646 -30.40 -25.20 -27.63
C ILE A 2646 -31.09 -25.29 -29.00
N PRO A 2647 -30.35 -25.52 -30.08
CA PRO A 2647 -30.98 -25.64 -31.40
C PRO A 2647 -31.92 -26.84 -31.45
N VAL A 2648 -32.95 -26.70 -32.28
CA VAL A 2648 -33.94 -27.77 -32.42
C VAL A 2648 -33.32 -29.00 -33.08
N SER A 2649 -32.37 -28.80 -33.98
CA SER A 2649 -31.78 -29.92 -34.72
C SER A 2649 -31.11 -30.91 -33.78
N ARG A 2650 -30.35 -30.41 -32.80
CA ARG A 2650 -29.68 -31.30 -31.87
C ARG A 2650 -30.66 -31.97 -30.93
N ILE A 2651 -31.64 -31.22 -30.40
CA ILE A 2651 -32.53 -31.73 -29.38
C ILE A 2651 -33.65 -32.61 -29.93
N CYS A 2652 -33.85 -32.62 -31.26
CA CYS A 2652 -34.96 -33.39 -31.81
C CYS A 2652 -34.47 -34.55 -32.67
N LYS A 2653 -33.63 -34.26 -33.67
CA LYS A 2653 -33.18 -35.28 -34.63
C LYS A 2653 -32.15 -36.15 -33.95
N SER A 2654 -32.66 -37.12 -33.20
CA SER A 2654 -31.86 -38.06 -32.41
C SER A 2654 -32.77 -39.20 -31.96
N PRO A 2655 -32.23 -40.22 -31.27
CA PRO A 2655 -33.12 -41.21 -30.62
C PRO A 2655 -34.22 -40.53 -29.81
N ASN A 2656 -35.44 -41.06 -29.88
CA ASN A 2656 -36.61 -40.35 -29.37
C ASN A 2656 -36.55 -40.12 -27.87
N GLU A 2657 -35.67 -40.83 -27.16
CA GLU A 2657 -35.56 -40.63 -25.72
C GLU A 2657 -34.66 -39.44 -25.36
N ARG A 2658 -34.01 -38.84 -26.36
CA ARG A 2658 -33.13 -37.70 -26.07
C ARG A 2658 -33.91 -36.50 -25.56
N ALA A 2659 -35.13 -36.31 -26.07
CA ALA A 2659 -35.91 -35.12 -25.70
C ALA A 2659 -36.20 -35.10 -24.21
N ARG A 2660 -36.58 -36.25 -23.64
CA ARG A 2660 -36.85 -36.31 -22.20
C ARG A 2660 -35.59 -36.06 -21.40
N LEU A 2661 -34.46 -36.58 -21.86
CA LEU A 2661 -33.19 -36.31 -21.19
C LEU A 2661 -32.84 -34.82 -21.21
N TYR A 2662 -33.05 -34.15 -22.34
CA TYR A 2662 -32.77 -32.72 -22.40
C TYR A 2662 -33.74 -31.94 -21.51
N PHE A 2663 -35.00 -32.37 -21.45
CA PHE A 2663 -35.94 -31.73 -20.53
C PHE A 2663 -35.48 -31.87 -19.09
N LEU A 2664 -35.03 -33.08 -18.71
CA LEU A 2664 -34.51 -33.29 -17.36
C LEU A 2664 -33.29 -32.43 -17.11
N LEU A 2665 -32.40 -32.32 -18.09
CA LEU A 2665 -31.21 -31.49 -17.95
C LEU A 2665 -31.58 -30.03 -17.74
N ALA A 2666 -32.54 -29.54 -18.53
CA ALA A 2666 -32.97 -28.15 -18.39
C ALA A 2666 -33.61 -27.90 -17.04
N TRP A 2667 -34.44 -28.85 -16.58
CA TRP A 2667 -35.07 -28.71 -15.28
C TRP A 2667 -34.04 -28.69 -14.17
N PHE A 2668 -33.05 -29.59 -14.23
CA PHE A 2668 -32.01 -29.64 -13.21
C PHE A 2668 -31.20 -28.35 -13.19
N HIS A 2669 -30.81 -27.87 -14.37
CA HIS A 2669 -30.07 -26.61 -14.46
C HIS A 2669 -30.88 -25.44 -13.92
N ALA A 2670 -32.17 -25.37 -14.26
CA ALA A 2670 -33.01 -24.31 -13.73
C ALA A 2670 -33.15 -24.39 -12.21
N ILE A 2671 -33.31 -25.59 -11.66
CA ILE A 2671 -33.46 -25.76 -10.22
C ILE A 2671 -32.19 -25.27 -9.52
N ILE A 2672 -31.03 -25.76 -9.96
CA ILE A 2672 -29.80 -25.41 -9.25
C ILE A 2672 -29.37 -23.99 -9.53
N GLN A 2673 -29.85 -23.38 -10.61
CA GLN A 2673 -29.52 -21.97 -10.87
C GLN A 2673 -30.43 -21.05 -10.07
N GLU A 2674 -31.71 -21.40 -9.95
CA GLU A 2674 -32.64 -20.59 -9.17
C GLU A 2674 -32.35 -20.72 -7.68
N ARG A 2675 -31.86 -21.88 -7.26
CA ARG A 2675 -31.51 -22.06 -5.85
C ARG A 2675 -30.41 -21.11 -5.40
N LEU A 2676 -29.63 -20.57 -6.33
CA LEU A 2676 -28.51 -19.70 -5.97
C LEU A 2676 -28.97 -18.37 -5.38
N ARG A 2677 -30.22 -17.97 -5.61
CA ARG A 2677 -30.69 -16.69 -5.07
C ARG A 2677 -30.71 -16.71 -3.55
N TYR A 2678 -31.13 -17.81 -2.95
CA TYR A 2678 -31.13 -17.98 -1.50
C TYR A 2678 -29.73 -18.47 -1.11
N ALA A 2679 -28.83 -17.52 -0.87
CA ALA A 2679 -27.42 -17.86 -0.74
C ALA A 2679 -27.12 -18.75 0.45
N PRO A 2680 -27.33 -18.34 1.72
CA PRO A 2680 -26.83 -19.17 2.82
C PRO A 2680 -27.64 -20.44 3.02
N LEU A 2681 -28.89 -20.44 2.57
CA LEU A 2681 -29.77 -21.58 2.79
C LEU A 2681 -29.74 -22.57 1.62
N GLY A 2682 -29.39 -22.10 0.42
CA GLY A 2682 -29.27 -23.00 -0.72
C GLY A 2682 -27.85 -23.50 -0.84
N TRP A 2683 -27.19 -23.18 -1.94
CA TRP A 2683 -25.76 -23.50 -2.08
C TRP A 2683 -24.97 -22.57 -1.19
N SER A 2684 -24.19 -23.15 -0.27
CA SER A 2684 -23.57 -22.37 0.81
C SER A 2684 -22.72 -21.22 0.26
N LYS A 2685 -22.13 -21.39 -0.92
CA LYS A 2685 -21.41 -20.31 -1.58
C LYS A 2685 -22.19 -19.88 -2.81
N LYS A 2686 -21.90 -18.65 -3.26
CA LYS A 2686 -22.52 -18.10 -4.46
C LYS A 2686 -21.70 -18.57 -5.66
N TYR A 2687 -21.95 -19.81 -6.05
CA TYR A 2687 -21.23 -20.42 -7.16
C TYR A 2687 -21.63 -19.77 -8.49
N GLU A 2688 -20.95 -20.17 -9.55
CA GLU A 2688 -21.25 -19.72 -10.91
C GLU A 2688 -21.64 -20.95 -11.73
N PHE A 2689 -22.91 -21.02 -12.11
CA PHE A 2689 -23.43 -22.17 -12.85
C PHE A 2689 -23.87 -21.73 -14.24
N GLY A 2690 -23.05 -20.94 -14.92
CA GLY A 2690 -23.40 -20.34 -16.18
C GLY A 2690 -23.61 -21.34 -17.29
N GLU A 2691 -23.74 -20.80 -18.51
CA GLU A 2691 -24.12 -21.58 -19.67
C GLU A 2691 -23.06 -22.61 -20.07
N SER A 2692 -21.80 -22.41 -19.68
CA SER A 2692 -20.75 -23.35 -20.07
C SER A 2692 -21.02 -24.73 -19.47
N ASP A 2693 -21.47 -24.78 -18.23
CA ASP A 2693 -21.79 -26.06 -17.60
C ASP A 2693 -22.94 -26.75 -18.34
N LEU A 2694 -23.95 -25.99 -18.74
CA LEU A 2694 -25.06 -26.58 -19.49
C LEU A 2694 -24.61 -27.11 -20.84
N ARG A 2695 -23.74 -26.37 -21.53
CA ARG A 2695 -23.22 -26.85 -22.81
C ARG A 2695 -22.42 -28.13 -22.62
N SER A 2696 -21.58 -28.19 -21.58
CA SER A 2696 -20.81 -29.40 -21.31
C SER A 2696 -21.73 -30.57 -20.99
N ALA A 2697 -22.78 -30.33 -20.20
CA ALA A 2697 -23.73 -31.39 -19.88
C ALA A 2697 -24.44 -31.89 -21.14
N CYS A 2698 -24.83 -30.97 -22.02
CA CYS A 2698 -25.48 -31.37 -23.26
C CYS A 2698 -24.53 -32.21 -24.13
N ASP A 2699 -23.26 -31.81 -24.21
CA ASP A 2699 -22.29 -32.57 -24.98
C ASP A 2699 -22.10 -33.96 -24.38
N THR A 2700 -22.00 -34.05 -23.06
CA THR A 2700 -21.86 -35.36 -22.41
C THR A 2700 -23.07 -36.24 -22.67
N VAL A 2701 -24.28 -35.68 -22.56
CA VAL A 2701 -25.48 -36.46 -22.82
C VAL A 2701 -25.50 -36.95 -24.25
N ASP A 2702 -25.18 -36.07 -25.20
CA ASP A 2702 -25.12 -36.48 -26.60
C ASP A 2702 -24.15 -37.62 -26.80
N THR A 2703 -22.92 -37.46 -26.30
CA THR A 2703 -21.88 -38.46 -26.53
C THR A 2703 -22.29 -39.82 -25.94
N TRP A 2704 -22.71 -39.84 -24.68
CA TRP A 2704 -22.99 -41.11 -24.03
C TRP A 2704 -24.25 -41.75 -24.58
N LEU A 2705 -25.29 -40.96 -24.85
CA LEU A 2705 -26.50 -41.52 -25.43
C LEU A 2705 -26.24 -42.09 -26.82
N ASP A 2706 -25.44 -41.40 -27.63
CA ASP A 2706 -25.11 -41.93 -28.95
C ASP A 2706 -24.28 -43.20 -28.84
N ASP A 2707 -23.32 -43.23 -27.90
CA ASP A 2707 -22.51 -44.43 -27.73
C ASP A 2707 -23.35 -45.62 -27.31
N THR A 2708 -24.25 -45.42 -26.35
CA THR A 2708 -25.08 -46.54 -25.87
C THR A 2708 -26.14 -46.91 -26.90
N ALA A 2709 -26.82 -45.92 -27.47
CA ALA A 2709 -27.94 -46.17 -28.38
C ALA A 2709 -27.44 -46.06 -29.81
N LYS A 2710 -26.80 -47.14 -30.28
CA LYS A 2710 -26.43 -47.21 -31.69
C LYS A 2710 -27.67 -47.24 -32.57
N GLY A 2711 -28.69 -47.96 -32.15
CA GLY A 2711 -29.98 -47.96 -32.85
C GLY A 2711 -30.59 -46.58 -32.94
N ARG A 2712 -30.95 -46.16 -34.14
CA ARG A 2712 -31.46 -44.82 -34.38
C ARG A 2712 -32.77 -44.54 -33.67
N GLN A 2713 -33.59 -45.56 -33.41
CA GLN A 2713 -34.91 -45.38 -32.83
C GLN A 2713 -34.87 -45.70 -31.34
N ASN A 2714 -36.06 -45.79 -30.73
CA ASN A 2714 -36.21 -46.03 -29.30
C ASN A 2714 -35.27 -47.12 -28.80
N ILE A 2715 -34.48 -46.81 -27.78
CA ILE A 2715 -33.47 -47.74 -27.30
C ILE A 2715 -33.99 -48.56 -26.12
N SER A 2716 -34.27 -47.91 -24.99
CA SER A 2716 -34.83 -48.55 -23.81
C SER A 2716 -35.07 -47.53 -22.70
N PRO A 2717 -36.01 -47.77 -21.80
CA PRO A 2717 -36.08 -46.94 -20.58
C PRO A 2717 -34.97 -47.24 -19.59
N ASP A 2718 -34.36 -48.43 -19.67
CA ASP A 2718 -33.38 -48.85 -18.69
C ASP A 2718 -31.95 -48.88 -19.20
N LYS A 2719 -31.75 -49.00 -20.51
CA LYS A 2719 -30.39 -49.11 -21.05
C LYS A 2719 -29.68 -47.76 -21.14
N ILE A 2720 -30.35 -46.67 -20.79
CA ILE A 2720 -29.68 -45.37 -20.77
C ILE A 2720 -28.57 -45.40 -19.73
N PRO A 2721 -27.35 -44.94 -20.05
CA PRO A 2721 -26.28 -44.97 -19.06
C PRO A 2721 -26.48 -43.93 -17.96
N TRP A 2722 -27.44 -44.20 -17.07
CA TRP A 2722 -27.74 -43.24 -16.00
C TRP A 2722 -26.54 -43.02 -15.09
N SER A 2723 -25.81 -44.09 -14.78
CA SER A 2723 -24.67 -43.96 -13.87
C SER A 2723 -23.60 -43.04 -14.45
N ALA A 2724 -23.33 -43.18 -15.75
CA ALA A 2724 -22.32 -42.34 -16.39
C ALA A 2724 -22.71 -40.87 -16.31
N LEU A 2725 -23.96 -40.56 -16.66
CA LEU A 2725 -24.41 -39.17 -16.61
C LEU A 2725 -24.35 -38.63 -15.19
N LYS A 2726 -24.85 -39.41 -14.23
CA LYS A 2726 -24.86 -38.94 -12.84
C LYS A 2726 -23.46 -38.64 -12.35
N THR A 2727 -22.52 -39.57 -12.58
CA THR A 2727 -21.16 -39.36 -12.12
C THR A 2727 -20.52 -38.17 -12.80
N LEU A 2728 -20.72 -38.02 -14.11
CA LEU A 2728 -20.07 -36.93 -14.83
C LEU A 2728 -20.61 -35.56 -14.41
N MET A 2729 -21.92 -35.44 -14.17
CA MET A 2729 -22.44 -34.19 -13.63
C MET A 2729 -21.94 -33.95 -12.21
N ALA A 2730 -21.89 -35.00 -11.39
CA ALA A 2730 -21.58 -34.84 -9.98
C ALA A 2730 -20.10 -34.63 -9.70
N GLN A 2731 -19.21 -34.94 -10.65
CA GLN A 2731 -17.78 -34.92 -10.37
C GLN A 2731 -16.94 -34.11 -11.35
N SER A 2732 -17.44 -33.79 -12.54
CA SER A 2732 -16.60 -33.18 -13.56
C SER A 2732 -17.05 -31.80 -14.01
N ILE A 2733 -18.34 -31.61 -14.26
CA ILE A 2733 -18.83 -30.41 -14.91
C ILE A 2733 -19.65 -29.53 -13.97
N TYR A 2734 -20.49 -30.13 -13.13
CA TYR A 2734 -21.23 -29.36 -12.14
C TYR A 2734 -20.61 -29.43 -10.76
N GLY A 2735 -20.04 -30.57 -10.38
CA GLY A 2735 -19.38 -30.70 -9.10
C GLY A 2735 -17.95 -30.21 -9.06
N GLY A 2736 -17.42 -29.73 -10.17
CA GLY A 2736 -16.05 -29.21 -10.17
C GLY A 2736 -15.89 -27.98 -9.32
N ARG A 2737 -16.87 -27.08 -9.35
CA ARG A 2737 -16.80 -25.83 -8.60
C ARG A 2737 -17.22 -25.98 -7.14
N VAL A 2738 -17.70 -27.15 -6.74
CA VAL A 2738 -18.17 -27.35 -5.38
C VAL A 2738 -16.99 -27.58 -4.45
N ASP A 2739 -16.90 -26.78 -3.39
CA ASP A 2739 -15.78 -26.86 -2.46
C ASP A 2739 -16.10 -27.76 -1.27
N ASN A 2740 -17.14 -27.43 -0.52
CA ASN A 2740 -17.45 -28.15 0.71
C ASN A 2740 -18.17 -29.47 0.39
N GLU A 2741 -18.12 -30.39 1.36
CA GLU A 2741 -18.68 -31.72 1.17
C GLU A 2741 -20.20 -31.69 1.11
N PHE A 2742 -20.84 -30.82 1.89
CA PHE A 2742 -22.30 -30.86 1.99
C PHE A 2742 -22.99 -30.36 0.73
N ASP A 2743 -22.40 -29.37 0.05
CA ASP A 2743 -22.94 -28.99 -1.25
C ASP A 2743 -22.80 -30.11 -2.27
N GLN A 2744 -21.70 -30.86 -2.21
CA GLN A 2744 -21.57 -32.04 -3.05
C GLN A 2744 -22.64 -33.07 -2.72
N ARG A 2745 -22.95 -33.24 -1.44
CA ARG A 2745 -24.02 -34.14 -1.03
C ARG A 2745 -25.36 -33.70 -1.59
N LEU A 2746 -25.63 -32.39 -1.53
CA LEU A 2746 -26.88 -31.87 -2.09
C LEU A 2746 -26.97 -32.10 -3.59
N LEU A 2747 -25.86 -31.85 -4.30
CA LEU A 2747 -25.83 -32.08 -5.74
C LEU A 2747 -26.05 -33.55 -6.06
N ASN A 2748 -25.43 -34.44 -5.29
CA ASN A 2748 -25.62 -35.87 -5.49
C ASN A 2748 -27.06 -36.26 -5.24
N THR A 2749 -27.69 -35.69 -4.21
CA THR A 2749 -29.09 -35.99 -3.92
C THR A 2749 -29.99 -35.57 -5.09
N PHE A 2750 -29.78 -34.35 -5.60
CA PHE A 2750 -30.57 -33.90 -6.75
C PHE A 2750 -30.35 -34.81 -7.95
N LEU A 2751 -29.10 -35.13 -8.26
CA LEU A 2751 -28.82 -35.95 -9.44
C LEU A 2751 -29.42 -37.35 -9.30
N GLU A 2752 -29.32 -37.94 -8.12
CA GLU A 2752 -29.88 -39.27 -7.90
C GLU A 2752 -31.40 -39.25 -7.98
N ARG A 2753 -32.04 -38.20 -7.45
CA ARG A 2753 -33.50 -38.15 -7.51
C ARG A 2753 -34.00 -37.92 -8.93
N LEU A 2754 -33.30 -37.09 -9.70
CA LEU A 2754 -33.82 -36.68 -11.01
C LEU A 2754 -33.39 -37.60 -12.14
N PHE A 2755 -32.20 -38.19 -12.07
CA PHE A 2755 -31.60 -38.89 -13.21
C PHE A 2755 -31.68 -40.41 -13.08
N THR A 2756 -32.80 -40.93 -12.59
CA THR A 2756 -33.05 -42.37 -12.59
C THR A 2756 -33.99 -42.75 -13.72
N THR A 2757 -34.05 -44.05 -14.01
CA THR A 2757 -34.94 -44.55 -15.06
C THR A 2757 -36.41 -44.33 -14.73
N ARG A 2758 -36.74 -44.13 -13.45
CA ARG A 2758 -38.12 -43.85 -13.06
C ARG A 2758 -38.66 -42.60 -13.72
N SER A 2759 -37.79 -41.69 -14.17
CA SER A 2759 -38.24 -40.51 -14.89
C SER A 2759 -38.94 -40.86 -16.19
N PHE A 2760 -38.65 -42.03 -16.77
CA PHE A 2760 -39.34 -42.43 -17.98
C PHE A 2760 -40.73 -43.00 -17.72
N ASP A 2761 -41.08 -43.25 -16.46
CA ASP A 2761 -42.42 -43.68 -16.13
C ASP A 2761 -43.41 -42.55 -16.37
N SER A 2762 -44.67 -42.92 -16.66
CA SER A 2762 -45.70 -41.92 -16.91
C SER A 2762 -45.91 -41.03 -15.68
N GLU A 2763 -45.94 -41.63 -14.50
CA GLU A 2763 -46.09 -40.89 -13.25
C GLU A 2763 -44.72 -40.73 -12.60
N PHE A 2764 -44.32 -39.48 -12.36
CA PHE A 2764 -43.05 -39.19 -11.72
C PHE A 2764 -43.12 -37.78 -11.17
N LYS A 2765 -42.89 -37.62 -9.86
CA LYS A 2765 -42.99 -36.33 -9.22
C LYS A 2765 -41.66 -35.60 -9.31
N LEU A 2766 -41.60 -34.58 -10.17
CA LEU A 2766 -40.41 -33.73 -10.21
C LEU A 2766 -40.23 -32.98 -8.90
N ALA A 2767 -41.32 -32.46 -8.33
CA ALA A 2767 -41.34 -31.87 -7.00
C ALA A 2767 -42.30 -32.70 -6.15
N CYS A 2768 -41.78 -33.28 -5.07
CA CYS A 2768 -42.59 -34.19 -4.26
C CYS A 2768 -43.77 -33.47 -3.62
N LYS A 2769 -43.54 -32.25 -3.11
CA LYS A 2769 -44.56 -31.53 -2.38
C LYS A 2769 -44.31 -30.03 -2.50
N VAL A 2770 -45.26 -29.32 -3.09
CA VAL A 2770 -45.16 -27.87 -3.23
C VAL A 2770 -45.82 -27.20 -2.04
N ASP A 2771 -47.12 -27.42 -1.87
CA ASP A 2771 -47.85 -26.95 -0.71
C ASP A 2771 -48.24 -28.12 0.21
N GLY A 2772 -47.41 -29.15 0.24
CA GLY A 2772 -47.75 -30.36 0.95
C GLY A 2772 -48.50 -31.33 0.06
N HIS A 2773 -49.74 -30.97 -0.29
CA HIS A 2773 -50.54 -31.80 -1.18
C HIS A 2773 -50.27 -31.51 -2.66
N LYS A 2774 -49.84 -30.29 -2.98
CA LYS A 2774 -49.58 -29.92 -4.36
C LYS A 2774 -48.31 -30.58 -4.85
N ASP A 2775 -48.42 -31.33 -5.96
CA ASP A 2775 -47.29 -32.01 -6.58
C ASP A 2775 -47.11 -31.49 -8.00
N ILE A 2776 -45.90 -31.68 -8.53
CA ILE A 2776 -45.58 -31.35 -9.91
C ILE A 2776 -45.32 -32.65 -10.66
N GLN A 2777 -46.15 -32.92 -11.66
CA GLN A 2777 -46.07 -34.16 -12.42
C GLN A 2777 -45.09 -34.02 -13.58
N MET A 2778 -44.47 -35.14 -13.93
CA MET A 2778 -43.60 -35.18 -15.10
C MET A 2778 -44.46 -35.17 -16.36
N PRO A 2779 -44.29 -34.20 -17.26
CA PRO A 2779 -45.14 -34.16 -18.46
C PRO A 2779 -44.79 -35.30 -19.42
N ASP A 2780 -45.80 -36.08 -19.76
CA ASP A 2780 -45.60 -37.17 -20.71
C ASP A 2780 -45.34 -36.61 -22.10
N GLY A 2781 -44.53 -37.33 -22.87
CA GLY A 2781 -44.20 -36.91 -24.22
C GLY A 2781 -42.87 -37.50 -24.66
N ILE A 2782 -42.65 -37.48 -25.97
CA ILE A 2782 -41.45 -38.05 -26.55
C ILE A 2782 -40.81 -37.05 -27.51
N ARG A 2783 -41.42 -35.87 -27.63
CA ARG A 2783 -40.89 -34.82 -28.50
C ARG A 2783 -40.85 -33.50 -27.74
N ARG A 2784 -39.94 -32.63 -28.17
CA ARG A 2784 -39.67 -31.39 -27.45
C ARG A 2784 -40.87 -30.46 -27.39
N GLU A 2785 -41.78 -30.55 -28.36
CA GLU A 2785 -42.88 -29.60 -28.43
C GLU A 2785 -43.79 -29.71 -27.20
N GLU A 2786 -44.09 -30.94 -26.78
CA GLU A 2786 -44.97 -31.11 -25.63
C GLU A 2786 -44.30 -30.66 -24.34
N PHE A 2787 -42.99 -30.88 -24.23
CA PHE A 2787 -42.26 -30.38 -23.06
C PHE A 2787 -42.26 -28.85 -23.03
N VAL A 2788 -42.06 -28.22 -24.18
CA VAL A 2788 -42.10 -26.76 -24.24
C VAL A 2788 -43.49 -26.25 -23.88
N GLN A 2789 -44.53 -26.94 -24.35
CA GLN A 2789 -45.90 -26.57 -24.00
C GLN A 2789 -46.12 -26.70 -22.50
N TRP A 2790 -45.62 -27.77 -21.89
CA TRP A 2790 -45.69 -27.91 -20.44
C TRP A 2790 -45.00 -26.75 -19.72
N VAL A 2791 -43.82 -26.37 -20.21
CA VAL A 2791 -43.09 -25.27 -19.58
C VAL A 2791 -43.89 -23.97 -19.68
N GLU A 2792 -44.46 -23.71 -20.86
CA GLU A 2792 -45.24 -22.49 -21.05
C GLU A 2792 -46.55 -22.51 -20.27
N LEU A 2793 -47.03 -23.69 -19.87
CA LEU A 2793 -48.26 -23.81 -19.10
C LEU A 2793 -48.01 -23.99 -17.62
N LEU A 2794 -46.78 -23.76 -17.16
CA LEU A 2794 -46.51 -23.83 -15.73
C LEU A 2794 -47.24 -22.71 -15.01
N PRO A 2795 -47.80 -22.97 -13.82
CA PRO A 2795 -48.49 -21.92 -13.08
C PRO A 2795 -47.54 -20.76 -12.75
N ASP A 2796 -48.07 -19.54 -12.84
CA ASP A 2796 -47.25 -18.37 -12.56
C ASP A 2796 -46.83 -18.25 -11.11
N THR A 2797 -47.52 -18.94 -10.19
CA THR A 2797 -47.10 -18.96 -8.81
C THR A 2797 -45.81 -19.76 -8.66
N GLN A 2798 -44.88 -19.22 -7.89
CA GLN A 2798 -43.58 -19.85 -7.67
C GLN A 2798 -43.14 -19.61 -6.24
N THR A 2799 -42.85 -20.69 -5.54
CA THR A 2799 -42.42 -20.67 -4.15
C THR A 2799 -41.12 -21.45 -4.02
N PRO A 2800 -40.31 -21.17 -3.00
CA PRO A 2800 -39.06 -21.92 -2.84
C PRO A 2800 -39.28 -23.42 -2.64
N SER A 2801 -40.49 -23.85 -2.31
CA SER A 2801 -40.78 -25.27 -2.21
C SER A 2801 -40.60 -25.99 -3.53
N TRP A 2802 -40.71 -25.28 -4.66
CA TRP A 2802 -40.38 -25.89 -5.95
C TRP A 2802 -38.94 -26.33 -6.00
N LEU A 2803 -38.06 -25.63 -5.29
CA LEU A 2803 -36.63 -25.92 -5.29
C LEU A 2803 -36.23 -26.93 -4.22
N GLY A 2804 -37.19 -27.44 -3.45
CA GLY A 2804 -36.90 -28.29 -2.33
C GLY A 2804 -36.58 -27.55 -1.04
N LEU A 2805 -36.48 -26.22 -1.10
CA LEU A 2805 -36.19 -25.43 0.08
C LEU A 2805 -37.44 -25.30 0.96
N PRO A 2806 -37.27 -24.94 2.22
CA PRO A 2806 -38.44 -24.64 3.06
C PRO A 2806 -39.23 -23.48 2.48
N ASN A 2807 -40.55 -23.52 2.70
CA ASN A 2807 -41.43 -22.50 2.13
C ASN A 2807 -41.21 -21.12 2.72
N ASN A 2808 -40.46 -21.00 3.82
CA ASN A 2808 -40.22 -19.72 4.47
C ASN A 2808 -38.88 -19.10 4.11
N ALA A 2809 -38.17 -19.67 3.14
CA ALA A 2809 -36.91 -19.07 2.71
C ALA A 2809 -37.13 -17.70 2.07
N GLU A 2810 -38.26 -17.52 1.37
CA GLU A 2810 -38.58 -16.21 0.84
C GLU A 2810 -38.68 -15.16 1.94
N ARG A 2811 -39.15 -15.57 3.13
CA ARG A 2811 -39.27 -14.63 4.24
C ARG A 2811 -37.90 -14.08 4.66
N VAL A 2812 -36.94 -14.97 4.90
CA VAL A 2812 -35.62 -14.52 5.33
C VAL A 2812 -34.92 -13.77 4.20
N LEU A 2813 -35.16 -14.19 2.95
CA LEU A 2813 -34.57 -13.46 1.82
C LEU A 2813 -35.11 -12.03 1.76
N LEU A 2814 -36.41 -11.86 1.94
CA LEU A 2814 -37.00 -10.51 1.93
C LEU A 2814 -36.50 -9.69 3.12
N THR A 2815 -36.35 -10.33 4.28
CA THR A 2815 -35.79 -9.61 5.44
C THR A 2815 -34.39 -9.11 5.15
N THR A 2816 -33.55 -9.96 4.55
CA THR A 2816 -32.19 -9.55 4.20
C THR A 2816 -32.21 -8.42 3.17
N GLN A 2817 -33.10 -8.52 2.19
CA GLN A 2817 -33.18 -7.46 1.18
C GLN A 2817 -33.61 -6.13 1.79
N GLY A 2818 -34.58 -6.17 2.72
CA GLY A 2818 -34.99 -4.95 3.40
C GLY A 2818 -33.89 -4.35 4.24
N VAL A 2819 -33.15 -5.19 4.98
CA VAL A 2819 -32.03 -4.70 5.76
C VAL A 2819 -30.99 -4.06 4.85
N ASP A 2820 -30.73 -4.69 3.70
CA ASP A 2820 -29.77 -4.14 2.75
C ASP A 2820 -30.25 -2.80 2.21
N MET A 2821 -31.54 -2.68 1.92
CA MET A 2821 -32.09 -1.40 1.45
C MET A 2821 -31.92 -0.31 2.50
N ILE A 2822 -32.19 -0.64 3.77
CA ILE A 2822 -31.99 0.32 4.84
C ILE A 2822 -30.53 0.73 4.91
N SER A 2823 -29.62 -0.23 4.76
CA SER A 2823 -28.19 0.08 4.78
C SER A 2823 -27.81 1.02 3.64
N LYS A 2824 -28.35 0.77 2.44
CA LYS A 2824 -28.06 1.66 1.31
C LYS A 2824 -28.57 3.06 1.58
N MET A 2825 -29.80 3.19 2.09
CA MET A 2825 -30.35 4.51 2.37
C MET A 2825 -29.54 5.24 3.43
N LEU A 2826 -29.08 4.51 4.45
CA LEU A 2826 -28.20 5.11 5.44
C LEU A 2826 -26.89 5.58 4.81
N LYS A 2827 -26.32 4.76 3.92
CA LYS A 2827 -25.10 5.16 3.22
C LYS A 2827 -25.33 6.37 2.32
N MET A 2828 -26.57 6.62 1.91
CA MET A 2828 -26.92 7.82 1.15
C MET A 2828 -27.50 8.91 2.04
N GLN A 2829 -27.01 9.02 3.26
CA GLN A 2829 -27.40 10.12 4.15
C GLN A 2829 -26.18 10.87 4.63
N ALA A 2857 -17.89 19.81 15.10
CA ALA A 2857 -18.51 19.06 14.01
C ALA A 2857 -18.95 17.69 14.48
N TRP A 2858 -18.37 16.65 13.88
CA TRP A 2858 -18.67 15.28 14.25
C TRP A 2858 -17.85 14.79 15.44
N MET A 2859 -16.97 15.63 15.98
CA MET A 2859 -16.27 15.29 17.22
C MET A 2859 -17.29 14.97 18.33
N ARG A 2860 -18.29 15.85 18.49
CA ARG A 2860 -19.29 15.67 19.52
C ARG A 2860 -20.12 14.41 19.27
N THR A 2861 -20.50 14.16 18.01
CA THR A 2861 -21.27 12.97 17.70
C THR A 2861 -20.49 11.70 17.98
N LEU A 2862 -19.19 11.69 17.67
CA LEU A 2862 -18.39 10.49 17.88
C LEU A 2862 -18.04 10.29 19.34
N HIS A 2863 -17.85 11.38 20.09
CA HIS A 2863 -17.40 11.25 21.47
C HIS A 2863 -18.43 10.54 22.34
N THR A 2864 -19.71 10.89 22.16
CA THR A 2864 -20.75 10.29 22.99
C THR A 2864 -20.85 8.78 22.75
N THR A 2865 -20.87 8.36 21.49
CA THR A 2865 -20.96 6.94 21.20
C THR A 2865 -19.68 6.20 21.58
N ALA A 2866 -18.53 6.86 21.47
CA ALA A 2866 -17.29 6.23 21.91
C ALA A 2866 -17.28 6.01 23.42
N SER A 2867 -17.76 6.99 24.18
CA SER A 2867 -17.87 6.82 25.63
C SER A 2867 -18.89 5.74 25.97
N ASN A 2868 -19.99 5.67 25.22
CA ASN A 2868 -20.97 4.61 25.43
C ASN A 2868 -20.37 3.24 25.20
N TRP A 2869 -19.58 3.09 24.12
CA TRP A 2869 -18.90 1.83 23.86
C TRP A 2869 -17.89 1.52 24.96
N LEU A 2870 -17.17 2.54 25.43
CA LEU A 2870 -16.20 2.35 26.50
C LEU A 2870 -16.87 1.84 27.77
N HIS A 2871 -18.01 2.41 28.12
CA HIS A 2871 -18.74 1.95 29.29
C HIS A 2871 -19.30 0.55 29.09
N LEU A 2872 -19.82 0.26 27.89
CA LEU A 2872 -20.47 -1.02 27.64
C LEU A 2872 -19.46 -2.17 27.70
N ILE A 2873 -18.29 -1.98 27.11
CA ILE A 2873 -17.27 -3.03 27.14
C ILE A 2873 -16.77 -3.20 28.57
N PRO A 2874 -16.74 -4.41 29.10
CA PRO A 2874 -16.26 -4.60 30.48
C PRO A 2874 -14.79 -4.24 30.63
N GLN A 2875 -14.39 -4.01 31.87
CA GLN A 2875 -13.02 -3.64 32.18
C GLN A 2875 -12.07 -4.79 31.86
N THR A 2876 -10.78 -4.53 32.05
CA THR A 2876 -9.76 -5.52 31.71
C THR A 2876 -9.99 -6.81 32.50
N LEU A 2877 -9.93 -7.93 31.79
CA LEU A 2877 -10.16 -9.23 32.41
C LEU A 2877 -8.91 -9.69 33.17
N SER A 2878 -9.11 -10.68 34.03
CA SER A 2878 -8.05 -11.17 34.91
C SER A 2878 -7.20 -12.19 34.16
N HIS A 2879 -6.20 -11.70 33.43
CA HIS A 2879 -5.23 -12.57 32.75
C HIS A 2879 -4.25 -13.07 33.82
N LEU A 2880 -4.70 -14.03 34.62
CA LEU A 2880 -3.89 -14.56 35.70
C LEU A 2880 -4.00 -16.08 35.81
N LYS A 2881 -4.37 -16.76 34.72
CA LYS A 2881 -4.48 -18.21 34.75
C LYS A 2881 -3.10 -18.85 34.72
N ARG A 2882 -2.51 -19.05 35.90
CA ARG A 2882 -1.17 -19.60 36.03
C ARG A 2882 -1.19 -20.78 36.97
N THR A 2883 -0.40 -21.81 36.65
CA THR A 2883 -0.35 -23.02 37.44
C THR A 2883 1.00 -23.68 37.26
N VAL A 2884 1.21 -24.77 38.02
CA VAL A 2884 2.41 -25.58 37.88
C VAL A 2884 2.13 -27.05 37.63
N GLU A 2885 0.96 -27.57 38.03
CA GLU A 2885 0.64 -28.98 37.83
C GLU A 2885 -0.66 -29.17 37.04
N ASN A 2886 -1.13 -28.14 36.36
CA ASN A 2886 -2.32 -28.23 35.52
C ASN A 2886 -2.00 -28.01 34.04
N ILE A 2887 -0.71 -27.91 33.69
CA ILE A 2887 -0.33 -27.84 32.29
C ILE A 2887 -0.71 -29.13 31.56
N LYS A 2888 -0.65 -30.26 32.27
CA LYS A 2888 -1.07 -31.54 31.69
C LYS A 2888 -2.55 -31.58 31.34
N ASP A 2889 -3.34 -30.64 31.85
CA ASP A 2889 -4.76 -30.58 31.52
C ASP A 2889 -4.93 -29.80 30.22
N PRO A 2890 -5.39 -30.44 29.13
CA PRO A 2890 -5.53 -29.70 27.86
C PRO A 2890 -6.51 -28.55 27.94
N LEU A 2891 -7.59 -28.70 28.72
CA LEU A 2891 -8.57 -27.64 28.85
C LEU A 2891 -7.95 -26.39 29.46
N PHE A 2892 -7.07 -26.58 30.46
CA PHE A 2892 -6.39 -25.43 31.05
C PHE A 2892 -5.52 -24.71 30.02
N ARG A 2893 -4.79 -25.48 29.21
CA ARG A 2893 -3.94 -24.86 28.18
C ARG A 2893 -4.78 -24.05 27.20
N PHE A 2894 -5.85 -24.66 26.68
CA PHE A 2894 -6.69 -23.99 25.70
C PHE A 2894 -7.32 -22.73 26.29
N PHE A 2895 -7.87 -22.85 27.50
CA PHE A 2895 -8.50 -21.69 28.14
C PHE A 2895 -7.48 -20.61 28.47
N GLU A 2896 -6.26 -21.00 28.85
CA GLU A 2896 -5.24 -20.01 29.15
C GLU A 2896 -4.85 -19.22 27.91
N ARG A 2897 -4.66 -19.91 26.78
CA ARG A 2897 -4.32 -19.16 25.57
C ARG A 2897 -5.51 -18.32 25.09
N GLU A 2898 -6.73 -18.82 25.26
CA GLU A 2898 -7.91 -18.03 24.92
C GLU A 2898 -7.97 -16.75 25.75
N VAL A 2899 -7.74 -16.89 27.06
CA VAL A 2899 -7.78 -15.73 27.95
C VAL A 2899 -6.67 -14.75 27.62
N LYS A 2900 -5.48 -15.26 27.29
CA LYS A 2900 -4.39 -14.38 26.93
C LYS A 2900 -4.70 -13.58 25.68
N MET A 2901 -5.22 -14.25 24.64
CA MET A 2901 -5.59 -13.54 23.42
C MET A 2901 -6.69 -12.51 23.69
N GLY A 2902 -7.70 -12.91 24.47
CA GLY A 2902 -8.77 -11.99 24.78
C GLY A 2902 -8.28 -10.77 25.54
N ALA A 2903 -7.40 -10.99 26.52
CA ALA A 2903 -6.86 -9.88 27.30
C ALA A 2903 -6.04 -8.93 26.43
N LYS A 2904 -5.21 -9.48 25.54
CA LYS A 2904 -4.41 -8.63 24.67
C LYS A 2904 -5.29 -7.80 23.75
N LEU A 2905 -6.28 -8.45 23.12
CA LEU A 2905 -7.16 -7.71 22.20
C LEU A 2905 -7.99 -6.69 22.95
N LEU A 2906 -8.45 -7.03 24.16
CA LEU A 2906 -9.22 -6.09 24.97
C LEU A 2906 -8.38 -4.89 25.35
N GLN A 2907 -7.12 -5.10 25.74
CA GLN A 2907 -6.25 -3.99 26.06
C GLN A 2907 -6.05 -3.08 24.85
N ASP A 2908 -5.79 -3.67 23.69
CA ASP A 2908 -5.58 -2.87 22.48
C ASP A 2908 -6.83 -2.06 22.15
N VAL A 2909 -8.00 -2.70 22.18
CA VAL A 2909 -9.25 -2.02 21.85
C VAL A 2909 -9.55 -0.93 22.86
N ARG A 2910 -9.34 -1.20 24.14
CA ARG A 2910 -9.58 -0.21 25.19
C ARG A 2910 -8.69 1.00 25.02
N GLN A 2911 -7.40 0.78 24.73
CA GLN A 2911 -6.48 1.89 24.54
C GLN A 2911 -6.88 2.71 23.32
N ASP A 2912 -7.20 2.04 22.22
CA ASP A 2912 -7.58 2.76 21.00
C ASP A 2912 -8.86 3.55 21.22
N LEU A 2913 -9.83 2.98 21.93
CA LEU A 2913 -11.09 3.68 22.16
C LEU A 2913 -10.89 4.86 23.10
N ALA A 2914 -10.04 4.71 24.12
CA ALA A 2914 -9.74 5.85 24.98
C ALA A 2914 -9.05 6.97 24.20
N ASP A 2915 -8.13 6.62 23.31
CA ASP A 2915 -7.49 7.62 22.47
C ASP A 2915 -8.51 8.31 21.57
N VAL A 2916 -9.45 7.55 21.01
CA VAL A 2916 -10.50 8.14 20.19
C VAL A 2916 -11.35 9.10 21.01
N VAL A 2917 -11.70 8.70 22.23
CA VAL A 2917 -12.50 9.56 23.11
C VAL A 2917 -11.77 10.86 23.39
N GLN A 2918 -10.48 10.77 23.73
CA GLN A 2918 -9.75 11.99 24.09
C GLN A 2918 -9.49 12.87 22.88
N VAL A 2919 -9.27 12.29 21.70
CA VAL A 2919 -9.05 13.11 20.52
C VAL A 2919 -10.36 13.74 20.04
N CYS A 2920 -11.50 13.07 20.29
CA CYS A 2920 -12.78 13.69 19.99
C CYS A 2920 -13.04 14.89 20.90
N GLU A 2921 -12.39 14.94 22.06
CA GLU A 2921 -12.44 16.10 22.94
C GLU A 2921 -11.42 17.16 22.58
N GLY A 2922 -10.60 16.92 21.57
CA GLY A 2922 -9.59 17.89 21.14
C GLY A 2922 -8.47 18.10 22.13
N LYS A 2923 -7.89 17.01 22.64
CA LYS A 2923 -6.80 17.09 23.59
C LYS A 2923 -5.46 16.60 23.05
N LYS A 2924 -5.42 15.98 21.87
CA LYS A 2924 -4.18 15.45 21.33
C LYS A 2924 -4.26 15.40 19.81
N LYS A 2925 -3.13 15.60 19.15
CA LYS A 2925 -3.08 15.60 17.70
C LYS A 2925 -3.13 14.17 17.16
N GLN A 2926 -4.11 13.89 16.31
CA GLN A 2926 -4.30 12.55 15.79
C GLN A 2926 -3.13 12.13 14.91
N THR A 2927 -2.73 10.87 15.03
CA THR A 2927 -1.72 10.28 14.17
C THR A 2927 -2.39 9.52 13.03
N ASN A 2928 -1.56 9.01 12.11
CA ASN A 2928 -2.08 8.35 10.92
C ASN A 2928 -2.91 7.11 11.29
N TYR A 2929 -2.41 6.30 12.22
CA TYR A 2929 -3.17 5.13 12.66
C TYR A 2929 -4.48 5.55 13.33
N LEU A 2930 -4.41 6.55 14.21
CA LEU A 2930 -5.63 7.06 14.82
C LEU A 2930 -6.54 7.71 13.78
N ARG A 2931 -5.95 8.39 12.80
CA ARG A 2931 -6.76 9.02 11.77
C ARG A 2931 -7.56 8.00 10.98
N THR A 2932 -6.90 6.92 10.53
CA THR A 2932 -7.62 5.91 9.76
C THR A 2932 -8.59 5.12 10.64
N LEU A 2933 -8.26 4.93 11.92
CA LEU A 2933 -9.21 4.29 12.83
C LEU A 2933 -10.47 5.13 12.99
N ILE A 2934 -10.31 6.44 13.13
CA ILE A 2934 -11.47 7.33 13.24
C ILE A 2934 -12.26 7.35 11.94
N ASN A 2935 -11.56 7.33 10.80
CA ASN A 2935 -12.26 7.27 9.52
C ASN A 2935 -13.08 6.00 9.40
N GLU A 2936 -12.53 4.87 9.86
CA GLU A 2936 -13.29 3.63 9.88
C GLU A 2936 -14.50 3.74 10.82
N LEU A 2937 -14.30 4.34 11.98
CA LEU A 2937 -15.38 4.43 12.96
C LEU A 2937 -16.53 5.28 12.48
N VAL A 2938 -16.24 6.44 11.89
CA VAL A 2938 -17.30 7.35 11.46
C VAL A 2938 -18.12 6.74 10.33
N LYS A 2939 -17.48 5.99 9.44
CA LYS A 2939 -18.20 5.33 8.35
C LYS A 2939 -19.04 4.16 8.82
N GLY A 2940 -18.91 3.75 10.08
CA GLY A 2940 -19.66 2.60 10.57
C GLY A 2940 -19.12 1.27 10.10
N ILE A 2941 -17.85 1.21 9.71
CA ILE A 2941 -17.22 -0.02 9.26
C ILE A 2941 -16.25 -0.49 10.32
N LEU A 2942 -16.24 -1.80 10.54
CA LEU A 2942 -15.40 -2.39 11.58
C LEU A 2942 -13.93 -2.18 11.26
N PRO A 2943 -13.13 -1.64 12.18
CA PRO A 2943 -11.71 -1.44 11.90
C PRO A 2943 -10.99 -2.75 11.59
N ARG A 2944 -10.05 -2.68 10.66
CA ARG A 2944 -9.27 -3.85 10.27
C ARG A 2944 -8.37 -4.33 11.40
N SER A 2945 -7.77 -3.41 12.16
CA SER A 2945 -6.81 -3.76 13.19
C SER A 2945 -7.42 -4.47 14.39
N TRP A 2946 -8.76 -4.50 14.49
CA TRP A 2946 -9.42 -5.14 15.62
C TRP A 2946 -9.82 -6.59 15.35
N SER A 2947 -10.08 -6.95 14.10
CA SER A 2947 -10.57 -8.28 13.76
C SER A 2947 -9.41 -9.26 13.82
N HIS A 2948 -9.29 -9.98 14.93
CA HIS A 2948 -8.30 -11.04 15.08
C HIS A 2948 -8.94 -12.43 15.13
N TYR A 2949 -10.26 -12.51 15.07
CA TYR A 2949 -10.97 -13.78 15.05
C TYR A 2949 -11.98 -13.76 13.91
N THR A 2950 -12.51 -14.94 13.59
CA THR A 2950 -13.46 -15.07 12.49
C THR A 2950 -14.70 -14.22 12.76
N VAL A 2951 -15.13 -13.47 11.75
CA VAL A 2951 -16.25 -12.55 11.88
C VAL A 2951 -17.13 -12.70 10.64
N PRO A 2952 -18.44 -12.54 10.75
CA PRO A 2952 -19.28 -12.54 9.54
C PRO A 2952 -18.85 -11.44 8.57
N ALA A 2953 -18.91 -11.77 7.28
CA ALA A 2953 -18.47 -10.84 6.24
C ALA A 2953 -19.46 -9.69 6.17
N GLY A 2954 -19.10 -8.57 6.77
CA GLY A 2954 -19.98 -7.41 6.83
C GLY A 2954 -20.66 -7.31 8.18
N MET A 2955 -20.15 -6.44 9.04
CA MET A 2955 -20.67 -6.31 10.39
C MET A 2955 -20.43 -4.89 10.88
N THR A 2956 -21.49 -4.22 11.30
CA THR A 2956 -21.36 -2.88 11.84
C THR A 2956 -20.62 -2.93 13.17
N VAL A 2957 -19.99 -1.80 13.52
CA VAL A 2957 -19.16 -1.76 14.72
C VAL A 2957 -19.99 -1.98 15.97
N ILE A 2958 -21.28 -1.63 15.93
CA ILE A 2958 -22.14 -1.84 17.10
C ILE A 2958 -22.28 -3.33 17.39
N GLN A 2959 -22.57 -4.13 16.36
CA GLN A 2959 -22.71 -5.57 16.55
C GLN A 2959 -21.40 -6.19 17.01
N TRP A 2960 -20.28 -5.78 16.43
CA TRP A 2960 -18.99 -6.32 16.83
C TRP A 2960 -18.67 -5.95 18.28
N VAL A 2961 -19.00 -4.73 18.69
CA VAL A 2961 -18.74 -4.32 20.06
C VAL A 2961 -19.60 -5.12 21.04
N SER A 2962 -20.88 -5.33 20.70
CA SER A 2962 -21.72 -6.15 21.57
C SER A 2962 -21.21 -7.58 21.67
N ASP A 2963 -20.82 -8.16 20.53
CA ASP A 2963 -20.30 -9.52 20.55
C ASP A 2963 -19.01 -9.61 21.35
N PHE A 2964 -18.13 -8.62 21.20
CA PHE A 2964 -16.89 -8.60 21.96
C PHE A 2964 -17.15 -8.47 23.45
N SER A 2965 -18.13 -7.65 23.83
CA SER A 2965 -18.49 -7.53 25.24
C SER A 2965 -18.99 -8.86 25.78
N GLU A 2966 -19.81 -9.56 25.00
CA GLU A 2966 -20.30 -10.88 25.43
C GLU A 2966 -19.14 -11.87 25.58
N ARG A 2967 -18.21 -11.87 24.62
CA ARG A 2967 -17.08 -12.78 24.71
C ARG A 2967 -16.19 -12.46 25.90
N ILE A 2968 -15.98 -11.18 26.19
CA ILE A 2968 -15.17 -10.80 27.34
C ILE A 2968 -15.87 -11.19 28.64
N LYS A 2969 -17.20 -11.07 28.68
CA LYS A 2969 -17.93 -11.53 29.85
C LYS A 2969 -17.76 -13.03 30.05
N GLN A 2970 -17.86 -13.81 28.96
CA GLN A 2970 -17.68 -15.25 29.06
C GLN A 2970 -16.27 -15.60 29.53
N LEU A 2971 -15.26 -14.91 28.99
CA LEU A 2971 -13.88 -15.18 29.42
C LEU A 2971 -13.65 -14.77 30.86
N GLN A 2972 -14.29 -13.70 31.31
CA GLN A 2972 -14.19 -13.31 32.72
C GLN A 2972 -14.79 -14.38 33.62
N ASN A 2973 -15.95 -14.92 33.24
CA ASN A 2973 -16.54 -16.01 34.01
C ASN A 2973 -15.64 -17.23 34.02
N ILE A 2974 -15.03 -17.55 32.87
CA ILE A 2974 -14.14 -18.70 32.79
C ILE A 2974 -12.92 -18.49 33.70
N SER A 2975 -12.35 -17.30 33.68
CA SER A 2975 -11.19 -17.00 34.53
C SER A 2975 -11.56 -17.08 36.00
N LEU A 2976 -12.74 -16.58 36.37
CA LEU A 2976 -13.18 -16.67 37.76
C LEU A 2976 -13.35 -18.12 38.17
N ALA A 2977 -13.95 -18.94 37.31
CA ALA A 2977 -14.12 -20.35 37.62
C ALA A 2977 -12.77 -21.05 37.76
N ALA A 2978 -11.81 -20.71 36.90
CA ALA A 2978 -10.48 -21.29 37.00
C ALA A 2978 -9.79 -20.88 38.29
N ALA A 2979 -9.96 -19.62 38.69
CA ALA A 2979 -9.41 -19.17 39.96
C ALA A 2979 -10.03 -19.92 41.13
N SER A 2980 -11.35 -20.15 41.08
CA SER A 2980 -11.99 -20.94 42.12
C SER A 2980 -11.47 -22.37 42.13
N GLY A 2981 -11.34 -22.99 40.96
CA GLY A 2981 -10.82 -24.34 40.86
C GLY A 2981 -9.47 -24.40 40.18
N GLY A 2982 -9.46 -24.79 38.91
CA GLY A 2982 -8.24 -24.84 38.13
C GLY A 2982 -8.08 -26.11 37.32
N ALA A 2983 -8.58 -27.23 37.86
CA ALA A 2983 -8.51 -28.49 37.15
C ALA A 2983 -9.79 -29.31 37.19
N LYS A 2984 -10.75 -28.98 38.06
CA LYS A 2984 -11.99 -29.71 38.17
C LYS A 2984 -13.20 -28.91 37.75
N GLU A 2985 -13.11 -27.58 37.70
CA GLU A 2985 -14.24 -26.73 37.36
C GLU A 2985 -14.27 -26.36 35.88
N LEU A 2986 -13.16 -26.45 35.17
CA LEU A 2986 -13.14 -26.15 33.75
C LEU A 2986 -14.00 -27.10 32.94
N LYS A 2987 -14.13 -28.35 33.36
CA LYS A 2987 -15.01 -29.29 32.70
C LYS A 2987 -16.48 -29.03 33.02
N ASN A 2988 -16.78 -28.65 34.27
CA ASN A 2988 -18.15 -28.42 34.69
C ASN A 2988 -18.73 -27.12 34.15
N ILE A 2989 -17.90 -26.24 33.57
CA ILE A 2989 -18.40 -24.98 33.05
C ILE A 2989 -19.24 -25.25 31.80
N HIS A 2990 -20.12 -24.31 31.49
CA HIS A 2990 -21.02 -24.41 30.34
C HIS A 2990 -20.67 -23.28 29.38
N VAL A 2991 -19.84 -23.60 28.39
CA VAL A 2991 -19.27 -22.62 27.49
C VAL A 2991 -20.06 -22.62 26.19
N CYS A 2992 -20.24 -21.43 25.60
CA CYS A 2992 -20.89 -21.30 24.32
C CYS A 2992 -19.84 -21.20 23.21
N LEU A 2993 -20.04 -21.99 22.15
CA LEU A 2993 -19.05 -22.08 21.09
C LEU A 2993 -18.98 -20.84 20.22
N GLY A 2994 -19.94 -19.93 20.32
CA GLY A 2994 -19.94 -18.74 19.50
C GLY A 2994 -19.09 -17.61 20.06
N GLY A 2995 -18.82 -17.66 21.37
CA GLY A 2995 -18.07 -16.61 22.01
C GLY A 2995 -16.59 -16.89 22.12
N LEU A 2996 -16.10 -17.84 21.34
CA LEU A 2996 -14.71 -18.26 21.38
C LEU A 2996 -14.01 -17.93 20.06
N PHE A 2997 -12.77 -17.47 20.16
CA PHE A 2997 -12.03 -17.08 18.98
C PHE A 2997 -11.72 -18.29 18.09
N VAL A 2998 -11.43 -19.43 18.70
CA VAL A 2998 -11.10 -20.65 17.97
C VAL A 2998 -11.99 -21.79 18.45
N PRO A 2999 -13.22 -21.90 17.95
CA PRO A 2999 -14.15 -22.90 18.49
C PRO A 2999 -13.67 -24.34 18.35
N GLU A 3000 -13.16 -24.71 17.17
CA GLU A 3000 -12.73 -26.10 16.97
C GLU A 3000 -11.56 -26.47 17.87
N ALA A 3001 -10.78 -25.49 18.33
CA ALA A 3001 -9.75 -25.78 19.30
C ALA A 3001 -10.35 -26.26 20.61
N TYR A 3002 -11.54 -25.79 20.97
CA TYR A 3002 -12.22 -26.31 22.14
C TYR A 3002 -12.59 -27.77 21.96
N ILE A 3003 -13.07 -28.14 20.76
CA ILE A 3003 -13.39 -29.53 20.50
C ILE A 3003 -12.14 -30.40 20.60
N THR A 3004 -11.03 -29.92 20.02
CA THR A 3004 -9.79 -30.66 20.08
C THR A 3004 -9.30 -30.82 21.52
N ALA A 3005 -9.39 -29.75 22.32
CA ALA A 3005 -8.97 -29.82 23.71
C ALA A 3005 -9.85 -30.76 24.51
N THR A 3006 -11.16 -30.75 24.25
CA THR A 3006 -12.05 -31.69 24.92
C THR A 3006 -11.71 -33.13 24.58
N ARG A 3007 -11.42 -33.40 23.30
CA ARG A 3007 -11.00 -34.73 22.90
C ARG A 3007 -9.69 -35.11 23.60
N GLN A 3008 -8.75 -34.17 23.68
CA GLN A 3008 -7.48 -34.44 24.35
C GLN A 3008 -7.70 -34.76 25.82
N TYR A 3009 -8.57 -34.02 26.50
CA TYR A 3009 -8.83 -34.27 27.91
C TYR A 3009 -9.48 -35.63 28.10
N VAL A 3010 -10.42 -35.99 27.23
CA VAL A 3010 -11.07 -37.29 27.36
C VAL A 3010 -10.06 -38.41 27.15
N ALA A 3011 -9.19 -38.27 26.15
CA ALA A 3011 -8.15 -39.28 25.94
C ALA A 3011 -7.12 -39.30 27.05
N GLN A 3012 -6.91 -38.17 27.74
CA GLN A 3012 -5.95 -38.11 28.82
C GLN A 3012 -6.50 -38.75 30.10
N ALA A 3013 -7.80 -38.59 30.35
CA ALA A 3013 -8.40 -39.17 31.55
C ALA A 3013 -8.23 -40.69 31.57
N ASN A 3014 -8.53 -41.34 30.45
CA ASN A 3014 -8.27 -42.76 30.28
C ASN A 3014 -6.91 -42.95 29.64
N SER A 3015 -6.60 -44.17 29.21
CA SER A 3015 -5.37 -44.47 28.51
C SER A 3015 -5.57 -44.62 27.01
N TRP A 3016 -6.75 -44.27 26.49
CA TRP A 3016 -7.04 -44.44 25.07
C TRP A 3016 -6.29 -43.42 24.23
N SER A 3017 -6.06 -43.77 22.97
CA SER A 3017 -5.47 -42.86 22.02
C SER A 3017 -6.47 -41.77 21.66
N LEU A 3018 -5.94 -40.64 21.15
CA LEU A 3018 -6.80 -39.54 20.74
C LEU A 3018 -7.68 -39.91 19.56
N GLU A 3019 -7.16 -40.73 18.65
CA GLU A 3019 -7.84 -41.05 17.40
C GLU A 3019 -8.85 -42.19 17.52
N GLU A 3020 -9.00 -42.77 18.70
CA GLU A 3020 -9.93 -43.86 18.92
C GLU A 3020 -11.28 -43.40 19.46
N LEU A 3021 -11.50 -42.08 19.53
CA LEU A 3021 -12.72 -41.53 20.11
C LEU A 3021 -13.62 -40.98 19.01
N CYS A 3022 -14.93 -41.14 19.21
CA CYS A 3022 -15.94 -40.63 18.29
C CYS A 3022 -16.89 -39.73 19.05
N LEU A 3023 -17.35 -38.67 18.39
CA LEU A 3023 -18.25 -37.71 19.03
C LEU A 3023 -19.68 -38.23 19.05
N GLU A 3024 -20.38 -37.91 20.13
CA GLU A 3024 -21.78 -38.27 20.30
C GLU A 3024 -22.49 -37.07 20.91
N VAL A 3025 -23.68 -36.75 20.41
CA VAL A 3025 -24.39 -35.52 20.75
C VAL A 3025 -25.70 -35.88 21.43
N ASN A 3026 -25.94 -35.28 22.60
CA ASN A 3026 -27.19 -35.43 23.32
C ASN A 3026 -27.77 -34.05 23.60
N VAL A 3027 -28.94 -33.77 23.02
CA VAL A 3027 -29.61 -32.48 23.24
C VAL A 3027 -30.50 -32.66 24.46
N THR A 3028 -29.89 -32.49 25.64
CA THR A 3028 -30.61 -32.66 26.89
C THR A 3028 -31.60 -31.53 27.09
N THR A 3029 -32.81 -31.88 27.52
CA THR A 3029 -33.86 -30.89 27.73
C THR A 3029 -33.51 -29.98 28.90
N SER A 3030 -33.78 -28.69 28.72
CA SER A 3030 -33.53 -27.63 29.73
C SER A 3030 -32.07 -27.75 30.18
N GLN A 3031 -31.79 -27.80 31.48
CA GLN A 3031 -30.44 -27.97 32.01
C GLN A 3031 -30.47 -29.10 33.03
N GLY A 3032 -30.30 -30.33 32.55
CA GLY A 3032 -30.29 -31.48 33.45
C GLY A 3032 -29.07 -31.51 34.34
N ALA A 3033 -27.97 -30.90 33.92
CA ALA A 3033 -26.73 -30.84 34.69
C ALA A 3033 -26.22 -32.24 35.03
N THR A 3034 -26.37 -33.18 34.09
CA THR A 3034 -25.83 -34.52 34.30
C THR A 3034 -24.30 -34.50 34.31
N LEU A 3035 -23.70 -34.08 33.20
CA LEU A 3035 -22.26 -33.84 33.10
C LEU A 3035 -21.45 -35.07 33.51
N ASP A 3036 -21.59 -36.13 32.71
CA ASP A 3036 -20.85 -37.35 32.93
C ASP A 3036 -19.34 -37.10 32.76
N ALA A 3037 -18.55 -38.13 33.03
CA ALA A 3037 -17.09 -37.98 32.98
C ALA A 3037 -16.61 -37.59 31.59
N CYS A 3038 -17.34 -37.99 30.55
CA CYS A 3038 -16.98 -37.65 29.19
C CYS A 3038 -17.90 -36.61 28.55
N SER A 3039 -19.00 -36.24 29.21
CA SER A 3039 -19.93 -35.28 28.65
C SER A 3039 -19.45 -33.86 28.90
N PHE A 3040 -19.64 -33.00 27.90
CA PHE A 3040 -19.27 -31.59 27.97
C PHE A 3040 -20.45 -30.75 27.52
N GLY A 3041 -20.68 -29.64 28.22
CA GLY A 3041 -21.83 -28.80 27.97
C GLY A 3041 -21.50 -27.60 27.11
N VAL A 3042 -22.15 -27.51 25.95
CA VAL A 3042 -22.04 -26.37 25.05
C VAL A 3042 -23.44 -25.82 24.81
N THR A 3043 -23.57 -24.50 24.92
CA THR A 3043 -24.84 -23.82 24.75
C THR A 3043 -24.78 -22.85 23.59
N GLY A 3044 -25.95 -22.37 23.18
CA GLY A 3044 -26.07 -21.40 22.12
C GLY A 3044 -26.28 -21.99 20.73
N LEU A 3045 -26.14 -23.30 20.57
CA LEU A 3045 -26.35 -23.91 19.27
C LEU A 3045 -27.81 -23.80 18.86
N LYS A 3046 -28.04 -23.47 17.59
CA LYS A 3046 -29.37 -23.31 17.05
C LYS A 3046 -29.53 -24.22 15.84
N LEU A 3047 -30.60 -25.02 15.84
CA LEU A 3047 -30.93 -25.81 14.68
C LEU A 3047 -31.66 -24.94 13.65
N GLN A 3048 -31.37 -25.16 12.37
CA GLN A 3048 -31.95 -24.38 11.29
C GLN A 3048 -32.93 -25.27 10.53
N GLY A 3049 -34.21 -24.92 10.58
CA GLY A 3049 -35.21 -25.65 9.84
C GLY A 3049 -35.52 -27.03 10.37
N ALA A 3050 -35.22 -27.29 11.64
CA ALA A 3050 -35.49 -28.60 12.23
C ALA A 3050 -35.62 -28.43 13.73
N THR A 3051 -36.30 -29.40 14.36
CA THR A 3051 -36.50 -29.40 15.79
C THR A 3051 -36.24 -30.80 16.34
N CYS A 3052 -35.74 -30.86 17.57
CA CYS A 3052 -35.42 -32.11 18.23
C CYS A 3052 -36.27 -32.26 19.48
N ASN A 3053 -36.93 -33.41 19.63
CA ASN A 3053 -37.76 -33.66 20.80
C ASN A 3053 -36.92 -34.14 21.97
N ASN A 3054 -36.30 -35.31 21.84
CA ASN A 3054 -35.34 -35.79 22.83
C ASN A 3054 -33.94 -35.93 22.24
N ASN A 3055 -33.79 -36.74 21.19
CA ASN A 3055 -32.56 -36.76 20.40
C ASN A 3055 -32.81 -36.97 18.92
N LYS A 3056 -34.06 -36.99 18.48
CA LYS A 3056 -34.41 -37.29 17.10
C LYS A 3056 -34.87 -36.01 16.40
N LEU A 3057 -34.45 -35.86 15.16
CA LEU A 3057 -34.77 -34.65 14.41
C LEU A 3057 -36.17 -34.74 13.80
N SER A 3058 -36.69 -33.58 13.41
CA SER A 3058 -37.96 -33.51 12.71
C SER A 3058 -38.00 -32.20 11.92
N LEU A 3059 -38.44 -32.28 10.66
CA LEU A 3059 -38.50 -31.10 9.82
C LEU A 3059 -39.51 -30.10 10.39
N SER A 3060 -39.16 -28.82 10.30
CA SER A 3060 -40.00 -27.75 10.83
C SER A 3060 -40.10 -26.62 9.82
N ASN A 3061 -41.21 -25.89 9.89
CA ASN A 3061 -41.42 -24.71 9.05
C ASN A 3061 -40.93 -23.43 9.71
N ALA A 3062 -40.52 -23.49 10.97
CA ALA A 3062 -40.01 -22.33 11.69
C ALA A 3062 -38.49 -22.43 11.78
N ILE A 3063 -37.80 -21.37 11.38
CA ILE A 3063 -36.35 -21.38 11.36
C ILE A 3063 -35.80 -21.05 12.74
N SER A 3064 -34.51 -21.37 12.93
CA SER A 3064 -33.75 -21.00 14.13
C SER A 3064 -34.39 -21.56 15.40
N THR A 3065 -34.43 -22.89 15.47
CA THR A 3065 -34.83 -23.56 16.70
C THR A 3065 -33.63 -23.67 17.62
N ALA A 3066 -33.81 -23.28 18.88
CA ALA A 3066 -32.72 -23.21 19.84
C ALA A 3066 -32.52 -24.55 20.53
N LEU A 3067 -31.25 -24.94 20.69
CA LEU A 3067 -30.89 -26.18 21.36
C LEU A 3067 -30.32 -25.86 22.74
N PRO A 3068 -31.02 -26.18 23.83
CA PRO A 3068 -30.47 -25.88 25.16
C PRO A 3068 -29.57 -26.97 25.69
N LEU A 3069 -28.34 -26.60 26.07
CA LEU A 3069 -27.39 -27.49 26.74
C LEU A 3069 -27.12 -28.76 25.91
N THR A 3070 -26.51 -28.55 24.76
CA THR A 3070 -25.98 -29.65 23.97
C THR A 3070 -24.86 -30.32 24.75
N GLN A 3071 -24.84 -31.65 24.77
CA GLN A 3071 -23.82 -32.41 25.47
C GLN A 3071 -23.00 -33.20 24.47
N LEU A 3072 -21.69 -32.99 24.48
CA LEU A 3072 -20.75 -33.65 23.60
C LEU A 3072 -19.98 -34.70 24.38
N ARG A 3073 -20.10 -35.95 23.99
CA ARG A 3073 -19.40 -37.05 24.63
C ARG A 3073 -18.42 -37.67 23.65
N TRP A 3074 -17.25 -38.07 24.15
CA TRP A 3074 -16.24 -38.74 23.35
C TRP A 3074 -16.25 -40.21 23.76
N VAL A 3075 -16.89 -41.05 22.96
CA VAL A 3075 -17.02 -42.46 23.27
C VAL A 3075 -15.98 -43.24 22.48
N LYS A 3076 -15.37 -44.24 23.12
CA LYS A 3076 -14.40 -45.06 22.41
C LYS A 3076 -15.11 -45.82 21.30
N GLN A 3077 -14.88 -45.41 20.06
CA GLN A 3077 -15.65 -45.94 18.94
C GLN A 3077 -15.38 -47.42 18.75
N THR A 3078 -16.42 -48.16 18.39
CA THR A 3078 -16.35 -49.60 18.16
C THR A 3078 -16.02 -49.95 16.73
N ASN A 3079 -15.81 -48.95 15.87
CA ASN A 3079 -15.44 -49.15 14.47
C ASN A 3079 -16.50 -49.99 13.74
N THR A 3080 -17.73 -49.47 13.77
CA THR A 3080 -18.86 -50.12 13.12
C THR A 3080 -19.58 -49.12 12.25
N GLU A 3081 -20.33 -49.65 11.28
CA GLU A 3081 -21.12 -48.82 10.37
C GLU A 3081 -22.45 -48.47 11.02
N LYS A 3082 -22.73 -47.17 11.11
CA LYS A 3082 -23.96 -46.71 11.73
C LYS A 3082 -25.16 -47.08 10.86
N LYS A 3083 -26.32 -47.17 11.51
CA LYS A 3083 -27.56 -47.53 10.81
C LYS A 3083 -27.93 -46.44 9.80
N ALA A 3084 -28.62 -46.85 8.74
CA ALA A 3084 -29.05 -45.92 7.71
C ALA A 3084 -30.31 -45.18 8.15
N SER A 3085 -30.29 -44.60 9.34
CA SER A 3085 -31.39 -43.80 9.84
C SER A 3085 -30.89 -42.53 10.53
N VAL A 3086 -29.64 -42.14 10.28
CA VAL A 3086 -29.05 -40.96 10.89
C VAL A 3086 -28.57 -40.03 9.79
N VAL A 3087 -28.39 -38.76 10.16
CA VAL A 3087 -27.92 -37.74 9.24
C VAL A 3087 -26.70 -37.06 9.85
N THR A 3088 -25.87 -36.51 8.97
CA THR A 3088 -24.67 -35.77 9.37
C THR A 3088 -24.94 -34.30 9.15
N LEU A 3089 -25.01 -33.55 10.25
CA LEU A 3089 -25.30 -32.13 10.11
C LEU A 3089 -24.04 -31.30 10.35
N PRO A 3090 -23.79 -30.31 9.49
CA PRO A 3090 -22.67 -29.40 9.73
C PRO A 3090 -22.95 -28.48 10.91
N VAL A 3091 -21.87 -28.00 11.53
CA VAL A 3091 -21.96 -27.02 12.60
C VAL A 3091 -21.16 -25.82 12.14
N TYR A 3092 -21.83 -24.86 11.51
CA TYR A 3092 -21.15 -23.65 11.06
C TYR A 3092 -20.97 -22.68 12.22
N LEU A 3093 -20.17 -21.65 11.98
CA LEU A 3093 -19.87 -20.65 13.01
C LEU A 3093 -20.75 -19.42 12.92
N ASN A 3094 -21.03 -18.94 11.72
CA ASN A 3094 -21.82 -17.73 11.51
C ASN A 3094 -23.16 -18.08 10.88
N PHE A 3095 -24.04 -17.08 10.81
CA PHE A 3095 -25.26 -17.22 10.02
C PHE A 3095 -24.94 -17.31 8.54
N THR A 3096 -23.78 -16.83 8.12
CA THR A 3096 -23.24 -17.10 6.79
C THR A 3096 -22.40 -18.37 6.87
N ARG A 3097 -22.92 -19.46 6.31
CA ARG A 3097 -22.28 -20.77 6.41
C ARG A 3097 -21.05 -20.78 5.50
N ALA A 3098 -19.95 -20.21 6.01
CA ALA A 3098 -18.70 -20.12 5.26
C ALA A 3098 -17.51 -20.65 6.04
N ASP A 3099 -17.74 -21.34 7.15
CA ASP A 3099 -16.64 -21.90 7.95
C ASP A 3099 -17.17 -23.06 8.77
N LEU A 3100 -16.60 -24.25 8.56
CA LEU A 3100 -17.06 -25.45 9.23
C LEU A 3100 -16.27 -25.68 10.51
N ILE A 3101 -16.99 -26.00 11.59
CA ILE A 3101 -16.35 -26.35 12.86
C ILE A 3101 -16.23 -27.86 12.96
N PHE A 3102 -17.37 -28.55 12.90
CA PHE A 3102 -17.37 -30.01 12.91
C PHE A 3102 -18.73 -30.49 12.39
N THR A 3103 -18.96 -31.79 12.49
CA THR A 3103 -20.19 -32.43 12.02
C THR A 3103 -20.76 -33.30 13.12
N VAL A 3104 -22.06 -33.13 13.38
CA VAL A 3104 -22.75 -33.95 14.36
C VAL A 3104 -23.50 -35.06 13.63
N ASP A 3105 -23.80 -36.14 14.37
CA ASP A 3105 -24.58 -37.25 13.85
C ASP A 3105 -25.88 -37.32 14.64
N PHE A 3106 -27.00 -37.10 13.96
CA PHE A 3106 -28.29 -37.02 14.61
C PHE A 3106 -29.25 -38.05 14.05
N GLU A 3107 -30.00 -38.70 14.94
CA GLU A 3107 -31.07 -39.58 14.51
C GLU A 3107 -32.28 -38.75 14.06
N ILE A 3108 -33.14 -39.38 13.26
CA ILE A 3108 -34.31 -38.72 12.72
C ILE A 3108 -35.54 -39.58 13.01
N ALA A 3109 -36.70 -38.93 13.00
CA ALA A 3109 -37.95 -39.66 13.10
C ALA A 3109 -38.14 -40.54 11.87
N THR A 3110 -38.79 -41.68 12.06
CA THR A 3110 -38.94 -42.65 10.99
C THR A 3110 -39.79 -42.14 9.84
N LYS A 3111 -40.53 -41.04 10.04
CA LYS A 3111 -41.40 -40.53 8.98
C LYS A 3111 -40.58 -39.96 7.82
N GLU A 3112 -39.55 -39.18 8.13
CA GLU A 3112 -38.79 -38.48 7.10
C GLU A 3112 -37.63 -39.34 6.60
N ASP A 3113 -37.03 -38.87 5.51
CA ASP A 3113 -35.88 -39.50 4.88
C ASP A 3113 -34.68 -38.56 4.92
N PRO A 3114 -33.46 -39.10 5.00
CA PRO A 3114 -32.28 -38.23 5.09
C PRO A 3114 -32.10 -37.30 3.90
N ARG A 3115 -32.55 -37.70 2.70
CA ARG A 3115 -32.39 -36.85 1.53
C ARG A 3115 -33.21 -35.56 1.66
N SER A 3116 -34.38 -35.63 2.31
CA SER A 3116 -35.14 -34.42 2.56
C SER A 3116 -34.37 -33.47 3.46
N PHE A 3117 -33.72 -34.00 4.50
CA PHE A 3117 -32.86 -33.17 5.34
C PHE A 3117 -31.71 -32.57 4.53
N TYR A 3118 -31.11 -33.36 3.66
CA TYR A 3118 -29.96 -32.88 2.88
C TYR A 3118 -30.36 -31.74 1.97
N GLU A 3119 -31.45 -31.92 1.21
CA GLU A 3119 -31.85 -30.93 0.22
C GLU A 3119 -32.65 -29.77 0.81
N ARG A 3120 -33.14 -29.90 2.05
CA ARG A 3120 -33.84 -28.80 2.67
C ARG A 3120 -32.88 -27.74 3.20
N GLY A 3121 -31.71 -28.15 3.66
CA GLY A 3121 -30.70 -27.22 4.11
C GLY A 3121 -30.64 -27.03 5.62
N VAL A 3122 -30.97 -28.09 6.36
CA VAL A 3122 -30.89 -28.03 7.82
C VAL A 3122 -29.43 -28.05 8.25
N ALA A 3123 -29.13 -27.33 9.33
CA ALA A 3123 -27.76 -27.22 9.82
C ALA A 3123 -27.80 -26.79 11.28
N VAL A 3124 -26.61 -26.70 11.87
CA VAL A 3124 -26.43 -26.24 13.24
C VAL A 3124 -25.56 -24.99 13.20
N LEU A 3125 -26.02 -23.93 13.88
CA LEU A 3125 -25.33 -22.65 13.87
C LEU A 3125 -24.91 -22.29 15.29
N CYS A 3126 -23.69 -21.76 15.42
CA CYS A 3126 -23.16 -21.36 16.72
C CYS A 3126 -23.49 -19.92 17.09
N THR A 3127 -24.11 -19.16 16.18
CA THR A 3127 -24.46 -17.77 16.47
C THR A 3127 -25.63 -17.32 15.60
#